data_8WW6
#
_entry.id   8WW6
#
loop_
_entity.id
_entity.type
_entity.pdbx_description
1 polymer 'DNA (25-MER)'
2 polymer "DNA (5'-D(P*AP*AP*AP*A)-3')"
3 polymer 'Putative primase C962R'
4 non-polymer 'PHOSPHOTHIOPHOSPHORIC ACID-ADENYLATE ESTER'
5 non-polymer 'MAGNESIUM ION'
#
loop_
_entity_poly.entity_id
_entity_poly.type
_entity_poly.pdbx_seq_one_letter_code
_entity_poly.pdbx_strand_id
1 'polydeoxyribonucleotide'
;(DT)(DT)(DT)(DT)(DT)(DT)(DT)(DT)(DT)(DT)(DT)(DT)(DT)(DT)(DT)(DT)(DT)(DT)(DT)(DT)
(DT)(DT)(DT)(DT)(DT)
;
H
2 'polydeoxyribonucleotide' (DA)(DA)(DA)(DA) I
3 'polypeptide(L)'
;MREESWEDHDTIQLTAQRKYLAEVQALETLLTRELSVFLTEPGSKKTNIINRITGKTYALPSTELLRLYEHLEQCRKQGA
LMYFLERQGTYSGLMLDYDLKLNTNAVPPLEPPALSRLCHRIFVHIKNSSVLPEGSHKIHFFFTLKPEVVQGKYGFHVLI
PGLKLAASTKKSIIGSLQHDATVQKILHEQGVTNPESCLDPHSASVPSLLYGSSKLNHKPYQLKTGFELVFDSSDPDYIP
IHQIKNLESYNLVSELSLTNEQGSLVRPVYCAADIAAEKEEEIPTEDHSLSILMLHDPEARYLHKILNLLPPEYYVEYPL
WSNVVFALANTSANYRPLAEWFSQKCPEKWNTGGKEKLEKLWNDASHHTEKKITKRSIMYWAHKHAPQQYKEIVEQGYFS
ILAEYVYSYNGMLEHYMIAKVIYAMMGNKFVVDVDSNGKYVWFEFVLPGQPMNQGEIWKWRKEVNPDELHIYISENFSRV
MDRITEHIKYHLSQPHESNILNYYKKLLKAFERSKSKIFNDSFKKGVIRQAEFLFRQRSFIQTLDTNPHLLGVGNGVLSI
ETIPAKLINHFHEHPIHQYTHICYVPFNPENPWTKLLLNALQDIIPELDARLWIMFYLSTAIFRGLKEALMLLWLGGGCN
GKTFLMRLVAMVLGDHYASKLNISLLTSCRETAEKPNSAFMRLKGRGYGYFEETNKSEVLNTSRLKEMVNPGDVTARELN
QKQESFQMTATMVAASNYNFIIDTTDHGTWRRLRHYRSKVKFCHNPDPSNPYEKKEDPRFIHEYIMDPDCQNAFFSILVY
FWEKLQKEYNGQIKKVFCPTIESETEAYRKSQDTLHRFITERVVESPSAETVYNLSEVVTAYAEWYNTNINVKRHIALEL
SQELENSVLEKYLQWSPNKTRILKGCRILHKFETLQPGESYIGVSTAGTLLNTPICEPKNKWWEWSPNPSAPPEKEASAP
TPLEDYKDDDDK
;
B,A,C,D,E,F
#
# COMPACT_ATOMS: atom_id res chain seq x y z
N SER C 289 38.44 22.52 -47.24
CA SER C 289 38.35 21.06 -47.23
C SER C 289 36.95 20.61 -47.61
N LEU C 290 36.41 21.17 -48.69
CA LEU C 290 35.08 20.80 -49.12
C LEU C 290 35.03 19.33 -49.44
N SER C 291 36.04 18.85 -50.16
CA SER C 291 36.12 17.43 -50.49
C SER C 291 36.18 16.61 -49.21
N ILE C 292 36.88 17.13 -48.21
CA ILE C 292 37.02 16.40 -46.96
C ILE C 292 35.63 16.12 -46.38
N LEU C 293 34.80 17.15 -46.27
CA LEU C 293 33.45 16.97 -45.75
C LEU C 293 32.69 16.04 -46.67
N MET C 294 32.91 16.18 -47.97
CA MET C 294 32.23 15.35 -48.94
C MET C 294 32.44 13.88 -48.65
N LEU C 295 33.71 13.49 -48.47
CA LEU C 295 34.02 12.10 -48.21
C LEU C 295 33.79 11.73 -46.75
N HIS C 296 34.03 12.68 -45.85
CA HIS C 296 33.89 12.40 -44.42
C HIS C 296 32.47 12.00 -44.10
N ASP C 297 31.50 12.74 -44.63
CA ASP C 297 30.11 12.44 -44.35
C ASP C 297 29.24 12.57 -45.60
N PRO C 298 28.61 11.46 -46.01
CA PRO C 298 27.70 11.53 -47.15
C PRO C 298 26.54 12.45 -46.82
N GLU C 299 26.09 12.41 -45.57
CA GLU C 299 25.01 13.30 -45.14
C GLU C 299 25.46 14.74 -45.28
N ALA C 300 26.72 15.01 -44.95
CA ALA C 300 27.25 16.36 -45.09
C ALA C 300 27.08 16.81 -46.51
N ARG C 301 27.35 15.92 -47.47
CA ARG C 301 27.15 16.27 -48.87
C ARG C 301 25.68 16.41 -49.17
N TYR C 302 24.84 15.55 -48.59
CA TYR C 302 23.41 15.69 -48.77
C TYR C 302 23.02 17.02 -48.17
N LEU C 303 23.61 17.33 -47.02
CA LEU C 303 23.35 18.61 -46.39
C LEU C 303 23.83 19.70 -47.32
N HIS C 304 24.84 19.40 -48.12
CA HIS C 304 25.28 20.37 -49.11
C HIS C 304 24.27 20.44 -50.24
N LYS C 305 23.71 19.29 -50.62
CA LYS C 305 22.66 19.34 -51.64
C LYS C 305 21.51 20.23 -51.20
N ILE C 306 21.09 20.11 -49.93
CA ILE C 306 19.94 20.89 -49.47
C ILE C 306 20.28 22.37 -49.37
N LEU C 307 21.50 22.71 -48.95
CA LEU C 307 21.87 24.11 -48.84
C LEU C 307 22.00 24.79 -50.21
N ASN C 308 22.20 24.01 -51.28
CA ASN C 308 22.25 24.59 -52.61
C ASN C 308 20.89 25.12 -53.05
N LEU C 309 19.81 24.70 -52.40
CA LEU C 309 18.48 25.18 -52.73
C LEU C 309 18.16 26.54 -52.11
N LEU C 310 19.04 27.04 -51.24
CA LEU C 310 18.81 28.35 -50.61
C LEU C 310 19.15 29.46 -51.59
N PRO C 311 18.26 30.42 -51.79
CA PRO C 311 18.54 31.53 -52.72
C PRO C 311 19.69 32.39 -52.21
N PRO C 312 20.41 33.06 -53.12
CA PRO C 312 21.54 33.90 -52.68
C PRO C 312 21.15 35.01 -51.74
N GLU C 313 19.94 35.56 -51.87
CA GLU C 313 19.52 36.64 -50.98
C GLU C 313 19.45 36.19 -49.53
N TYR C 314 19.28 34.90 -49.29
CA TYR C 314 19.39 34.38 -47.93
C TYR C 314 20.79 34.61 -47.38
N TYR C 315 21.82 34.31 -48.19
CA TYR C 315 23.20 34.57 -47.78
C TYR C 315 23.46 36.06 -47.60
N VAL C 316 22.72 36.91 -48.31
CA VAL C 316 22.91 38.35 -48.19
C VAL C 316 22.40 38.85 -46.85
N GLU C 317 21.26 38.35 -46.39
CA GLU C 317 20.62 38.82 -45.17
C GLU C 317 21.53 38.66 -43.95
N TYR C 318 21.88 39.78 -43.31
CA TYR C 318 22.82 39.81 -42.19
C TYR C 318 22.41 38.90 -41.04
N PRO C 319 21.18 38.96 -40.53
CA PRO C 319 20.84 38.08 -39.40
C PRO C 319 20.67 36.63 -39.81
N LEU C 320 20.55 36.36 -41.12
CA LEU C 320 20.26 35.01 -41.55
C LEU C 320 21.54 34.20 -41.73
N TRP C 321 22.57 34.76 -42.38
CA TRP C 321 23.83 34.03 -42.48
C TRP C 321 24.50 33.89 -41.12
N SER C 322 24.20 34.80 -40.20
CA SER C 322 24.59 34.58 -38.81
C SER C 322 23.83 33.40 -38.21
N ASN C 323 22.54 33.27 -38.56
CA ASN C 323 21.73 32.19 -38.02
C ASN C 323 22.23 30.84 -38.50
N VAL C 324 22.53 30.72 -39.79
CA VAL C 324 22.90 29.41 -40.34
C VAL C 324 24.26 28.97 -39.84
N VAL C 325 25.21 29.89 -39.72
CA VAL C 325 26.53 29.52 -39.19
C VAL C 325 26.41 29.14 -37.72
N PHE C 326 25.52 29.81 -36.98
CA PHE C 326 25.26 29.42 -35.59
C PHE C 326 24.56 28.07 -35.53
N ALA C 327 23.63 27.82 -36.45
CA ALA C 327 22.93 26.54 -36.47
C ALA C 327 23.90 25.39 -36.71
N LEU C 328 24.82 25.55 -37.67
CA LEU C 328 25.83 24.53 -37.89
C LEU C 328 26.86 24.52 -36.77
N ALA C 329 27.02 25.64 -36.06
CA ALA C 329 27.97 25.68 -34.95
C ALA C 329 27.56 24.75 -33.83
N ASN C 330 26.26 24.71 -33.49
CA ASN C 330 25.81 23.87 -32.39
C ASN C 330 25.74 22.40 -32.77
N THR C 331 25.75 22.09 -34.05
CA THR C 331 25.73 20.71 -34.54
C THR C 331 27.13 20.37 -35.04
N SER C 332 27.92 19.72 -34.18
CA SER C 332 29.31 19.36 -34.45
C SER C 332 30.17 20.59 -34.66
N ALA C 333 31.49 20.39 -34.80
CA ALA C 333 32.41 21.50 -34.99
C ALA C 333 33.40 21.29 -36.13
N ASN C 334 33.47 20.09 -36.70
CA ASN C 334 34.39 19.82 -37.80
C ASN C 334 33.92 20.41 -39.12
N TYR C 335 32.73 21.00 -39.16
CA TYR C 335 32.18 21.58 -40.38
C TYR C 335 32.72 22.98 -40.67
N ARG C 336 33.83 23.38 -40.02
CA ARG C 336 34.48 24.63 -40.37
C ARG C 336 34.82 24.74 -41.85
N PRO C 337 35.41 23.72 -42.50
CA PRO C 337 35.54 23.82 -43.96
C PRO C 337 34.22 23.98 -44.68
N LEU C 338 33.17 23.29 -44.22
CA LEU C 338 31.84 23.47 -44.81
C LEU C 338 31.30 24.86 -44.50
N ALA C 339 31.52 25.34 -43.27
CA ALA C 339 31.15 26.71 -42.94
C ALA C 339 31.98 27.71 -43.77
N GLU C 340 33.27 27.42 -43.93
CA GLU C 340 34.08 28.22 -44.83
C GLU C 340 33.62 28.04 -46.27
N TRP C 341 33.17 26.82 -46.63
CA TRP C 341 32.59 26.61 -47.95
C TRP C 341 31.35 27.46 -48.14
N PHE C 342 30.54 27.61 -47.09
CA PHE C 342 29.39 28.50 -47.16
C PHE C 342 29.82 29.95 -47.34
N SER C 343 31.00 30.31 -46.83
CA SER C 343 31.54 31.64 -47.10
C SER C 343 31.81 31.83 -48.58
N GLN C 344 32.23 30.77 -49.26
CA GLN C 344 32.42 30.78 -50.71
C GLN C 344 31.17 30.35 -51.46
N LYS C 345 30.06 30.11 -50.77
CA LYS C 345 28.79 29.77 -51.41
C LYS C 345 28.04 31.06 -51.72
N CYS C 346 27.84 31.34 -52.99
CA CYS C 346 27.29 32.59 -53.46
C CYS C 346 28.01 33.79 -52.86
N PRO C 347 29.34 33.90 -53.03
CA PRO C 347 30.09 35.01 -52.43
C PRO C 347 30.17 36.23 -53.36
N GLU C 348 29.00 36.70 -53.79
CA GLU C 348 28.97 37.83 -54.71
C GLU C 348 29.49 39.11 -54.06
N LYS C 349 29.44 39.18 -52.72
CA LYS C 349 29.97 40.34 -52.00
C LYS C 349 30.73 39.90 -50.75
N TRP C 350 31.33 38.72 -50.76
CA TRP C 350 32.13 38.28 -49.62
C TRP C 350 33.32 39.21 -49.40
N ASN C 351 34.01 39.59 -50.47
CA ASN C 351 35.08 40.57 -50.34
C ASN C 351 34.52 41.94 -49.99
N THR C 352 33.38 42.31 -50.57
CA THR C 352 32.75 43.59 -50.24
C THR C 352 32.30 43.63 -48.78
N GLY C 353 31.68 42.55 -48.31
CA GLY C 353 31.24 42.47 -46.93
C GLY C 353 32.31 42.07 -45.94
N GLY C 354 33.54 41.84 -46.40
CA GLY C 354 34.61 41.43 -45.51
C GLY C 354 34.86 39.93 -45.55
N LYS C 355 36.06 39.53 -45.95
CA LYS C 355 36.38 38.11 -46.01
C LYS C 355 36.32 37.48 -44.63
N GLU C 356 36.84 38.17 -43.62
CA GLU C 356 36.89 37.65 -42.25
C GLU C 356 35.65 38.09 -41.48
N LYS C 357 34.45 37.87 -42.04
CA LYS C 357 33.22 38.30 -41.41
C LYS C 357 32.30 37.15 -41.02
N LEU C 358 31.94 36.28 -41.96
CA LEU C 358 31.06 35.17 -41.63
C LEU C 358 31.77 34.11 -40.80
N GLU C 359 33.01 33.78 -41.16
CA GLU C 359 33.80 32.86 -40.36
C GLU C 359 34.11 33.40 -38.97
N LYS C 360 34.08 34.72 -38.80
CA LYS C 360 34.45 35.33 -37.53
C LYS C 360 33.51 34.90 -36.42
N LEU C 361 32.21 34.80 -36.73
CA LEU C 361 31.23 34.39 -35.72
C LEU C 361 31.46 32.97 -35.21
N TRP C 362 32.22 32.14 -35.94
CA TRP C 362 32.55 30.79 -35.52
C TRP C 362 34.01 30.62 -35.15
N ASN C 363 34.92 31.33 -35.81
CA ASN C 363 36.34 31.23 -35.49
C ASN C 363 36.71 31.97 -34.21
N ASP C 364 35.88 32.93 -33.79
CA ASP C 364 36.16 33.64 -32.54
C ASP C 364 36.06 32.70 -31.35
N ALA C 365 35.11 31.77 -31.37
CA ALA C 365 34.96 30.80 -30.28
C ALA C 365 34.29 29.56 -30.86
N SER C 366 35.10 28.53 -31.15
CA SER C 366 34.54 27.24 -31.53
C SER C 366 33.83 26.60 -30.35
N HIS C 367 34.25 26.92 -29.13
CA HIS C 367 33.53 26.51 -27.93
C HIS C 367 32.35 27.44 -27.70
N HIS C 368 31.76 27.39 -26.49
CA HIS C 368 30.72 28.31 -26.06
C HIS C 368 29.39 28.02 -26.75
N THR C 369 28.29 28.27 -26.05
CA THR C 369 26.96 27.99 -26.58
C THR C 369 26.05 29.18 -26.31
N GLU C 370 24.95 29.24 -27.07
CA GLU C 370 24.00 30.33 -26.96
C GLU C 370 22.56 29.88 -26.77
N LYS C 371 22.29 28.56 -26.75
CA LYS C 371 20.93 28.02 -26.70
C LYS C 371 20.11 28.58 -27.87
N LYS C 372 20.53 28.21 -29.07
CA LYS C 372 20.01 28.76 -30.31
C LYS C 372 19.49 27.64 -31.19
N ILE C 373 19.16 27.98 -32.43
CA ILE C 373 18.57 27.02 -33.36
C ILE C 373 19.60 25.96 -33.73
N THR C 374 19.24 24.70 -33.55
CA THR C 374 20.07 23.56 -33.89
C THR C 374 19.74 23.12 -35.31
N LYS C 375 20.13 21.90 -35.68
CA LYS C 375 19.74 21.33 -36.97
C LYS C 375 18.25 20.99 -36.90
N ARG C 376 17.77 20.24 -37.89
CA ARG C 376 16.37 19.87 -38.12
C ARG C 376 15.47 21.08 -38.30
N SER C 377 16.04 22.28 -38.33
CA SER C 377 15.31 23.49 -38.66
C SER C 377 15.76 24.11 -39.97
N ILE C 378 17.04 23.93 -40.35
CA ILE C 378 17.52 24.41 -41.64
C ILE C 378 16.68 23.79 -42.76
N MET C 379 16.19 22.57 -42.54
CA MET C 379 15.29 21.96 -43.50
C MET C 379 14.01 22.77 -43.64
N TYR C 380 13.58 23.45 -42.57
CA TYR C 380 12.36 24.23 -42.63
C TYR C 380 12.50 25.42 -43.57
N TRP C 381 13.61 26.16 -43.46
CA TRP C 381 13.83 27.24 -44.42
C TRP C 381 14.03 26.70 -45.83
N ALA C 382 14.61 25.50 -45.95
CA ALA C 382 14.89 24.95 -47.27
C ALA C 382 13.59 24.66 -48.03
N HIS C 383 12.62 24.02 -47.36
CA HIS C 383 11.39 23.64 -48.05
C HIS C 383 10.36 24.75 -48.09
N LYS C 384 10.43 25.73 -47.20
CA LYS C 384 9.46 26.83 -47.22
C LYS C 384 9.70 27.77 -48.38
N HIS C 385 10.88 27.72 -49.01
CA HIS C 385 11.24 28.63 -50.09
C HIS C 385 11.65 27.91 -51.36
N ALA C 386 11.90 26.61 -51.31
CA ALA C 386 12.35 25.85 -52.48
C ALA C 386 11.61 24.52 -52.53
N PRO C 387 10.36 24.53 -52.96
CA PRO C 387 9.59 23.27 -53.00
C PRO C 387 10.04 22.33 -54.09
N GLN C 388 9.39 21.16 -54.17
CA GLN C 388 9.62 20.18 -55.22
C GLN C 388 11.03 19.59 -55.19
N GLN C 389 12.04 20.43 -55.45
CA GLN C 389 13.41 19.93 -55.49
C GLN C 389 13.85 19.42 -54.12
N TYR C 390 13.21 19.88 -53.05
CA TYR C 390 13.54 19.40 -51.72
C TYR C 390 12.98 17.99 -51.50
N LYS C 391 11.75 17.74 -51.97
CA LYS C 391 11.11 16.46 -51.68
C LYS C 391 11.78 15.33 -52.44
N GLU C 392 12.32 15.62 -53.63
CA GLU C 392 13.01 14.57 -54.38
C GLU C 392 14.39 14.30 -53.80
N ILE C 393 15.03 15.35 -53.25
CA ILE C 393 16.36 15.17 -52.65
C ILE C 393 16.27 14.21 -51.47
N VAL C 394 15.30 14.43 -50.59
CA VAL C 394 15.12 13.50 -49.47
C VAL C 394 14.61 12.16 -49.98
N GLU C 395 13.79 12.15 -51.03
CA GLU C 395 13.25 10.90 -51.54
C GLU C 395 14.35 9.96 -51.98
N GLN C 396 15.28 10.46 -52.81
CA GLN C 396 16.42 9.63 -53.20
C GLN C 396 17.36 9.42 -52.02
N GLY C 397 17.32 10.31 -51.04
CA GLY C 397 18.17 10.22 -49.87
C GLY C 397 18.01 8.91 -49.12
N TYR C 398 16.81 8.65 -48.59
CA TYR C 398 16.59 7.39 -47.91
C TYR C 398 16.45 6.24 -48.90
N PHE C 399 16.11 6.53 -50.16
CA PHE C 399 16.03 5.48 -51.17
C PHE C 399 17.39 4.82 -51.34
N SER C 400 18.45 5.62 -51.35
CA SER C 400 19.80 5.06 -51.38
C SER C 400 20.06 4.24 -50.13
N ILE C 401 19.62 4.72 -48.97
CA ILE C 401 19.85 3.99 -47.73
C ILE C 401 19.15 2.64 -47.76
N LEU C 402 17.88 2.63 -48.15
CA LEU C 402 17.14 1.37 -48.21
C LEU C 402 17.68 0.46 -49.30
N ALA C 403 17.97 1.00 -50.49
CA ALA C 403 18.44 0.16 -51.58
C ALA C 403 19.82 -0.43 -51.27
N GLU C 404 20.59 0.25 -50.43
CA GLU C 404 21.87 -0.31 -50.02
C GLU C 404 21.66 -1.55 -49.16
N TYR C 405 20.68 -1.51 -48.26
CA TYR C 405 20.45 -2.62 -47.35
C TYR C 405 19.85 -3.83 -48.08
N VAL C 406 18.95 -3.58 -49.04
CA VAL C 406 18.33 -4.69 -49.74
C VAL C 406 19.35 -5.44 -50.59
N TYR C 407 20.33 -4.73 -51.16
CA TYR C 407 21.36 -5.38 -51.94
C TYR C 407 22.36 -6.09 -51.04
N SER C 408 22.70 -5.49 -49.90
CA SER C 408 23.75 -6.03 -49.06
C SER C 408 23.36 -7.35 -48.43
N TYR C 409 22.06 -7.57 -48.17
CA TYR C 409 21.60 -8.75 -47.46
C TYR C 409 20.61 -9.56 -48.28
N ASN C 410 20.74 -9.51 -49.61
CA ASN C 410 19.95 -10.34 -50.51
C ASN C 410 18.45 -10.14 -50.30
N GLY C 411 18.06 -8.90 -50.05
CA GLY C 411 16.65 -8.59 -49.89
C GLY C 411 16.00 -9.20 -48.66
N MET C 412 16.68 -9.13 -47.52
CA MET C 412 16.16 -9.65 -46.26
C MET C 412 16.09 -8.50 -45.26
N LEU C 413 14.95 -7.81 -45.23
CA LEU C 413 14.80 -6.67 -44.34
C LEU C 413 14.70 -7.12 -42.88
N GLU C 414 15.05 -6.21 -41.98
CA GLU C 414 15.00 -6.48 -40.55
C GLU C 414 14.61 -5.21 -39.82
N HIS C 415 14.53 -5.30 -38.49
CA HIS C 415 14.02 -4.18 -37.70
C HIS C 415 14.95 -2.98 -37.75
N TYR C 416 16.25 -3.18 -37.49
CA TYR C 416 17.15 -2.06 -37.34
C TYR C 416 17.26 -1.24 -38.62
N MET C 417 17.40 -1.92 -39.76
CA MET C 417 17.59 -1.20 -41.02
C MET C 417 16.38 -0.34 -41.34
N ILE C 418 15.18 -0.82 -41.01
CA ILE C 418 13.99 0.00 -41.18
C ILE C 418 14.05 1.21 -40.24
N ALA C 419 14.48 0.99 -38.99
CA ALA C 419 14.54 2.10 -38.04
C ALA C 419 15.48 3.19 -38.52
N LYS C 420 16.62 2.80 -39.11
CA LYS C 420 17.55 3.80 -39.63
C LYS C 420 16.92 4.61 -40.75
N VAL C 421 16.18 3.94 -41.63
CA VAL C 421 15.51 4.64 -42.73
C VAL C 421 14.51 5.65 -42.19
N ILE C 422 13.74 5.25 -41.18
CA ILE C 422 12.71 6.13 -40.63
C ILE C 422 13.34 7.37 -40.02
N TYR C 423 14.41 7.19 -39.23
CA TYR C 423 15.01 8.33 -38.54
C TYR C 423 15.55 9.36 -39.52
N ALA C 424 16.20 8.92 -40.60
CA ALA C 424 16.70 9.87 -41.58
C ALA C 424 15.56 10.56 -42.32
N MET C 425 14.36 9.99 -42.25
CA MET C 425 13.22 10.50 -43.00
C MET C 425 12.27 11.34 -42.17
N MET C 426 11.97 10.94 -40.94
CA MET C 426 11.17 11.76 -40.03
C MET C 426 11.83 11.82 -38.66
N GLY C 427 13.13 12.07 -38.64
CA GLY C 427 13.81 12.29 -37.38
C GLY C 427 13.70 13.69 -36.85
N ASN C 428 13.14 14.61 -37.64
CA ASN C 428 12.97 15.99 -37.26
C ASN C 428 11.57 16.27 -36.71
N LYS C 429 10.92 15.26 -36.15
CA LYS C 429 9.59 15.44 -35.60
C LYS C 429 9.37 14.77 -34.25
N PHE C 430 10.23 13.85 -33.82
CA PHE C 430 10.01 13.07 -32.61
C PHE C 430 11.23 13.15 -31.70
N VAL C 431 10.99 13.06 -30.40
CA VAL C 431 12.05 13.02 -29.40
C VAL C 431 11.67 12.00 -28.34
N VAL C 432 12.60 11.12 -28.00
CA VAL C 432 12.40 10.09 -27.00
C VAL C 432 13.34 10.37 -25.83
N ASP C 433 12.80 10.35 -24.61
CA ASP C 433 13.59 10.61 -23.43
C ASP C 433 13.18 9.64 -22.32
N VAL C 434 13.89 9.71 -21.21
CA VAL C 434 13.69 8.83 -20.07
C VAL C 434 13.30 9.66 -18.86
N ASP C 435 12.18 9.31 -18.23
CA ASP C 435 11.68 10.07 -17.09
C ASP C 435 12.42 9.67 -15.82
N SER C 436 11.94 10.19 -14.69
CA SER C 436 12.63 9.97 -13.41
C SER C 436 12.59 8.51 -13.00
N ASN C 437 11.40 7.91 -13.00
CA ASN C 437 11.29 6.48 -12.70
C ASN C 437 12.03 5.66 -13.75
N GLY C 438 11.89 6.03 -15.02
CA GLY C 438 12.64 5.47 -16.11
C GLY C 438 11.83 4.59 -17.02
N LYS C 439 11.31 5.22 -18.09
CA LYS C 439 10.68 4.56 -19.21
C LYS C 439 11.02 5.37 -20.44
N TYR C 440 10.91 4.74 -21.61
CA TYR C 440 11.15 5.47 -22.85
C TYR C 440 9.88 6.21 -23.23
N VAL C 441 9.83 7.50 -22.89
CA VAL C 441 8.66 8.35 -23.12
C VAL C 441 8.81 9.01 -24.48
N TRP C 442 7.70 9.13 -25.20
CA TRP C 442 7.68 9.71 -26.53
C TRP C 442 7.05 11.09 -26.50
N PHE C 443 7.67 12.04 -27.20
CA PHE C 443 7.17 13.40 -27.30
C PHE C 443 7.03 13.75 -28.77
N GLU C 444 5.89 14.34 -29.13
CA GLU C 444 5.55 14.62 -30.52
C GLU C 444 5.34 16.12 -30.71
N PHE C 445 5.84 16.63 -31.82
CA PHE C 445 5.68 18.05 -32.17
C PHE C 445 4.43 18.21 -33.01
N VAL C 446 3.51 19.05 -32.53
CA VAL C 446 2.24 19.25 -33.21
C VAL C 446 2.43 20.23 -34.36
N LEU C 447 1.72 19.98 -35.46
CA LEU C 447 1.71 20.87 -36.61
C LEU C 447 0.28 21.22 -36.97
N PRO C 448 0.05 22.40 -37.54
CA PRO C 448 -1.31 22.76 -37.94
C PRO C 448 -1.83 21.87 -39.05
N GLY C 449 -3.15 21.67 -39.05
CA GLY C 449 -3.80 20.89 -40.08
C GLY C 449 -3.96 19.41 -39.79
N GLN C 450 -3.74 18.99 -38.56
CA GLN C 450 -3.88 17.59 -38.16
C GLN C 450 -4.72 17.52 -36.90
N PRO C 451 -5.36 16.39 -36.65
CA PRO C 451 -6.18 16.26 -35.42
C PRO C 451 -5.34 16.54 -34.19
N MET C 452 -5.90 17.31 -33.28
CA MET C 452 -5.14 17.85 -32.16
C MET C 452 -6.10 18.49 -31.17
N ASN C 453 -5.77 18.37 -29.88
CA ASN C 453 -6.56 18.99 -28.84
C ASN C 453 -6.43 20.50 -28.91
N GLN C 454 -7.52 21.20 -28.60
CA GLN C 454 -7.57 22.64 -28.75
C GLN C 454 -6.49 23.32 -27.93
N GLY C 455 -5.75 24.24 -28.56
CA GLY C 455 -4.73 25.01 -27.89
C GLY C 455 -3.37 24.36 -27.79
N GLU C 456 -3.13 23.27 -28.50
CA GLU C 456 -1.88 22.53 -28.40
C GLU C 456 -1.07 22.61 -29.69
N ILE C 457 -1.01 23.80 -30.29
CA ILE C 457 -0.31 24.00 -31.56
C ILE C 457 1.10 24.51 -31.28
N TRP C 458 2.01 24.19 -32.19
CA TRP C 458 3.38 24.71 -32.17
C TRP C 458 4.09 24.38 -30.86
N LYS C 459 3.86 23.18 -30.33
CA LYS C 459 4.51 22.79 -29.09
C LYS C 459 4.46 21.27 -28.95
N TRP C 460 5.40 20.75 -28.17
CA TRP C 460 5.51 19.31 -27.98
C TRP C 460 4.38 18.81 -27.08
N ARG C 461 4.00 17.55 -27.28
CA ARG C 461 2.99 16.91 -26.45
C ARG C 461 3.45 15.50 -26.10
N LYS C 462 2.95 14.99 -24.99
CA LYS C 462 3.32 13.67 -24.51
C LYS C 462 2.47 12.60 -25.20
N GLU C 463 3.11 11.49 -25.55
CA GLU C 463 2.45 10.37 -26.19
C GLU C 463 2.81 9.09 -25.46
N VAL C 464 1.80 8.35 -25.02
CA VAL C 464 2.05 7.05 -24.40
C VAL C 464 2.68 6.09 -25.41
N ASN C 465 2.14 6.06 -26.63
CA ASN C 465 2.69 5.26 -27.69
C ASN C 465 2.64 6.13 -28.96
N PRO C 466 3.72 6.14 -29.75
CA PRO C 466 3.70 6.95 -30.98
C PRO C 466 2.74 6.38 -32.00
N ASP C 467 1.44 6.57 -31.76
CA ASP C 467 0.43 5.94 -32.58
C ASP C 467 0.49 6.41 -34.02
N GLU C 468 0.64 7.71 -34.25
CA GLU C 468 0.62 8.20 -35.62
C GLU C 468 1.88 7.78 -36.36
N LEU C 469 2.91 7.34 -35.63
CA LEU C 469 4.06 6.73 -36.27
C LEU C 469 3.72 5.34 -36.78
N HIS C 470 2.89 4.60 -36.02
CA HIS C 470 2.51 3.26 -36.43
C HIS C 470 1.77 3.27 -37.76
N ILE C 471 0.83 4.20 -37.93
CA ILE C 471 0.18 4.32 -39.22
C ILE C 471 1.15 4.85 -40.26
N TYR C 472 2.10 5.68 -39.83
CA TYR C 472 3.04 6.28 -40.77
C TYR C 472 4.00 5.24 -41.33
N ILE C 473 4.43 4.29 -40.49
CA ILE C 473 5.32 3.24 -40.96
C ILE C 473 4.58 2.30 -41.91
N SER C 474 3.25 2.36 -41.93
CA SER C 474 2.48 1.42 -42.73
C SER C 474 2.03 2.04 -44.06
N GLU C 475 1.86 3.36 -44.10
CA GLU C 475 1.33 4.01 -45.30
C GLU C 475 2.43 4.65 -46.15
N ASN C 476 3.18 5.58 -45.57
CA ASN C 476 4.18 6.31 -46.34
C ASN C 476 5.40 5.45 -46.63
N PHE C 477 5.77 4.57 -45.70
CA PHE C 477 6.86 3.65 -45.95
C PHE C 477 6.57 2.72 -47.12
N SER C 478 5.30 2.45 -47.40
CA SER C 478 4.95 1.62 -48.55
C SER C 478 5.35 2.30 -49.85
N ARG C 479 5.21 3.62 -49.94
CA ARG C 479 5.61 4.32 -51.15
C ARG C 479 7.10 4.17 -51.40
N VAL C 480 7.91 4.26 -50.35
CA VAL C 480 9.33 4.00 -50.48
C VAL C 480 9.57 2.56 -50.92
N MET C 481 8.73 1.64 -50.42
CA MET C 481 8.87 0.24 -50.78
C MET C 481 8.60 0.02 -52.27
N ASP C 482 7.59 0.70 -52.81
CA ASP C 482 7.23 0.51 -54.21
C ASP C 482 8.36 0.94 -55.14
N ARG C 483 9.02 2.05 -54.83
CA ARG C 483 10.11 2.54 -55.67
C ARG C 483 11.20 1.48 -55.81
N ILE C 484 11.49 0.77 -54.72
CA ILE C 484 12.42 -0.35 -54.80
C ILE C 484 11.90 -1.43 -55.74
N THR C 485 10.60 -1.73 -55.63
CA THR C 485 10.03 -2.79 -56.45
C THR C 485 10.15 -2.47 -57.94
N GLU C 486 9.89 -1.23 -58.32
CA GLU C 486 10.04 -0.84 -59.72
C GLU C 486 11.50 -0.94 -60.15
N HIS C 487 12.43 -0.55 -59.28
CA HIS C 487 13.84 -0.54 -59.66
C HIS C 487 14.34 -1.94 -59.98
N ILE C 488 13.97 -2.93 -59.16
CA ILE C 488 14.44 -4.29 -59.39
C ILE C 488 13.82 -4.87 -60.65
N LYS C 489 12.55 -4.57 -60.91
CA LYS C 489 11.90 -5.06 -62.11
C LYS C 489 12.53 -4.45 -63.36
N TYR C 490 12.87 -3.16 -63.30
CA TYR C 490 13.49 -2.50 -64.44
C TYR C 490 14.83 -3.14 -64.79
N HIS C 491 15.64 -3.46 -63.77
CA HIS C 491 16.91 -4.13 -64.03
C HIS C 491 16.69 -5.53 -64.60
N LEU C 492 15.61 -6.20 -64.19
CA LEU C 492 15.30 -7.51 -64.77
C LEU C 492 14.93 -7.40 -66.24
N SER C 493 14.35 -6.26 -66.65
CA SER C 493 14.00 -6.07 -68.04
C SER C 493 15.24 -6.06 -68.93
N GLN C 494 16.32 -5.45 -68.45
CA GLN C 494 17.55 -5.39 -69.22
C GLN C 494 18.19 -6.77 -69.28
N PRO C 495 18.38 -7.35 -70.46
CA PRO C 495 18.94 -8.70 -70.55
C PRO C 495 20.43 -8.72 -70.24
N HIS C 496 20.87 -9.86 -69.72
CA HIS C 496 22.29 -10.09 -69.43
C HIS C 496 22.46 -11.59 -69.19
N GLU C 497 23.64 -12.00 -68.73
CA GLU C 497 23.95 -13.41 -68.57
C GLU C 497 23.52 -13.92 -67.19
N SER C 498 24.02 -15.11 -66.81
CA SER C 498 23.58 -15.79 -65.60
C SER C 498 23.72 -14.95 -64.34
N ASN C 499 24.48 -13.86 -64.36
CA ASN C 499 24.58 -13.01 -63.18
C ASN C 499 23.25 -12.35 -62.85
N ILE C 500 22.32 -12.28 -63.79
CA ILE C 500 20.98 -11.77 -63.55
C ILE C 500 19.90 -12.81 -63.78
N LEU C 501 20.24 -13.97 -64.36
CA LEU C 501 19.22 -14.98 -64.65
C LEU C 501 18.58 -15.50 -63.37
N ASN C 502 19.40 -15.70 -62.33
CA ASN C 502 18.90 -16.20 -61.06
C ASN C 502 19.08 -15.22 -59.90
N TYR C 503 20.09 -14.36 -59.94
CA TYR C 503 20.34 -13.45 -58.82
C TYR C 503 19.17 -12.50 -58.62
N TYR C 504 18.72 -11.83 -59.68
CA TYR C 504 17.57 -10.96 -59.56
C TYR C 504 16.31 -11.73 -59.16
N LYS C 505 16.13 -12.93 -59.72
CA LYS C 505 14.93 -13.71 -59.39
C LYS C 505 14.92 -14.09 -57.90
N LYS C 506 16.09 -14.43 -57.35
CA LYS C 506 16.14 -14.78 -55.94
C LYS C 506 15.79 -13.60 -55.05
N LEU C 507 16.35 -12.42 -55.35
CA LEU C 507 16.03 -11.24 -54.55
C LEU C 507 14.56 -10.87 -54.65
N LEU C 508 13.99 -10.96 -55.86
CA LEU C 508 12.58 -10.63 -56.02
C LEU C 508 11.70 -11.55 -55.19
N LYS C 509 12.00 -12.86 -55.18
CA LYS C 509 11.26 -13.77 -54.34
C LYS C 509 11.46 -13.44 -52.86
N ALA C 510 12.71 -13.16 -52.46
CA ALA C 510 12.97 -12.80 -51.07
C ALA C 510 12.31 -11.47 -50.73
N PHE C 511 12.35 -10.51 -51.65
CA PHE C 511 11.79 -9.19 -51.36
C PHE C 511 10.28 -9.25 -51.19
N GLU C 512 9.58 -9.96 -52.08
CA GLU C 512 8.13 -10.01 -52.00
C GLU C 512 7.65 -10.71 -50.74
N ARG C 513 8.34 -11.77 -50.32
CA ARG C 513 8.00 -12.40 -49.04
C ARG C 513 8.22 -11.43 -47.88
N SER C 514 9.25 -10.60 -47.98
CA SER C 514 9.52 -9.61 -46.95
C SER C 514 8.67 -8.36 -47.07
N LYS C 515 7.98 -8.17 -48.20
CA LYS C 515 7.13 -6.99 -48.35
C LYS C 515 5.98 -6.99 -47.34
N SER C 516 5.36 -8.15 -47.14
CA SER C 516 4.24 -8.24 -46.21
C SER C 516 4.67 -8.16 -44.76
N LYS C 517 5.98 -8.20 -44.49
CA LYS C 517 6.45 -8.20 -43.10
C LYS C 517 6.11 -6.89 -42.39
N ILE C 518 6.06 -5.78 -43.12
CA ILE C 518 5.87 -4.49 -42.48
C ILE C 518 4.50 -4.39 -41.81
N PHE C 519 3.47 -4.99 -42.41
CA PHE C 519 2.13 -4.90 -41.86
C PHE C 519 1.94 -5.74 -40.60
N ASN C 520 2.90 -6.58 -40.26
CA ASN C 520 2.78 -7.39 -39.06
C ASN C 520 2.84 -6.50 -37.81
N ASP C 521 2.32 -7.03 -36.71
CA ASP C 521 2.24 -6.27 -35.47
C ASP C 521 3.50 -6.40 -34.62
N SER C 522 3.90 -7.64 -34.31
CA SER C 522 5.11 -7.83 -33.53
C SER C 522 6.31 -7.24 -34.25
N PHE C 523 6.34 -7.35 -35.58
CA PHE C 523 7.41 -6.72 -36.35
C PHE C 523 7.36 -5.20 -36.20
N LYS C 524 6.16 -4.61 -36.27
CA LYS C 524 6.03 -3.18 -36.08
C LYS C 524 6.39 -2.78 -34.66
N LYS C 525 5.99 -3.59 -33.68
CA LYS C 525 6.38 -3.31 -32.30
C LYS C 525 7.89 -3.32 -32.14
N GLY C 526 8.55 -4.27 -32.82
CA GLY C 526 10.01 -4.34 -32.74
C GLY C 526 10.68 -3.12 -33.33
N VAL C 527 10.16 -2.60 -34.44
CA VAL C 527 10.77 -1.44 -35.07
C VAL C 527 10.70 -0.24 -34.15
N ILE C 528 9.55 -0.04 -33.49
CA ILE C 528 9.43 1.03 -32.52
C ILE C 528 10.42 0.83 -31.38
N ARG C 529 10.61 -0.43 -30.97
CA ARG C 529 11.60 -0.71 -29.93
C ARG C 529 13.00 -0.35 -30.38
N GLN C 530 13.34 -0.65 -31.63
CA GLN C 530 14.66 -0.33 -32.15
C GLN C 530 14.83 1.17 -32.33
N ALA C 531 13.84 1.84 -32.92
CA ALA C 531 13.96 3.26 -33.22
C ALA C 531 14.02 4.11 -31.97
N GLU C 532 13.72 3.53 -30.81
CA GLU C 532 13.81 4.28 -29.56
C GLU C 532 15.21 4.82 -29.33
N PHE C 533 16.23 4.04 -29.69
CA PHE C 533 17.59 4.48 -29.49
C PHE C 533 17.98 5.55 -30.50
N LEU C 534 17.56 5.39 -31.75
CA LEU C 534 17.90 6.37 -32.78
C LEU C 534 17.28 7.72 -32.48
N PHE C 535 16.04 7.74 -32.02
CA PHE C 535 15.36 8.98 -31.68
C PHE C 535 15.68 9.45 -30.26
N ARG C 536 16.51 8.71 -29.52
CA ARG C 536 16.90 9.12 -28.20
C ARG C 536 17.64 10.45 -28.26
N GLN C 537 17.28 11.37 -27.37
CA GLN C 537 17.92 12.68 -27.28
C GLN C 537 18.20 12.97 -25.82
N ARG C 538 19.48 12.94 -25.44
CA ARG C 538 19.85 13.20 -24.06
C ARG C 538 19.55 14.64 -23.69
N SER C 539 19.25 14.85 -22.41
CA SER C 539 19.02 16.18 -21.85
C SER C 539 17.86 16.88 -22.56
N PHE C 540 16.68 16.30 -22.45
CA PHE C 540 15.49 16.93 -23.01
C PHE C 540 14.39 17.12 -21.98
N ILE C 541 14.19 16.17 -21.08
CA ILE C 541 13.11 16.29 -20.11
C ILE C 541 13.40 17.39 -19.11
N GLN C 542 14.62 17.42 -18.56
CA GLN C 542 14.91 18.38 -17.50
C GLN C 542 15.03 19.80 -18.02
N THR C 543 15.20 19.99 -19.33
CA THR C 543 15.22 21.31 -19.93
C THR C 543 13.85 21.73 -20.46
N LEU C 544 12.81 21.02 -20.07
CA LEU C 544 11.45 21.35 -20.49
C LEU C 544 10.87 22.42 -19.56
N ASP C 545 10.24 23.42 -20.17
CA ASP C 545 9.52 24.48 -19.45
C ASP C 545 10.44 25.29 -18.54
N THR C 546 11.75 25.23 -18.77
CA THR C 546 12.69 25.94 -17.90
C THR C 546 12.73 27.43 -18.20
N ASN C 547 12.57 27.82 -19.45
CA ASN C 547 12.65 29.23 -19.81
C ASN C 547 11.45 29.98 -19.24
N PRO C 548 11.65 30.99 -18.39
CA PRO C 548 10.52 31.74 -17.85
C PRO C 548 10.00 32.83 -18.77
N HIS C 549 10.60 33.02 -19.94
CA HIS C 549 10.16 34.02 -20.88
C HIS C 549 9.28 33.46 -22.00
N LEU C 550 8.90 32.20 -21.91
CA LEU C 550 8.06 31.56 -22.91
C LEU C 550 6.79 31.03 -22.24
N LEU C 551 5.64 31.40 -22.80
CA LEU C 551 4.35 30.95 -22.29
C LEU C 551 3.58 30.26 -23.42
N GLY C 552 3.03 29.08 -23.14
CA GLY C 552 2.23 28.39 -24.12
C GLY C 552 0.82 28.97 -24.17
N VAL C 553 0.36 29.28 -25.38
CA VAL C 553 -0.95 29.87 -25.60
C VAL C 553 -1.67 29.08 -26.67
N GLY C 554 -2.98 29.33 -26.77
CA GLY C 554 -3.81 28.59 -27.71
C GLY C 554 -3.47 28.82 -29.16
N ASN C 555 -2.82 29.94 -29.48
CA ASN C 555 -2.43 30.26 -30.84
C ASN C 555 -0.91 30.35 -31.01
N GLY C 556 -0.18 29.42 -30.41
CA GLY C 556 1.26 29.39 -30.53
C GLY C 556 1.97 29.44 -29.19
N VAL C 557 3.08 30.18 -29.14
CA VAL C 557 3.81 30.40 -27.91
C VAL C 557 4.13 31.89 -27.80
N LEU C 558 3.94 32.45 -26.61
CA LEU C 558 4.14 33.88 -26.38
C LEU C 558 5.48 34.11 -25.71
N SER C 559 6.28 34.99 -26.31
CA SER C 559 7.61 35.30 -25.81
C SER C 559 7.60 36.67 -25.16
N ILE C 560 8.01 36.74 -23.90
CA ILE C 560 8.18 38.00 -23.19
C ILE C 560 9.65 38.31 -22.96
N GLU C 561 10.55 37.65 -23.68
CA GLU C 561 11.98 37.88 -23.50
C GLU C 561 12.36 39.30 -23.87
N THR C 562 11.82 39.82 -24.97
CA THR C 562 12.14 41.14 -25.46
C THR C 562 10.89 42.00 -25.56
N ILE C 563 11.07 43.31 -25.48
CA ILE C 563 9.98 44.28 -25.58
C ILE C 563 9.95 44.81 -27.01
N PRO C 564 8.78 44.82 -27.67
CA PRO C 564 7.50 44.31 -27.14
C PRO C 564 7.41 42.79 -27.23
N ALA C 565 6.46 42.20 -26.52
CA ALA C 565 6.28 40.76 -26.56
C ALA C 565 5.89 40.31 -27.97
N LYS C 566 6.43 39.17 -28.39
CA LYS C 566 6.25 38.68 -29.74
C LYS C 566 5.61 37.30 -29.71
N LEU C 567 4.78 37.02 -30.70
CA LEU C 567 4.08 35.76 -30.82
C LEU C 567 4.74 34.91 -31.90
N ILE C 568 4.98 33.64 -31.58
CA ILE C 568 5.57 32.69 -32.51
C ILE C 568 4.46 31.72 -32.95
N ASN C 569 4.11 31.75 -34.22
CA ASN C 569 3.10 30.86 -34.78
C ASN C 569 3.67 30.06 -35.94
N HIS C 570 4.97 29.78 -35.92
CA HIS C 570 5.63 28.99 -36.94
C HIS C 570 6.64 28.08 -36.25
N PHE C 571 7.51 27.46 -37.03
CA PHE C 571 8.46 26.50 -36.48
C PHE C 571 9.49 27.20 -35.61
N HIS C 572 9.97 26.47 -34.60
CA HIS C 572 10.99 26.97 -33.68
C HIS C 572 11.63 25.76 -33.01
N GLU C 573 12.42 26.01 -31.96
CA GLU C 573 13.14 24.93 -31.29
C GLU C 573 13.12 25.04 -29.76
N HIS C 574 12.18 25.79 -29.20
CA HIS C 574 12.18 25.97 -27.76
C HIS C 574 11.47 24.82 -27.07
N PRO C 575 12.13 24.15 -26.12
CA PRO C 575 11.50 23.01 -25.46
C PRO C 575 10.42 23.42 -24.48
N ILE C 576 9.22 23.68 -24.99
CA ILE C 576 8.08 24.08 -24.18
C ILE C 576 6.95 23.09 -24.39
N HIS C 577 6.31 22.67 -23.31
CA HIS C 577 5.23 21.71 -23.42
C HIS C 577 3.96 22.15 -22.71
N GLN C 578 4.08 22.79 -21.54
CA GLN C 578 2.91 23.28 -20.83
C GLN C 578 2.36 24.52 -21.49
N TYR C 579 1.08 24.79 -21.27
CA TYR C 579 0.40 25.87 -21.96
C TYR C 579 -0.89 26.20 -21.24
N THR C 580 -1.58 27.22 -21.75
CA THR C 580 -2.93 27.57 -21.35
C THR C 580 -3.75 27.81 -22.61
N HIS C 581 -5.06 27.62 -22.50
CA HIS C 581 -5.96 27.62 -23.65
C HIS C 581 -6.53 29.00 -23.96
N ILE C 582 -5.82 30.06 -23.60
CA ILE C 582 -6.28 31.42 -23.85
C ILE C 582 -5.46 32.00 -25.00
N CYS C 583 -6.12 32.29 -26.11
CA CYS C 583 -5.44 32.85 -27.27
C CYS C 583 -4.97 34.27 -26.96
N TYR C 584 -3.80 34.62 -27.50
CA TYR C 584 -3.21 35.94 -27.29
C TYR C 584 -3.47 36.82 -28.49
N VAL C 585 -3.86 38.06 -28.24
CA VAL C 585 -4.02 39.06 -29.29
C VAL C 585 -3.33 40.34 -28.84
N PRO C 586 -2.90 41.20 -29.74
CA PRO C 586 -2.32 42.48 -29.33
C PRO C 586 -3.33 43.31 -28.55
N PHE C 587 -2.84 44.02 -27.53
CA PHE C 587 -3.71 44.80 -26.66
C PHE C 587 -4.36 45.94 -27.43
N ASN C 588 -5.68 45.90 -27.54
CA ASN C 588 -6.45 46.96 -28.21
C ASN C 588 -7.46 47.52 -27.24
N PRO C 589 -7.32 48.77 -26.78
CA PRO C 589 -8.34 49.35 -25.90
C PRO C 589 -9.67 49.58 -26.59
N GLU C 590 -9.71 49.55 -27.92
CA GLU C 590 -10.95 49.82 -28.65
C GLU C 590 -11.94 48.67 -28.60
N ASN C 591 -11.53 47.49 -28.17
CA ASN C 591 -12.46 46.38 -28.09
C ASN C 591 -13.51 46.66 -27.01
N PRO C 592 -14.79 46.37 -27.25
CA PRO C 592 -15.80 46.61 -26.21
C PRO C 592 -15.52 45.87 -24.92
N TRP C 593 -15.02 44.64 -25.01
CA TRP C 593 -14.71 43.88 -23.79
C TRP C 593 -13.56 44.51 -23.03
N THR C 594 -12.55 44.98 -23.75
CA THR C 594 -11.42 45.63 -23.10
C THR C 594 -11.89 46.88 -22.34
N LYS C 595 -12.73 47.70 -22.96
CA LYS C 595 -13.30 48.83 -22.26
C LYS C 595 -14.20 48.37 -21.12
N LEU C 596 -14.99 47.31 -21.36
CA LEU C 596 -15.89 46.82 -20.33
C LEU C 596 -15.13 46.38 -19.10
N LEU C 597 -14.04 45.62 -19.30
CA LEU C 597 -13.24 45.18 -18.16
C LEU C 597 -12.55 46.34 -17.47
N LEU C 598 -11.99 47.27 -18.26
CA LEU C 598 -11.28 48.40 -17.69
C LEU C 598 -12.20 49.28 -16.84
N ASN C 599 -13.42 49.52 -17.34
CA ASN C 599 -14.36 50.35 -16.59
C ASN C 599 -14.72 49.71 -15.25
N ALA C 600 -15.09 48.43 -15.27
CA ALA C 600 -15.43 47.74 -14.03
C ALA C 600 -14.22 47.66 -13.10
N LEU C 601 -13.04 47.40 -13.66
CA LEU C 601 -11.83 47.31 -12.85
C LEU C 601 -11.52 48.65 -12.20
N GLN C 602 -11.64 49.74 -12.96
CA GLN C 602 -11.36 51.06 -12.41
C GLN C 602 -12.32 51.40 -11.27
N ASP C 603 -13.59 51.03 -11.43
CA ASP C 603 -14.57 51.27 -10.37
C ASP C 603 -14.27 50.41 -9.14
N ILE C 604 -13.68 49.23 -9.33
CA ILE C 604 -13.42 48.34 -8.20
C ILE C 604 -12.42 48.96 -7.24
N ILE C 605 -11.34 49.52 -7.78
CA ILE C 605 -10.32 50.17 -6.95
C ILE C 605 -10.29 51.65 -7.27
N PRO C 606 -10.72 52.51 -6.35
CA PRO C 606 -10.87 53.94 -6.71
C PRO C 606 -9.55 54.66 -6.88
N GLU C 607 -8.60 54.45 -5.98
CA GLU C 607 -7.35 55.20 -6.00
C GLU C 607 -6.56 54.90 -7.26
N LEU C 608 -6.09 55.94 -7.93
CA LEU C 608 -5.30 55.76 -9.14
C LEU C 608 -3.97 55.07 -8.84
N ASP C 609 -3.24 55.59 -7.85
CA ASP C 609 -1.93 55.02 -7.53
C ASP C 609 -2.06 53.59 -7.04
N ALA C 610 -3.05 53.32 -6.18
CA ALA C 610 -3.28 51.95 -5.74
C ALA C 610 -3.66 51.05 -6.90
N ARG C 611 -4.49 51.55 -7.81
CA ARG C 611 -4.87 50.76 -8.98
C ARG C 611 -3.66 50.40 -9.81
N LEU C 612 -2.78 51.38 -10.05
CA LEU C 612 -1.57 51.10 -10.81
C LEU C 612 -0.67 50.11 -10.08
N TRP C 613 -0.46 50.33 -8.79
CA TRP C 613 0.49 49.49 -8.05
C TRP C 613 -0.01 48.05 -7.95
N ILE C 614 -1.30 47.86 -7.70
CA ILE C 614 -1.83 46.52 -7.54
C ILE C 614 -1.69 45.72 -8.83
N MET C 615 -2.14 46.29 -9.94
CA MET C 615 -2.12 45.55 -11.20
C MET C 615 -0.71 45.32 -11.68
N PHE C 616 0.20 46.24 -11.39
CA PHE C 616 1.61 46.00 -11.68
C PHE C 616 2.13 44.80 -10.89
N TYR C 617 1.66 44.64 -9.64
CA TYR C 617 2.02 43.45 -8.88
C TYR C 617 1.44 42.20 -9.52
N LEU C 618 0.15 42.25 -9.87
CA LEU C 618 -0.47 41.09 -10.50
C LEU C 618 0.08 40.82 -11.89
N SER C 619 0.64 41.84 -12.54
CA SER C 619 1.23 41.63 -13.86
C SER C 619 2.42 40.68 -13.81
N THR C 620 3.04 40.51 -12.63
CA THR C 620 4.14 39.58 -12.49
C THR C 620 3.69 38.12 -12.53
N ALA C 621 2.38 37.86 -12.49
CA ALA C 621 1.91 36.49 -12.52
C ALA C 621 2.25 35.80 -13.83
N ILE C 622 2.39 36.56 -14.92
CA ILE C 622 2.81 35.97 -16.18
C ILE C 622 4.22 35.39 -16.05
N PHE C 623 5.11 36.12 -15.39
CA PHE C 623 6.47 35.65 -15.20
C PHE C 623 6.49 34.37 -14.39
N ARG C 624 7.45 33.51 -14.69
CA ARG C 624 7.58 32.23 -14.02
C ARG C 624 8.94 32.03 -13.39
N GLY C 625 9.84 33.00 -13.50
CA GLY C 625 11.16 32.91 -12.91
C GLY C 625 11.19 33.44 -11.49
N LEU C 626 12.42 33.64 -11.00
CA LEU C 626 12.60 34.08 -9.63
C LEU C 626 12.05 35.50 -9.45
N LYS C 627 11.33 35.70 -8.34
CA LYS C 627 10.66 36.96 -8.07
C LYS C 627 11.02 37.44 -6.67
N GLU C 628 10.92 38.75 -6.47
CA GLU C 628 11.20 39.33 -5.17
C GLU C 628 10.14 38.93 -4.17
N ALA C 629 10.56 38.73 -2.92
CA ALA C 629 9.68 38.21 -1.88
C ALA C 629 8.73 39.31 -1.42
N LEU C 630 7.54 39.34 -2.01
CA LEU C 630 6.49 40.26 -1.58
C LEU C 630 5.21 39.48 -1.33
N MET C 631 4.62 39.69 -0.16
CA MET C 631 3.34 39.08 0.21
C MET C 631 2.26 40.14 0.19
N LEU C 632 1.17 39.88 -0.54
CA LEU C 632 0.08 40.82 -0.68
C LEU C 632 -1.17 40.25 -0.01
N LEU C 633 -1.67 40.95 1.00
CA LEU C 633 -2.93 40.61 1.64
C LEU C 633 -3.68 41.92 1.88
N TRP C 634 -4.99 41.90 1.65
CA TRP C 634 -5.75 43.13 1.77
C TRP C 634 -7.17 42.82 2.24
N LEU C 635 -7.78 43.83 2.84
CA LEU C 635 -9.02 43.68 3.58
C LEU C 635 -10.20 44.31 2.84
N GLY C 636 -11.37 43.71 3.02
CA GLY C 636 -12.58 44.20 2.44
C GLY C 636 -13.77 43.84 3.33
N GLY C 637 -14.95 43.89 2.73
CA GLY C 637 -16.15 43.56 3.48
C GLY C 637 -17.35 43.24 2.60
N GLY C 638 -18.06 42.17 2.94
CA GLY C 638 -19.26 41.82 2.21
C GLY C 638 -18.97 41.45 0.77
N CYS C 639 -19.91 41.75 -0.12
CA CYS C 639 -19.77 41.48 -1.54
C CYS C 639 -18.83 42.53 -2.14
N ASN C 640 -17.55 42.41 -1.81
CA ASN C 640 -16.54 43.36 -2.25
C ASN C 640 -16.01 43.06 -3.64
N GLY C 641 -16.36 41.91 -4.22
CA GLY C 641 -15.84 41.54 -5.51
C GLY C 641 -14.44 40.99 -5.50
N LYS C 642 -13.88 40.71 -4.31
CA LYS C 642 -12.53 40.16 -4.25
C LYS C 642 -12.44 38.82 -4.96
N THR C 643 -13.44 37.96 -4.77
CA THR C 643 -13.43 36.65 -5.41
C THR C 643 -13.38 36.77 -6.93
N PHE C 644 -14.00 37.83 -7.48
CA PHE C 644 -14.07 37.98 -8.92
C PHE C 644 -12.67 38.13 -9.52
N LEU C 645 -11.82 38.93 -8.89
CA LEU C 645 -10.51 39.22 -9.47
C LEU C 645 -9.60 37.99 -9.40
N MET C 646 -9.54 37.31 -8.25
CA MET C 646 -8.74 36.10 -8.15
C MET C 646 -9.21 35.05 -9.14
N ARG C 647 -10.53 34.86 -9.24
CA ARG C 647 -11.06 33.84 -10.15
C ARG C 647 -10.74 34.16 -11.60
N LEU C 648 -10.79 35.43 -11.97
CA LEU C 648 -10.49 35.81 -13.34
C LEU C 648 -9.06 35.48 -13.72
N VAL C 649 -8.11 35.81 -12.85
CA VAL C 649 -6.70 35.58 -13.16
C VAL C 649 -6.42 34.08 -13.28
N ALA C 650 -6.98 33.29 -12.37
CA ALA C 650 -6.65 31.86 -12.33
C ALA C 650 -7.01 31.17 -13.64
N MET C 651 -8.22 31.40 -14.15
CA MET C 651 -8.59 30.78 -15.42
C MET C 651 -7.83 31.41 -16.58
N VAL C 652 -7.58 32.71 -16.53
CA VAL C 652 -6.83 33.37 -17.59
C VAL C 652 -5.42 32.78 -17.67
N LEU C 653 -4.76 32.63 -16.52
CA LEU C 653 -3.43 32.01 -16.51
C LEU C 653 -3.52 30.52 -16.80
N GLY C 654 -4.60 29.87 -16.43
CA GLY C 654 -4.77 28.45 -16.65
C GLY C 654 -4.26 27.63 -15.48
N ASP C 655 -4.68 26.36 -15.47
CA ASP C 655 -4.30 25.47 -14.37
C ASP C 655 -2.81 25.15 -14.39
N HIS C 656 -2.20 25.08 -15.58
CA HIS C 656 -0.78 24.73 -15.66
C HIS C 656 0.11 25.74 -14.97
N TYR C 657 -0.36 26.98 -14.78
CA TYR C 657 0.47 28.01 -14.19
C TYR C 657 -0.17 28.67 -12.97
N ALA C 658 -1.45 28.46 -12.71
CA ALA C 658 -2.11 28.99 -11.53
C ALA C 658 -2.90 27.88 -10.86
N SER C 659 -3.08 28.01 -9.54
CA SER C 659 -3.77 26.99 -8.77
C SER C 659 -4.32 27.58 -7.49
N LYS C 660 -5.27 26.86 -6.89
CA LYS C 660 -5.88 27.24 -5.62
C LYS C 660 -5.33 26.35 -4.52
N LEU C 661 -4.96 26.96 -3.40
CA LEU C 661 -4.36 26.23 -2.30
C LEU C 661 -5.18 26.43 -1.04
N ASN C 662 -5.14 25.46 -0.13
CA ASN C 662 -5.91 25.55 1.11
C ASN C 662 -5.58 26.82 1.90
N ILE C 663 -6.61 27.55 2.29
CA ILE C 663 -6.41 28.77 3.07
C ILE C 663 -5.67 28.48 4.36
N SER C 664 -5.90 27.29 4.93
CA SER C 664 -5.24 26.93 6.17
C SER C 664 -3.73 27.02 6.01
N LEU C 665 -3.24 26.74 4.82
CA LEU C 665 -1.80 26.79 4.56
C LEU C 665 -1.27 28.15 4.96
N LEU C 666 -1.98 29.20 4.60
CA LEU C 666 -1.53 30.55 4.92
C LEU C 666 -1.42 30.76 6.41
N THR C 667 -2.35 30.20 7.16
CA THR C 667 -2.33 30.35 8.62
C THR C 667 -1.01 29.86 9.18
N SER C 668 -0.52 28.75 8.66
CA SER C 668 0.76 28.20 9.11
C SER C 668 0.65 27.68 10.54
N CYS C 669 -0.54 27.76 11.12
CA CYS C 669 -0.74 27.28 12.48
C CYS C 669 -0.52 25.77 12.51
N ARG C 670 -0.95 25.09 11.45
CA ARG C 670 -0.78 23.65 11.38
C ARG C 670 0.68 23.27 11.19
N GLU C 671 1.10 22.16 11.79
CA GLU C 671 2.48 21.70 11.64
C GLU C 671 2.49 20.28 11.10
N THR C 672 3.41 19.99 10.19
CA THR C 672 3.47 18.67 9.59
C THR C 672 4.70 17.89 10.03
N ALA C 673 4.50 16.72 10.61
CA ALA C 673 5.63 15.88 11.01
C ALA C 673 6.09 15.06 9.81
N GLU C 674 6.87 14.01 10.06
CA GLU C 674 7.31 13.17 8.96
C GLU C 674 6.11 12.38 8.46
N LYS C 675 5.44 12.92 7.45
CA LYS C 675 4.20 12.36 6.92
C LYS C 675 3.94 12.96 5.54
N PRO C 676 3.21 12.26 4.67
CA PRO C 676 2.93 12.81 3.34
C PRO C 676 2.15 14.12 3.44
N ASN C 677 2.49 15.06 2.55
CA ASN C 677 1.78 16.31 2.44
C ASN C 677 1.67 16.69 0.97
N SER C 678 0.45 16.91 0.52
CA SER C 678 0.17 17.18 -0.89
C SER C 678 -0.04 18.64 -1.22
N ALA C 679 -0.74 19.39 -0.36
CA ALA C 679 -1.01 20.79 -0.65
C ALA C 679 0.26 21.63 -0.69
N PHE C 680 1.31 21.21 0.01
CA PHE C 680 2.60 21.88 -0.12
C PHE C 680 3.13 21.77 -1.55
N MET C 681 2.76 20.71 -2.25
CA MET C 681 3.16 20.52 -3.63
C MET C 681 2.27 21.39 -4.51
N ARG C 682 2.28 21.13 -5.82
CA ARG C 682 1.50 21.81 -6.84
C ARG C 682 2.02 23.22 -7.13
N LEU C 683 3.00 23.71 -6.37
CA LEU C 683 3.51 25.05 -6.59
C LEU C 683 4.61 25.10 -7.64
N LYS C 684 4.97 23.96 -8.22
CA LYS C 684 6.08 23.91 -9.17
C LYS C 684 5.72 24.63 -10.46
N GLY C 685 6.59 25.54 -10.89
CA GLY C 685 6.42 26.20 -12.16
C GLY C 685 5.32 27.23 -12.20
N ARG C 686 4.45 27.21 -11.20
CA ARG C 686 3.33 28.14 -11.17
C ARG C 686 3.83 29.57 -10.92
N GLY C 687 2.95 30.53 -11.21
CA GLY C 687 3.30 31.92 -11.03
C GLY C 687 2.20 32.70 -10.34
N TYR C 688 1.26 32.00 -9.71
CA TYR C 688 0.11 32.68 -9.11
C TYR C 688 -0.54 31.75 -8.09
N GLY C 689 -0.66 32.22 -6.85
CA GLY C 689 -1.39 31.49 -5.83
C GLY C 689 -2.39 32.38 -5.13
N TYR C 690 -3.66 31.97 -5.11
CA TYR C 690 -4.74 32.79 -4.58
C TYR C 690 -5.50 32.01 -3.52
N PHE C 691 -5.98 32.72 -2.51
CA PHE C 691 -6.67 32.11 -1.38
C PHE C 691 -8.08 32.69 -1.25
N GLU C 692 -8.76 32.29 -0.18
CA GLU C 692 -10.15 32.68 0.06
C GLU C 692 -10.31 33.10 1.51
N GLU C 693 -11.56 33.28 1.93
CA GLU C 693 -11.89 33.67 3.29
C GLU C 693 -11.69 32.50 4.24
N THR C 694 -11.48 32.83 5.51
CA THR C 694 -11.32 31.86 6.58
C THR C 694 -12.57 31.86 7.46
N ASN C 695 -12.52 31.05 8.52
CA ASN C 695 -13.63 31.02 9.47
C ASN C 695 -13.78 32.35 10.19
N LYS C 696 -12.66 32.96 10.55
CA LYS C 696 -12.64 34.26 11.22
C LYS C 696 -11.25 34.85 11.02
N SER C 697 -10.96 35.92 11.75
CA SER C 697 -9.61 36.46 11.75
C SER C 697 -8.64 35.42 12.31
N GLU C 698 -7.52 35.24 11.61
CA GLU C 698 -6.61 34.15 11.89
C GLU C 698 -5.22 34.68 12.21
N VAL C 699 -4.53 33.96 13.10
CA VAL C 699 -3.15 34.28 13.47
C VAL C 699 -2.22 33.48 12.58
N LEU C 700 -1.12 34.12 12.15
CA LEU C 700 -0.18 33.53 11.21
C LEU C 700 1.21 33.58 11.82
N ASN C 701 1.69 32.44 12.30
CA ASN C 701 3.03 32.37 12.86
C ASN C 701 4.07 32.44 11.75
N THR C 702 5.24 33.01 12.08
CA THR C 702 6.26 33.23 11.06
C THR C 702 6.69 31.92 10.42
N SER C 703 6.68 30.82 11.17
CA SER C 703 7.02 29.53 10.60
C SER C 703 6.04 29.16 9.49
N ARG C 704 6.52 28.39 8.53
CA ARG C 704 5.77 28.01 7.34
C ARG C 704 5.35 29.22 6.51
N LEU C 705 5.88 30.40 6.82
CA LEU C 705 5.57 31.59 6.03
C LEU C 705 6.85 32.22 5.51
N LYS C 706 7.94 32.09 6.28
CA LYS C 706 9.20 32.66 5.86
C LYS C 706 9.65 32.08 4.53
N GLU C 707 9.47 30.76 4.36
CA GLU C 707 9.88 30.08 3.15
C GLU C 707 8.82 30.10 2.05
N MET C 708 7.60 30.56 2.36
CA MET C 708 6.58 30.63 1.32
C MET C 708 6.74 31.86 0.44
N VAL C 709 7.55 32.83 0.85
CA VAL C 709 7.65 34.07 0.10
C VAL C 709 9.09 34.29 -0.39
N ASN C 710 10.06 33.81 0.37
CA ASN C 710 11.45 34.13 0.07
C ASN C 710 11.89 33.48 -1.24
N PRO C 711 12.84 34.08 -1.95
CA PRO C 711 13.36 33.44 -3.17
C PRO C 711 14.32 32.31 -2.84
N GLY C 712 13.78 31.27 -2.22
CA GLY C 712 14.57 30.12 -1.83
C GLY C 712 14.00 28.81 -2.30
N ASP C 713 14.64 27.70 -1.91
CA ASP C 713 14.18 26.37 -2.26
C ASP C 713 13.72 25.62 -1.01
N VAL C 714 12.63 24.89 -1.15
CA VAL C 714 12.04 24.13 -0.04
C VAL C 714 11.86 22.69 -0.49
N THR C 715 11.77 21.80 0.50
CA THR C 715 11.62 20.37 0.23
C THR C 715 10.51 19.79 1.09
N ALA C 716 9.83 18.79 0.53
CA ALA C 716 8.77 18.07 1.21
C ALA C 716 8.48 16.78 0.47
N ARG C 717 7.43 16.06 0.87
CA ARG C 717 7.06 14.83 0.18
C ARG C 717 5.58 14.52 0.38
N GLU C 718 5.09 13.47 -0.27
CA GLU C 718 3.67 13.18 -0.31
C GLU C 718 3.44 11.69 -0.53
N LEU C 719 2.22 11.32 -0.92
CA LEU C 719 1.92 9.99 -1.41
C LEU C 719 3.03 9.49 -2.34
N ASN C 720 3.57 8.32 -2.02
CA ASN C 720 4.63 7.65 -2.78
C ASN C 720 5.85 8.58 -2.86
N GLN C 721 6.71 8.36 -3.86
CA GLN C 721 7.97 9.07 -4.03
C GLN C 721 8.74 9.24 -2.72
N LYS C 722 9.39 10.39 -2.54
CA LYS C 722 10.24 10.65 -1.38
C LYS C 722 10.52 12.13 -1.24
N GLN C 723 11.46 12.49 -0.37
CA GLN C 723 11.86 13.88 -0.23
C GLN C 723 12.47 14.40 -1.52
N GLU C 724 12.05 15.59 -1.93
CA GLU C 724 12.65 16.27 -3.07
C GLU C 724 12.47 17.77 -2.88
N SER C 725 13.30 18.53 -3.58
CA SER C 725 13.29 19.98 -3.48
C SER C 725 12.89 20.60 -4.81
N PHE C 726 12.33 21.80 -4.74
CA PHE C 726 11.86 22.50 -5.93
C PHE C 726 11.95 24.00 -5.71
N GLN C 727 12.34 24.72 -6.76
CA GLN C 727 12.43 26.18 -6.67
C GLN C 727 11.04 26.79 -6.71
N MET C 728 10.75 27.69 -5.77
CA MET C 728 9.46 28.36 -5.71
C MET C 728 9.54 29.68 -6.47
N THR C 729 8.66 29.83 -7.47
CA THR C 729 8.67 31.03 -8.31
C THR C 729 7.27 31.54 -8.60
N ALA C 730 6.33 31.39 -7.67
CA ALA C 730 4.94 31.77 -7.90
C ALA C 730 4.57 33.01 -7.10
N THR C 731 3.83 33.92 -7.74
CA THR C 731 3.27 35.05 -7.02
C THR C 731 2.17 34.58 -6.07
N MET C 732 2.01 35.31 -4.96
CA MET C 732 1.13 34.90 -3.88
C MET C 732 0.18 36.03 -3.52
N VAL C 733 -1.11 35.73 -3.48
CA VAL C 733 -2.13 36.68 -3.06
C VAL C 733 -3.11 35.96 -2.14
N ALA C 734 -3.54 36.64 -1.08
CA ALA C 734 -4.49 36.07 -0.14
C ALA C 734 -5.21 37.23 0.56
N ALA C 735 -6.44 37.49 0.14
CA ALA C 735 -7.24 38.58 0.67
C ALA C 735 -8.45 38.03 1.41
N SER C 736 -8.89 38.73 2.44
CA SER C 736 -10.05 38.30 3.21
C SER C 736 -10.60 39.46 3.99
N ASN C 737 -11.82 39.32 4.48
CA ASN C 737 -12.43 40.38 5.29
C ASN C 737 -12.01 40.19 6.74
N TYR C 738 -11.08 39.27 6.98
CA TYR C 738 -10.61 39.02 8.34
C TYR C 738 -9.19 39.51 8.53
N ASN C 739 -8.96 40.25 9.61
CA ASN C 739 -7.60 40.71 9.89
C ASN C 739 -6.71 39.52 10.20
N PHE C 740 -5.46 39.58 9.77
CA PHE C 740 -4.54 38.48 10.02
C PHE C 740 -3.63 38.79 11.18
N ILE C 741 -3.82 38.10 12.29
CA ILE C 741 -3.02 38.37 13.48
C ILE C 741 -1.54 38.12 13.24
N ILE C 742 -0.71 39.10 13.53
CA ILE C 742 0.73 38.94 13.37
C ILE C 742 1.42 39.27 14.69
N ASP C 743 2.09 38.29 15.28
CA ASP C 743 2.72 38.52 16.58
C ASP C 743 4.24 38.44 16.40
N THR C 744 4.84 39.56 16.05
CA THR C 744 6.28 39.67 15.90
C THR C 744 6.66 41.14 15.79
N THR C 745 7.96 41.40 15.78
CA THR C 745 8.49 42.74 15.63
C THR C 745 9.63 42.80 14.62
N ASP C 746 10.19 41.66 14.22
CA ASP C 746 11.35 41.63 13.34
C ASP C 746 11.09 42.36 12.04
N HIS C 747 12.05 43.20 11.64
CA HIS C 747 11.93 43.92 10.37
C HIS C 747 11.91 42.96 9.19
N GLY C 748 12.76 41.93 9.22
CA GLY C 748 12.77 40.97 8.13
C GLY C 748 11.43 40.30 7.94
N THR C 749 10.72 40.02 9.04
CA THR C 749 9.36 39.54 8.92
C THR C 749 8.45 40.59 8.30
N TRP C 750 8.49 41.81 8.82
CA TRP C 750 7.67 42.90 8.30
C TRP C 750 8.42 43.73 7.26
N ARG C 751 9.01 43.06 6.27
CA ARG C 751 9.56 43.72 5.11
C ARG C 751 9.12 43.08 3.80
N ARG C 752 8.67 41.83 3.82
CA ARG C 752 8.10 41.16 2.66
C ARG C 752 6.58 41.15 2.71
N LEU C 753 5.99 42.11 3.40
CA LEU C 753 4.55 42.16 3.60
C LEU C 753 4.00 43.52 3.17
N ARG C 754 2.85 43.50 2.52
CA ARG C 754 2.15 44.71 2.13
C ARG C 754 0.67 44.55 2.45
N HIS C 755 0.04 45.66 2.85
CA HIS C 755 -1.34 45.64 3.29
C HIS C 755 -2.15 46.72 2.59
N TYR C 756 -3.42 46.40 2.34
CA TYR C 756 -4.35 47.31 1.70
C TYR C 756 -5.73 47.04 2.28
N ARG C 757 -6.63 48.01 2.13
CA ARG C 757 -8.01 47.84 2.57
C ARG C 757 -8.95 48.32 1.48
N SER C 758 -9.97 47.52 1.19
CA SER C 758 -10.99 47.93 0.23
C SER C 758 -11.88 49.02 0.83
N LYS C 759 -12.45 49.83 -0.06
CA LYS C 759 -13.35 50.91 0.36
C LYS C 759 -14.68 50.91 -0.35
N VAL C 760 -14.79 50.35 -1.55
CA VAL C 760 -16.03 50.34 -2.32
C VAL C 760 -16.72 49.00 -2.07
N LYS C 761 -17.98 49.07 -1.64
CA LYS C 761 -18.77 47.90 -1.35
C LYS C 761 -20.01 47.88 -2.23
N PHE C 762 -20.50 46.68 -2.51
CA PHE C 762 -21.64 46.48 -3.41
C PHE C 762 -22.89 46.11 -2.60
N CYS C 763 -23.97 46.83 -2.85
CA CYS C 763 -25.26 46.57 -2.22
C CYS C 763 -26.37 46.72 -3.25
N HIS C 764 -27.46 45.99 -3.04
CA HIS C 764 -28.56 45.99 -4.01
C HIS C 764 -29.41 47.25 -3.94
N ASN C 765 -29.10 48.18 -3.05
CA ASN C 765 -29.77 49.49 -3.00
C ASN C 765 -28.69 50.57 -3.07
N PRO C 766 -28.16 50.84 -4.26
CA PRO C 766 -27.11 51.86 -4.38
C PRO C 766 -27.66 53.26 -4.37
N ASP C 767 -27.88 53.81 -3.18
CA ASP C 767 -28.35 55.19 -3.08
C ASP C 767 -27.30 56.13 -3.70
N PRO C 768 -27.74 57.13 -4.48
CA PRO C 768 -26.81 58.05 -5.13
C PRO C 768 -26.25 59.13 -4.19
N SER C 769 -25.79 58.70 -3.03
CA SER C 769 -25.22 59.63 -2.06
C SER C 769 -23.80 59.20 -1.70
N ASN C 770 -23.57 57.91 -1.57
CA ASN C 770 -22.26 57.37 -1.22
C ASN C 770 -21.52 56.89 -2.46
N PRO C 771 -20.40 57.50 -2.83
CA PRO C 771 -19.64 57.01 -3.99
C PRO C 771 -19.15 55.59 -3.83
N TYR C 772 -18.94 55.13 -2.59
CA TYR C 772 -18.43 53.79 -2.34
C TYR C 772 -19.56 52.77 -2.36
N GLU C 773 -20.36 52.79 -3.43
CA GLU C 773 -21.49 51.87 -3.54
C GLU C 773 -22.01 51.80 -4.97
N LYS C 774 -22.08 50.61 -5.54
CA LYS C 774 -22.51 50.43 -6.92
C LYS C 774 -23.38 49.19 -7.03
N LYS C 775 -24.14 49.12 -8.13
CA LYS C 775 -25.02 47.99 -8.40
C LYS C 775 -24.21 46.77 -8.81
N GLU C 776 -24.88 45.63 -8.85
CA GLU C 776 -24.24 44.36 -9.14
C GLU C 776 -24.95 43.66 -10.29
N ASP C 777 -24.22 42.74 -10.92
CA ASP C 777 -24.78 41.89 -11.97
C ASP C 777 -24.54 40.44 -11.57
N PRO C 778 -25.59 39.66 -11.33
CA PRO C 778 -25.38 38.23 -11.07
C PRO C 778 -24.67 37.52 -12.22
N ARG C 779 -24.89 37.98 -13.46
CA ARG C 779 -24.19 37.41 -14.59
C ARG C 779 -22.70 37.74 -14.56
N PHE C 780 -22.32 38.79 -13.82
CA PHE C 780 -20.96 39.30 -13.92
C PHE C 780 -19.94 38.26 -13.46
N ILE C 781 -20.31 37.42 -12.51
CA ILE C 781 -19.48 36.31 -12.07
C ILE C 781 -19.96 34.98 -12.64
N HIS C 782 -21.28 34.76 -12.68
CA HIS C 782 -21.78 33.49 -13.19
C HIS C 782 -21.38 33.29 -14.64
N GLU C 783 -21.42 34.36 -15.43
CA GLU C 783 -20.86 34.35 -16.78
C GLU C 783 -19.87 35.50 -16.89
N TYR C 784 -19.46 35.82 -18.12
CA TYR C 784 -18.39 36.74 -18.49
C TYR C 784 -17.02 36.12 -18.28
N ILE C 785 -16.94 34.95 -17.66
CA ILE C 785 -15.69 34.21 -17.55
C ILE C 785 -15.77 33.09 -18.57
N MET C 786 -16.99 32.72 -18.95
CA MET C 786 -17.19 31.71 -19.98
C MET C 786 -17.01 32.27 -21.38
N ASP C 787 -16.92 33.59 -21.54
CA ASP C 787 -16.65 34.19 -22.83
C ASP C 787 -15.16 34.13 -23.10
N PRO C 788 -14.71 33.41 -24.13
CA PRO C 788 -13.26 33.37 -24.41
C PRO C 788 -12.68 34.73 -24.72
N ASP C 789 -13.45 35.62 -25.35
CA ASP C 789 -12.92 36.95 -25.68
C ASP C 789 -12.58 37.73 -24.42
N CYS C 790 -13.34 37.54 -23.34
CA CYS C 790 -13.02 38.22 -22.09
C CYS C 790 -11.64 37.80 -21.59
N GLN C 791 -11.34 36.50 -21.64
CA GLN C 791 -10.00 36.06 -21.27
C GLN C 791 -8.96 36.62 -22.22
N ASN C 792 -9.26 36.61 -23.52
CA ASN C 792 -8.32 37.16 -24.50
C ASN C 792 -8.05 38.63 -24.24
N ALA C 793 -9.10 39.39 -23.94
CA ALA C 793 -8.92 40.80 -23.61
C ALA C 793 -8.16 40.96 -22.31
N PHE C 794 -8.52 40.19 -21.28
CA PHE C 794 -7.87 40.33 -19.98
C PHE C 794 -6.40 39.97 -20.05
N PHE C 795 -6.07 38.89 -20.75
CA PHE C 795 -4.68 38.48 -20.88
C PHE C 795 -3.85 39.57 -21.55
N SER C 796 -4.43 40.24 -22.54
CA SER C 796 -3.73 41.34 -23.19
C SER C 796 -3.40 42.45 -22.21
N ILE C 797 -4.33 42.76 -21.31
CA ILE C 797 -4.08 43.78 -20.29
C ILE C 797 -2.90 43.39 -19.43
N LEU C 798 -2.86 42.14 -18.99
CA LEU C 798 -1.76 41.67 -18.15
C LEU C 798 -0.43 41.76 -18.88
N VAL C 799 -0.41 41.37 -20.16
CA VAL C 799 0.81 41.46 -20.94
C VAL C 799 1.26 42.90 -21.07
N TYR C 800 0.32 43.81 -21.34
CA TYR C 800 0.66 45.22 -21.50
C TYR C 800 1.25 45.79 -20.21
N PHE C 801 0.63 45.46 -19.08
CA PHE C 801 1.12 45.99 -17.80
C PHE C 801 2.52 45.50 -17.49
N TRP C 802 2.79 44.21 -17.74
CA TRP C 802 4.13 43.69 -17.53
C TRP C 802 5.14 44.37 -18.42
N GLU C 803 4.75 44.66 -19.66
CA GLU C 803 5.61 45.41 -20.56
C GLU C 803 5.88 46.81 -20.01
N LYS C 804 4.85 47.45 -19.46
CA LYS C 804 5.02 48.78 -18.89
C LYS C 804 6.00 48.77 -17.73
N LEU C 805 5.82 47.82 -16.80
CA LEU C 805 6.73 47.72 -15.67
C LEU C 805 8.14 47.37 -16.13
N GLN C 806 8.25 46.53 -17.16
CA GLN C 806 9.57 46.21 -17.68
C GLN C 806 10.18 47.41 -18.38
N LYS C 807 9.40 48.13 -19.18
CA LYS C 807 9.86 49.40 -19.74
C LYS C 807 10.03 50.45 -18.66
N GLU C 808 9.49 50.21 -17.47
CA GLU C 808 9.69 51.07 -16.31
C GLU C 808 11.04 50.73 -15.69
N TYR C 809 11.24 51.10 -14.42
CA TYR C 809 12.56 51.17 -13.83
C TYR C 809 13.21 49.80 -13.67
N ASN C 810 13.50 49.15 -14.80
CA ASN C 810 14.24 47.89 -14.83
C ASN C 810 13.56 46.84 -13.98
N GLY C 811 12.23 46.75 -14.08
CA GLY C 811 11.52 45.78 -13.28
C GLY C 811 11.40 46.24 -11.83
N GLN C 812 11.47 45.26 -10.92
CA GLN C 812 11.41 45.48 -9.47
C GLN C 812 10.06 46.02 -9.02
N ILE C 813 9.81 45.98 -7.72
CA ILE C 813 8.54 46.43 -7.15
C ILE C 813 8.72 47.48 -6.06
N LYS C 814 9.91 47.63 -5.47
CA LYS C 814 10.09 48.53 -4.34
C LYS C 814 9.75 49.97 -4.68
N LYS C 815 9.87 50.35 -5.95
CA LYS C 815 9.59 51.71 -6.37
C LYS C 815 8.09 51.84 -6.68
N VAL C 816 7.71 52.92 -7.38
CA VAL C 816 6.33 53.32 -7.56
C VAL C 816 5.77 53.71 -6.19
N PHE C 817 5.86 55.00 -5.87
CA PHE C 817 5.38 55.51 -4.59
C PHE C 817 3.87 55.71 -4.68
N CYS C 818 3.12 54.77 -4.10
CA CYS C 818 1.69 54.96 -3.94
C CYS C 818 1.43 55.32 -2.49
N PRO C 819 1.12 56.58 -2.18
CA PRO C 819 0.91 56.96 -0.77
C PRO C 819 -0.22 56.19 -0.10
N THR C 820 -1.24 55.79 -0.85
CA THR C 820 -2.32 55.00 -0.26
C THR C 820 -1.80 53.67 0.25
N ILE C 821 -0.93 53.02 -0.52
CA ILE C 821 -0.32 51.76 -0.10
C ILE C 821 0.90 52.07 0.76
N GLU C 822 1.33 51.08 1.54
CA GLU C 822 2.57 51.14 2.31
C GLU C 822 2.43 52.12 3.48
N SER C 823 1.32 52.86 3.50
CA SER C 823 0.99 53.73 4.63
C SER C 823 -0.09 53.10 5.51
N GLU C 824 -1.13 52.57 4.89
CA GLU C 824 -2.06 51.71 5.62
C GLU C 824 -1.35 50.46 6.12
N THR C 825 -0.35 49.99 5.38
CA THR C 825 0.41 48.81 5.80
C THR C 825 1.18 49.08 7.08
N GLU C 826 1.93 50.18 7.12
CA GLU C 826 2.61 50.54 8.36
C GLU C 826 1.62 50.97 9.43
N ALA C 827 0.48 51.51 9.03
CA ALA C 827 -0.60 51.74 9.99
C ALA C 827 -1.09 50.41 10.55
N TYR C 828 -1.20 49.39 9.69
CA TYR C 828 -1.48 48.05 10.18
C TYR C 828 -0.35 47.53 11.06
N ARG C 829 0.88 48.00 10.82
CA ARG C 829 2.00 47.63 11.67
C ARG C 829 1.91 48.33 13.03
N LYS C 830 1.48 49.60 13.04
CA LYS C 830 1.22 50.27 14.31
C LYS C 830 0.05 49.65 15.05
N SER C 831 -0.86 48.99 14.34
CA SER C 831 -1.86 48.14 14.94
C SER C 831 -1.34 46.71 14.96
N GLN C 832 -2.20 45.76 15.33
CA GLN C 832 -1.86 44.35 15.32
C GLN C 832 -0.60 44.10 16.16
N ASP C 833 -0.51 44.76 17.30
CA ASP C 833 0.66 44.66 18.17
C ASP C 833 0.18 44.74 19.62
N THR C 834 0.00 43.56 20.23
CA THR C 834 -0.53 43.51 21.59
C THR C 834 0.42 44.17 22.59
N LEU C 835 1.72 43.92 22.44
CA LEU C 835 2.68 44.45 23.39
C LEU C 835 2.69 45.98 23.36
N HIS C 836 2.78 46.56 22.16
CA HIS C 836 2.83 48.02 22.05
C HIS C 836 1.54 48.64 22.58
N ARG C 837 0.40 48.03 22.29
CA ARG C 837 -0.87 48.51 22.85
C ARG C 837 -0.85 48.42 24.38
N PHE C 838 -0.31 47.32 24.92
CA PHE C 838 -0.17 47.20 26.36
C PHE C 838 0.76 48.26 26.92
N ILE C 839 1.84 48.58 26.20
CA ILE C 839 2.81 49.56 26.68
C ILE C 839 2.13 50.90 26.91
N THR C 840 1.39 51.39 25.91
CA THR C 840 0.66 52.64 26.08
C THR C 840 -0.78 52.38 26.54
N GLU C 841 -0.93 51.51 27.53
CA GLU C 841 -2.21 51.36 28.22
C GLU C 841 -2.08 51.29 29.74
N ARG C 842 -1.00 50.77 30.29
CA ARG C 842 -0.89 50.56 31.72
C ARG C 842 0.37 51.18 32.33
N VAL C 843 1.49 51.17 31.61
CA VAL C 843 2.74 51.72 32.11
C VAL C 843 3.02 53.11 31.55
N VAL C 844 2.78 53.32 30.25
CA VAL C 844 2.87 54.65 29.67
C VAL C 844 1.60 55.42 30.02
N GLU C 845 1.74 56.73 30.15
CA GLU C 845 0.81 57.69 30.74
C GLU C 845 0.86 57.62 32.26
N SER C 846 1.58 56.65 32.84
CA SER C 846 1.85 56.60 34.27
C SER C 846 3.25 56.02 34.53
N PRO C 847 4.31 56.59 33.95
CA PRO C 847 5.64 56.04 34.21
C PRO C 847 6.29 56.62 35.45
N SER C 848 5.82 57.81 35.87
CA SER C 848 6.38 58.49 37.03
C SER C 848 6.15 57.74 38.33
N ALA C 849 5.16 56.84 38.37
CA ALA C 849 4.93 56.04 39.56
C ALA C 849 5.96 54.93 39.65
N GLU C 850 5.85 54.09 40.69
CA GLU C 850 6.83 53.02 40.89
C GLU C 850 6.11 51.84 41.55
N THR C 851 5.68 50.88 40.73
CA THR C 851 5.25 49.57 41.21
C THR C 851 5.91 48.55 40.28
N VAL C 852 7.16 48.19 40.59
CA VAL C 852 7.95 47.28 39.77
C VAL C 852 8.65 46.29 40.67
N TYR C 853 8.56 45.01 40.32
CA TYR C 853 9.41 44.00 40.94
C TYR C 853 10.58 43.62 40.03
N ASN C 854 10.27 43.09 38.85
CA ASN C 854 11.30 42.66 37.90
C ASN C 854 10.59 42.38 36.57
N LEU C 855 11.31 41.76 35.65
CA LEU C 855 10.70 41.36 34.39
C LEU C 855 9.60 40.32 34.60
N SER C 856 9.59 39.65 35.75
CA SER C 856 8.66 38.55 35.97
C SER C 856 7.20 39.02 35.97
N GLU C 857 6.88 40.02 36.79
CA GLU C 857 5.48 40.44 36.88
C GLU C 857 5.06 41.25 35.67
N VAL C 858 6.02 41.88 34.99
CA VAL C 858 5.70 42.62 33.77
C VAL C 858 5.12 41.68 32.74
N VAL C 859 5.66 40.46 32.66
CA VAL C 859 5.06 39.43 31.81
C VAL C 859 3.66 39.09 32.29
N THR C 860 3.51 38.90 33.61
CA THR C 860 2.19 38.60 34.16
C THR C 860 1.23 39.77 33.95
N ALA C 861 1.71 41.00 34.16
CA ALA C 861 0.90 42.17 33.88
C ALA C 861 0.53 42.23 32.40
N TYR C 862 1.50 41.93 31.53
CA TYR C 862 1.19 41.80 30.11
C TYR C 862 0.29 40.61 29.85
N ALA C 863 0.50 39.51 30.58
CA ALA C 863 -0.33 38.33 30.40
C ALA C 863 -1.78 38.63 30.71
N GLU C 864 -2.04 39.19 31.90
CA GLU C 864 -3.42 39.53 32.26
C GLU C 864 -3.97 40.61 31.34
N TRP C 865 -3.12 41.47 30.80
CA TRP C 865 -3.58 42.51 29.89
C TRP C 865 -4.19 41.91 28.64
N TYR C 866 -3.42 41.07 27.95
CA TYR C 866 -3.92 40.49 26.70
C TYR C 866 -4.96 39.44 27.02
N ASN C 867 -4.96 38.95 28.25
CA ASN C 867 -5.97 37.98 28.64
C ASN C 867 -7.34 38.62 28.50
N THR C 868 -7.44 39.87 28.93
CA THR C 868 -8.72 40.58 28.84
C THR C 868 -8.80 41.41 27.56
N ASN C 869 -7.75 42.16 27.26
CA ASN C 869 -7.74 43.00 26.07
C ASN C 869 -7.94 42.15 24.84
N ILE C 870 -7.27 41.00 24.79
CA ILE C 870 -7.40 40.11 23.64
C ILE C 870 -7.96 38.77 24.07
N ASN C 871 -7.09 37.85 24.43
CA ASN C 871 -7.53 36.54 24.89
C ASN C 871 -6.47 35.94 25.81
N VAL C 872 -6.88 34.99 26.65
CA VAL C 872 -5.95 34.39 27.59
C VAL C 872 -4.96 33.45 26.91
N LYS C 873 -3.67 33.67 27.12
CA LYS C 873 -2.66 32.81 26.52
C LYS C 873 -1.36 32.85 27.30
N ARG C 874 -0.45 31.91 27.01
CA ARG C 874 0.84 31.88 27.68
C ARG C 874 1.95 31.63 26.67
N HIS C 875 3.17 32.03 27.01
CA HIS C 875 4.29 31.87 26.09
C HIS C 875 5.60 31.61 26.83
N ILE C 876 6.51 30.88 26.19
CA ILE C 876 7.80 30.60 26.80
C ILE C 876 8.47 31.96 27.02
N ALA C 877 8.37 32.46 28.25
CA ALA C 877 8.42 33.89 28.54
C ALA C 877 9.71 34.58 28.09
N LEU C 878 10.67 33.84 27.53
CA LEU C 878 11.95 34.47 27.18
C LEU C 878 11.83 35.45 26.02
N GLU C 879 10.70 35.50 25.32
CA GLU C 879 10.59 36.42 24.20
C GLU C 879 10.67 37.87 24.66
N LEU C 880 10.09 38.17 25.82
CA LEU C 880 10.11 39.52 26.37
C LEU C 880 11.36 39.81 27.18
N SER C 881 12.14 38.78 27.51
CA SER C 881 13.40 38.99 28.21
C SER C 881 14.35 39.87 27.40
N GLN C 882 14.17 39.93 26.08
CA GLN C 882 14.90 40.85 25.24
C GLN C 882 14.00 41.82 24.48
N GLU C 883 12.78 41.43 24.13
CA GLU C 883 11.87 42.32 23.41
C GLU C 883 11.53 43.55 24.25
N LEU C 884 11.41 43.38 25.57
CA LEU C 884 11.14 44.52 26.44
C LEU C 884 12.27 45.54 26.35
N GLU C 885 13.52 45.07 26.35
CA GLU C 885 14.65 45.97 26.10
C GLU C 885 14.61 46.50 24.67
N ASN C 886 14.13 45.69 23.72
CA ASN C 886 13.95 46.14 22.36
C ASN C 886 12.82 47.16 22.23
N SER C 887 11.98 47.30 23.26
CA SER C 887 10.88 48.24 23.24
C SER C 887 11.38 49.61 23.68
N VAL C 888 10.44 50.52 23.94
CA VAL C 888 10.77 51.89 24.31
C VAL C 888 10.77 52.06 25.84
N LEU C 889 10.90 50.96 26.58
CA LEU C 889 10.91 51.04 28.04
C LEU C 889 12.25 51.48 28.60
N GLU C 890 13.26 51.69 27.75
CA GLU C 890 14.60 52.00 28.23
C GLU C 890 14.67 53.28 29.06
N LYS C 891 13.65 54.13 28.96
CA LYS C 891 13.60 55.32 29.81
C LYS C 891 13.62 54.93 31.28
N TYR C 892 12.90 53.86 31.63
CA TYR C 892 12.89 53.34 32.98
C TYR C 892 13.47 51.93 33.10
N LEU C 893 13.77 51.27 31.98
CA LEU C 893 14.29 49.92 32.01
C LEU C 893 15.82 49.97 32.12
N GLN C 894 16.33 49.61 33.29
CA GLN C 894 17.77 49.56 33.52
C GLN C 894 18.06 48.37 34.41
N TRP C 895 18.92 47.47 33.96
CA TRP C 895 19.20 46.26 34.72
C TRP C 895 19.96 46.60 36.00
N SER C 896 19.53 45.99 37.10
CA SER C 896 20.19 46.15 38.38
C SER C 896 21.51 45.40 38.37
N PRO C 897 22.42 45.71 39.31
CA PRO C 897 23.70 45.00 39.35
C PRO C 897 23.56 43.48 39.43
N ASN C 898 22.56 42.99 40.18
CA ASN C 898 22.25 41.57 40.19
C ASN C 898 21.18 41.23 39.16
N LYS C 899 21.37 41.72 37.93
CA LYS C 899 20.46 41.52 36.80
C LYS C 899 19.04 41.89 37.25
N THR C 900 18.03 41.04 37.02
CA THR C 900 16.63 41.23 37.41
C THR C 900 15.96 42.37 36.66
N ARG C 901 16.75 43.12 35.88
CA ARG C 901 16.24 44.18 35.00
C ARG C 901 15.15 45.02 35.65
N ILE C 902 15.37 45.44 36.90
CA ILE C 902 14.32 46.14 37.65
C ILE C 902 14.03 47.46 36.97
N LEU C 903 12.79 47.61 36.49
CA LEU C 903 12.37 48.87 35.88
C LEU C 903 12.38 49.98 36.93
N LYS C 904 12.73 51.19 36.50
CA LYS C 904 12.86 52.30 37.42
C LYS C 904 11.53 52.75 38.01
N GLY C 905 10.40 52.34 37.42
CA GLY C 905 9.12 52.67 37.99
C GLY C 905 7.96 52.66 37.01
N CYS C 906 6.81 52.17 37.47
CA CYS C 906 5.57 52.20 36.69
C CYS C 906 4.41 52.02 37.65
N ARG C 907 3.20 52.13 37.10
CA ARG C 907 1.97 51.97 37.87
C ARG C 907 1.16 50.82 37.28
N ILE C 908 1.07 49.72 38.02
CA ILE C 908 0.17 48.64 37.63
C ILE C 908 -1.25 49.06 37.96
N LEU C 909 -2.12 49.02 36.96
CA LEU C 909 -3.47 49.57 37.10
C LEU C 909 -4.45 48.52 37.59
N HIS C 910 -5.18 48.86 38.64
CA HIS C 910 -6.27 48.04 39.16
C HIS C 910 -7.49 48.93 39.35
N LYS C 911 -8.67 48.32 39.19
CA LYS C 911 -9.95 49.04 39.21
C LYS C 911 -9.92 50.04 38.06
N PHE C 912 -10.82 51.03 38.05
CA PHE C 912 -10.87 51.96 36.91
C PHE C 912 -9.55 52.69 36.73
N GLU C 913 -9.01 53.25 37.80
CA GLU C 913 -7.66 53.80 37.85
C GLU C 913 -7.45 54.85 36.76
N THR C 914 -8.20 55.94 36.89
CA THR C 914 -8.11 57.07 35.98
C THR C 914 -7.23 58.17 36.55
N LEU C 915 -6.98 59.18 35.73
CA LEU C 915 -6.21 60.38 36.11
C LEU C 915 -4.79 60.02 36.55
N GLN C 916 -4.22 58.97 35.97
CA GLN C 916 -2.85 58.62 36.29
C GLN C 916 -1.90 59.62 35.65
N PRO C 917 -0.95 60.18 36.39
CA PRO C 917 -0.06 61.20 35.83
C PRO C 917 1.11 60.61 35.05
N GLY C 918 1.40 61.22 33.91
CA GLY C 918 2.48 60.78 33.07
C GLY C 918 3.78 61.54 33.29
N ILE C 935 -4.19 59.92 -6.29
CA ILE C 935 -4.83 61.09 -5.72
C ILE C 935 -5.46 61.93 -6.83
N CYS C 936 -4.71 62.17 -7.89
CA CYS C 936 -5.23 62.93 -9.02
C CYS C 936 -6.15 62.05 -9.86
N GLU C 937 -7.33 62.56 -10.15
CA GLU C 937 -8.30 61.80 -10.93
C GLU C 937 -7.90 61.81 -12.40
N PRO C 938 -7.80 60.65 -13.06
CA PRO C 938 -7.33 60.64 -14.45
C PRO C 938 -8.29 61.36 -15.38
N LYS C 939 -7.73 62.00 -16.41
CA LYS C 939 -8.53 62.80 -17.33
C LYS C 939 -9.55 61.95 -18.05
N ASN C 940 -9.09 61.05 -18.92
CA ASN C 940 -9.97 60.10 -19.58
C ASN C 940 -9.43 58.68 -19.63
N LYS C 941 -8.11 58.47 -19.56
CA LYS C 941 -7.53 57.14 -19.64
C LYS C 941 -6.43 57.03 -18.59
N TRP C 942 -6.40 55.90 -17.89
CA TRP C 942 -5.35 55.62 -16.93
C TRP C 942 -4.49 54.43 -17.30
N TRP C 943 -4.98 53.55 -18.19
CA TRP C 943 -4.12 52.48 -18.70
C TRP C 943 -2.97 53.03 -19.53
N GLU C 944 -3.12 54.24 -20.06
CA GLU C 944 -2.00 54.91 -20.70
C GLU C 944 -0.92 55.29 -19.71
N TRP C 945 -1.19 55.17 -18.41
CA TRP C 945 -0.26 55.25 -17.29
C TRP C 945 0.15 56.67 -16.94
N SER C 946 -0.22 57.68 -17.74
CA SER C 946 0.15 59.07 -17.47
C SER C 946 1.67 59.20 -17.55
N PRO C 947 2.25 60.40 -17.32
CA PRO C 947 3.73 60.47 -17.29
C PRO C 947 4.33 59.80 -16.07
N ASN C 948 5.65 59.94 -15.90
CA ASN C 948 6.38 59.23 -14.87
C ASN C 948 5.77 59.36 -13.47
N PRO C 949 5.40 60.54 -12.99
CA PRO C 949 4.71 60.59 -11.69
C PRO C 949 3.40 59.80 -11.67
N SER C 950 2.65 59.83 -12.78
CA SER C 950 1.39 59.10 -12.90
C SER C 950 0.42 59.42 -11.75
N SER D 289 62.78 -19.10 -22.31
CA SER D 289 61.44 -19.62 -22.03
C SER D 289 60.37 -18.58 -22.35
N LEU D 290 60.75 -17.56 -23.13
CA LEU D 290 59.80 -16.50 -23.48
C LEU D 290 58.65 -17.06 -24.32
N SER D 291 58.97 -17.91 -25.29
CA SER D 291 57.93 -18.42 -26.19
C SER D 291 57.00 -19.40 -25.49
N ILE D 292 57.49 -20.08 -24.45
CA ILE D 292 56.63 -20.98 -23.69
C ILE D 292 55.48 -20.20 -23.05
N LEU D 293 55.74 -18.96 -22.68
CA LEU D 293 54.73 -18.11 -22.06
C LEU D 293 53.73 -17.55 -23.07
N MET D 294 53.83 -17.93 -24.34
CA MET D 294 52.86 -17.47 -25.34
C MET D 294 51.95 -18.61 -25.81
N LEU D 295 52.43 -19.85 -25.72
CA LEU D 295 51.68 -20.97 -26.27
C LEU D 295 50.47 -21.33 -25.42
N HIS D 296 50.45 -20.88 -24.16
CA HIS D 296 49.37 -21.31 -23.26
C HIS D 296 48.04 -20.67 -23.63
N ASP D 297 48.05 -19.39 -24.01
CA ASP D 297 46.81 -18.66 -24.23
C ASP D 297 47.02 -17.61 -25.30
N PRO D 298 46.02 -17.37 -26.16
CA PRO D 298 46.17 -16.33 -27.18
C PRO D 298 46.39 -14.93 -26.62
N GLU D 299 45.90 -14.66 -25.41
CA GLU D 299 46.07 -13.32 -24.85
C GLU D 299 47.51 -13.03 -24.48
N ALA D 300 48.37 -14.05 -24.47
CA ALA D 300 49.77 -13.85 -24.12
C ALA D 300 50.46 -12.94 -25.12
N ARG D 301 50.54 -13.37 -26.38
CA ARG D 301 51.14 -12.51 -27.40
C ARG D 301 50.22 -11.36 -27.77
N TYR D 302 48.93 -11.45 -27.42
CA TYR D 302 48.03 -10.33 -27.59
C TYR D 302 48.50 -9.12 -26.78
N LEU D 303 48.82 -9.35 -25.51
CA LEU D 303 49.28 -8.26 -24.66
C LEU D 303 50.74 -7.90 -24.95
N HIS D 304 51.54 -8.86 -25.40
CA HIS D 304 52.95 -8.59 -25.62
C HIS D 304 53.17 -7.69 -26.82
N LYS D 305 52.44 -7.94 -27.92
CA LYS D 305 52.64 -7.16 -29.12
C LYS D 305 52.03 -5.78 -29.04
N ILE D 306 51.22 -5.49 -28.02
CA ILE D 306 50.72 -4.13 -27.85
C ILE D 306 51.63 -3.34 -26.91
N LEU D 307 52.29 -4.00 -25.96
CA LEU D 307 53.28 -3.32 -25.14
C LEU D 307 54.58 -3.09 -25.89
N ASN D 308 54.81 -3.84 -26.97
CA ASN D 308 55.96 -3.58 -27.84
C ASN D 308 55.82 -2.26 -28.60
N LEU D 309 54.62 -1.67 -28.61
CA LEU D 309 54.39 -0.40 -29.27
C LEU D 309 54.78 0.80 -28.40
N LEU D 310 55.19 0.56 -27.16
CA LEU D 310 55.54 1.66 -26.28
C LEU D 310 57.03 1.97 -26.37
N PRO D 311 57.39 3.25 -26.34
CA PRO D 311 58.79 3.64 -26.40
C PRO D 311 59.53 3.20 -25.14
N PRO D 312 60.85 3.03 -25.21
CA PRO D 312 61.61 2.65 -24.02
C PRO D 312 61.64 3.71 -22.94
N GLU D 313 61.19 4.94 -23.23
CA GLU D 313 61.18 5.99 -22.21
C GLU D 313 60.29 5.61 -21.04
N TYR D 314 59.17 4.94 -21.30
CA TYR D 314 58.32 4.47 -20.22
C TYR D 314 59.07 3.48 -19.32
N TYR D 315 59.85 2.59 -19.93
CA TYR D 315 60.65 1.65 -19.16
C TYR D 315 61.73 2.37 -18.36
N VAL D 316 62.33 3.40 -18.94
CA VAL D 316 63.42 4.11 -18.27
C VAL D 316 62.90 4.88 -17.05
N GLU D 317 61.80 5.60 -17.22
CA GLU D 317 61.29 6.45 -16.15
C GLU D 317 60.82 5.59 -14.98
N TYR D 318 61.12 6.06 -13.76
CA TYR D 318 60.74 5.33 -12.56
C TYR D 318 59.22 5.16 -12.42
N PRO D 319 58.39 6.21 -12.52
CA PRO D 319 56.94 6.00 -12.29
C PRO D 319 56.26 5.21 -13.38
N LEU D 320 56.55 5.53 -14.64
CA LEU D 320 55.87 4.87 -15.75
C LEU D 320 56.18 3.38 -15.79
N TRP D 321 57.45 3.02 -15.59
CA TRP D 321 57.84 1.62 -15.59
C TRP D 321 57.22 0.88 -14.41
N SER D 322 57.20 1.51 -13.24
CA SER D 322 56.63 0.86 -12.06
C SER D 322 55.12 0.68 -12.21
N ASN D 323 54.44 1.67 -12.80
CA ASN D 323 52.98 1.60 -12.89
C ASN D 323 52.53 0.46 -13.78
N VAL D 324 53.19 0.25 -14.92
CA VAL D 324 52.75 -0.78 -15.85
C VAL D 324 52.98 -2.18 -15.25
N VAL D 325 54.08 -2.36 -14.53
CA VAL D 325 54.34 -3.65 -13.90
C VAL D 325 53.36 -3.89 -12.76
N PHE D 326 53.08 -2.86 -11.97
CA PHE D 326 52.07 -2.99 -10.92
C PHE D 326 50.71 -3.33 -11.51
N ALA D 327 50.39 -2.80 -12.68
CA ALA D 327 49.15 -3.18 -13.36
C ALA D 327 49.16 -4.66 -13.71
N LEU D 328 50.29 -5.17 -14.18
CA LEU D 328 50.41 -6.60 -14.45
C LEU D 328 50.25 -7.40 -13.16
N ALA D 329 50.80 -6.91 -12.05
CA ALA D 329 50.63 -7.58 -10.77
C ALA D 329 49.17 -7.56 -10.33
N ASN D 330 48.46 -6.46 -10.60
CA ASN D 330 47.07 -6.36 -10.20
C ASN D 330 46.20 -7.39 -10.90
N THR D 331 46.42 -7.59 -12.19
CA THR D 331 45.65 -8.55 -12.98
C THR D 331 46.40 -9.88 -12.98
N SER D 332 46.01 -10.76 -12.05
CA SER D 332 46.57 -12.11 -11.93
C SER D 332 48.05 -12.09 -11.55
N ALA D 333 48.56 -13.23 -11.09
CA ALA D 333 49.96 -13.35 -10.71
C ALA D 333 50.69 -14.47 -11.46
N ASN D 334 50.00 -15.21 -12.32
CA ASN D 334 50.64 -16.26 -13.10
C ASN D 334 51.61 -15.72 -14.13
N TYR D 335 51.59 -14.41 -14.40
CA TYR D 335 52.51 -13.78 -15.33
C TYR D 335 53.80 -13.31 -14.67
N ARG D 336 54.18 -13.93 -13.55
CA ARG D 336 55.41 -13.55 -12.86
C ARG D 336 56.64 -13.68 -13.75
N PRO D 337 56.87 -14.78 -14.47
CA PRO D 337 58.01 -14.80 -15.39
C PRO D 337 57.88 -13.77 -16.50
N LEU D 338 56.66 -13.48 -16.94
CA LEU D 338 56.45 -12.45 -17.95
C LEU D 338 56.86 -11.07 -17.41
N ALA D 339 56.53 -10.81 -16.14
CA ALA D 339 57.01 -9.59 -15.50
C ALA D 339 58.53 -9.58 -15.43
N GLU D 340 59.14 -10.73 -15.11
CA GLU D 340 60.59 -10.86 -15.20
C GLU D 340 61.05 -10.69 -16.64
N TRP D 341 60.33 -11.27 -17.60
CA TRP D 341 60.69 -11.10 -19.00
C TRP D 341 60.41 -9.69 -19.50
N PHE D 342 59.39 -9.02 -18.97
CA PHE D 342 59.20 -7.62 -19.29
C PHE D 342 60.31 -6.76 -18.70
N SER D 343 60.90 -7.21 -17.58
CA SER D 343 62.10 -6.56 -17.07
C SER D 343 63.27 -6.69 -18.02
N GLN D 344 63.21 -7.64 -18.94
CA GLN D 344 64.20 -7.79 -20.00
C GLN D 344 63.87 -6.96 -21.24
N LYS D 345 62.81 -6.15 -21.19
CA LYS D 345 62.47 -5.25 -22.29
C LYS D 345 63.28 -3.98 -22.14
N CYS D 346 64.24 -3.79 -23.05
CA CYS D 346 65.21 -2.71 -22.96
C CYS D 346 65.89 -2.66 -21.59
N PRO D 347 66.55 -3.76 -21.17
CA PRO D 347 67.11 -3.81 -19.82
C PRO D 347 68.53 -3.26 -19.74
N GLU D 348 68.95 -2.54 -20.79
CA GLU D 348 70.32 -2.04 -20.85
C GLU D 348 70.62 -1.09 -19.70
N LYS D 349 69.61 -0.40 -19.18
CA LYS D 349 69.77 0.42 -17.98
C LYS D 349 69.14 -0.20 -16.75
N TRP D 350 68.65 -1.44 -16.84
CA TRP D 350 68.03 -2.09 -15.69
C TRP D 350 69.09 -2.67 -14.75
N ASN D 351 69.86 -3.65 -15.24
CA ASN D 351 70.89 -4.24 -14.41
C ASN D 351 72.02 -3.27 -14.13
N THR D 352 72.39 -2.46 -15.13
CA THR D 352 73.42 -1.45 -14.93
C THR D 352 72.96 -0.39 -13.94
N GLY D 353 71.71 0.04 -14.03
CA GLY D 353 71.18 1.08 -13.17
C GLY D 353 70.33 0.57 -12.03
N GLY D 354 69.01 0.65 -12.18
CA GLY D 354 68.10 0.22 -11.15
C GLY D 354 68.00 -1.29 -11.04
N LYS D 355 69.09 -1.92 -10.57
CA LYS D 355 69.14 -3.37 -10.51
C LYS D 355 68.17 -3.91 -9.46
N GLU D 356 67.34 -4.87 -9.87
CA GLU D 356 66.46 -5.64 -9.00
C GLU D 356 65.47 -4.78 -8.24
N LYS D 357 65.24 -3.53 -8.67
CA LYS D 357 64.34 -2.65 -7.91
C LYS D 357 62.90 -3.13 -8.01
N LEU D 358 62.45 -3.49 -9.21
CA LEU D 358 61.09 -3.97 -9.38
C LEU D 358 60.89 -5.39 -8.89
N GLU D 359 61.96 -6.18 -8.81
CA GLU D 359 61.84 -7.51 -8.22
C GLU D 359 61.45 -7.41 -6.75
N LYS D 360 62.03 -6.45 -6.02
CA LYS D 360 61.56 -6.15 -4.68
C LYS D 360 60.13 -5.61 -4.72
N LEU D 361 59.82 -4.78 -5.71
CA LEU D 361 58.44 -4.31 -5.88
C LEU D 361 57.49 -5.47 -6.12
N TRP D 362 57.98 -6.55 -6.76
CA TRP D 362 57.18 -7.76 -6.87
C TRP D 362 57.19 -8.55 -5.58
N ASN D 363 58.28 -8.48 -4.81
CA ASN D 363 58.38 -9.26 -3.58
C ASN D 363 57.31 -8.84 -2.57
N ASP D 364 57.09 -7.54 -2.42
CA ASP D 364 56.05 -7.03 -1.55
C ASP D 364 54.72 -6.84 -2.26
N ALA D 365 54.62 -7.25 -3.52
CA ALA D 365 53.38 -7.18 -4.28
C ALA D 365 52.40 -8.30 -3.93
N SER D 366 52.70 -9.12 -2.92
CA SER D 366 51.77 -10.14 -2.49
C SER D 366 50.46 -9.54 -2.01
N HIS D 367 50.51 -8.34 -1.43
CA HIS D 367 49.32 -7.60 -1.05
C HIS D 367 49.59 -6.12 -1.31
N HIS D 368 48.82 -5.53 -2.22
CA HIS D 368 49.02 -4.13 -2.58
C HIS D 368 47.70 -3.59 -3.10
N THR D 369 47.04 -2.74 -2.32
CA THR D 369 45.74 -2.19 -2.64
C THR D 369 45.79 -0.66 -2.62
N GLU D 370 45.22 -0.05 -3.66
CA GLU D 370 45.17 1.39 -3.80
C GLU D 370 44.03 1.73 -4.74
N LYS D 371 44.00 2.97 -5.22
CA LYS D 371 43.04 3.35 -6.26
C LYS D 371 43.12 2.43 -7.47
N LYS D 372 44.32 1.91 -7.75
CA LYS D 372 44.57 0.89 -8.76
C LYS D 372 44.55 1.48 -10.17
N ILE D 373 45.59 1.21 -10.94
CA ILE D 373 45.70 1.68 -12.32
C ILE D 373 46.10 0.48 -13.17
N THR D 374 45.12 -0.17 -13.80
CA THR D 374 45.33 -1.46 -14.43
C THR D 374 45.81 -1.28 -15.87
N LYS D 375 45.80 -2.38 -16.63
CA LYS D 375 46.26 -2.36 -18.02
C LYS D 375 45.37 -1.50 -18.91
N ARG D 376 44.18 -1.14 -18.43
CA ARG D 376 43.30 -0.28 -19.22
C ARG D 376 43.97 1.06 -19.52
N SER D 377 44.66 1.62 -18.52
CA SER D 377 45.41 2.85 -18.75
C SER D 377 46.55 2.64 -19.74
N ILE D 378 47.27 1.52 -19.61
CA ILE D 378 48.40 1.25 -20.49
C ILE D 378 47.93 1.17 -21.93
N MET D 379 46.80 0.52 -22.17
CA MET D 379 46.22 0.51 -23.50
C MET D 379 45.83 1.91 -23.94
N TYR D 380 45.28 2.70 -23.02
CA TYR D 380 44.90 4.07 -23.34
C TYR D 380 46.11 4.89 -23.76
N TRP D 381 47.22 4.74 -23.05
CA TRP D 381 48.44 5.45 -23.43
C TRP D 381 48.93 5.01 -24.81
N ALA D 382 48.68 3.75 -25.16
CA ALA D 382 49.19 3.22 -26.42
C ALA D 382 48.55 3.92 -27.62
N HIS D 383 47.22 3.98 -27.67
CA HIS D 383 46.57 4.52 -28.86
C HIS D 383 46.64 6.04 -28.89
N LYS D 384 46.82 6.67 -27.74
CA LYS D 384 46.96 8.13 -27.69
C LYS D 384 48.37 8.59 -28.02
N HIS D 385 49.34 7.67 -28.01
CA HIS D 385 50.72 7.98 -28.36
C HIS D 385 51.01 7.71 -29.83
N ALA D 386 50.76 6.48 -30.28
CA ALA D 386 50.97 6.11 -31.68
C ALA D 386 49.75 5.37 -32.19
N PRO D 387 48.98 5.96 -33.11
CA PRO D 387 47.79 5.29 -33.63
C PRO D 387 48.10 4.16 -34.60
N GLN D 388 47.06 3.63 -35.24
CA GLN D 388 47.17 2.64 -36.30
C GLN D 388 47.60 1.28 -35.80
N GLN D 389 48.84 1.16 -35.30
CA GLN D 389 49.41 -0.16 -35.03
C GLN D 389 48.52 -0.95 -34.07
N TYR D 390 48.01 -0.31 -33.03
CA TYR D 390 47.12 -1.00 -32.10
C TYR D 390 45.80 -1.38 -32.76
N LYS D 391 45.38 -0.62 -33.77
CA LYS D 391 44.08 -0.87 -34.39
C LYS D 391 44.05 -2.21 -35.10
N GLU D 392 45.05 -2.50 -35.93
CA GLU D 392 45.05 -3.77 -36.66
C GLU D 392 45.44 -4.93 -35.76
N ILE D 393 46.18 -4.68 -34.69
CA ILE D 393 46.52 -5.75 -33.75
C ILE D 393 45.27 -6.34 -33.13
N VAL D 394 44.41 -5.48 -32.58
CA VAL D 394 43.14 -5.97 -32.05
C VAL D 394 42.24 -6.43 -33.18
N GLU D 395 42.28 -5.74 -34.33
CA GLU D 395 41.41 -6.10 -35.44
C GLU D 395 41.67 -7.53 -35.89
N GLN D 396 42.94 -7.91 -36.00
CA GLN D 396 43.27 -9.30 -36.30
C GLN D 396 43.00 -10.19 -35.08
N GLY D 397 43.05 -9.62 -33.88
CA GLY D 397 42.87 -10.38 -32.66
C GLY D 397 41.50 -10.99 -32.52
N TYR D 398 40.47 -10.16 -32.35
CA TYR D 398 39.12 -10.69 -32.18
C TYR D 398 38.60 -11.30 -33.48
N PHE D 399 39.13 -10.88 -34.63
CA PHE D 399 38.77 -11.53 -35.88
C PHE D 399 39.20 -12.99 -35.86
N SER D 400 40.33 -13.28 -35.22
CA SER D 400 40.73 -14.67 -35.01
C SER D 400 39.74 -15.39 -34.11
N ILE D 401 39.26 -14.71 -33.06
CA ILE D 401 38.29 -15.32 -32.16
C ILE D 401 37.02 -15.67 -32.92
N LEU D 402 36.52 -14.72 -33.73
CA LEU D 402 35.29 -14.95 -34.47
C LEU D 402 35.46 -16.02 -35.53
N ALA D 403 36.62 -16.04 -36.20
CA ALA D 403 36.80 -16.96 -37.32
C ALA D 403 36.75 -18.40 -36.88
N GLU D 404 37.45 -18.74 -35.79
CA GLU D 404 37.49 -20.13 -35.34
C GLU D 404 36.12 -20.59 -34.85
N TYR D 405 35.33 -19.69 -34.28
CA TYR D 405 33.95 -20.01 -33.95
C TYR D 405 33.14 -20.33 -35.20
N VAL D 406 33.31 -19.54 -36.25
CA VAL D 406 32.59 -19.79 -37.49
C VAL D 406 32.98 -21.13 -38.09
N TYR D 407 34.28 -21.42 -38.12
CA TYR D 407 34.74 -22.69 -38.67
C TYR D 407 34.24 -23.87 -37.84
N SER D 408 34.33 -23.77 -36.52
CA SER D 408 34.04 -24.91 -35.66
C SER D 408 32.56 -25.31 -35.75
N TYR D 409 31.66 -24.34 -35.72
CA TYR D 409 30.23 -24.61 -35.64
C TYR D 409 29.54 -24.44 -36.99
N ASN D 410 30.26 -24.75 -38.06
CA ASN D 410 29.71 -24.75 -39.42
C ASN D 410 29.08 -23.40 -39.77
N GLY D 411 29.71 -22.33 -39.31
CA GLY D 411 29.23 -20.99 -39.62
C GLY D 411 27.83 -20.71 -39.10
N MET D 412 27.53 -21.17 -37.89
CA MET D 412 26.25 -20.90 -37.23
C MET D 412 26.56 -20.14 -35.94
N LEU D 413 26.65 -18.83 -36.05
CA LEU D 413 26.90 -18.00 -34.88
C LEU D 413 25.69 -17.99 -33.96
N GLU D 414 25.87 -17.40 -32.77
CA GLU D 414 24.83 -17.38 -31.76
C GLU D 414 25.16 -16.29 -30.75
N HIS D 415 24.20 -16.03 -29.87
CA HIS D 415 24.34 -15.01 -28.83
C HIS D 415 25.70 -15.08 -28.15
N TYR D 416 26.02 -16.20 -27.51
CA TYR D 416 27.11 -16.22 -26.54
C TYR D 416 28.45 -15.87 -27.20
N MET D 417 28.81 -16.58 -28.26
CA MET D 417 30.12 -16.32 -28.86
C MET D 417 30.19 -14.92 -29.44
N ILE D 418 29.06 -14.36 -29.86
CA ILE D 418 29.04 -12.95 -30.23
C ILE D 418 29.33 -12.08 -29.01
N ALA D 419 28.71 -12.43 -27.87
CA ALA D 419 28.95 -11.66 -26.65
C ALA D 419 30.41 -11.74 -26.22
N LYS D 420 31.03 -12.91 -26.37
CA LYS D 420 32.43 -13.05 -26.02
C LYS D 420 33.31 -12.14 -26.87
N VAL D 421 33.01 -12.06 -28.16
CA VAL D 421 33.76 -11.18 -29.05
C VAL D 421 33.60 -9.72 -28.62
N ILE D 422 32.36 -9.32 -28.32
CA ILE D 422 32.09 -7.93 -27.96
C ILE D 422 32.84 -7.56 -26.68
N TYR D 423 32.81 -8.44 -25.67
CA TYR D 423 33.51 -8.16 -24.44
C TYR D 423 35.01 -8.05 -24.66
N ALA D 424 35.56 -8.90 -25.53
CA ALA D 424 36.98 -8.82 -25.84
C ALA D 424 37.32 -7.60 -26.70
N MET D 425 36.31 -6.88 -27.19
CA MET D 425 36.54 -5.83 -28.15
C MET D 425 36.46 -4.43 -27.53
N MET D 426 35.43 -4.18 -26.70
CA MET D 426 35.29 -2.90 -26.03
C MET D 426 34.84 -3.09 -24.58
N GLY D 427 35.16 -4.24 -24.01
CA GLY D 427 34.66 -4.61 -22.71
C GLY D 427 35.11 -3.77 -21.54
N ASN D 428 36.12 -2.92 -21.73
CA ASN D 428 36.60 -2.08 -20.65
C ASN D 428 35.71 -0.88 -20.38
N LYS D 429 34.83 -0.52 -21.32
CA LYS D 429 34.03 0.69 -21.20
C LYS D 429 32.73 0.47 -20.43
N PHE D 430 32.36 -0.77 -20.15
CA PHE D 430 31.09 -1.06 -19.51
C PHE D 430 31.30 -1.99 -18.33
N VAL D 431 30.55 -1.75 -17.26
CA VAL D 431 30.62 -2.54 -16.04
C VAL D 431 29.20 -2.88 -15.62
N VAL D 432 28.94 -4.16 -15.34
CA VAL D 432 27.63 -4.63 -14.91
C VAL D 432 27.75 -5.14 -13.47
N ASP D 433 26.92 -4.60 -12.60
CA ASP D 433 26.89 -5.03 -11.20
C ASP D 433 25.44 -5.12 -10.73
N VAL D 434 25.21 -6.02 -9.78
CA VAL D 434 23.86 -6.26 -9.26
C VAL D 434 23.59 -5.27 -8.14
N ASP D 435 22.45 -4.59 -8.22
CA ASP D 435 22.09 -3.59 -7.23
C ASP D 435 21.66 -4.26 -5.93
N SER D 436 21.22 -3.43 -4.97
CA SER D 436 20.74 -3.97 -3.70
C SER D 436 19.43 -4.71 -3.88
N ASN D 437 18.63 -4.34 -4.89
CA ASN D 437 17.34 -4.96 -5.13
C ASN D 437 17.44 -6.23 -5.95
N GLY D 438 18.65 -6.64 -6.34
CA GLY D 438 18.81 -7.85 -7.11
C GLY D 438 18.60 -7.70 -8.60
N LYS D 439 18.77 -6.49 -9.13
CA LYS D 439 18.60 -6.24 -10.55
C LYS D 439 19.95 -5.80 -11.13
N TYR D 440 20.31 -6.39 -12.26
CA TYR D 440 21.55 -6.03 -12.93
C TYR D 440 21.48 -4.59 -13.45
N VAL D 441 22.55 -3.85 -13.26
CA VAL D 441 22.63 -2.44 -13.64
C VAL D 441 23.79 -2.25 -14.58
N TRP D 442 23.60 -1.43 -15.61
CA TRP D 442 24.62 -1.15 -16.60
C TRP D 442 25.23 0.22 -16.35
N PHE D 443 26.56 0.28 -16.41
CA PHE D 443 27.31 1.52 -16.24
C PHE D 443 28.23 1.72 -17.43
N GLU D 444 28.21 2.92 -18.01
CA GLU D 444 29.07 3.27 -19.13
C GLU D 444 30.04 4.36 -18.72
N PHE D 445 31.30 4.22 -19.12
CA PHE D 445 32.31 5.23 -18.90
C PHE D 445 32.25 6.24 -20.03
N VAL D 446 32.12 7.51 -19.69
CA VAL D 446 31.92 8.57 -20.68
C VAL D 446 33.28 9.06 -21.18
N LEU D 447 33.36 9.29 -22.48
CA LEU D 447 34.55 9.85 -23.11
C LEU D 447 34.15 11.04 -23.97
N PRO D 448 35.04 12.00 -24.16
CA PRO D 448 34.73 13.12 -25.06
C PRO D 448 34.53 12.64 -26.49
N GLY D 449 33.68 13.35 -27.21
CA GLY D 449 33.33 12.98 -28.57
C GLY D 449 32.00 12.27 -28.73
N GLN D 450 31.24 12.12 -27.65
CA GLN D 450 29.92 11.52 -27.66
C GLN D 450 28.96 12.46 -26.97
N PRO D 451 27.66 12.35 -27.24
CA PRO D 451 26.69 13.15 -26.48
C PRO D 451 26.71 12.76 -25.02
N MET D 452 26.60 13.76 -24.15
CA MET D 452 26.40 13.51 -22.73
C MET D 452 25.66 14.69 -22.12
N ASN D 453 25.12 14.47 -20.93
CA ASN D 453 24.57 15.56 -20.15
C ASN D 453 25.71 16.45 -19.63
N GLN D 454 25.35 17.65 -19.19
CA GLN D 454 26.36 18.61 -18.77
C GLN D 454 27.08 18.11 -17.51
N GLY D 455 28.40 18.21 -17.52
CA GLY D 455 29.19 17.86 -16.37
C GLY D 455 29.34 16.38 -16.12
N GLU D 456 29.18 15.54 -17.14
CA GLU D 456 29.27 14.10 -16.98
C GLU D 456 30.39 13.52 -17.82
N ILE D 457 31.56 14.15 -17.76
CA ILE D 457 32.72 13.72 -18.54
C ILE D 457 33.70 13.01 -17.63
N TRP D 458 34.42 12.04 -18.20
CA TRP D 458 35.52 11.35 -17.53
C TRP D 458 35.07 10.65 -16.25
N LYS D 459 33.81 10.23 -16.18
CA LYS D 459 33.32 9.55 -14.98
C LYS D 459 32.17 8.64 -15.37
N TRP D 460 31.95 7.63 -14.54
CA TRP D 460 30.91 6.64 -14.81
C TRP D 460 29.52 7.27 -14.66
N ARG D 461 28.60 6.81 -15.48
CA ARG D 461 27.21 7.24 -15.41
C ARG D 461 26.29 6.02 -15.41
N LYS D 462 25.13 6.19 -14.80
CA LYS D 462 24.16 5.12 -14.67
C LYS D 462 23.22 5.14 -15.87
N GLU D 463 23.10 4.00 -16.53
CA GLU D 463 22.26 3.88 -17.72
C GLU D 463 21.43 2.61 -17.62
N VAL D 464 20.12 2.72 -17.82
CA VAL D 464 19.23 1.57 -17.67
C VAL D 464 19.46 0.58 -18.80
N ASN D 465 19.62 1.06 -20.03
CA ASN D 465 19.81 0.20 -21.20
C ASN D 465 21.03 0.65 -21.96
N PRO D 466 21.99 -0.22 -22.26
CA PRO D 466 23.19 0.20 -22.99
C PRO D 466 22.86 0.56 -24.42
N ASP D 467 22.25 1.73 -24.60
CA ASP D 467 21.74 2.11 -25.91
C ASP D 467 22.86 2.25 -26.92
N GLU D 468 23.96 2.88 -26.52
CA GLU D 468 25.12 3.01 -27.40
C GLU D 468 25.69 1.63 -27.75
N LEU D 469 25.51 0.65 -26.86
CA LEU D 469 25.96 -0.69 -27.17
C LEU D 469 25.10 -1.33 -28.25
N HIS D 470 23.79 -1.10 -28.20
CA HIS D 470 22.90 -1.70 -29.19
C HIS D 470 23.22 -1.22 -30.60
N ILE D 471 23.45 0.08 -30.75
CA ILE D 471 23.84 0.58 -32.07
C ILE D 471 25.25 0.12 -32.40
N TYR D 472 26.09 -0.11 -31.39
CA TYR D 472 27.45 -0.55 -31.65
C TYR D 472 27.46 -1.97 -32.22
N ILE D 473 26.68 -2.87 -31.62
CA ILE D 473 26.63 -4.24 -32.11
C ILE D 473 25.96 -4.32 -33.47
N SER D 474 25.15 -3.33 -33.82
CA SER D 474 24.45 -3.37 -35.09
C SER D 474 25.20 -2.65 -36.20
N GLU D 475 26.13 -1.76 -35.86
CA GLU D 475 26.87 -0.98 -36.85
C GLU D 475 28.36 -1.32 -36.87
N ASN D 476 29.03 -1.19 -35.73
CA ASN D 476 30.47 -1.45 -35.69
C ASN D 476 30.79 -2.90 -35.93
N PHE D 477 29.94 -3.81 -35.44
CA PHE D 477 30.17 -5.23 -35.63
C PHE D 477 30.03 -5.64 -37.10
N SER D 478 29.43 -4.79 -37.92
CA SER D 478 29.19 -5.14 -39.32
C SER D 478 30.49 -5.33 -40.09
N ARG D 479 31.47 -4.46 -39.87
CA ARG D 479 32.73 -4.56 -40.60
C ARG D 479 33.47 -5.85 -40.25
N VAL D 480 33.42 -6.27 -38.98
CA VAL D 480 34.02 -7.53 -38.60
C VAL D 480 33.35 -8.67 -39.35
N MET D 481 32.03 -8.58 -39.54
CA MET D 481 31.34 -9.56 -40.38
C MET D 481 31.86 -9.54 -41.80
N ASP D 482 32.10 -8.33 -42.34
CA ASP D 482 32.57 -8.22 -43.71
C ASP D 482 33.94 -8.87 -43.88
N ARG D 483 34.81 -8.72 -42.88
CA ARG D 483 36.12 -9.35 -42.94
C ARG D 483 36.00 -10.86 -43.06
N ILE D 484 35.03 -11.45 -42.37
CA ILE D 484 34.76 -12.87 -42.54
C ILE D 484 34.29 -13.16 -43.96
N THR D 485 33.44 -12.29 -44.51
CA THR D 485 32.90 -12.51 -45.84
C THR D 485 34.00 -12.51 -46.89
N GLU D 486 34.95 -11.58 -46.79
CA GLU D 486 36.07 -11.57 -47.73
C GLU D 486 36.94 -12.81 -47.55
N HIS D 487 37.17 -13.21 -46.30
CA HIS D 487 38.09 -14.31 -46.04
C HIS D 487 37.61 -15.61 -46.67
N ILE D 488 36.31 -15.90 -46.55
CA ILE D 488 35.80 -17.17 -47.06
C ILE D 488 35.85 -17.20 -48.58
N LYS D 489 35.48 -16.09 -49.24
CA LYS D 489 35.50 -16.07 -50.69
C LYS D 489 36.92 -16.06 -51.23
N TYR D 490 37.85 -15.42 -50.51
CA TYR D 490 39.25 -15.43 -50.93
C TYR D 490 39.81 -16.84 -50.90
N HIS D 491 39.49 -17.60 -49.85
CA HIS D 491 39.84 -19.02 -49.84
C HIS D 491 39.08 -19.78 -50.92
N LEU D 492 37.85 -19.35 -51.23
CA LEU D 492 37.09 -19.97 -52.31
C LEU D 492 37.73 -19.68 -53.66
N SER D 493 38.33 -18.50 -53.82
CA SER D 493 38.93 -18.15 -55.10
C SER D 493 40.07 -19.09 -55.47
N GLN D 494 40.92 -19.43 -54.50
CA GLN D 494 42.03 -20.33 -54.79
C GLN D 494 41.51 -21.73 -55.12
N PRO D 495 41.99 -22.33 -56.21
CA PRO D 495 41.50 -23.66 -56.57
C PRO D 495 41.96 -24.71 -55.57
N HIS D 496 41.12 -25.72 -55.36
CA HIS D 496 41.41 -26.79 -54.42
C HIS D 496 40.76 -28.06 -54.95
N GLU D 497 40.66 -29.06 -54.09
CA GLU D 497 40.02 -30.33 -54.42
C GLU D 497 38.52 -30.23 -54.12
N SER D 498 37.86 -31.39 -54.06
CA SER D 498 36.40 -31.44 -53.98
C SER D 498 35.84 -30.80 -52.72
N ASN D 499 36.70 -30.32 -51.82
CA ASN D 499 36.21 -29.61 -50.64
C ASN D 499 35.50 -28.32 -51.04
N ILE D 500 36.09 -27.53 -51.93
CA ILE D 500 35.46 -26.29 -52.37
C ILE D 500 34.19 -26.55 -53.16
N LEU D 501 33.99 -27.78 -53.64
CA LEU D 501 32.76 -28.10 -54.36
C LEU D 501 31.54 -27.95 -53.45
N ASN D 502 31.67 -28.37 -52.20
CA ASN D 502 30.52 -28.37 -51.30
C ASN D 502 30.79 -27.65 -49.99
N TYR D 503 32.01 -27.74 -49.45
CA TYR D 503 32.25 -27.18 -48.11
C TYR D 503 32.15 -25.67 -48.12
N TYR D 504 32.97 -24.99 -48.91
CA TYR D 504 32.96 -23.53 -48.91
C TYR D 504 31.60 -22.99 -49.34
N LYS D 505 30.92 -23.67 -50.26
CA LYS D 505 29.60 -23.23 -50.67
C LYS D 505 28.62 -23.30 -49.51
N LYS D 506 28.65 -24.37 -48.73
CA LYS D 506 27.68 -24.54 -47.65
C LYS D 506 27.90 -23.53 -46.54
N LEU D 507 29.16 -23.34 -46.11
CA LEU D 507 29.43 -22.40 -45.03
C LEU D 507 29.05 -20.98 -45.43
N LEU D 508 29.31 -20.60 -46.68
CA LEU D 508 28.95 -19.27 -47.12
C LEU D 508 27.44 -19.06 -47.08
N LYS D 509 26.68 -20.07 -47.50
CA LYS D 509 25.23 -19.97 -47.40
C LYS D 509 24.79 -19.87 -45.94
N ALA D 510 25.38 -20.67 -45.07
CA ALA D 510 25.01 -20.64 -43.66
C ALA D 510 25.37 -19.31 -43.02
N PHE D 511 26.55 -18.77 -43.35
CA PHE D 511 27.00 -17.54 -42.72
C PHE D 511 26.15 -16.35 -43.16
N GLU D 512 25.83 -16.25 -44.45
CA GLU D 512 25.00 -15.15 -44.91
C GLU D 512 23.61 -15.21 -44.31
N ARG D 513 23.08 -16.41 -44.08
CA ARG D 513 21.82 -16.55 -43.36
C ARG D 513 21.95 -16.01 -41.94
N SER D 514 23.09 -16.27 -41.30
CA SER D 514 23.32 -15.76 -39.95
C SER D 514 23.70 -14.29 -39.95
N LYS D 515 24.01 -13.71 -41.11
CA LYS D 515 24.40 -12.31 -41.16
C LYS D 515 23.28 -11.41 -40.68
N SER D 516 22.08 -11.59 -41.23
CA SER D 516 20.95 -10.72 -40.90
C SER D 516 20.43 -10.94 -39.49
N LYS D 517 20.90 -12.00 -38.80
CA LYS D 517 20.35 -12.31 -37.49
C LYS D 517 20.68 -11.24 -36.46
N ILE D 518 21.80 -10.54 -36.62
CA ILE D 518 22.19 -9.53 -35.64
C ILE D 518 21.21 -8.37 -35.63
N PHE D 519 20.66 -8.00 -36.79
CA PHE D 519 19.72 -6.88 -36.84
C PHE D 519 18.40 -7.18 -36.19
N ASN D 520 18.13 -8.43 -35.83
CA ASN D 520 16.89 -8.78 -35.15
C ASN D 520 16.88 -8.20 -33.74
N ASP D 521 15.68 -8.09 -33.18
CA ASP D 521 15.51 -7.54 -31.85
C ASP D 521 15.56 -8.62 -30.77
N SER D 522 14.83 -9.70 -30.97
CA SER D 522 14.90 -10.82 -30.03
C SER D 522 16.32 -11.37 -29.94
N PHE D 523 17.03 -11.40 -31.07
CA PHE D 523 18.42 -11.84 -31.05
C PHE D 523 19.28 -10.90 -30.21
N LYS D 524 19.07 -9.60 -30.33
CA LYS D 524 19.89 -8.65 -29.59
C LYS D 524 19.58 -8.69 -28.09
N LYS D 525 18.32 -8.92 -27.74
CA LYS D 525 17.97 -9.00 -26.32
C LYS D 525 18.72 -10.14 -25.64
N GLY D 526 18.77 -11.30 -26.29
CA GLY D 526 19.48 -12.42 -25.70
C GLY D 526 20.97 -12.18 -25.58
N VAL D 527 21.54 -11.48 -26.57
CA VAL D 527 22.97 -11.17 -26.53
C VAL D 527 23.28 -10.32 -25.32
N ILE D 528 22.46 -9.29 -25.07
CA ILE D 528 22.70 -8.41 -23.92
C ILE D 528 22.56 -9.20 -22.62
N ARG D 529 21.54 -10.04 -22.52
CA ARG D 529 21.37 -10.86 -21.31
C ARG D 529 22.55 -11.79 -21.11
N GLN D 530 23.05 -12.39 -22.19
CA GLN D 530 24.22 -13.26 -22.09
C GLN D 530 25.44 -12.48 -21.64
N ALA D 531 25.62 -11.27 -22.17
CA ALA D 531 26.81 -10.49 -21.85
C ALA D 531 26.79 -9.94 -20.43
N GLU D 532 25.66 -10.04 -19.73
CA GLU D 532 25.64 -9.59 -18.35
C GLU D 532 26.58 -10.40 -17.47
N PHE D 533 26.80 -11.67 -17.82
CA PHE D 533 27.75 -12.47 -17.06
C PHE D 533 29.19 -12.08 -17.37
N LEU D 534 29.50 -11.86 -18.65
CA LEU D 534 30.86 -11.52 -19.04
C LEU D 534 31.30 -10.18 -18.47
N PHE D 535 30.41 -9.19 -18.52
CA PHE D 535 30.74 -7.85 -18.04
C PHE D 535 30.56 -7.71 -16.53
N ARG D 536 30.09 -8.75 -15.86
CA ARG D 536 29.88 -8.66 -14.42
C ARG D 536 31.20 -8.43 -13.71
N GLN D 537 31.20 -7.45 -12.80
CA GLN D 537 32.38 -7.13 -12.00
C GLN D 537 31.95 -7.10 -10.54
N ARG D 538 32.33 -8.13 -9.80
CA ARG D 538 31.92 -8.24 -8.40
C ARG D 538 32.52 -7.10 -7.57
N SER D 539 31.75 -6.67 -6.57
CA SER D 539 32.18 -5.64 -5.64
C SER D 539 32.53 -4.34 -6.37
N PHE D 540 31.52 -3.76 -6.99
CA PHE D 540 31.70 -2.51 -7.72
C PHE D 540 30.77 -1.40 -7.28
N ILE D 541 29.51 -1.72 -6.97
CA ILE D 541 28.57 -0.68 -6.57
C ILE D 541 28.92 -0.15 -5.19
N GLN D 542 29.20 -1.04 -4.23
CA GLN D 542 29.46 -0.61 -2.87
C GLN D 542 30.76 0.15 -2.73
N THR D 543 31.66 0.05 -3.72
CA THR D 543 32.90 0.82 -3.72
C THR D 543 32.84 2.02 -4.65
N LEU D 544 31.63 2.48 -4.95
CA LEU D 544 31.42 3.64 -5.82
C LEU D 544 31.24 4.89 -4.97
N ASP D 545 31.98 5.94 -5.32
CA ASP D 545 31.93 7.22 -4.61
C ASP D 545 32.26 7.05 -3.13
N THR D 546 33.23 6.18 -2.82
CA THR D 546 33.61 5.93 -1.44
C THR D 546 34.86 6.68 -1.02
N ASN D 547 35.74 7.00 -1.96
CA ASN D 547 36.96 7.73 -1.63
C ASN D 547 36.62 9.16 -1.27
N PRO D 548 36.88 9.61 -0.04
CA PRO D 548 36.53 10.99 0.34
C PRO D 548 37.40 12.04 -0.29
N HIS D 549 38.51 11.68 -0.90
CA HIS D 549 39.43 12.64 -1.49
C HIS D 549 39.14 12.93 -2.96
N LEU D 550 38.07 12.37 -3.51
CA LEU D 550 37.73 12.57 -4.91
C LEU D 550 36.36 13.21 -5.00
N LEU D 551 36.27 14.30 -5.76
CA LEU D 551 35.02 15.05 -5.94
C LEU D 551 34.72 15.15 -7.43
N GLY D 552 33.48 14.83 -7.80
CA GLY D 552 33.07 14.98 -9.19
C GLY D 552 32.81 16.43 -9.52
N VAL D 553 33.46 16.92 -10.57
CA VAL D 553 33.34 18.31 -10.98
C VAL D 553 32.96 18.37 -12.44
N GLY D 554 32.61 19.58 -12.89
CA GLY D 554 32.13 19.75 -14.25
C GLY D 554 33.15 19.40 -15.30
N ASN D 555 34.43 19.67 -15.03
CA ASN D 555 35.50 19.43 -16.00
C ASN D 555 36.38 18.25 -15.60
N GLY D 556 35.77 17.19 -15.08
CA GLY D 556 36.50 15.99 -14.75
C GLY D 556 36.31 15.55 -13.31
N VAL D 557 37.38 15.11 -12.67
CA VAL D 557 37.34 14.69 -11.27
C VAL D 557 38.48 15.38 -10.52
N LEU D 558 38.17 15.85 -9.32
CA LEU D 558 39.11 16.61 -8.52
C LEU D 558 39.69 15.73 -7.41
N SER D 559 41.00 15.75 -7.28
CA SER D 559 41.70 14.97 -6.27
C SER D 559 42.30 15.91 -5.23
N ILE D 560 41.97 15.68 -3.96
CA ILE D 560 42.51 16.50 -2.88
C ILE D 560 43.37 15.63 -1.98
N GLU D 561 43.93 14.55 -2.55
CA GLU D 561 44.79 13.67 -1.77
C GLU D 561 46.03 14.40 -1.29
N THR D 562 46.65 15.20 -2.15
CA THR D 562 47.90 15.88 -1.84
C THR D 562 47.76 17.35 -2.16
N ILE D 563 48.64 18.15 -1.57
CA ILE D 563 48.71 19.59 -1.80
C ILE D 563 49.79 19.85 -2.84
N PRO D 564 49.49 20.58 -3.93
CA PRO D 564 48.18 21.17 -4.20
C PRO D 564 47.19 20.16 -4.77
N ALA D 565 45.90 20.45 -4.63
CA ALA D 565 44.88 19.58 -5.20
C ALA D 565 45.02 19.54 -6.73
N LYS D 566 44.93 18.34 -7.29
CA LYS D 566 45.16 18.12 -8.71
C LYS D 566 43.87 17.69 -9.38
N LEU D 567 43.60 18.25 -10.55
CA LEU D 567 42.40 17.93 -11.32
C LEU D 567 42.76 16.91 -12.40
N ILE D 568 42.07 15.79 -12.41
CA ILE D 568 42.28 14.73 -13.38
C ILE D 568 41.21 14.86 -14.46
N ASN D 569 41.65 15.12 -15.69
CA ASN D 569 40.73 15.32 -16.81
C ASN D 569 41.05 14.38 -17.96
N HIS D 570 41.60 13.22 -17.66
CA HIS D 570 41.93 12.23 -18.68
C HIS D 570 41.52 10.86 -18.16
N PHE D 571 41.95 9.82 -18.86
CA PHE D 571 41.57 8.46 -18.51
C PHE D 571 42.12 8.09 -17.15
N HIS D 572 41.37 7.28 -16.41
CA HIS D 572 41.76 6.84 -15.07
C HIS D 572 40.92 5.63 -14.71
N GLU D 573 40.97 5.23 -13.44
CA GLU D 573 40.20 4.08 -12.96
C GLU D 573 39.50 4.39 -11.65
N HIS D 574 39.28 5.66 -11.35
CA HIS D 574 38.61 6.04 -10.13
C HIS D 574 37.14 5.62 -10.18
N PRO D 575 36.64 4.86 -9.21
CA PRO D 575 35.21 4.51 -9.19
C PRO D 575 34.36 5.66 -8.65
N ILE D 576 34.16 6.67 -9.50
CA ILE D 576 33.42 7.87 -9.13
C ILE D 576 32.19 7.98 -10.01
N HIS D 577 31.05 8.23 -9.39
CA HIS D 577 29.80 8.38 -10.14
C HIS D 577 29.07 9.67 -9.82
N GLN D 578 29.01 10.08 -8.55
CA GLN D 578 28.33 11.32 -8.19
C GLN D 578 29.22 12.51 -8.49
N TYR D 579 28.60 13.65 -8.75
CA TYR D 579 29.34 14.83 -9.17
C TYR D 579 28.52 16.08 -8.91
N THR D 580 29.21 17.22 -8.96
CA THR D 580 28.57 18.53 -9.02
C THR D 580 29.00 19.20 -10.32
N HIS D 581 28.12 20.07 -10.84
CA HIS D 581 28.29 20.64 -12.17
C HIS D 581 29.12 21.91 -12.17
N ILE D 582 30.00 22.08 -11.19
CA ILE D 582 30.81 23.29 -11.06
C ILE D 582 32.19 22.98 -11.62
N CYS D 583 32.50 23.57 -12.77
CA CYS D 583 33.84 23.44 -13.34
C CYS D 583 34.87 24.13 -12.45
N TYR D 584 36.00 23.48 -12.25
CA TYR D 584 37.04 23.99 -11.37
C TYR D 584 38.11 24.72 -12.16
N VAL D 585 38.56 25.84 -11.62
CA VAL D 585 39.71 26.58 -12.16
C VAL D 585 40.66 26.85 -10.99
N PRO D 586 41.96 27.00 -11.24
CA PRO D 586 42.86 27.37 -10.14
C PRO D 586 42.46 28.70 -9.53
N PHE D 587 42.67 28.82 -8.21
CA PHE D 587 42.26 30.02 -7.50
C PHE D 587 43.07 31.22 -7.97
N ASN D 588 42.36 32.25 -8.41
CA ASN D 588 42.98 33.52 -8.79
C ASN D 588 42.40 34.64 -7.94
N PRO D 589 43.15 35.18 -6.98
CA PRO D 589 42.63 36.34 -6.22
C PRO D 589 42.43 37.56 -7.09
N GLU D 590 43.04 37.62 -8.27
CA GLU D 590 42.92 38.78 -9.13
C GLU D 590 41.63 38.80 -9.95
N ASN D 591 40.85 37.74 -9.91
CA ASN D 591 39.61 37.71 -10.68
C ASN D 591 38.63 38.75 -10.14
N PRO D 592 37.95 39.49 -11.03
CA PRO D 592 36.98 40.48 -10.53
C PRO D 592 35.88 39.89 -9.67
N TRP D 593 35.37 38.72 -10.02
CA TRP D 593 34.38 38.06 -9.17
C TRP D 593 34.99 37.64 -7.85
N THR D 594 36.22 37.13 -7.89
CA THR D 594 36.91 36.77 -6.65
C THR D 594 37.14 37.99 -5.78
N LYS D 595 37.53 39.11 -6.39
CA LYS D 595 37.74 40.33 -5.62
C LYS D 595 36.45 40.81 -4.97
N LEU D 596 35.35 40.83 -5.75
CA LEU D 596 34.07 41.27 -5.20
C LEU D 596 33.61 40.36 -4.07
N LEU D 597 33.75 39.04 -4.26
CA LEU D 597 33.32 38.10 -3.23
C LEU D 597 34.14 38.27 -1.95
N LEU D 598 35.46 38.45 -2.08
CA LEU D 598 36.29 38.62 -0.91
C LEU D 598 35.93 39.89 -0.15
N ASN D 599 35.69 40.99 -0.88
CA ASN D 599 35.33 42.24 -0.22
C ASN D 599 33.99 42.11 0.50
N ALA D 600 32.99 41.55 -0.17
CA ALA D 600 31.67 41.40 0.45
C ALA D 600 31.72 40.48 1.66
N LEU D 601 32.46 39.37 1.54
CA LEU D 601 32.54 38.42 2.65
C LEU D 601 33.23 39.06 3.86
N GLN D 602 34.29 39.82 3.63
CA GLN D 602 34.98 40.48 4.73
C GLN D 602 34.04 41.46 5.44
N ASP D 603 33.24 42.19 4.67
CA ASP D 603 32.28 43.11 5.27
C ASP D 603 31.21 42.36 6.05
N ILE D 604 30.87 41.14 5.64
CA ILE D 604 29.84 40.38 6.33
C ILE D 604 30.26 40.09 7.77
N ILE D 605 31.51 39.67 7.95
CA ILE D 605 32.06 39.34 9.26
C ILE D 605 33.21 40.30 9.56
N PRO D 606 32.96 41.33 10.38
CA PRO D 606 34.02 42.34 10.60
C PRO D 606 35.27 41.79 11.25
N GLU D 607 35.15 40.82 12.16
CA GLU D 607 36.30 40.32 12.88
C GLU D 607 37.18 39.48 11.96
N LEU D 608 38.48 39.75 11.97
CA LEU D 608 39.41 38.96 11.17
C LEU D 608 39.49 37.53 11.70
N ASP D 609 39.71 37.39 13.00
CA ASP D 609 39.90 36.05 13.58
C ASP D 609 38.64 35.20 13.41
N ALA D 610 37.46 35.77 13.66
CA ALA D 610 36.23 35.03 13.45
C ALA D 610 36.06 34.65 11.99
N ARG D 611 36.44 35.55 11.08
CA ARG D 611 36.40 35.23 9.66
C ARG D 611 37.31 34.05 9.34
N LEU D 612 38.51 34.04 9.92
CA LEU D 612 39.41 32.91 9.71
C LEU D 612 38.82 31.63 10.28
N TRP D 613 38.24 31.70 11.48
CA TRP D 613 37.70 30.51 12.12
C TRP D 613 36.51 29.97 11.33
N ILE D 614 35.60 30.84 10.90
CA ILE D 614 34.40 30.39 10.20
C ILE D 614 34.75 29.77 8.86
N MET D 615 35.66 30.40 8.12
CA MET D 615 36.04 29.87 6.80
C MET D 615 36.65 28.49 6.92
N PHE D 616 37.51 28.29 7.92
CA PHE D 616 38.11 26.98 8.13
C PHE D 616 37.05 25.93 8.41
N TYR D 617 36.07 26.26 9.25
CA TYR D 617 34.98 25.32 9.51
C TYR D 617 34.19 25.02 8.24
N LEU D 618 33.92 26.05 7.44
CA LEU D 618 33.24 25.83 6.18
C LEU D 618 34.11 25.03 5.22
N SER D 619 35.43 25.12 5.35
CA SER D 619 36.32 24.39 4.45
C SER D 619 36.16 22.89 4.60
N THR D 620 35.83 22.42 5.80
CA THR D 620 35.66 20.98 6.02
C THR D 620 34.46 20.42 5.28
N ALA D 621 33.55 21.27 4.79
CA ALA D 621 32.37 20.77 4.09
C ALA D 621 32.74 20.06 2.80
N ILE D 622 33.82 20.49 2.14
CA ILE D 622 34.23 19.83 0.91
C ILE D 622 34.70 18.41 1.19
N PHE D 623 35.17 18.13 2.40
CA PHE D 623 35.58 16.80 2.76
C PHE D 623 34.39 15.86 2.84
N ARG D 624 34.61 14.59 2.49
CA ARG D 624 33.57 13.58 2.56
C ARG D 624 33.94 12.44 3.49
N GLY D 625 34.99 12.60 4.31
CA GLY D 625 35.38 11.60 5.27
C GLY D 625 35.05 12.04 6.70
N LEU D 626 35.46 11.20 7.64
CA LEU D 626 35.18 11.47 9.05
C LEU D 626 35.78 12.79 9.48
N LYS D 627 35.01 13.55 10.27
CA LYS D 627 35.39 14.89 10.68
C LYS D 627 35.25 15.02 12.20
N GLU D 628 35.88 16.07 12.73
CA GLU D 628 35.74 16.36 14.14
C GLU D 628 34.30 16.70 14.47
N ALA D 629 33.81 16.16 15.58
CA ALA D 629 32.43 16.37 16.00
C ALA D 629 32.26 17.79 16.49
N LEU D 630 31.67 18.65 15.67
CA LEU D 630 31.47 20.04 16.03
C LEU D 630 30.17 20.55 15.44
N MET D 631 29.39 21.27 16.25
CA MET D 631 28.15 21.90 15.85
C MET D 631 28.33 23.41 15.87
N LEU D 632 28.02 24.06 14.75
CA LEU D 632 28.15 25.50 14.62
C LEU D 632 26.76 26.14 14.66
N LEU D 633 26.61 27.13 15.52
CA LEU D 633 25.40 27.93 15.58
C LEU D 633 25.79 29.35 15.98
N TRP D 634 25.25 30.33 15.26
CA TRP D 634 25.63 31.72 15.48
C TRP D 634 24.42 32.61 15.37
N LEU D 635 24.44 33.70 16.13
CA LEU D 635 23.34 34.63 16.29
C LEU D 635 23.75 36.00 15.74
N GLY D 636 22.89 36.99 15.96
CA GLY D 636 23.20 38.35 15.54
C GLY D 636 22.03 39.14 15.01
N GLY D 637 22.26 39.89 13.94
CA GLY D 637 21.23 40.78 13.45
C GLY D 637 20.07 40.04 12.82
N GLY D 638 18.89 40.67 12.87
CA GLY D 638 17.71 40.05 12.28
C GLY D 638 17.78 39.92 10.78
N CYS D 639 18.47 40.85 10.12
CA CYS D 639 18.61 40.86 8.66
C CYS D 639 20.08 40.92 8.28
N ASN D 640 20.89 40.09 8.95
CA ASN D 640 22.33 40.11 8.72
C ASN D 640 22.69 39.70 7.30
N GLY D 641 22.06 38.65 6.79
CA GLY D 641 22.43 38.12 5.50
C GLY D 641 22.89 36.69 5.59
N LYS D 642 22.44 35.98 6.64
CA LYS D 642 22.92 34.63 6.89
C LYS D 642 22.57 33.69 5.74
N THR D 643 21.32 33.72 5.29
CA THR D 643 20.88 32.76 4.27
C THR D 643 21.59 32.98 2.94
N PHE D 644 22.18 34.16 2.72
CA PHE D 644 22.94 34.38 1.50
C PHE D 644 24.15 33.45 1.44
N LEU D 645 24.96 33.44 2.50
CA LEU D 645 26.12 32.57 2.52
C LEU D 645 25.72 31.11 2.61
N MET D 646 24.67 30.80 3.38
CA MET D 646 24.22 29.43 3.51
C MET D 646 23.77 28.86 2.18
N ARG D 647 23.02 29.65 1.42
CA ARG D 647 22.54 29.18 0.12
C ARG D 647 23.69 29.02 -0.87
N LEU D 648 24.68 29.92 -0.82
CA LEU D 648 25.77 29.87 -1.78
C LEU D 648 26.58 28.59 -1.64
N VAL D 649 26.91 28.21 -0.41
CA VAL D 649 27.73 27.03 -0.19
C VAL D 649 27.03 25.78 -0.71
N ALA D 650 25.75 25.62 -0.36
CA ALA D 650 25.00 24.46 -0.82
C ALA D 650 24.86 24.46 -2.33
N MET D 651 24.58 25.62 -2.92
CA MET D 651 24.45 25.69 -4.37
C MET D 651 25.75 25.33 -5.06
N VAL D 652 26.88 25.83 -4.57
CA VAL D 652 28.17 25.50 -5.17
C VAL D 652 28.51 24.04 -4.93
N LEU D 653 28.35 23.57 -3.70
CA LEU D 653 28.80 22.23 -3.34
C LEU D 653 27.89 21.13 -3.87
N GLY D 654 26.73 21.48 -4.40
CA GLY D 654 25.97 20.52 -5.19
C GLY D 654 24.93 19.76 -4.38
N ASP D 655 23.88 19.34 -5.07
CA ASP D 655 22.80 18.60 -4.42
C ASP D 655 23.25 17.20 -3.99
N HIS D 656 24.11 16.57 -4.80
CA HIS D 656 24.58 15.24 -4.46
C HIS D 656 25.38 15.22 -3.16
N TYR D 657 25.93 16.36 -2.75
CA TYR D 657 26.74 16.42 -1.55
C TYR D 657 26.19 17.38 -0.49
N ALA D 658 25.12 18.12 -0.79
CA ALA D 658 24.50 19.02 0.18
C ALA D 658 23.00 18.86 0.11
N SER D 659 22.33 19.15 1.23
CA SER D 659 20.89 18.94 1.32
C SER D 659 20.26 19.98 2.22
N LYS D 660 18.97 20.20 2.01
CA LYS D 660 18.16 21.09 2.85
C LYS D 660 17.59 20.25 3.99
N LEU D 661 18.04 20.53 5.21
CA LEU D 661 17.66 19.75 6.36
C LEU D 661 16.65 20.50 7.21
N ASN D 662 15.52 19.84 7.49
CA ASN D 662 14.48 20.45 8.30
C ASN D 662 14.92 20.62 9.73
N ILE D 663 14.52 21.73 10.36
CA ILE D 663 14.89 21.99 11.74
C ILE D 663 14.12 21.12 12.71
N SER D 664 12.94 20.63 12.32
CA SER D 664 12.14 19.81 13.22
C SER D 664 12.82 18.50 13.58
N LEU D 665 13.69 17.99 12.70
CA LEU D 665 14.41 16.75 13.01
C LEU D 665 15.29 16.92 14.24
N LEU D 666 16.03 18.03 14.30
CA LEU D 666 16.87 18.29 15.47
C LEU D 666 16.03 18.75 16.65
N THR D 667 14.85 19.30 16.40
CA THR D 667 13.98 19.82 17.45
C THR D 667 12.73 18.95 17.62
N SER D 668 12.83 17.67 17.30
CA SER D 668 11.78 16.74 17.65
C SER D 668 11.71 16.60 19.17
N CYS D 669 10.51 16.31 19.68
CA CYS D 669 10.31 16.39 21.12
C CYS D 669 11.18 15.39 21.88
N ARG D 670 10.86 14.10 21.77
CA ARG D 670 11.78 13.07 22.29
C ARG D 670 11.86 11.83 21.42
N GLU D 671 10.86 11.51 20.61
CA GLU D 671 10.80 10.23 19.93
C GLU D 671 11.94 10.11 18.91
N THR D 672 12.57 8.93 18.88
CA THR D 672 13.72 8.72 18.01
C THR D 672 13.31 8.71 16.54
N ALA D 673 12.25 7.97 16.20
CA ALA D 673 11.77 7.88 14.83
C ALA D 673 10.46 7.10 14.82
N GLU D 674 9.58 7.49 13.91
CA GLU D 674 8.42 6.68 13.61
C GLU D 674 8.83 5.59 12.60
N LYS D 675 7.97 4.59 12.43
CA LYS D 675 8.39 3.36 11.76
C LYS D 675 9.01 3.60 10.40
N PRO D 676 8.42 4.41 9.50
CA PRO D 676 9.21 4.95 8.38
C PRO D 676 9.78 6.32 8.72
N ASN D 677 10.83 6.69 8.00
CA ASN D 677 11.44 7.99 8.14
C ASN D 677 12.29 8.29 6.92
N SER D 678 11.99 9.37 6.22
CA SER D 678 12.68 9.73 5.00
C SER D 678 13.60 10.93 5.14
N ALA D 679 13.20 11.93 5.95
CA ALA D 679 14.04 13.11 6.12
C ALA D 679 15.37 12.76 6.77
N PHE D 680 15.34 11.85 7.74
CA PHE D 680 16.58 11.45 8.41
C PHE D 680 17.51 10.71 7.47
N MET D 681 16.97 10.10 6.40
CA MET D 681 17.81 9.37 5.46
C MET D 681 18.64 10.29 4.57
N ARG D 682 18.54 11.60 4.76
CA ARG D 682 19.54 12.49 4.20
C ARG D 682 20.88 12.25 4.89
N LEU D 683 21.90 12.98 4.45
CA LEU D 683 23.28 12.83 4.90
C LEU D 683 23.90 11.51 4.47
N LYS D 684 23.21 10.71 3.65
CA LYS D 684 23.76 9.44 3.19
C LYS D 684 25.06 9.64 2.44
N GLY D 685 25.07 10.61 1.53
CA GLY D 685 26.29 10.99 0.83
C GLY D 685 26.52 12.47 0.91
N ARG D 686 25.56 13.19 1.48
CA ARG D 686 25.63 14.63 1.59
C ARG D 686 26.73 15.02 2.58
N GLY D 687 27.64 15.86 2.13
CA GLY D 687 28.70 16.36 2.97
C GLY D 687 28.40 17.67 3.66
N TYR D 688 27.18 18.20 3.51
CA TYR D 688 26.85 19.49 4.09
C TYR D 688 25.35 19.65 4.30
N GLY D 689 24.97 20.11 5.49
CA GLY D 689 23.58 20.43 5.79
C GLY D 689 23.47 21.69 6.61
N TYR D 690 22.45 22.49 6.37
CA TYR D 690 22.31 23.80 7.00
C TYR D 690 20.96 23.93 7.67
N PHE D 691 20.91 24.77 8.70
CA PHE D 691 19.68 25.07 9.43
C PHE D 691 19.44 26.57 9.42
N GLU D 692 18.20 26.96 9.21
CA GLU D 692 17.83 28.33 8.88
C GLU D 692 17.26 29.05 10.10
N GLU D 693 16.73 30.25 9.88
CA GLU D 693 16.07 31.00 10.93
C GLU D 693 14.83 30.25 11.41
N THR D 694 14.60 30.29 12.72
CA THR D 694 13.44 29.66 13.33
C THR D 694 12.35 30.69 13.59
N ASN D 695 11.15 30.18 13.86
CA ASN D 695 10.02 31.06 14.14
C ASN D 695 10.23 31.85 15.43
N LYS D 696 10.76 31.19 16.46
CA LYS D 696 10.99 31.81 17.75
C LYS D 696 12.06 31.02 18.48
N SER D 697 12.45 31.54 19.65
CA SER D 697 13.39 30.82 20.50
C SER D 697 12.81 29.47 20.85
N GLU D 698 13.61 28.42 20.70
CA GLU D 698 13.13 27.05 20.87
C GLU D 698 14.19 26.22 21.55
N VAL D 699 13.74 25.23 22.32
CA VAL D 699 14.62 24.27 22.96
C VAL D 699 14.95 23.16 21.97
N LEU D 700 16.20 22.71 21.99
CA LEU D 700 16.67 21.68 21.06
C LEU D 700 17.34 20.50 21.75
N ASN D 701 17.36 20.47 23.09
CA ASN D 701 18.00 19.37 23.80
C ASN D 701 17.20 18.09 23.54
N THR D 702 17.73 17.23 22.68
CA THR D 702 17.07 15.99 22.29
C THR D 702 18.09 14.86 22.32
N SER D 703 17.61 13.65 22.02
CA SER D 703 18.53 12.55 21.78
C SER D 703 19.39 12.83 20.55
N ARG D 704 18.77 13.34 19.49
CA ARG D 704 19.49 13.68 18.27
C ARG D 704 20.45 14.84 18.46
N LEU D 705 20.35 15.58 19.56
CA LEU D 705 21.30 16.64 19.85
C LEU D 705 22.72 16.09 19.91
N LYS D 706 22.90 14.96 20.61
CA LYS D 706 24.20 14.31 20.70
C LYS D 706 24.32 13.06 19.85
N GLU D 707 23.21 12.37 19.57
CA GLU D 707 23.28 11.16 18.76
C GLU D 707 23.70 11.47 17.33
N MET D 708 23.14 12.54 16.74
CA MET D 708 23.43 12.84 15.34
C MET D 708 24.78 13.52 15.17
N VAL D 709 25.16 14.39 16.12
CA VAL D 709 26.40 15.15 15.96
C VAL D 709 27.65 14.28 16.03
N ASN D 710 27.64 13.23 16.85
CA ASN D 710 28.83 12.43 17.04
C ASN D 710 29.16 11.64 15.77
N PRO D 711 30.43 11.34 15.53
CA PRO D 711 30.82 10.58 14.34
C PRO D 711 30.46 9.11 14.38
N GLY D 712 29.83 8.64 15.45
CA GLY D 712 29.43 7.25 15.51
C GLY D 712 28.37 6.93 14.47
N ASP D 713 28.38 5.70 13.98
CA ASP D 713 27.43 5.27 12.97
C ASP D 713 26.04 5.15 13.57
N VAL D 714 25.04 5.47 12.74
CA VAL D 714 23.64 5.45 13.15
C VAL D 714 22.85 4.68 12.10
N THR D 715 21.69 4.17 12.51
CA THR D 715 20.84 3.34 11.66
C THR D 715 19.40 3.81 11.74
N ALA D 716 18.68 3.67 10.62
CA ALA D 716 17.31 4.13 10.51
C ALA D 716 16.62 3.39 9.37
N ARG D 717 15.31 3.57 9.30
CA ARG D 717 14.46 2.93 8.29
C ARG D 717 13.77 3.99 7.45
N GLU D 718 13.57 3.68 6.16
CA GLU D 718 12.87 4.57 5.24
C GLU D 718 11.80 3.77 4.49
N LEU D 719 10.61 3.69 5.07
CA LEU D 719 9.44 3.15 4.38
C LEU D 719 9.69 1.75 3.84
N ASN D 720 9.62 1.60 2.51
CA ASN D 720 9.84 0.31 1.89
C ASN D 720 11.29 -0.13 2.03
N GLN D 721 12.22 0.83 1.99
CA GLN D 721 13.61 0.52 2.25
C GLN D 721 13.77 -0.02 3.67
N LYS D 722 14.64 -1.01 3.83
CA LYS D 722 14.81 -1.64 5.12
C LYS D 722 15.50 -0.70 6.10
N GLN D 723 15.72 -1.20 7.32
CA GLN D 723 16.26 -0.39 8.39
C GLN D 723 17.77 -0.63 8.43
N GLU D 724 18.51 0.17 7.68
CA GLU D 724 19.95 0.01 7.52
C GLU D 724 20.67 1.18 8.18
N SER D 725 22.00 1.09 8.21
CA SER D 725 22.85 2.10 8.83
C SER D 725 23.65 2.83 7.76
N PHE D 726 24.14 4.01 8.13
CA PHE D 726 24.99 4.81 7.25
C PHE D 726 25.78 5.78 8.12
N GLN D 727 27.06 5.95 7.80
CA GLN D 727 27.91 6.80 8.61
C GLN D 727 27.58 8.27 8.36
N MET D 728 27.29 9.00 9.43
CA MET D 728 26.97 10.42 9.32
C MET D 728 28.22 11.21 9.01
N THR D 729 28.29 11.76 7.81
CA THR D 729 29.47 12.46 7.30
C THR D 729 29.03 13.78 6.67
N ALA D 730 28.96 14.83 7.48
CA ALA D 730 28.59 16.15 6.99
C ALA D 730 28.87 17.17 8.09
N THR D 731 28.89 18.44 7.69
CA THR D 731 29.08 19.54 8.62
C THR D 731 27.75 20.24 8.84
N MET D 732 27.38 20.41 10.11
CA MET D 732 26.09 20.96 10.49
C MET D 732 26.26 22.40 10.97
N VAL D 733 25.44 23.30 10.42
CA VAL D 733 25.43 24.71 10.81
C VAL D 733 23.99 25.15 11.00
N ALA D 734 23.76 25.97 12.02
CA ALA D 734 22.41 26.43 12.39
C ALA D 734 22.48 27.93 12.66
N ALA D 735 22.06 28.72 11.68
CA ALA D 735 22.07 30.18 11.80
C ALA D 735 20.65 30.69 12.02
N SER D 736 20.48 31.54 13.03
CA SER D 736 19.18 32.12 13.33
C SER D 736 19.36 33.38 14.15
N ASN D 737 18.27 34.11 14.32
CA ASN D 737 18.24 35.30 15.15
C ASN D 737 17.57 35.08 16.49
N TYR D 738 16.96 33.92 16.72
CA TYR D 738 16.37 33.57 18.00
C TYR D 738 17.34 32.68 18.76
N ASN D 739 17.70 33.10 19.97
CA ASN D 739 18.59 32.30 20.80
C ASN D 739 17.94 30.95 21.10
N PHE D 740 18.75 29.90 21.03
CA PHE D 740 18.26 28.55 21.25
C PHE D 740 18.27 28.21 22.73
N ILE D 741 17.18 27.58 23.18
CA ILE D 741 17.01 27.25 24.59
C ILE D 741 17.82 25.99 24.86
N ILE D 742 18.94 26.14 25.55
CA ILE D 742 19.80 25.02 25.93
C ILE D 742 19.60 24.75 27.41
N ASP D 743 19.32 23.49 27.74
CA ASP D 743 19.10 23.08 29.14
C ASP D 743 19.73 21.70 29.35
N THR D 744 20.98 21.71 29.81
CA THR D 744 21.71 20.48 30.10
C THR D 744 22.91 20.85 30.96
N THR D 745 23.63 19.81 31.40
CA THR D 745 24.84 20.00 32.19
C THR D 745 25.90 19.01 31.71
N ASP D 746 25.77 18.58 30.45
CA ASP D 746 26.72 17.65 29.86
C ASP D 746 27.84 18.44 29.20
N HIS D 747 29.04 18.35 29.78
CA HIS D 747 30.19 19.01 29.17
C HIS D 747 30.50 18.46 27.79
N GLY D 748 30.19 17.19 27.56
CA GLY D 748 30.39 16.61 26.25
C GLY D 748 29.57 17.31 25.18
N THR D 749 28.30 17.57 25.48
CA THR D 749 27.45 18.29 24.52
C THR D 749 28.00 19.67 24.25
N TRP D 750 28.46 20.36 25.28
CA TRP D 750 29.04 21.69 25.09
C TRP D 750 30.32 21.63 24.27
N ARG D 751 31.00 20.49 24.25
CA ARG D 751 32.18 20.34 23.40
C ARG D 751 31.79 20.45 21.92
N ARG D 752 30.66 19.85 21.54
CA ARG D 752 30.26 19.86 20.14
C ARG D 752 29.82 21.24 19.67
N LEU D 753 29.46 22.15 20.57
CA LEU D 753 28.78 23.38 20.20
C LEU D 753 29.72 24.57 20.27
N ARG D 754 29.63 25.44 19.26
CA ARG D 754 30.33 26.71 19.23
C ARG D 754 29.34 27.80 18.87
N HIS D 755 29.54 28.99 19.42
CA HIS D 755 28.59 30.08 19.27
C HIS D 755 29.30 31.36 18.82
N TYR D 756 28.60 32.12 18.00
CA TYR D 756 29.08 33.39 17.47
C TYR D 756 27.91 34.34 17.35
N ARG D 757 28.21 35.64 17.31
CA ARG D 757 27.19 36.66 17.16
C ARG D 757 27.51 37.57 15.99
N SER D 758 26.54 37.75 15.10
CA SER D 758 26.67 38.70 14.01
C SER D 758 26.52 40.12 14.53
N LYS D 759 27.12 41.07 13.80
CA LYS D 759 27.07 42.47 14.20
C LYS D 759 26.79 43.40 13.02
N VAL D 760 26.18 42.89 11.96
CA VAL D 760 25.86 43.70 10.78
C VAL D 760 24.36 43.58 10.52
N LYS D 761 23.69 44.74 10.43
CA LYS D 761 22.27 44.82 10.13
C LYS D 761 22.11 45.77 8.95
N PHE D 762 22.16 45.22 7.74
CA PHE D 762 22.10 46.05 6.54
C PHE D 762 20.84 46.91 6.54
N CYS D 763 21.00 48.19 6.21
CA CYS D 763 19.92 49.15 6.24
C CYS D 763 19.86 49.92 4.93
N HIS D 764 18.65 50.27 4.52
CA HIS D 764 18.44 51.02 3.29
C HIS D 764 18.76 52.49 3.43
N ASN D 765 18.99 52.99 4.64
CA ASN D 765 19.40 54.36 4.89
C ASN D 765 20.64 54.33 5.78
N PRO D 766 21.79 53.94 5.23
CA PRO D 766 23.00 53.80 6.05
C PRO D 766 23.64 55.14 6.32
N ASP D 767 23.52 55.62 7.56
CA ASP D 767 24.16 56.84 7.97
C ASP D 767 25.58 56.56 8.47
N PRO D 768 26.45 57.58 8.45
CA PRO D 768 27.81 57.37 8.96
C PRO D 768 27.86 57.01 10.43
N SER D 769 26.80 57.28 11.18
CA SER D 769 26.75 56.97 12.61
C SER D 769 26.52 55.49 12.88
N ASN D 770 26.43 54.66 11.85
CA ASN D 770 26.20 53.22 11.99
C ASN D 770 27.28 52.48 11.21
N PRO D 771 28.50 52.41 11.75
CA PRO D 771 29.57 51.69 11.05
C PRO D 771 29.37 50.19 11.01
N TYR D 772 28.57 49.63 11.92
CA TYR D 772 28.36 48.18 11.95
C TYR D 772 27.16 47.78 11.09
N GLU D 773 27.12 48.29 9.86
CA GLU D 773 26.10 47.98 8.87
C GLU D 773 26.44 48.73 7.60
N LYS D 774 25.77 48.36 6.52
CA LYS D 774 25.97 49.01 5.22
C LYS D 774 24.67 48.89 4.42
N LYS D 775 24.73 49.30 3.16
CA LYS D 775 23.56 49.30 2.30
C LYS D 775 23.34 47.93 1.68
N GLU D 776 22.07 47.51 1.63
CA GLU D 776 21.73 46.26 0.97
C GLU D 776 21.93 46.37 -0.53
N ASP D 777 22.22 45.23 -1.15
CA ASP D 777 22.19 45.13 -2.60
C ASP D 777 21.02 44.22 -3.00
N PRO D 778 19.95 44.77 -3.59
CA PRO D 778 18.80 43.93 -3.91
C PRO D 778 19.11 42.78 -4.85
N ARG D 779 20.06 42.98 -5.76
CA ARG D 779 20.44 41.94 -6.71
C ARG D 779 21.52 41.02 -6.16
N PHE D 780 22.00 41.26 -4.95
CA PHE D 780 23.06 40.42 -4.39
C PHE D 780 22.57 38.99 -4.15
N ILE D 781 21.34 38.83 -3.66
CA ILE D 781 20.76 37.52 -3.45
C ILE D 781 19.80 37.13 -4.58
N HIS D 782 19.04 38.09 -5.10
CA HIS D 782 18.09 37.77 -6.17
C HIS D 782 18.83 37.26 -7.40
N GLU D 783 19.97 37.87 -7.73
CA GLU D 783 20.87 37.34 -8.74
C GLU D 783 22.27 37.22 -8.15
N TYR D 784 23.27 37.00 -9.01
CA TYR D 784 24.66 36.69 -8.68
C TYR D 784 24.84 35.22 -8.33
N ILE D 785 23.80 34.40 -8.44
CA ILE D 785 23.90 32.96 -8.19
C ILE D 785 23.78 32.16 -9.47
N MET D 786 22.84 32.52 -10.34
CA MET D 786 22.71 31.79 -11.61
C MET D 786 23.92 31.96 -12.51
N ASP D 787 24.76 32.96 -12.28
CA ASP D 787 25.98 33.11 -13.05
C ASP D 787 26.96 32.01 -12.66
N PRO D 788 27.36 31.14 -13.57
CA PRO D 788 28.31 30.07 -13.21
C PRO D 788 29.64 30.60 -12.70
N ASP D 789 30.10 31.74 -13.22
CA ASP D 789 31.40 32.25 -12.81
C ASP D 789 31.43 32.60 -11.34
N CYS D 790 30.30 33.02 -10.77
CA CYS D 790 30.25 33.25 -9.33
C CYS D 790 30.49 31.97 -8.56
N GLN D 791 29.87 30.87 -8.99
CA GLN D 791 30.11 29.59 -8.33
C GLN D 791 31.57 29.15 -8.50
N ASN D 792 32.12 29.30 -9.71
CA ASN D 792 33.48 28.84 -9.95
C ASN D 792 34.48 29.60 -9.09
N ALA D 793 34.32 30.92 -9.02
CA ALA D 793 35.22 31.72 -8.20
C ALA D 793 35.09 31.36 -6.73
N PHE D 794 33.85 31.26 -6.23
CA PHE D 794 33.65 30.95 -4.82
C PHE D 794 34.18 29.56 -4.48
N PHE D 795 33.96 28.59 -5.37
CA PHE D 795 34.50 27.25 -5.14
C PHE D 795 36.02 27.28 -5.09
N SER D 796 36.64 28.11 -5.93
CA SER D 796 38.08 28.26 -5.87
C SER D 796 38.53 28.81 -4.53
N ILE D 797 37.76 29.75 -3.97
CA ILE D 797 38.09 30.32 -2.67
C ILE D 797 38.09 29.23 -1.60
N LEU D 798 37.06 28.40 -1.59
CA LEU D 798 36.97 27.36 -0.58
C LEU D 798 38.05 26.31 -0.76
N VAL D 799 38.33 25.93 -2.00
CA VAL D 799 39.36 24.93 -2.27
C VAL D 799 40.72 25.43 -1.82
N TYR D 800 41.03 26.69 -2.12
CA TYR D 800 42.29 27.28 -1.66
C TYR D 800 42.38 27.24 -0.14
N PHE D 801 41.28 27.54 0.55
CA PHE D 801 41.29 27.51 2.01
C PHE D 801 41.56 26.11 2.53
N TRP D 802 40.96 25.09 1.92
CA TRP D 802 41.16 23.72 2.40
C TRP D 802 42.62 23.31 2.28
N GLU D 803 43.26 23.65 1.14
CA GLU D 803 44.69 23.40 1.03
C GLU D 803 45.45 24.15 2.11
N LYS D 804 45.08 25.40 2.35
CA LYS D 804 45.77 26.20 3.35
C LYS D 804 45.62 25.59 4.75
N LEU D 805 44.39 25.21 5.11
CA LEU D 805 44.17 24.64 6.44
C LEU D 805 44.97 23.37 6.63
N GLN D 806 45.03 22.53 5.60
CA GLN D 806 45.83 21.32 5.68
C GLN D 806 47.31 21.65 5.88
N LYS D 807 47.77 22.75 5.29
CA LYS D 807 49.17 23.13 5.43
C LYS D 807 49.50 23.55 6.86
N GLU D 808 48.60 24.31 7.50
CA GLU D 808 48.93 24.92 8.79
C GLU D 808 48.60 24.01 9.97
N TYR D 809 47.33 23.64 10.12
CA TYR D 809 46.88 22.88 11.27
C TYR D 809 46.72 21.40 10.96
N ASN D 810 47.15 20.96 9.78
CA ASN D 810 47.09 19.55 9.40
C ASN D 810 45.66 19.01 9.49
N GLY D 811 44.70 19.81 9.05
CA GLY D 811 43.32 19.39 9.05
C GLY D 811 42.72 19.15 10.42
N GLN D 812 43.10 19.97 11.41
CA GLN D 812 42.55 19.88 12.76
C GLN D 812 41.80 21.17 13.05
N ILE D 813 40.48 21.08 13.14
CA ILE D 813 39.66 22.28 13.29
C ILE D 813 39.58 22.77 14.72
N LYS D 814 39.79 21.89 15.70
CA LYS D 814 39.72 22.33 17.09
C LYS D 814 40.98 23.07 17.53
N LYS D 815 42.11 22.79 16.90
CA LYS D 815 43.38 23.39 17.30
C LYS D 815 43.62 24.76 16.69
N VAL D 816 42.76 25.23 15.79
CA VAL D 816 42.88 26.59 15.29
C VAL D 816 42.54 27.56 16.40
N PHE D 817 43.23 28.70 16.42
CA PHE D 817 43.08 29.68 17.49
C PHE D 817 42.32 30.90 16.98
N CYS D 818 41.32 31.31 17.74
CA CYS D 818 40.54 32.50 17.45
C CYS D 818 40.01 33.08 18.75
N PRO D 819 40.57 34.20 19.23
CA PRO D 819 40.18 34.69 20.57
C PRO D 819 38.71 35.03 20.70
N THR D 820 38.09 35.56 19.64
CA THR D 820 36.70 35.99 19.77
C THR D 820 35.75 34.81 19.80
N ILE D 821 36.10 33.71 19.15
CA ILE D 821 35.30 32.50 19.24
C ILE D 821 35.64 31.79 20.53
N GLU D 822 34.68 31.01 21.04
CA GLU D 822 34.81 30.28 22.31
C GLU D 822 34.75 31.26 23.48
N SER D 823 34.80 32.56 23.18
CA SER D 823 34.62 33.60 24.17
C SER D 823 33.16 34.04 24.24
N GLU D 824 32.58 34.36 23.08
CA GLU D 824 31.14 34.55 23.01
C GLU D 824 30.41 33.24 23.30
N THR D 825 31.00 32.11 22.90
CA THR D 825 30.39 30.82 23.18
C THR D 825 30.35 30.53 24.67
N GLU D 826 31.46 30.76 25.38
CA GLU D 826 31.46 30.52 26.82
C GLU D 826 30.58 31.53 27.53
N ALA D 827 30.48 32.76 27.02
CA ALA D 827 29.51 33.70 27.54
C ALA D 827 28.09 33.18 27.34
N TYR D 828 27.84 32.56 26.19
CA TYR D 828 26.57 31.88 25.98
C TYR D 828 26.40 30.72 26.96
N ARG D 829 27.50 30.03 27.28
CA ARG D 829 27.43 28.96 28.26
C ARG D 829 27.06 29.49 29.64
N LYS D 830 27.53 30.68 29.98
CA LYS D 830 27.17 31.30 31.25
C LYS D 830 25.72 31.73 31.23
N SER D 831 25.10 31.70 30.04
CA SER D 831 23.67 31.92 29.91
C SER D 831 23.06 30.55 29.63
N GLN D 832 21.74 30.53 29.38
CA GLN D 832 21.00 29.29 29.13
C GLN D 832 21.14 28.34 30.31
N ASP D 833 21.35 28.88 31.50
CA ASP D 833 21.49 28.10 32.73
C ASP D 833 20.47 28.62 33.73
N THR D 834 19.25 28.05 33.65
CA THR D 834 18.16 28.51 34.50
C THR D 834 18.47 28.30 35.98
N LEU D 835 19.08 27.16 36.30
CA LEU D 835 19.41 26.88 37.70
C LEU D 835 20.40 27.89 38.25
N HIS D 836 21.48 28.15 37.51
CA HIS D 836 22.50 29.07 38.00
C HIS D 836 21.96 30.48 38.14
N ARG D 837 21.09 30.89 37.21
CA ARG D 837 20.46 32.20 37.33
C ARG D 837 19.60 32.29 38.60
N PHE D 838 18.89 31.20 38.91
CA PHE D 838 18.07 31.18 40.12
C PHE D 838 18.93 31.15 41.37
N ILE D 839 20.15 30.61 41.27
CA ILE D 839 21.04 30.45 42.41
C ILE D 839 21.30 31.80 43.06
N THR D 840 21.82 32.75 42.30
CA THR D 840 22.03 34.10 42.83
C THR D 840 20.83 34.99 42.56
N GLU D 841 19.65 34.50 42.94
CA GLU D 841 18.43 35.27 42.73
C GLU D 841 17.58 35.31 44.00
N ARG D 842 17.53 34.20 44.74
CA ARG D 842 16.67 34.10 45.91
C ARG D 842 17.32 33.49 47.13
N VAL D 843 18.39 32.71 47.01
CA VAL D 843 19.00 32.02 48.13
C VAL D 843 20.42 32.51 48.40
N VAL D 844 21.25 32.60 47.36
CA VAL D 844 22.58 33.15 47.53
C VAL D 844 22.48 34.66 47.72
N GLU D 845 23.35 35.20 48.57
CA GLU D 845 23.38 36.56 49.10
C GLU D 845 22.32 36.73 50.20
N SER D 846 21.48 35.72 50.46
CA SER D 846 20.57 35.70 51.60
C SER D 846 20.64 34.32 52.26
N PRO D 847 21.76 34.00 52.91
CA PRO D 847 21.92 32.67 53.52
C PRO D 847 21.61 32.58 55.01
N SER D 848 21.17 33.67 55.65
CA SER D 848 21.05 33.71 57.10
C SER D 848 19.60 33.46 57.52
N ALA D 849 19.21 32.19 57.44
CA ALA D 849 17.92 31.70 57.90
C ALA D 849 17.94 30.18 57.84
N GLU D 850 16.79 29.56 58.12
CA GLU D 850 16.65 28.11 57.97
C GLU D 850 15.20 27.83 57.56
N THR D 851 14.97 27.75 56.26
CA THR D 851 13.64 27.48 55.71
C THR D 851 13.73 26.50 54.54
N VAL D 852 14.67 25.56 54.61
CA VAL D 852 14.90 24.61 53.54
C VAL D 852 14.60 23.21 54.05
N TYR D 853 13.50 22.64 53.58
CA TYR D 853 13.15 21.26 53.87
C TYR D 853 13.97 20.34 52.96
N ASN D 854 13.55 19.09 52.83
CA ASN D 854 14.17 18.15 51.88
C ASN D 854 14.19 18.76 50.48
N LEU D 855 15.02 18.17 49.60
CA LEU D 855 15.23 18.75 48.28
C LEU D 855 13.94 18.83 47.46
N SER D 856 12.90 18.08 47.84
CA SER D 856 11.63 18.16 47.11
C SER D 856 11.04 19.56 47.14
N GLU D 857 11.11 20.23 48.30
CA GLU D 857 10.60 21.60 48.38
C GLU D 857 11.42 22.55 47.53
N VAL D 858 12.75 22.35 47.50
CA VAL D 858 13.60 23.13 46.62
C VAL D 858 13.27 22.83 45.16
N VAL D 859 12.93 21.57 44.88
CA VAL D 859 12.46 21.22 43.54
C VAL D 859 11.19 21.99 43.20
N THR D 860 10.22 21.98 44.12
CA THR D 860 8.98 22.72 43.88
C THR D 860 9.24 24.22 43.75
N ALA D 861 10.05 24.78 44.66
CA ALA D 861 10.33 26.21 44.61
C ALA D 861 11.04 26.59 43.31
N TYR D 862 12.02 25.79 42.91
CA TYR D 862 12.68 26.05 41.63
C TYR D 862 11.76 25.80 40.46
N ALA D 863 10.87 24.80 40.57
CA ALA D 863 9.95 24.49 39.49
C ALA D 863 9.00 25.65 39.22
N GLU D 864 8.32 26.13 40.26
CA GLU D 864 7.34 27.18 40.07
C GLU D 864 7.96 28.49 39.61
N TRP D 865 9.24 28.73 39.92
CA TRP D 865 9.89 29.97 39.50
C TRP D 865 9.93 30.07 37.98
N TYR D 866 10.62 29.15 37.34
CA TYR D 866 10.80 29.19 35.89
C TYR D 866 9.60 28.62 35.14
N ASN D 867 8.59 28.12 35.85
CA ASN D 867 7.36 27.69 35.19
C ASN D 867 6.72 28.86 34.46
N THR D 868 6.65 30.02 35.11
CA THR D 868 6.17 31.24 34.47
C THR D 868 7.30 32.13 33.97
N ASN D 869 8.45 32.09 34.61
CA ASN D 869 9.56 32.94 34.19
C ASN D 869 10.23 32.41 32.93
N ILE D 870 10.33 31.09 32.78
CA ILE D 870 11.05 30.52 31.65
C ILE D 870 10.08 29.72 30.78
N ASN D 871 9.55 28.62 31.31
CA ASN D 871 8.60 27.78 30.58
C ASN D 871 8.13 26.67 31.51
N VAL D 872 7.07 25.98 31.08
CA VAL D 872 6.57 24.81 31.79
C VAL D 872 7.37 23.59 31.36
N LYS D 873 7.64 22.70 32.30
CA LYS D 873 8.42 21.50 32.02
C LYS D 873 8.06 20.42 33.03
N ARG D 874 8.12 19.17 32.59
CA ARG D 874 7.82 18.03 33.45
C ARG D 874 8.95 17.87 34.45
N HIS D 875 8.73 18.34 35.69
CA HIS D 875 9.76 18.39 36.71
C HIS D 875 9.96 17.00 37.29
N ILE D 876 10.99 16.30 36.80
CA ILE D 876 11.33 14.97 37.29
C ILE D 876 12.27 15.13 38.48
N ALA D 877 12.47 14.04 39.23
CA ALA D 877 13.22 14.12 40.48
C ALA D 877 14.68 14.53 40.27
N LEU D 878 15.29 14.09 39.17
CA LEU D 878 16.74 14.24 39.01
C LEU D 878 17.18 15.70 38.88
N GLU D 879 16.26 16.63 38.61
CA GLU D 879 16.65 18.00 38.33
C GLU D 879 17.34 18.67 39.51
N LEU D 880 17.09 18.23 40.74
CA LEU D 880 17.80 18.74 41.90
C LEU D 880 18.19 17.66 42.88
N SER D 881 17.95 16.38 42.56
CA SER D 881 18.38 15.30 43.44
C SER D 881 19.90 15.25 43.53
N GLN D 882 20.59 15.71 42.49
CA GLN D 882 22.04 15.80 42.48
C GLN D 882 22.57 17.19 42.14
N GLU D 883 21.78 18.02 41.44
CA GLU D 883 22.23 19.36 41.12
C GLU D 883 22.44 20.22 42.35
N LEU D 884 21.87 19.84 43.49
CA LEU D 884 22.20 20.51 44.74
C LEU D 884 23.69 20.38 45.05
N GLU D 885 24.24 19.17 44.86
CA GLU D 885 25.68 19.00 44.97
C GLU D 885 26.41 19.58 43.76
N ASN D 886 25.75 19.63 42.61
CA ASN D 886 26.34 20.20 41.40
C ASN D 886 26.01 21.69 41.30
N SER D 887 26.34 22.43 42.34
CA SER D 887 26.02 23.85 42.44
C SER D 887 27.00 24.48 43.43
N VAL D 888 26.66 25.67 43.93
CA VAL D 888 27.43 26.32 45.00
C VAL D 888 26.71 26.29 46.33
N LEU D 889 25.52 25.67 46.40
CA LEU D 889 24.72 25.66 47.62
C LEU D 889 24.97 24.43 48.48
N GLU D 890 25.84 23.51 48.06
CA GLU D 890 26.12 22.29 48.80
C GLU D 890 27.16 22.49 49.88
N LYS D 891 27.73 23.70 50.00
CA LYS D 891 28.73 23.95 51.02
C LYS D 891 28.19 23.69 52.42
N TYR D 892 26.88 23.82 52.59
CA TYR D 892 26.20 23.52 53.85
C TYR D 892 25.02 22.60 53.53
N LEU D 893 25.31 21.29 53.48
CA LEU D 893 24.31 20.29 53.09
C LEU D 893 24.51 19.05 53.94
N GLN D 894 23.70 18.90 54.97
CA GLN D 894 23.75 17.76 55.87
C GLN D 894 22.45 16.97 55.77
N TRP D 895 22.29 15.98 56.66
CA TRP D 895 21.06 15.20 56.74
C TRP D 895 20.72 14.99 58.21
N SER D 896 19.42 14.88 58.48
CA SER D 896 18.91 14.70 59.82
C SER D 896 19.15 13.26 60.27
N PRO D 897 18.79 12.91 61.51
CA PRO D 897 18.79 11.49 61.88
C PRO D 897 17.89 10.66 60.99
N ASN D 898 16.83 11.24 60.45
CA ASN D 898 16.01 10.62 59.42
C ASN D 898 16.59 10.82 58.02
N LYS D 899 17.89 11.12 57.94
CA LYS D 899 18.56 11.45 56.69
C LYS D 899 17.87 12.63 56.03
N THR D 900 17.18 12.38 54.91
CA THR D 900 16.30 13.35 54.27
C THR D 900 17.10 14.45 53.58
N ARG D 901 18.42 14.46 53.81
CA ARG D 901 19.33 15.43 53.21
C ARG D 901 18.83 16.86 53.42
N ILE D 902 18.42 17.16 54.66
CA ILE D 902 17.89 18.47 54.98
C ILE D 902 19.03 19.49 54.94
N LEU D 903 18.86 20.53 54.14
CA LEU D 903 19.86 21.57 54.04
C LEU D 903 20.01 22.29 55.37
N LYS D 904 21.19 22.88 55.60
CA LYS D 904 21.39 23.65 56.82
C LYS D 904 20.49 24.88 56.90
N GLY D 905 19.86 25.27 55.80
CA GLY D 905 18.87 26.32 55.81
C GLY D 905 19.42 27.65 55.32
N CYS D 906 18.52 28.43 54.74
CA CYS D 906 18.84 29.77 54.26
C CYS D 906 17.54 30.52 54.05
N ARG D 907 17.67 31.83 53.81
CA ARG D 907 16.51 32.66 53.52
C ARG D 907 16.02 32.37 52.11
N ILE D 908 15.11 31.41 51.98
CA ILE D 908 14.54 31.09 50.67
C ILE D 908 13.87 32.32 50.07
N LEU D 909 12.91 32.89 50.79
CA LEU D 909 12.31 34.19 50.47
C LEU D 909 11.91 34.25 49.00
N HIS D 910 10.88 33.50 48.66
CA HIS D 910 10.27 33.60 47.34
C HIS D 910 10.06 35.07 46.97
N LYS D 911 10.36 35.41 45.72
CA LYS D 911 10.46 36.78 45.23
C LYS D 911 11.67 37.45 45.86
N PHE D 912 11.81 38.77 45.74
CA PHE D 912 12.97 39.45 46.29
C PHE D 912 12.61 40.51 47.33
N GLU D 913 11.38 40.46 47.87
CA GLU D 913 10.90 41.52 48.74
C GLU D 913 11.87 41.78 49.88
N THR D 914 11.91 43.05 50.32
CA THR D 914 12.89 43.55 51.28
C THR D 914 14.31 43.33 50.75
N LEU D 915 15.29 43.37 51.65
CA LEU D 915 16.68 43.20 51.28
C LEU D 915 17.12 41.76 51.52
N GLN D 916 18.35 41.46 51.12
CA GLN D 916 18.92 40.13 51.31
C GLN D 916 19.92 40.17 52.43
N PRO D 917 19.61 39.62 53.61
CA PRO D 917 20.57 39.65 54.72
C PRO D 917 21.62 38.56 54.56
N GLY D 918 22.88 38.93 54.73
CA GLY D 918 23.98 37.99 54.60
C GLY D 918 24.86 38.26 53.40
N ILE D 935 41.28 40.72 15.57
CA ILE D 935 41.25 42.09 16.06
C ILE D 935 42.13 42.98 15.19
N CYS D 936 43.32 42.47 14.84
CA CYS D 936 44.23 43.23 14.00
C CYS D 936 43.68 43.34 12.59
N GLU D 937 43.59 44.56 12.09
CA GLU D 937 43.09 44.79 10.74
C GLU D 937 44.16 44.44 9.71
N PRO D 938 43.82 43.70 8.66
CA PRO D 938 44.82 43.38 7.63
C PRO D 938 45.28 44.62 6.89
N LYS D 939 46.53 44.59 6.44
CA LYS D 939 47.11 45.71 5.72
C LYS D 939 46.34 45.96 4.42
N ASN D 940 46.39 45.00 3.50
CA ASN D 940 45.62 45.05 2.27
C ASN D 940 44.93 43.73 1.93
N LYS D 941 45.43 42.60 2.42
CA LYS D 941 44.84 41.29 2.16
C LYS D 941 44.71 40.53 3.47
N TRP D 942 43.60 39.82 3.61
CA TRP D 942 43.40 38.96 4.78
C TRP D 942 43.37 37.48 4.44
N TRP D 943 43.10 37.12 3.18
CA TRP D 943 43.21 35.72 2.77
C TRP D 943 44.65 35.24 2.82
N GLU D 944 45.62 36.15 2.78
CA GLU D 944 47.00 35.77 3.01
C GLU D 944 47.23 35.29 4.43
N TRP D 945 46.30 35.57 5.34
CA TRP D 945 46.16 35.01 6.68
C TRP D 945 47.19 35.56 7.67
N SER D 946 48.17 36.35 7.24
CA SER D 946 49.24 36.86 8.09
C SER D 946 50.09 35.68 8.57
N PRO D 947 51.20 35.91 9.28
CA PRO D 947 52.01 34.77 9.75
C PRO D 947 51.27 33.88 10.74
N ASN D 948 51.98 32.87 11.26
CA ASN D 948 51.35 31.85 12.10
C ASN D 948 50.55 32.42 13.26
N PRO D 949 51.04 33.39 14.05
CA PRO D 949 50.16 34.00 15.05
C PRO D 949 48.91 34.64 14.45
N SER D 950 49.05 35.29 13.30
CA SER D 950 47.95 35.91 12.59
C SER D 950 47.09 36.80 13.47
N SER E 289 -13.15 22.56 -60.89
CA SER E 289 -12.10 21.64 -60.46
C SER E 289 -12.69 20.35 -59.91
N LEU E 290 -13.80 19.91 -60.50
CA LEU E 290 -14.42 18.66 -60.07
C LEU E 290 -13.51 17.47 -60.36
N SER E 291 -12.79 17.51 -61.48
CA SER E 291 -11.82 16.46 -61.78
C SER E 291 -10.71 16.42 -60.74
N ILE E 292 -10.24 17.59 -60.32
CA ILE E 292 -9.27 17.66 -59.23
C ILE E 292 -9.86 17.10 -57.95
N LEU E 293 -11.15 17.37 -57.71
CA LEU E 293 -11.81 16.85 -56.52
C LEU E 293 -11.85 15.33 -56.54
N MET E 294 -12.17 14.74 -57.69
CA MET E 294 -12.30 13.30 -57.82
C MET E 294 -10.96 12.60 -58.02
N LEU E 295 -9.89 13.37 -58.23
CA LEU E 295 -8.57 12.82 -58.51
C LEU E 295 -7.74 12.62 -57.27
N HIS E 296 -7.59 13.66 -56.44
CA HIS E 296 -6.61 13.60 -55.37
C HIS E 296 -7.07 12.72 -54.21
N ASP E 297 -8.36 12.46 -54.11
CA ASP E 297 -8.91 11.80 -52.92
C ASP E 297 -9.95 10.74 -53.24
N PRO E 298 -9.62 9.45 -53.10
CA PRO E 298 -10.66 8.42 -53.14
C PRO E 298 -11.72 8.61 -52.07
N GLU E 299 -11.35 9.18 -50.92
CA GLU E 299 -12.36 9.56 -49.95
C GLU E 299 -13.30 10.62 -50.52
N ALA E 300 -12.76 11.54 -51.31
CA ALA E 300 -13.62 12.54 -51.95
C ALA E 300 -14.54 11.91 -52.97
N ARG E 301 -14.05 10.92 -53.73
CA ARG E 301 -14.95 10.27 -54.69
C ARG E 301 -16.00 9.44 -53.96
N TYR E 302 -15.65 8.86 -52.81
CA TYR E 302 -16.63 8.15 -52.00
C TYR E 302 -17.69 9.11 -51.47
N LEU E 303 -17.26 10.30 -51.02
CA LEU E 303 -18.21 11.31 -50.58
C LEU E 303 -19.05 11.82 -51.75
N HIS E 304 -18.50 11.80 -52.95
CA HIS E 304 -19.27 12.11 -54.15
C HIS E 304 -20.38 11.09 -54.36
N LYS E 305 -20.03 9.81 -54.26
CA LYS E 305 -21.04 8.76 -54.41
C LYS E 305 -22.11 8.85 -53.33
N ILE E 306 -21.69 9.11 -52.08
CA ILE E 306 -22.66 9.26 -51.00
C ILE E 306 -23.51 10.51 -51.21
N LEU E 307 -22.93 11.55 -51.79
CA LEU E 307 -23.64 12.79 -52.04
C LEU E 307 -24.83 12.58 -52.98
N ASN E 308 -24.79 11.52 -53.78
CA ASN E 308 -25.91 11.17 -54.64
C ASN E 308 -26.98 10.48 -53.80
N LEU E 309 -28.00 9.92 -54.46
CA LEU E 309 -29.11 9.21 -53.80
C LEU E 309 -29.68 9.98 -52.61
N LEU E 310 -29.58 11.30 -52.65
CA LEU E 310 -30.03 12.15 -51.57
C LEU E 310 -31.40 12.75 -51.87
N PRO E 311 -32.15 13.13 -50.83
CA PRO E 311 -33.46 13.76 -51.04
C PRO E 311 -33.31 15.26 -51.30
N PRO E 312 -33.18 15.67 -52.56
CA PRO E 312 -32.85 17.09 -52.84
C PRO E 312 -33.86 18.07 -52.28
N GLU E 313 -35.03 17.60 -51.83
CA GLU E 313 -35.97 18.48 -51.15
C GLU E 313 -35.34 19.08 -49.90
N TYR E 314 -34.55 18.27 -49.17
CA TYR E 314 -33.82 18.80 -48.02
C TYR E 314 -32.82 19.86 -48.45
N TYR E 315 -32.15 19.64 -49.59
CA TYR E 315 -31.21 20.63 -50.09
C TYR E 315 -31.92 21.94 -50.43
N VAL E 316 -33.12 21.85 -50.99
CA VAL E 316 -33.89 23.06 -51.29
C VAL E 316 -34.24 23.80 -50.00
N GLU E 317 -34.69 23.07 -48.99
CA GLU E 317 -35.01 23.68 -47.71
C GLU E 317 -33.75 24.26 -47.07
N TYR E 318 -33.90 25.39 -46.38
CA TYR E 318 -32.75 26.06 -45.79
C TYR E 318 -32.22 25.36 -44.53
N PRO E 319 -33.07 25.01 -43.54
CA PRO E 319 -32.52 24.51 -42.27
C PRO E 319 -31.66 23.26 -42.39
N LEU E 320 -32.21 22.17 -42.93
CA LEU E 320 -31.48 20.91 -42.95
C LEU E 320 -30.29 20.98 -43.91
N TRP E 321 -30.46 21.68 -45.03
CA TRP E 321 -29.35 21.84 -45.96
C TRP E 321 -28.21 22.65 -45.34
N SER E 322 -28.54 23.72 -44.62
CA SER E 322 -27.51 24.46 -43.90
C SER E 322 -26.87 23.59 -42.83
N ASN E 323 -27.65 22.71 -42.21
CA ASN E 323 -27.11 21.80 -41.21
C ASN E 323 -26.07 20.86 -41.83
N VAL E 324 -26.39 20.28 -42.99
CA VAL E 324 -25.43 19.37 -43.62
C VAL E 324 -24.23 20.14 -44.16
N VAL E 325 -24.43 21.40 -44.59
CA VAL E 325 -23.30 22.23 -44.97
C VAL E 325 -22.37 22.44 -43.78
N PHE E 326 -22.95 22.73 -42.61
CA PHE E 326 -22.14 22.86 -41.40
C PHE E 326 -21.42 21.55 -41.08
N ALA E 327 -22.11 20.42 -41.26
CA ALA E 327 -21.52 19.13 -40.97
C ALA E 327 -20.31 18.86 -41.85
N LEU E 328 -20.43 19.15 -43.15
CA LEU E 328 -19.28 18.93 -44.04
C LEU E 328 -18.19 19.96 -43.81
N ALA E 329 -18.56 21.19 -43.45
CA ALA E 329 -17.55 22.22 -43.18
C ALA E 329 -16.72 21.88 -41.95
N ASN E 330 -17.37 21.37 -40.90
CA ASN E 330 -16.65 21.00 -39.69
C ASN E 330 -15.67 19.86 -39.95
N THR E 331 -15.89 19.10 -41.03
CA THR E 331 -15.00 18.01 -41.40
C THR E 331 -13.95 18.56 -42.36
N SER E 332 -12.88 19.11 -41.77
CA SER E 332 -11.74 19.65 -42.51
C SER E 332 -12.10 20.86 -43.36
N ALA E 333 -11.09 21.64 -43.75
CA ALA E 333 -11.28 22.79 -44.60
C ALA E 333 -10.71 22.60 -45.99
N ASN E 334 -9.98 21.51 -46.23
CA ASN E 334 -9.43 21.23 -47.55
C ASN E 334 -10.51 20.91 -48.57
N TYR E 335 -11.75 20.70 -48.14
CA TYR E 335 -12.85 20.38 -49.03
C TYR E 335 -13.64 21.61 -49.44
N ARG E 336 -13.01 22.77 -49.58
CA ARG E 336 -13.73 23.95 -50.06
C ARG E 336 -14.28 23.76 -51.47
N PRO E 337 -13.50 23.30 -52.47
CA PRO E 337 -14.12 23.05 -53.78
C PRO E 337 -15.19 21.96 -53.74
N LEU E 338 -15.03 20.96 -52.87
CA LEU E 338 -16.04 19.91 -52.78
C LEU E 338 -17.34 20.47 -52.19
N ALA E 339 -17.22 21.36 -51.21
CA ALA E 339 -18.41 22.03 -50.70
C ALA E 339 -19.03 22.94 -51.76
N GLU E 340 -18.18 23.58 -52.56
CA GLU E 340 -18.69 24.42 -53.65
C GLU E 340 -19.48 23.57 -54.65
N TRP E 341 -18.99 22.38 -54.98
CA TRP E 341 -19.75 21.47 -55.83
C TRP E 341 -21.00 20.95 -55.14
N PHE E 342 -20.93 20.74 -53.82
CA PHE E 342 -22.14 20.46 -53.04
C PHE E 342 -23.16 21.59 -53.18
N SER E 343 -22.68 22.81 -53.42
CA SER E 343 -23.60 23.89 -53.73
C SER E 343 -24.16 23.75 -55.15
N GLN E 344 -23.45 23.03 -56.02
CA GLN E 344 -23.92 22.77 -57.37
C GLN E 344 -24.64 21.44 -57.53
N LYS E 345 -24.86 20.68 -56.45
CA LYS E 345 -25.79 19.57 -56.53
C LYS E 345 -27.20 20.16 -56.49
N CYS E 346 -27.98 19.91 -57.54
CA CYS E 346 -29.23 20.63 -57.76
C CYS E 346 -28.93 22.13 -57.70
N PRO E 347 -28.30 22.69 -58.75
CA PRO E 347 -27.73 24.04 -58.65
C PRO E 347 -28.74 25.16 -58.42
N GLU E 348 -30.02 24.82 -58.26
CA GLU E 348 -31.06 25.84 -58.17
C GLU E 348 -30.81 26.78 -56.98
N LYS E 349 -30.42 26.21 -55.83
CA LYS E 349 -30.13 27.05 -54.67
C LYS E 349 -28.91 27.94 -54.90
N TRP E 350 -27.87 27.42 -55.53
CA TRP E 350 -26.74 28.25 -55.92
C TRP E 350 -27.10 29.23 -57.03
N ASN E 351 -28.19 28.98 -57.76
CA ASN E 351 -28.68 29.93 -58.75
C ASN E 351 -29.83 30.78 -58.23
N THR E 352 -30.55 30.31 -57.21
CA THR E 352 -31.63 31.07 -56.57
C THR E 352 -31.42 30.96 -55.06
N GLY E 353 -30.68 31.91 -54.49
CA GLY E 353 -30.44 31.91 -53.07
C GLY E 353 -29.25 32.79 -52.73
N GLY E 354 -28.81 32.69 -51.47
CA GLY E 354 -27.69 33.47 -50.98
C GLY E 354 -26.34 32.85 -51.30
N LYS E 355 -25.92 32.97 -52.56
CA LYS E 355 -24.66 32.39 -53.03
C LYS E 355 -23.48 32.89 -52.19
N GLU E 356 -23.25 34.20 -52.21
CA GLU E 356 -22.20 34.78 -51.39
C GLU E 356 -22.46 34.54 -49.91
N LYS E 357 -23.73 34.59 -49.50
CA LYS E 357 -24.08 34.28 -48.12
C LYS E 357 -23.72 32.84 -47.78
N LEU E 358 -23.98 31.90 -48.71
CA LEU E 358 -23.66 30.50 -48.46
C LEU E 358 -22.15 30.27 -48.36
N GLU E 359 -21.38 30.86 -49.27
CA GLU E 359 -19.93 30.69 -49.19
C GLU E 359 -19.35 31.35 -47.95
N LYS E 360 -19.92 32.49 -47.53
CA LYS E 360 -19.49 33.11 -46.28
C LYS E 360 -19.86 32.23 -45.09
N LEU E 361 -21.01 31.56 -45.15
CA LEU E 361 -21.38 30.62 -44.10
C LEU E 361 -20.36 29.49 -44.00
N TRP E 362 -19.98 28.93 -45.14
CA TRP E 362 -18.98 27.86 -45.12
C TRP E 362 -17.64 28.37 -44.59
N ASN E 363 -17.26 29.59 -44.99
CA ASN E 363 -15.99 30.16 -44.53
C ASN E 363 -16.00 30.33 -43.01
N ASP E 364 -17.05 30.95 -42.47
CA ASP E 364 -17.10 31.18 -41.03
C ASP E 364 -17.18 29.87 -40.26
N ALA E 365 -17.91 28.88 -40.80
CA ALA E 365 -17.91 27.56 -40.19
C ALA E 365 -16.51 26.96 -40.18
N SER E 366 -15.74 27.20 -41.24
CA SER E 366 -14.36 26.72 -41.29
C SER E 366 -13.50 27.40 -40.23
N HIS E 367 -13.67 28.71 -40.03
CA HIS E 367 -12.85 29.44 -39.08
C HIS E 367 -13.60 29.79 -37.79
N HIS E 368 -14.48 28.89 -37.34
CA HIS E 368 -15.13 29.01 -36.05
C HIS E 368 -15.14 27.66 -35.34
N THR E 369 -15.21 27.70 -34.02
CA THR E 369 -15.36 26.51 -33.19
C THR E 369 -16.80 26.42 -32.71
N GLU E 370 -17.44 25.28 -32.99
CA GLU E 370 -18.85 25.09 -32.67
C GLU E 370 -19.00 23.68 -32.10
N LYS E 371 -20.25 23.20 -32.05
CA LYS E 371 -20.51 21.83 -31.61
C LYS E 371 -19.87 20.80 -32.52
N LYS E 372 -19.48 21.20 -33.73
CA LYS E 372 -18.71 20.36 -34.65
C LYS E 372 -19.47 19.08 -35.01
N ILE E 373 -20.61 19.26 -35.66
CA ILE E 373 -21.29 18.12 -36.26
C ILE E 373 -20.44 17.61 -37.41
N THR E 374 -20.17 16.30 -37.41
CA THR E 374 -19.22 15.69 -38.31
C THR E 374 -19.91 14.66 -39.20
N LYS E 375 -19.11 13.89 -39.93
CA LYS E 375 -19.62 12.76 -40.69
C LYS E 375 -20.11 11.69 -39.73
N ARG E 376 -20.57 10.58 -40.30
CA ARG E 376 -21.34 9.46 -39.71
C ARG E 376 -22.78 9.89 -39.48
N SER E 377 -23.13 11.13 -39.83
CA SER E 377 -24.49 11.62 -39.74
C SER E 377 -25.17 11.66 -41.11
N ILE E 378 -24.50 12.22 -42.12
CA ILE E 378 -25.03 12.17 -43.48
C ILE E 378 -25.26 10.72 -43.88
N MET E 379 -24.40 9.81 -43.40
CA MET E 379 -24.67 8.39 -43.54
C MET E 379 -25.98 8.02 -42.87
N TYR E 380 -26.28 8.61 -41.71
CA TYR E 380 -27.53 8.31 -41.03
C TYR E 380 -28.73 8.72 -41.86
N TRP E 381 -28.72 9.96 -42.40
CA TRP E 381 -29.85 10.33 -43.25
C TRP E 381 -29.91 9.50 -44.51
N ALA E 382 -28.77 9.16 -45.11
CA ALA E 382 -28.78 8.36 -46.33
C ALA E 382 -29.42 7.01 -46.08
N HIS E 383 -29.08 6.36 -44.96
CA HIS E 383 -29.73 5.11 -44.62
C HIS E 383 -31.20 5.32 -44.29
N LYS E 384 -31.54 6.42 -43.61
CA LYS E 384 -32.91 6.65 -43.17
C LYS E 384 -33.86 6.81 -44.35
N HIS E 385 -33.50 7.68 -45.29
CA HIS E 385 -34.38 7.95 -46.43
C HIS E 385 -34.15 7.01 -47.60
N ALA E 386 -32.94 6.46 -47.74
CA ALA E 386 -32.59 5.66 -48.92
C ALA E 386 -31.96 4.35 -48.49
N PRO E 387 -32.76 3.31 -48.26
CA PRO E 387 -32.18 1.98 -48.05
C PRO E 387 -31.63 1.41 -49.34
N GLN E 388 -31.22 0.13 -49.31
CA GLN E 388 -30.75 -0.56 -50.51
C GLN E 388 -29.47 0.06 -51.07
N GLN E 389 -29.62 0.97 -52.03
CA GLN E 389 -28.52 1.48 -52.87
C GLN E 389 -27.22 1.72 -52.12
N TYR E 390 -27.29 2.34 -50.93
CA TYR E 390 -26.06 2.62 -50.18
C TYR E 390 -25.38 1.34 -49.73
N LYS E 391 -26.16 0.29 -49.43
CA LYS E 391 -25.57 -0.94 -48.92
C LYS E 391 -24.61 -1.56 -49.91
N GLU E 392 -25.05 -1.75 -51.16
CA GLU E 392 -24.15 -2.31 -52.16
C GLU E 392 -23.03 -1.34 -52.51
N ILE E 393 -23.26 -0.04 -52.37
CA ILE E 393 -22.19 0.92 -52.64
C ILE E 393 -21.04 0.74 -51.66
N VAL E 394 -21.35 0.71 -50.36
CA VAL E 394 -20.29 0.52 -49.37
C VAL E 394 -19.72 -0.89 -49.46
N GLU E 395 -20.56 -1.87 -49.82
CA GLU E 395 -20.07 -3.22 -50.02
C GLU E 395 -19.01 -3.26 -51.10
N GLN E 396 -19.31 -2.67 -52.25
CA GLN E 396 -18.35 -2.61 -53.34
C GLN E 396 -17.12 -1.82 -52.94
N GLY E 397 -17.29 -0.75 -52.17
CA GLY E 397 -16.16 0.01 -51.69
C GLY E 397 -15.16 -0.79 -50.90
N TYR E 398 -15.60 -1.37 -49.78
CA TYR E 398 -14.63 -2.10 -48.97
C TYR E 398 -14.21 -3.41 -49.62
N PHE E 399 -15.07 -4.00 -50.46
CA PHE E 399 -14.65 -5.16 -51.24
C PHE E 399 -13.50 -4.81 -52.17
N SER E 400 -13.60 -3.65 -52.83
CA SER E 400 -12.53 -3.20 -53.70
C SER E 400 -11.27 -2.92 -52.90
N ILE E 401 -11.41 -2.36 -51.70
CA ILE E 401 -10.24 -2.11 -50.86
C ILE E 401 -9.53 -3.42 -50.55
N LEU E 402 -10.29 -4.42 -50.11
CA LEU E 402 -9.69 -5.71 -49.76
C LEU E 402 -9.08 -6.39 -50.99
N ALA E 403 -9.78 -6.32 -52.13
CA ALA E 403 -9.24 -6.91 -53.35
C ALA E 403 -7.95 -6.23 -53.76
N GLU E 404 -7.88 -4.90 -53.59
CA GLU E 404 -6.65 -4.18 -53.90
C GLU E 404 -5.50 -4.65 -53.02
N TYR E 405 -5.76 -4.83 -51.73
CA TYR E 405 -4.70 -5.37 -50.87
C TYR E 405 -4.29 -6.77 -51.28
N VAL E 406 -5.26 -7.62 -51.62
CA VAL E 406 -4.95 -9.00 -52.01
C VAL E 406 -4.08 -9.00 -53.26
N TYR E 407 -4.45 -8.21 -54.25
CA TYR E 407 -3.69 -8.16 -55.50
C TYR E 407 -2.34 -7.48 -55.28
N SER E 408 -2.23 -6.62 -54.28
CA SER E 408 -0.95 -5.99 -54.02
C SER E 408 0.02 -6.92 -53.30
N TYR E 409 -0.48 -7.83 -52.47
CA TYR E 409 0.39 -8.67 -51.64
C TYR E 409 0.12 -10.16 -51.83
N ASN E 410 -0.28 -10.55 -53.03
CA ASN E 410 -0.39 -11.96 -53.42
C ASN E 410 -1.30 -12.74 -52.47
N GLY E 411 -2.34 -12.07 -51.97
CA GLY E 411 -3.26 -12.74 -51.06
C GLY E 411 -2.63 -13.18 -49.76
N MET E 412 -1.71 -12.38 -49.22
CA MET E 412 -1.10 -12.65 -47.93
C MET E 412 -1.58 -11.56 -46.97
N LEU E 413 -2.73 -11.81 -46.34
CA LEU E 413 -3.33 -10.80 -45.48
C LEU E 413 -2.52 -10.61 -44.21
N GLU E 414 -2.69 -9.44 -43.60
CA GLU E 414 -1.99 -9.12 -42.37
C GLU E 414 -2.84 -8.15 -41.56
N HIS E 415 -2.53 -8.05 -40.27
CA HIS E 415 -3.41 -7.38 -39.32
C HIS E 415 -3.79 -5.98 -39.76
N TYR E 416 -2.86 -5.25 -40.38
CA TYR E 416 -3.17 -3.89 -40.79
C TYR E 416 -4.25 -3.86 -41.86
N MET E 417 -4.19 -4.79 -42.82
CA MET E 417 -5.19 -4.80 -43.89
C MET E 417 -6.59 -5.03 -43.33
N ILE E 418 -6.73 -6.05 -42.48
CA ILE E 418 -8.03 -6.34 -41.89
C ILE E 418 -8.48 -5.19 -40.99
N ALA E 419 -7.55 -4.57 -40.28
CA ALA E 419 -7.92 -3.45 -39.42
C ALA E 419 -8.47 -2.30 -40.24
N LYS E 420 -7.80 -1.94 -41.34
CA LYS E 420 -8.29 -0.85 -42.16
C LYS E 420 -9.61 -1.18 -42.83
N VAL E 421 -9.77 -2.42 -43.29
CA VAL E 421 -11.04 -2.80 -43.90
C VAL E 421 -12.16 -2.72 -42.88
N ILE E 422 -11.90 -3.18 -41.65
CA ILE E 422 -12.90 -3.12 -40.61
C ILE E 422 -13.27 -1.67 -40.31
N TYR E 423 -12.28 -0.79 -40.27
CA TYR E 423 -12.57 0.63 -40.05
C TYR E 423 -13.35 1.22 -41.22
N ALA E 424 -13.16 0.67 -42.43
CA ALA E 424 -13.91 1.18 -43.58
C ALA E 424 -15.40 0.97 -43.40
N MET E 425 -15.80 -0.24 -43.01
CA MET E 425 -17.16 -0.48 -42.54
C MET E 425 -17.24 -0.04 -41.08
N MET E 426 -18.37 -0.30 -40.43
CA MET E 426 -18.60 0.16 -39.07
C MET E 426 -18.17 1.60 -38.90
N GLY E 427 -17.17 1.85 -38.05
CA GLY E 427 -16.64 3.19 -37.90
C GLY E 427 -17.56 4.08 -37.10
N ASN E 428 -18.86 3.99 -37.38
CA ASN E 428 -19.85 4.78 -36.66
C ASN E 428 -19.77 4.49 -35.16
N LYS E 429 -19.70 3.22 -34.79
CA LYS E 429 -19.55 2.83 -33.40
C LYS E 429 -18.07 2.77 -33.06
N PHE E 430 -17.76 2.28 -31.87
CA PHE E 430 -16.39 1.93 -31.48
C PHE E 430 -15.45 3.14 -31.53
N VAL E 431 -15.73 4.11 -30.68
CA VAL E 431 -14.82 5.23 -30.50
C VAL E 431 -13.80 4.86 -29.43
N VAL E 432 -12.53 5.11 -29.72
CA VAL E 432 -11.44 4.73 -28.83
C VAL E 432 -10.72 5.98 -28.36
N ASP E 433 -10.40 6.01 -27.07
CA ASP E 433 -9.67 7.12 -26.48
C ASP E 433 -8.80 6.59 -25.36
N VAL E 434 -7.82 7.40 -24.96
CA VAL E 434 -6.86 7.04 -23.92
C VAL E 434 -7.27 7.73 -22.64
N ASP E 435 -7.42 6.95 -21.57
CA ASP E 435 -7.85 7.50 -20.29
C ASP E 435 -6.73 8.33 -19.67
N SER E 436 -7.05 8.96 -18.53
CA SER E 436 -6.04 9.69 -17.78
C SER E 436 -5.00 8.77 -17.17
N ASN E 437 -5.32 7.48 -17.01
CA ASN E 437 -4.40 6.52 -16.41
C ASN E 437 -3.48 5.86 -17.44
N GLY E 438 -3.65 6.17 -18.72
CA GLY E 438 -2.80 5.59 -19.74
C GLY E 438 -3.25 4.25 -20.28
N LYS E 439 -4.52 3.89 -20.11
CA LYS E 439 -5.05 2.62 -20.58
C LYS E 439 -6.05 2.88 -21.71
N TYR E 440 -5.88 2.15 -22.81
CA TYR E 440 -6.80 2.29 -23.93
C TYR E 440 -8.18 1.78 -23.54
N VAL E 441 -9.21 2.53 -23.92
CA VAL E 441 -10.58 2.25 -23.55
C VAL E 441 -11.44 2.24 -24.80
N TRP E 442 -12.39 1.31 -24.85
CA TRP E 442 -13.31 1.19 -25.97
C TRP E 442 -14.71 1.61 -25.54
N PHE E 443 -15.43 2.29 -26.43
CA PHE E 443 -16.81 2.68 -26.19
C PHE E 443 -17.67 2.26 -27.37
N GLU E 444 -18.87 1.78 -27.07
CA GLU E 444 -19.79 1.28 -28.08
C GLU E 444 -21.05 2.13 -28.11
N PHE E 445 -21.58 2.35 -29.31
CA PHE E 445 -22.83 3.09 -29.48
C PHE E 445 -23.97 2.08 -29.46
N VAL E 446 -24.78 2.12 -28.40
CA VAL E 446 -25.85 1.15 -28.24
C VAL E 446 -26.97 1.46 -29.23
N LEU E 447 -27.52 0.40 -29.83
CA LEU E 447 -28.60 0.52 -30.80
C LEU E 447 -29.72 -0.43 -30.44
N PRO E 448 -30.95 -0.12 -30.83
CA PRO E 448 -32.06 -1.07 -30.61
C PRO E 448 -31.84 -2.35 -31.40
N GLY E 449 -32.35 -3.44 -30.84
CA GLY E 449 -32.21 -4.74 -31.46
C GLY E 449 -31.04 -5.57 -30.97
N GLN E 450 -30.41 -5.20 -29.87
CA GLN E 450 -29.30 -5.94 -29.28
C GLN E 450 -29.61 -6.17 -27.82
N PRO E 451 -28.98 -7.17 -27.21
CA PRO E 451 -29.13 -7.33 -25.76
C PRO E 451 -28.32 -6.28 -25.01
N MET E 452 -28.99 -5.27 -24.47
CA MET E 452 -28.32 -4.23 -23.71
C MET E 452 -28.84 -4.23 -22.28
N ASN E 453 -28.16 -3.47 -21.44
CA ASN E 453 -28.62 -3.25 -20.08
C ASN E 453 -29.82 -2.32 -20.07
N GLN E 454 -30.48 -2.22 -18.92
CA GLN E 454 -31.66 -1.39 -18.81
C GLN E 454 -31.30 0.08 -18.91
N GLY E 455 -32.00 0.81 -19.77
CA GLY E 455 -31.80 2.25 -19.90
C GLY E 455 -30.50 2.66 -20.53
N GLU E 456 -29.87 1.79 -21.31
CA GLU E 456 -28.57 2.06 -21.91
C GLU E 456 -28.67 2.40 -23.38
N ILE E 457 -29.87 2.63 -23.90
CA ILE E 457 -30.06 2.77 -25.34
C ILE E 457 -29.69 4.18 -25.79
N TRP E 458 -29.27 4.27 -27.05
CA TRP E 458 -29.04 5.55 -27.73
C TRP E 458 -28.00 6.40 -27.00
N LYS E 459 -27.00 5.74 -26.42
CA LYS E 459 -25.90 6.47 -25.80
C LYS E 459 -24.70 5.54 -25.68
N TRP E 460 -23.52 6.15 -25.55
CA TRP E 460 -22.28 5.39 -25.48
C TRP E 460 -22.20 4.61 -24.18
N ARG E 461 -21.52 3.46 -24.23
CA ARG E 461 -21.27 2.64 -23.07
C ARG E 461 -19.81 2.24 -23.03
N LYS E 462 -19.31 1.97 -21.83
CA LYS E 462 -17.92 1.58 -21.64
C LYS E 462 -17.78 0.07 -21.82
N GLU E 463 -16.74 -0.33 -22.55
CA GLU E 463 -16.49 -1.74 -22.84
C GLU E 463 -15.07 -2.08 -22.44
N VAL E 464 -14.92 -3.13 -21.62
CA VAL E 464 -13.59 -3.59 -21.24
C VAL E 464 -12.84 -4.12 -22.46
N ASN E 465 -13.51 -4.90 -23.29
CA ASN E 465 -12.94 -5.41 -24.52
C ASN E 465 -14.04 -5.51 -25.55
N PRO E 466 -13.79 -5.12 -26.80
CA PRO E 466 -14.84 -5.15 -27.81
C PRO E 466 -15.21 -6.57 -28.23
N ASP E 467 -15.92 -7.27 -27.35
CA ASP E 467 -16.22 -8.68 -27.59
C ASP E 467 -17.09 -8.87 -28.81
N GLU E 468 -18.17 -8.09 -28.90
CA GLU E 468 -19.04 -8.24 -30.06
C GLU E 468 -18.37 -7.72 -31.33
N LEU E 469 -17.37 -6.85 -31.20
CA LEU E 469 -16.51 -6.58 -32.35
C LEU E 469 -15.72 -7.82 -32.76
N HIS E 470 -15.26 -8.60 -31.78
CA HIS E 470 -14.57 -9.85 -32.10
C HIS E 470 -15.49 -10.78 -32.88
N ILE E 471 -16.71 -10.99 -32.39
CA ILE E 471 -17.59 -11.91 -33.11
C ILE E 471 -18.00 -11.33 -34.46
N TYR E 472 -18.10 -10.00 -34.56
CA TYR E 472 -18.40 -9.38 -35.85
C TYR E 472 -17.29 -9.65 -36.86
N ILE E 473 -16.04 -9.45 -36.44
CA ILE E 473 -14.93 -9.70 -37.34
C ILE E 473 -14.81 -11.18 -37.66
N SER E 474 -15.29 -12.05 -36.78
CA SER E 474 -15.28 -13.47 -37.10
C SER E 474 -16.36 -13.83 -38.12
N GLU E 475 -17.54 -13.23 -38.01
CA GLU E 475 -18.69 -13.64 -38.80
C GLU E 475 -18.85 -12.84 -40.10
N ASN E 476 -19.05 -11.53 -39.98
CA ASN E 476 -19.42 -10.75 -41.16
C ASN E 476 -18.27 -10.63 -42.16
N PHE E 477 -17.03 -10.58 -41.66
CA PHE E 477 -15.88 -10.50 -42.55
C PHE E 477 -15.76 -11.75 -43.43
N SER E 478 -16.29 -12.87 -42.96
CA SER E 478 -16.30 -14.09 -43.76
C SER E 478 -17.09 -13.91 -45.05
N ARG E 479 -18.11 -13.06 -45.05
CA ARG E 479 -18.84 -12.80 -46.29
C ARG E 479 -17.94 -12.15 -47.34
N VAL E 480 -17.12 -11.19 -46.91
CA VAL E 480 -16.19 -10.56 -47.84
C VAL E 480 -15.16 -11.57 -48.31
N MET E 481 -14.69 -12.43 -47.40
CA MET E 481 -13.77 -13.48 -47.79
C MET E 481 -14.36 -14.36 -48.88
N ASP E 482 -15.62 -14.78 -48.69
CA ASP E 482 -16.27 -15.65 -49.66
C ASP E 482 -16.48 -14.93 -50.99
N ARG E 483 -16.83 -13.64 -50.94
CA ARG E 483 -16.99 -12.89 -52.18
C ARG E 483 -15.69 -12.81 -52.95
N ILE E 484 -14.58 -12.56 -52.25
CA ILE E 484 -13.27 -12.51 -52.91
C ILE E 484 -12.95 -13.86 -53.52
N THR E 485 -13.20 -14.95 -52.78
CA THR E 485 -12.92 -16.28 -53.32
C THR E 485 -13.73 -16.55 -54.57
N GLU E 486 -15.02 -16.17 -54.56
CA GLU E 486 -15.85 -16.37 -55.73
C GLU E 486 -15.34 -15.56 -56.91
N HIS E 487 -14.91 -14.32 -56.66
CA HIS E 487 -14.38 -13.50 -57.74
C HIS E 487 -13.11 -14.13 -58.32
N ILE E 488 -12.24 -14.65 -57.46
CA ILE E 488 -11.00 -15.28 -57.92
C ILE E 488 -11.31 -16.49 -58.77
N LYS E 489 -12.22 -17.35 -58.32
CA LYS E 489 -12.53 -18.55 -59.09
C LYS E 489 -13.25 -18.21 -60.39
N TYR E 490 -14.06 -17.15 -60.39
CA TYR E 490 -14.69 -16.71 -61.63
C TYR E 490 -13.65 -16.24 -62.63
N HIS E 491 -12.66 -15.47 -62.18
CA HIS E 491 -11.58 -15.08 -63.07
C HIS E 491 -10.77 -16.28 -63.52
N LEU E 492 -10.66 -17.30 -62.66
CA LEU E 492 -9.99 -18.53 -63.07
C LEU E 492 -10.77 -19.26 -64.16
N SER E 493 -12.09 -19.15 -64.14
CA SER E 493 -12.90 -19.83 -65.15
C SER E 493 -12.59 -19.32 -66.55
N GLN E 494 -12.41 -18.01 -66.70
CA GLN E 494 -12.13 -17.44 -68.01
C GLN E 494 -10.79 -17.93 -68.54
N PRO E 495 -10.69 -18.26 -69.82
CA PRO E 495 -9.44 -18.79 -70.37
C PRO E 495 -8.49 -17.67 -70.79
N HIS E 496 -7.21 -17.87 -70.54
CA HIS E 496 -6.18 -16.90 -70.88
C HIS E 496 -4.89 -17.63 -71.20
N GLU E 497 -3.78 -16.89 -71.22
CA GLU E 497 -2.47 -17.41 -71.56
C GLU E 497 -1.85 -18.12 -70.34
N SER E 498 -0.54 -18.34 -70.38
CA SER E 498 0.17 -19.11 -69.37
C SER E 498 0.09 -18.51 -67.97
N ASN E 499 -0.55 -17.33 -67.84
CA ASN E 499 -0.71 -16.75 -66.52
C ASN E 499 -1.61 -17.61 -65.63
N ILE E 500 -2.68 -18.18 -66.20
CA ILE E 500 -3.65 -18.92 -65.40
C ILE E 500 -3.19 -20.33 -65.05
N LEU E 501 -2.18 -20.85 -65.73
CA LEU E 501 -1.72 -22.21 -65.44
C LEU E 501 -1.10 -22.29 -64.05
N ASN E 502 -0.41 -21.25 -63.63
CA ASN E 502 0.26 -21.31 -62.35
C ASN E 502 -0.06 -20.12 -61.45
N TYR E 503 -0.33 -18.95 -62.02
CA TYR E 503 -0.34 -17.73 -61.22
C TYR E 503 -1.60 -17.65 -60.37
N TYR E 504 -2.77 -17.86 -60.97
CA TYR E 504 -3.99 -17.95 -60.18
C TYR E 504 -3.98 -19.15 -59.25
N LYS E 505 -3.31 -20.24 -59.63
CA LYS E 505 -3.18 -21.35 -58.70
C LYS E 505 -2.43 -20.93 -57.45
N LYS E 506 -1.32 -20.21 -57.62
CA LYS E 506 -0.58 -19.68 -56.48
C LYS E 506 -1.44 -18.72 -55.67
N LEU E 507 -2.18 -17.84 -56.34
CA LEU E 507 -3.02 -16.89 -55.64
C LEU E 507 -4.08 -17.59 -54.80
N LEU E 508 -4.75 -18.59 -55.38
CA LEU E 508 -5.81 -19.29 -54.65
C LEU E 508 -5.24 -20.11 -53.50
N LYS E 509 -4.08 -20.73 -53.70
CA LYS E 509 -3.47 -21.47 -52.60
C LYS E 509 -3.11 -20.54 -51.44
N ALA E 510 -2.49 -19.40 -51.76
CA ALA E 510 -2.13 -18.45 -50.71
C ALA E 510 -3.36 -17.91 -50.00
N PHE E 511 -4.41 -17.60 -50.77
CA PHE E 511 -5.64 -17.08 -50.17
C PHE E 511 -6.29 -18.12 -49.28
N GLU E 512 -6.32 -19.38 -49.72
CA GLU E 512 -6.90 -20.44 -48.89
C GLU E 512 -6.12 -20.61 -47.61
N ARG E 513 -4.79 -20.58 -47.69
CA ARG E 513 -3.98 -20.71 -46.48
C ARG E 513 -4.21 -19.53 -45.54
N SER E 514 -4.38 -18.33 -46.10
CA SER E 514 -4.64 -17.15 -45.27
C SER E 514 -6.06 -17.08 -44.75
N LYS E 515 -6.98 -17.86 -45.32
CA LYS E 515 -8.38 -17.79 -44.89
C LYS E 515 -8.54 -18.14 -43.41
N SER E 516 -7.85 -19.17 -42.96
CA SER E 516 -8.02 -19.62 -41.57
C SER E 516 -7.43 -18.65 -40.57
N LYS E 517 -6.63 -17.67 -41.01
CA LYS E 517 -6.00 -16.76 -40.06
C LYS E 517 -7.00 -15.96 -39.26
N ILE E 518 -8.14 -15.60 -39.87
CA ILE E 518 -9.12 -14.76 -39.19
C ILE E 518 -9.73 -15.48 -37.99
N PHE E 519 -9.67 -16.81 -37.96
CA PHE E 519 -10.20 -17.57 -36.84
C PHE E 519 -9.16 -17.80 -35.75
N ASN E 520 -7.93 -17.35 -35.95
CA ASN E 520 -6.89 -17.55 -34.96
C ASN E 520 -6.98 -16.51 -33.86
N ASP E 521 -6.72 -16.95 -32.62
CA ASP E 521 -6.83 -16.07 -31.48
C ASP E 521 -5.75 -14.99 -31.50
N SER E 522 -4.50 -15.40 -31.70
CA SER E 522 -3.41 -14.43 -31.75
C SER E 522 -3.60 -13.46 -32.90
N PHE E 523 -4.03 -13.95 -34.05
CA PHE E 523 -4.25 -13.08 -35.20
C PHE E 523 -5.31 -12.04 -34.91
N LYS E 524 -6.41 -12.44 -34.29
CA LYS E 524 -7.49 -11.48 -33.99
C LYS E 524 -7.05 -10.49 -32.93
N LYS E 525 -6.31 -10.95 -31.92
CA LYS E 525 -5.80 -10.03 -30.92
C LYS E 525 -4.88 -9.00 -31.55
N GLY E 526 -4.02 -9.44 -32.47
CA GLY E 526 -3.18 -8.49 -33.18
C GLY E 526 -3.99 -7.54 -34.05
N VAL E 527 -5.06 -8.04 -34.66
CA VAL E 527 -5.91 -7.16 -35.47
C VAL E 527 -6.49 -6.06 -34.61
N ILE E 528 -6.96 -6.40 -33.40
CA ILE E 528 -7.50 -5.38 -32.51
C ILE E 528 -6.41 -4.41 -32.08
N ARG E 529 -5.24 -4.94 -31.71
CA ARG E 529 -4.14 -4.10 -31.25
C ARG E 529 -3.57 -3.26 -32.36
N GLN E 530 -3.94 -3.54 -33.60
CA GLN E 530 -3.61 -2.64 -34.69
C GLN E 530 -4.74 -1.66 -34.97
N ALA E 531 -5.99 -2.11 -34.83
CA ALA E 531 -7.12 -1.30 -35.26
C ALA E 531 -7.42 -0.17 -34.29
N GLU E 532 -7.14 -0.37 -33.00
CA GLU E 532 -7.49 0.69 -32.05
C GLU E 532 -6.76 1.99 -32.35
N PHE E 533 -5.67 1.94 -33.13
CA PHE E 533 -5.04 3.17 -33.61
C PHE E 533 -5.96 3.91 -34.56
N LEU E 534 -6.63 3.19 -35.46
CA LEU E 534 -7.47 3.85 -36.45
C LEU E 534 -8.72 4.45 -35.82
N PHE E 535 -9.39 3.71 -34.95
CA PHE E 535 -10.60 4.19 -34.29
C PHE E 535 -10.32 5.20 -33.20
N ARG E 536 -9.06 5.62 -33.04
CA ARG E 536 -8.73 6.62 -32.02
C ARG E 536 -9.39 7.94 -32.36
N GLN E 537 -9.94 8.59 -31.34
CA GLN E 537 -10.52 9.92 -31.47
C GLN E 537 -9.93 10.82 -30.40
N ARG E 538 -9.16 11.82 -30.82
CA ARG E 538 -8.54 12.73 -29.87
C ARG E 538 -9.59 13.60 -29.20
N SER E 539 -9.33 13.93 -27.93
CA SER E 539 -10.17 14.84 -27.17
C SER E 539 -11.61 14.34 -27.10
N PHE E 540 -11.79 13.18 -26.50
CA PHE E 540 -13.11 12.58 -26.37
C PHE E 540 -13.51 12.30 -24.93
N ILE E 541 -12.60 11.81 -24.11
CA ILE E 541 -12.96 11.44 -22.74
C ILE E 541 -13.24 12.68 -21.91
N GLN E 542 -12.38 13.69 -22.01
CA GLN E 542 -12.55 14.88 -21.18
C GLN E 542 -13.78 15.67 -21.57
N THR E 543 -14.22 15.58 -22.83
CA THR E 543 -15.43 16.25 -23.28
C THR E 543 -16.66 15.36 -23.17
N LEU E 544 -16.63 14.36 -22.30
CA LEU E 544 -17.75 13.46 -22.11
C LEU E 544 -18.61 13.94 -20.95
N ASP E 545 -19.92 14.02 -21.21
CA ASP E 545 -20.90 14.47 -20.22
C ASP E 545 -20.61 15.88 -19.72
N THR E 546 -19.95 16.70 -20.53
CA THR E 546 -19.68 18.07 -20.13
C THR E 546 -20.90 18.97 -20.30
N ASN E 547 -21.70 18.72 -21.33
CA ASN E 547 -22.84 19.58 -21.61
C ASN E 547 -23.89 19.44 -20.51
N PRO E 548 -24.25 20.51 -19.81
CA PRO E 548 -25.27 20.41 -18.77
C PRO E 548 -26.70 20.46 -19.29
N HIS E 549 -26.89 20.69 -20.59
CA HIS E 549 -28.22 20.71 -21.18
C HIS E 549 -28.66 19.36 -21.73
N LEU E 550 -27.87 18.32 -21.52
CA LEU E 550 -28.18 16.98 -22.02
C LEU E 550 -28.28 16.01 -20.85
N LEU E 551 -29.39 15.26 -20.81
CA LEU E 551 -29.64 14.30 -19.74
C LEU E 551 -29.84 12.92 -20.34
N GLY E 552 -29.17 11.93 -19.76
CA GLY E 552 -29.34 10.55 -20.17
C GLY E 552 -30.54 9.95 -19.46
N VAL E 553 -31.42 9.33 -20.24
CA VAL E 553 -32.63 8.72 -19.71
C VAL E 553 -32.80 7.34 -20.32
N GLY E 554 -33.77 6.60 -19.77
CA GLY E 554 -33.97 5.23 -20.21
C GLY E 554 -34.40 5.10 -21.65
N ASN E 555 -35.23 6.03 -22.13
CA ASN E 555 -35.75 5.97 -23.49
C ASN E 555 -34.97 6.86 -24.46
N GLY E 556 -33.68 7.07 -24.20
CA GLY E 556 -32.87 7.89 -25.07
C GLY E 556 -32.06 8.93 -24.33
N VAL E 557 -32.05 10.16 -24.83
CA VAL E 557 -31.33 11.26 -24.20
C VAL E 557 -32.25 12.46 -24.14
N LEU E 558 -32.22 13.18 -23.01
CA LEU E 558 -33.08 14.33 -22.79
C LEU E 558 -32.30 15.61 -23.00
N SER E 559 -32.86 16.52 -23.77
CA SER E 559 -32.27 17.83 -24.02
C SER E 559 -33.20 18.91 -23.50
N ILE E 560 -32.68 19.76 -22.62
CA ILE E 560 -33.42 20.89 -22.08
C ILE E 560 -32.86 22.21 -22.60
N GLU E 561 -32.21 22.17 -23.77
CA GLU E 561 -31.63 23.39 -24.32
C GLU E 561 -32.69 24.42 -24.66
N THR E 562 -33.80 23.97 -25.25
CA THR E 562 -34.86 24.86 -25.70
C THR E 562 -36.19 24.45 -25.09
N ILE E 563 -37.12 25.39 -25.06
CA ILE E 563 -38.47 25.16 -24.56
C ILE E 563 -39.39 24.85 -25.74
N PRO E 564 -40.16 23.76 -25.70
CA PRO E 564 -40.22 22.77 -24.62
C PRO E 564 -39.10 21.74 -24.72
N ALA E 565 -38.90 20.96 -23.66
CA ALA E 565 -37.86 19.95 -23.66
C ALA E 565 -38.15 18.88 -24.70
N LYS E 566 -37.11 18.49 -25.45
CA LYS E 566 -37.23 17.52 -26.51
C LYS E 566 -36.46 16.25 -26.14
N LEU E 567 -37.06 15.11 -26.42
CA LEU E 567 -36.44 13.81 -26.17
C LEU E 567 -35.96 13.23 -27.49
N ILE E 568 -34.69 12.82 -27.54
CA ILE E 568 -34.09 12.24 -28.73
C ILE E 568 -34.00 10.74 -28.54
N ASN E 569 -34.61 9.99 -29.45
CA ASN E 569 -34.59 8.54 -29.43
C ASN E 569 -34.11 7.98 -30.77
N HIS E 570 -33.35 8.77 -31.51
CA HIS E 570 -32.80 8.30 -32.78
C HIS E 570 -31.29 8.52 -32.81
N PHE E 571 -30.67 8.28 -33.95
CA PHE E 571 -29.23 8.44 -34.08
C PHE E 571 -28.83 9.90 -33.88
N HIS E 572 -27.70 10.11 -33.22
CA HIS E 572 -27.20 11.44 -32.95
C HIS E 572 -25.68 11.37 -32.80
N GLU E 573 -25.08 12.45 -32.29
CA GLU E 573 -23.64 12.49 -32.13
C GLU E 573 -23.19 13.10 -30.81
N HIS E 574 -24.11 13.47 -29.92
CA HIS E 574 -23.72 14.08 -28.66
C HIS E 574 -23.00 13.07 -27.79
N PRO E 575 -21.83 13.39 -27.25
CA PRO E 575 -21.08 12.46 -26.39
C PRO E 575 -21.61 12.42 -24.96
N ILE E 576 -22.66 11.63 -24.76
CA ILE E 576 -23.30 11.47 -23.46
C ILE E 576 -23.13 10.02 -23.01
N HIS E 577 -22.67 9.85 -21.79
CA HIS E 577 -22.46 8.50 -21.27
C HIS E 577 -23.20 8.23 -19.96
N GLN E 578 -23.19 9.18 -19.04
CA GLN E 578 -23.92 8.99 -17.79
C GLN E 578 -25.42 9.05 -18.04
N TYR E 579 -26.18 8.34 -17.21
CA TYR E 579 -27.60 8.20 -17.47
C TYR E 579 -28.32 7.83 -16.17
N THR E 580 -29.64 7.95 -16.22
CA THR E 580 -30.53 7.43 -15.20
C THR E 580 -31.63 6.63 -15.88
N HIS E 581 -32.11 5.59 -15.20
CA HIS E 581 -33.07 4.67 -15.80
C HIS E 581 -34.51 5.08 -15.56
N ILE E 582 -34.77 6.37 -15.39
CA ILE E 582 -36.13 6.88 -15.23
C ILE E 582 -36.57 7.48 -16.55
N CYS E 583 -37.56 6.83 -17.19
CA CYS E 583 -38.01 7.28 -18.50
C CYS E 583 -38.72 8.63 -18.40
N TYR E 584 -38.69 9.37 -19.50
CA TYR E 584 -39.30 10.69 -19.57
C TYR E 584 -40.54 10.62 -20.46
N VAL E 585 -41.60 11.29 -20.02
CA VAL E 585 -42.82 11.46 -20.81
C VAL E 585 -43.26 12.91 -20.71
N PRO E 586 -43.98 13.44 -21.68
CA PRO E 586 -44.49 14.81 -21.55
C PRO E 586 -45.41 14.94 -20.34
N PHE E 587 -45.35 16.10 -19.70
CA PHE E 587 -46.11 16.32 -18.48
C PHE E 587 -47.61 16.27 -18.76
N ASN E 588 -48.27 15.23 -18.26
CA ASN E 588 -49.72 15.05 -18.43
C ASN E 588 -50.40 15.11 -17.07
N PRO E 589 -51.08 16.21 -16.75
CA PRO E 589 -51.80 16.27 -15.47
C PRO E 589 -52.90 15.24 -15.35
N GLU E 590 -53.38 14.69 -16.46
CA GLU E 590 -54.47 13.73 -16.42
C GLU E 590 -54.05 12.35 -15.93
N ASN E 591 -52.75 12.10 -15.82
CA ASN E 591 -52.29 10.81 -15.30
C ASN E 591 -52.72 10.65 -13.85
N PRO E 592 -53.22 9.48 -13.45
CA PRO E 592 -53.65 9.32 -12.05
C PRO E 592 -52.54 9.53 -11.05
N TRP E 593 -51.34 9.03 -11.32
CA TRP E 593 -50.24 9.19 -10.38
C TRP E 593 -49.82 10.64 -10.29
N THR E 594 -49.85 11.36 -11.41
CA THR E 594 -49.53 12.78 -11.38
C THR E 594 -50.53 13.55 -10.51
N LYS E 595 -51.82 13.23 -10.64
CA LYS E 595 -52.82 13.90 -9.81
C LYS E 595 -52.63 13.57 -8.34
N LEU E 596 -52.33 12.30 -8.03
CA LEU E 596 -52.09 11.92 -6.65
C LEU E 596 -50.89 12.67 -6.07
N LEU E 597 -49.81 12.74 -6.85
CA LEU E 597 -48.62 13.45 -6.39
C LEU E 597 -48.92 14.93 -6.18
N LEU E 598 -49.65 15.54 -7.12
CA LEU E 598 -49.96 16.96 -6.98
C LEU E 598 -50.80 17.23 -5.74
N ASN E 599 -51.81 16.40 -5.50
CA ASN E 599 -52.66 16.59 -4.32
C ASN E 599 -51.86 16.43 -3.04
N ALA E 600 -51.06 15.36 -2.96
CA ALA E 600 -50.27 15.14 -1.75
C ALA E 600 -49.27 16.27 -1.53
N LEU E 601 -48.63 16.74 -2.60
CA LEU E 601 -47.65 17.81 -2.48
C LEU E 601 -48.30 19.11 -2.04
N GLN E 602 -49.48 19.42 -2.58
CA GLN E 602 -50.20 20.59 -2.11
C GLN E 602 -50.57 20.45 -0.64
N ASP E 603 -50.95 19.24 -0.21
CA ASP E 603 -51.24 19.01 1.19
C ASP E 603 -50.02 19.22 2.07
N ILE E 604 -48.83 18.86 1.58
CA ILE E 604 -47.62 18.95 2.39
C ILE E 604 -47.33 20.39 2.78
N ILE E 605 -47.33 21.29 1.80
CA ILE E 605 -47.03 22.69 2.01
C ILE E 605 -48.28 23.52 1.66
N PRO E 606 -48.97 24.04 2.67
CA PRO E 606 -50.24 24.74 2.39
C PRO E 606 -50.08 26.02 1.59
N GLU E 607 -49.06 26.82 1.90
CA GLU E 607 -48.93 28.13 1.27
C GLU E 607 -48.67 27.99 -0.22
N LEU E 608 -49.46 28.70 -1.02
CA LEU E 608 -49.29 28.63 -2.48
C LEU E 608 -47.96 29.22 -2.91
N ASP E 609 -47.65 30.42 -2.40
CA ASP E 609 -46.40 31.07 -2.77
C ASP E 609 -45.20 30.26 -2.31
N ALA E 610 -45.26 29.74 -1.07
CA ALA E 610 -44.15 28.93 -0.57
C ALA E 610 -44.00 27.66 -1.38
N ARG E 611 -45.12 27.02 -1.73
CA ARG E 611 -45.06 25.81 -2.56
C ARG E 611 -44.40 26.11 -3.89
N LEU E 612 -44.82 27.21 -4.53
CA LEU E 612 -44.24 27.59 -5.81
C LEU E 612 -42.75 27.86 -5.67
N TRP E 613 -42.35 28.59 -4.63
CA TRP E 613 -40.94 28.92 -4.46
C TRP E 613 -40.10 27.67 -4.21
N ILE E 614 -40.60 26.77 -3.37
CA ILE E 614 -39.86 25.54 -3.07
C ILE E 614 -39.70 24.72 -4.34
N MET E 615 -40.76 24.57 -5.11
CA MET E 615 -40.66 23.79 -6.33
C MET E 615 -39.75 24.47 -7.35
N PHE E 616 -39.76 25.80 -7.40
CA PHE E 616 -38.83 26.52 -8.26
C PHE E 616 -37.39 26.22 -7.88
N TYR E 617 -37.10 26.23 -6.57
CA TYR E 617 -35.76 25.91 -6.11
C TYR E 617 -35.39 24.48 -6.45
N LEU E 618 -36.33 23.54 -6.28
CA LEU E 618 -36.01 22.14 -6.49
C LEU E 618 -35.83 21.81 -7.96
N SER E 619 -36.56 22.51 -8.84
CA SER E 619 -36.47 22.21 -10.26
C SER E 619 -35.05 22.44 -10.81
N THR E 620 -34.26 23.28 -10.14
CA THR E 620 -32.89 23.50 -10.58
C THR E 620 -31.99 22.29 -10.40
N ALA E 621 -32.44 21.28 -9.66
CA ALA E 621 -31.62 20.08 -9.47
C ALA E 621 -31.41 19.34 -10.78
N ILE E 622 -32.30 19.51 -11.76
CA ILE E 622 -32.10 18.87 -13.06
C ILE E 622 -30.84 19.41 -13.72
N PHE E 623 -30.64 20.72 -13.68
CA PHE E 623 -29.50 21.33 -14.34
C PHE E 623 -28.20 20.93 -13.66
N ARG E 624 -27.11 21.03 -14.41
CA ARG E 624 -25.79 20.70 -13.89
C ARG E 624 -24.77 21.79 -14.15
N GLY E 625 -25.16 22.91 -14.74
CA GLY E 625 -24.27 24.04 -14.92
C GLY E 625 -24.18 24.89 -13.67
N LEU E 626 -23.46 25.99 -13.80
CA LEU E 626 -23.28 26.90 -12.67
C LEU E 626 -24.62 27.48 -12.23
N LYS E 627 -24.82 27.56 -10.92
CA LYS E 627 -26.09 27.98 -10.35
C LYS E 627 -25.86 29.03 -9.27
N GLU E 628 -26.92 29.78 -8.99
CA GLU E 628 -26.85 30.83 -7.98
C GLU E 628 -26.53 30.23 -6.61
N ALA E 629 -25.69 30.94 -5.86
CA ALA E 629 -25.21 30.47 -4.56
C ALA E 629 -26.32 30.67 -3.52
N LEU E 630 -27.25 29.72 -3.50
CA LEU E 630 -28.37 29.76 -2.58
C LEU E 630 -28.44 28.47 -1.78
N MET E 631 -28.64 28.60 -0.47
CA MET E 631 -28.82 27.48 0.43
C MET E 631 -30.24 27.48 0.97
N LEU E 632 -30.86 26.30 0.96
CA LEU E 632 -32.22 26.14 1.47
C LEU E 632 -32.17 25.27 2.71
N LEU E 633 -32.72 25.79 3.81
CA LEU E 633 -32.82 25.03 5.05
C LEU E 633 -34.10 25.44 5.75
N TRP E 634 -34.85 24.44 6.24
CA TRP E 634 -36.15 24.73 6.83
C TRP E 634 -36.43 23.73 7.95
N LEU E 635 -37.28 24.15 8.88
CA LEU E 635 -37.60 23.38 10.07
C LEU E 635 -38.88 22.58 9.86
N GLY E 636 -39.22 21.78 10.86
CA GLY E 636 -40.44 20.98 10.78
C GLY E 636 -40.62 20.17 12.04
N GLY E 637 -41.61 19.29 12.00
CA GLY E 637 -41.93 18.43 13.12
C GLY E 637 -41.52 16.98 12.85
N GLY E 638 -41.75 16.15 13.87
CA GLY E 638 -41.40 14.74 13.75
C GLY E 638 -42.12 14.03 12.62
N CYS E 639 -43.40 14.36 12.42
CA CYS E 639 -44.19 13.80 11.33
C CYS E 639 -44.46 14.82 10.23
N ASN E 640 -43.51 15.72 10.00
CA ASN E 640 -43.70 16.75 8.99
C ASN E 640 -43.74 16.16 7.58
N GLY E 641 -43.05 15.06 7.36
CA GLY E 641 -42.98 14.46 6.03
C GLY E 641 -41.93 15.04 5.12
N LYS E 642 -41.03 15.88 5.64
CA LYS E 642 -40.05 16.54 4.79
C LYS E 642 -39.08 15.55 4.15
N THR E 643 -38.71 14.50 4.89
CA THR E 643 -37.73 13.55 4.38
C THR E 643 -38.22 12.84 3.13
N PHE E 644 -39.52 12.59 3.04
CA PHE E 644 -40.07 11.87 1.89
C PHE E 644 -39.78 12.61 0.59
N LEU E 645 -39.98 13.93 0.58
CA LEU E 645 -39.83 14.68 -0.67
C LEU E 645 -38.38 14.63 -1.17
N MET E 646 -37.42 14.84 -0.26
CA MET E 646 -36.02 14.80 -0.67
C MET E 646 -35.62 13.39 -1.09
N ARG E 647 -36.10 12.38 -0.39
CA ARG E 647 -35.81 11.00 -0.78
C ARG E 647 -36.34 10.72 -2.19
N LEU E 648 -37.56 11.17 -2.47
CA LEU E 648 -38.14 10.96 -3.79
C LEU E 648 -37.35 11.69 -4.86
N VAL E 649 -36.91 12.92 -4.57
CA VAL E 649 -36.11 13.66 -5.54
C VAL E 649 -34.82 12.92 -5.83
N ALA E 650 -34.15 12.43 -4.78
CA ALA E 650 -32.90 11.69 -4.97
C ALA E 650 -33.12 10.43 -5.79
N MET E 651 -34.19 9.69 -5.49
CA MET E 651 -34.47 8.48 -6.24
C MET E 651 -34.78 8.78 -7.70
N VAL E 652 -35.58 9.81 -7.95
CA VAL E 652 -35.99 10.14 -9.31
C VAL E 652 -34.79 10.56 -10.14
N LEU E 653 -33.97 11.47 -9.61
CA LEU E 653 -32.87 12.01 -10.39
C LEU E 653 -31.82 10.95 -10.67
N GLY E 654 -31.66 9.99 -9.78
CA GLY E 654 -30.69 8.93 -9.96
C GLY E 654 -29.40 9.20 -9.21
N ASP E 655 -28.68 8.11 -8.92
CA ASP E 655 -27.43 8.23 -8.17
C ASP E 655 -26.35 8.94 -8.98
N HIS E 656 -26.36 8.78 -10.30
CA HIS E 656 -25.33 9.40 -11.13
C HIS E 656 -25.36 10.92 -11.06
N TYR E 657 -26.50 11.51 -10.69
CA TYR E 657 -26.62 12.96 -10.60
C TYR E 657 -26.96 13.46 -9.20
N ALA E 658 -27.44 12.62 -8.30
CA ALA E 658 -27.76 13.02 -6.95
C ALA E 658 -27.21 12.00 -5.96
N SER E 659 -26.93 12.45 -4.74
CA SER E 659 -26.40 11.56 -3.73
C SER E 659 -26.68 12.09 -2.33
N LYS E 660 -26.77 11.20 -1.35
CA LYS E 660 -27.00 11.62 0.02
C LYS E 660 -25.79 12.34 0.58
N LEU E 661 -26.02 13.31 1.45
CA LEU E 661 -24.91 14.04 2.06
C LEU E 661 -25.11 14.17 3.56
N ASN E 662 -24.02 14.34 4.31
CA ASN E 662 -24.12 14.43 5.76
C ASN E 662 -24.06 15.88 6.25
N ILE E 663 -25.08 16.29 6.98
CA ILE E 663 -25.13 17.67 7.47
C ILE E 663 -23.95 17.97 8.39
N SER E 664 -23.53 16.99 9.17
CA SER E 664 -22.43 17.19 10.10
C SER E 664 -21.20 17.73 9.38
N LEU E 665 -21.06 17.40 8.10
CA LEU E 665 -19.93 17.91 7.33
C LEU E 665 -19.94 19.42 7.36
N LEU E 666 -21.11 20.02 7.19
CA LEU E 666 -21.22 21.47 7.22
C LEU E 666 -20.93 22.03 8.61
N THR E 667 -21.05 21.18 9.63
CA THR E 667 -20.79 21.61 11.00
C THR E 667 -19.74 20.73 11.64
N SER E 668 -18.48 20.94 11.30
CA SER E 668 -17.40 20.13 11.85
C SER E 668 -16.04 20.79 11.70
N CYS E 669 -15.05 20.31 12.44
CA CYS E 669 -13.70 20.87 12.34
C CYS E 669 -13.15 20.63 10.94
N ARG E 670 -12.08 21.34 10.59
CA ARG E 670 -11.54 21.22 9.25
C ARG E 670 -10.62 20.00 9.15
N GLU E 671 -10.27 19.66 7.90
CA GLU E 671 -9.32 18.57 7.64
C GLU E 671 -7.89 19.08 7.88
N THR E 672 -7.62 19.47 9.12
CA THR E 672 -6.36 20.09 9.45
C THR E 672 -5.19 19.11 9.35
N ALA E 673 -5.47 17.82 9.45
CA ALA E 673 -4.41 16.80 9.41
C ALA E 673 -3.98 16.46 7.99
N GLU E 674 -4.52 17.15 6.98
CA GLU E 674 -4.22 16.91 5.58
C GLU E 674 -4.72 15.53 5.16
N LYS E 675 -5.35 14.81 6.08
CA LYS E 675 -5.89 13.50 5.75
C LYS E 675 -7.06 13.64 4.79
N PRO E 676 -7.17 12.78 3.79
CA PRO E 676 -8.24 12.91 2.81
C PRO E 676 -9.59 12.61 3.41
N ASN E 677 -10.62 13.23 2.84
CA ASN E 677 -12.00 13.00 3.22
C ASN E 677 -12.75 12.43 2.03
N SER E 678 -13.55 11.39 2.28
CA SER E 678 -14.16 10.64 1.19
C SER E 678 -15.34 11.38 0.55
N ALA E 679 -15.89 12.37 1.25
CA ALA E 679 -17.17 12.94 0.84
C ALA E 679 -17.05 13.94 -0.31
N PHE E 680 -15.83 14.36 -0.68
CA PHE E 680 -15.71 15.46 -1.62
C PHE E 680 -15.76 15.01 -3.08
N MET E 681 -15.74 13.72 -3.35
CA MET E 681 -16.14 13.28 -4.68
C MET E 681 -17.64 13.43 -4.91
N ARG E 682 -18.43 13.55 -3.85
CA ARG E 682 -19.75 14.11 -4.04
C ARG E 682 -19.62 15.57 -4.44
N LEU E 683 -20.64 16.08 -5.13
CA LEU E 683 -20.68 17.40 -5.77
C LEU E 683 -19.85 17.44 -7.03
N LYS E 684 -19.10 16.40 -7.36
CA LYS E 684 -18.34 16.34 -8.61
C LYS E 684 -19.19 15.61 -9.64
N GLY E 685 -19.90 16.38 -10.47
CA GLY E 685 -20.86 15.82 -11.38
C GLY E 685 -22.24 15.63 -10.80
N ARG E 686 -22.37 15.75 -9.48
CA ARG E 686 -23.68 15.65 -8.85
C ARG E 686 -24.49 16.91 -9.14
N GLY E 687 -25.79 16.73 -9.37
CA GLY E 687 -26.66 17.87 -9.61
C GLY E 687 -27.51 18.22 -8.40
N TYR E 688 -27.47 17.39 -7.37
CA TYR E 688 -28.32 17.58 -6.21
C TYR E 688 -27.75 16.83 -5.02
N GLY E 689 -27.84 17.45 -3.85
CA GLY E 689 -27.45 16.83 -2.61
C GLY E 689 -28.30 17.29 -1.44
N TYR E 690 -28.54 16.41 -0.48
CA TYR E 690 -29.43 16.70 0.63
C TYR E 690 -28.82 16.23 1.94
N PHE E 691 -29.28 16.84 3.03
CA PHE E 691 -28.82 16.52 4.38
C PHE E 691 -29.98 15.93 5.17
N GLU E 692 -29.75 14.77 5.77
CA GLU E 692 -30.80 14.07 6.49
C GLU E 692 -31.00 14.70 7.86
N GLU E 693 -31.99 14.18 8.58
CA GLU E 693 -32.33 14.70 9.90
C GLU E 693 -31.22 14.37 10.90
N THR E 694 -31.02 15.30 11.84
CA THR E 694 -30.20 15.07 13.01
C THR E 694 -31.04 15.36 14.25
N ASN E 695 -30.51 15.01 15.43
CA ASN E 695 -31.23 15.18 16.67
C ASN E 695 -30.71 16.36 17.48
N LYS E 696 -29.41 16.40 17.76
CA LYS E 696 -28.85 17.48 18.55
C LYS E 696 -28.61 18.71 17.69
N SER E 697 -28.82 19.89 18.28
CA SER E 697 -28.55 21.13 17.58
C SER E 697 -27.09 21.53 17.78
N GLU E 698 -26.38 21.71 16.67
CA GLU E 698 -24.98 22.07 16.70
C GLU E 698 -24.79 23.38 15.94
N VAL E 699 -23.54 23.84 15.88
CA VAL E 699 -23.19 25.09 15.25
C VAL E 699 -22.41 24.82 13.97
N LEU E 700 -22.80 25.49 12.90
CA LEU E 700 -22.08 25.47 11.64
C LEU E 700 -21.91 26.90 11.18
N ASN E 701 -20.66 27.30 10.92
CA ASN E 701 -20.37 28.66 10.52
C ASN E 701 -19.03 28.66 9.79
N THR E 702 -19.06 28.84 8.47
CA THR E 702 -17.86 28.96 7.64
C THR E 702 -17.02 27.69 7.68
N SER E 703 -17.49 26.68 8.42
CA SER E 703 -16.82 25.39 8.50
C SER E 703 -17.13 24.65 7.20
N ARG E 704 -16.38 25.00 6.16
CA ARG E 704 -16.70 24.59 4.79
C ARG E 704 -18.13 25.02 4.43
N LEU E 705 -18.50 26.23 4.85
CA LEU E 705 -19.83 26.71 4.49
C LEU E 705 -19.77 27.51 3.19
N LYS E 706 -19.08 28.66 3.22
CA LYS E 706 -19.02 29.52 2.04
C LYS E 706 -18.37 28.80 0.88
N GLU E 707 -17.48 27.86 1.16
CA GLU E 707 -16.74 27.18 0.10
C GLU E 707 -17.64 26.35 -0.81
N MET E 708 -18.59 25.58 -0.24
CA MET E 708 -19.58 24.91 -1.10
C MET E 708 -20.71 25.85 -1.49
N VAL E 709 -21.02 26.85 -0.67
CA VAL E 709 -22.10 27.75 -1.05
C VAL E 709 -21.74 28.51 -2.32
N ASN E 710 -20.54 29.07 -2.38
CA ASN E 710 -20.16 29.85 -3.56
C ASN E 710 -20.06 28.95 -4.78
N PRO E 711 -20.34 29.47 -5.97
CA PRO E 711 -20.16 28.71 -7.20
C PRO E 711 -18.74 28.79 -7.73
N GLY E 712 -17.79 28.29 -6.93
CA GLY E 712 -16.39 28.35 -7.29
C GLY E 712 -15.75 26.98 -7.20
N ASP E 713 -14.53 26.91 -7.74
CA ASP E 713 -13.77 25.67 -7.72
C ASP E 713 -13.36 25.30 -6.30
N VAL E 714 -13.23 23.99 -6.06
CA VAL E 714 -12.87 23.48 -4.75
C VAL E 714 -11.99 22.26 -4.94
N THR E 715 -11.02 22.09 -4.05
CA THR E 715 -10.07 20.98 -4.13
C THR E 715 -9.99 20.25 -2.80
N ALA E 716 -9.69 18.97 -2.87
CA ALA E 716 -9.55 18.11 -1.70
C ALA E 716 -8.87 16.82 -2.13
N ARG E 717 -8.61 15.95 -1.16
CA ARG E 717 -8.01 14.65 -1.40
C ARG E 717 -9.00 13.54 -1.10
N GLU E 718 -8.78 12.39 -1.74
CA GLU E 718 -9.71 11.26 -1.66
C GLU E 718 -8.90 9.98 -1.60
N LEU E 719 -8.56 9.54 -0.38
CA LEU E 719 -7.78 8.32 -0.19
C LEU E 719 -6.56 8.33 -1.09
N ASN E 720 -6.52 7.42 -2.07
CA ASN E 720 -5.41 7.33 -3.01
C ASN E 720 -5.60 8.30 -4.17
N GLN E 721 -5.86 9.56 -3.83
CA GLN E 721 -6.00 10.64 -4.80
C GLN E 721 -5.21 11.85 -4.35
N LYS E 722 -4.83 12.68 -5.32
CA LYS E 722 -4.06 13.89 -5.05
C LYS E 722 -5.03 15.02 -4.69
N GLN E 723 -4.51 16.26 -4.70
CA GLN E 723 -5.33 17.45 -4.44
C GLN E 723 -6.00 17.92 -5.73
N GLU E 724 -6.83 17.05 -6.31
CA GLU E 724 -7.57 17.41 -7.50
C GLU E 724 -8.60 18.49 -7.19
N SER E 725 -8.86 19.34 -8.17
CA SER E 725 -9.81 20.43 -8.04
C SER E 725 -10.94 20.26 -9.04
N PHE E 726 -12.13 20.68 -8.65
CA PHE E 726 -13.32 20.51 -9.48
C PHE E 726 -14.30 21.63 -9.19
N GLN E 727 -15.23 21.83 -10.11
CA GLN E 727 -16.25 22.87 -10.02
C GLN E 727 -17.56 22.23 -9.60
N MET E 728 -18.09 22.66 -8.46
CA MET E 728 -19.35 22.11 -7.99
C MET E 728 -20.53 22.89 -8.56
N THR E 729 -21.63 22.18 -8.82
CA THR E 729 -22.81 22.81 -9.39
C THR E 729 -24.11 22.29 -8.80
N ALA E 730 -24.07 21.64 -7.63
CA ALA E 730 -25.24 20.97 -7.08
C ALA E 730 -25.85 21.83 -5.98
N THR E 731 -27.17 21.99 -6.02
CA THR E 731 -27.88 22.72 -4.98
C THR E 731 -28.03 21.86 -3.74
N MET E 732 -27.83 22.47 -2.58
CA MET E 732 -27.85 21.78 -1.30
C MET E 732 -29.11 22.14 -0.51
N VAL E 733 -29.69 21.16 0.17
CA VAL E 733 -30.82 21.38 1.07
C VAL E 733 -30.51 20.70 2.40
N ALA E 734 -30.82 21.40 3.49
CA ALA E 734 -30.54 20.92 4.84
C ALA E 734 -31.77 21.14 5.70
N ALA E 735 -32.66 20.17 5.73
CA ALA E 735 -33.90 20.27 6.50
C ALA E 735 -33.80 19.41 7.75
N SER E 736 -34.26 19.95 8.88
CA SER E 736 -34.23 19.24 10.14
C SER E 736 -35.34 19.77 11.04
N ASN E 737 -35.64 19.00 12.08
CA ASN E 737 -36.61 19.41 13.09
C ASN E 737 -35.97 20.15 14.25
N TYR E 738 -34.66 20.38 14.20
CA TYR E 738 -33.94 21.11 15.23
C TYR E 738 -33.23 22.30 14.60
N ASN E 739 -33.23 23.42 15.32
CA ASN E 739 -32.59 24.62 14.82
C ASN E 739 -31.08 24.43 14.70
N PHE E 740 -30.49 25.09 13.71
CA PHE E 740 -29.05 25.07 13.50
C PHE E 740 -28.46 26.35 14.06
N ILE E 741 -27.52 26.21 14.99
CA ILE E 741 -26.93 27.37 15.63
C ILE E 741 -25.96 28.05 14.67
N ILE E 742 -26.17 29.34 14.46
CA ILE E 742 -25.30 30.14 13.60
C ILE E 742 -24.83 31.35 14.41
N ASP E 743 -23.53 31.61 14.38
CA ASP E 743 -22.94 32.73 15.10
C ASP E 743 -22.12 33.56 14.12
N THR E 744 -22.79 34.48 13.43
CA THR E 744 -22.12 35.41 12.53
C THR E 744 -23.05 36.59 12.28
N THR E 745 -22.47 37.66 11.74
CA THR E 745 -23.23 38.86 11.43
C THR E 745 -23.02 39.34 10.00
N ASP E 746 -21.97 38.88 9.32
CA ASP E 746 -21.67 39.34 7.98
C ASP E 746 -22.84 39.13 7.04
N HIS E 747 -23.11 40.13 6.20
CA HIS E 747 -24.21 40.04 5.24
C HIS E 747 -23.99 38.89 4.26
N GLY E 748 -22.77 38.73 3.77
CA GLY E 748 -22.49 37.64 2.83
C GLY E 748 -22.76 36.28 3.43
N THR E 749 -22.36 36.08 4.69
CA THR E 749 -22.65 34.81 5.35
C THR E 749 -24.12 34.64 5.65
N TRP E 750 -24.89 35.72 5.63
CA TRP E 750 -26.31 35.68 5.93
C TRP E 750 -27.19 35.77 4.68
N ARG E 751 -26.66 36.31 3.58
CA ARG E 751 -27.44 36.37 2.35
C ARG E 751 -27.46 35.08 1.57
N ARG E 752 -26.46 34.21 1.76
CA ARG E 752 -26.34 32.99 0.97
C ARG E 752 -26.99 31.80 1.66
N LEU E 753 -28.24 31.95 2.08
CA LEU E 753 -29.04 30.86 2.63
C LEU E 753 -30.46 31.36 2.81
N ARG E 754 -31.41 30.42 2.76
CA ARG E 754 -32.82 30.72 2.91
C ARG E 754 -33.42 29.87 4.02
N HIS E 755 -34.35 30.44 4.77
CA HIS E 755 -34.98 29.76 5.88
C HIS E 755 -36.48 29.67 5.64
N TYR E 756 -37.08 28.59 6.15
CA TYR E 756 -38.50 28.34 6.03
C TYR E 756 -38.93 27.49 7.21
N ARG E 757 -40.24 27.49 7.48
CA ARG E 757 -40.78 26.64 8.53
C ARG E 757 -42.04 25.94 8.04
N SER E 758 -42.10 24.63 8.26
CA SER E 758 -43.29 23.86 7.94
C SER E 758 -44.36 24.07 9.00
N LYS E 759 -45.59 23.69 8.65
CA LYS E 759 -46.72 23.83 9.55
C LYS E 759 -47.62 22.61 9.62
N VAL E 760 -47.51 21.67 8.68
CA VAL E 760 -48.35 20.47 8.67
C VAL E 760 -47.63 19.39 9.46
N LYS E 761 -48.31 18.87 10.48
CA LYS E 761 -47.78 17.78 11.31
C LYS E 761 -48.77 16.63 11.26
N PHE E 762 -48.39 15.54 10.61
CA PHE E 762 -49.25 14.37 10.53
C PHE E 762 -49.40 13.72 11.90
N CYS E 763 -50.56 13.11 12.12
CA CYS E 763 -50.83 12.36 13.34
C CYS E 763 -51.80 11.23 13.03
N HIS E 764 -51.58 10.09 13.69
CA HIS E 764 -52.44 8.93 13.49
C HIS E 764 -53.87 9.17 13.95
N ASN E 765 -54.09 10.16 14.81
CA ASN E 765 -55.42 10.58 15.20
C ASN E 765 -55.69 11.95 14.58
N PRO E 766 -56.46 12.02 13.49
CA PRO E 766 -56.72 13.32 12.86
C PRO E 766 -57.40 14.29 13.83
N ASP E 767 -56.97 15.54 13.80
CA ASP E 767 -57.58 16.56 14.63
C ASP E 767 -58.94 16.93 14.08
N PRO E 768 -59.93 17.16 14.93
CA PRO E 768 -61.27 17.52 14.43
C PRO E 768 -61.30 18.77 13.58
N SER E 769 -60.48 19.78 13.88
CA SER E 769 -60.59 21.06 13.19
C SER E 769 -59.26 21.68 12.82
N ASN E 770 -58.13 21.02 13.03
CA ASN E 770 -56.84 21.61 12.68
C ASN E 770 -56.64 21.55 11.17
N PRO E 771 -56.52 22.69 10.48
CA PRO E 771 -56.13 22.63 9.06
C PRO E 771 -54.75 22.02 8.86
N TYR E 772 -53.84 22.23 9.80
CA TYR E 772 -52.49 21.68 9.72
C TYR E 772 -52.41 20.29 10.35
N GLU E 773 -53.28 19.39 9.90
CA GLU E 773 -53.31 18.03 10.43
C GLU E 773 -53.94 17.10 9.41
N LYS E 774 -53.21 16.07 9.01
CA LYS E 774 -53.73 15.04 8.13
C LYS E 774 -53.28 13.69 8.65
N LYS E 775 -54.08 12.67 8.36
CA LYS E 775 -53.75 11.30 8.76
C LYS E 775 -52.61 10.77 7.91
N GLU E 776 -51.68 10.07 8.55
CA GLU E 776 -50.58 9.46 7.81
C GLU E 776 -51.09 8.34 6.91
N ASP E 777 -50.37 8.14 5.81
CA ASP E 777 -50.46 6.90 5.06
C ASP E 777 -49.18 6.12 5.30
N PRO E 778 -49.20 5.04 6.08
CA PRO E 778 -47.95 4.32 6.37
C PRO E 778 -47.26 3.81 5.13
N ARG E 779 -48.01 3.53 4.07
CA ARG E 779 -47.43 3.10 2.81
C ARG E 779 -46.88 4.26 1.98
N PHE E 780 -47.13 5.51 2.39
CA PHE E 780 -46.70 6.65 1.59
C PHE E 780 -45.17 6.70 1.49
N ILE E 781 -44.47 6.40 2.57
CA ILE E 781 -43.02 6.38 2.57
C ILE E 781 -42.54 4.93 2.40
N HIS E 782 -43.25 4.00 3.03
CA HIS E 782 -42.84 2.61 2.97
C HIS E 782 -42.85 2.09 1.54
N GLU E 783 -43.86 2.47 0.77
CA GLU E 783 -43.88 2.23 -0.67
C GLU E 783 -44.13 3.56 -1.35
N TYR E 784 -44.46 3.53 -2.65
CA TYR E 784 -44.64 4.67 -3.56
C TYR E 784 -43.32 5.19 -4.09
N ILE E 785 -42.21 4.51 -3.84
CA ILE E 785 -40.93 4.85 -4.41
C ILE E 785 -40.46 3.80 -5.42
N MET E 786 -40.89 2.55 -5.24
CA MET E 786 -40.57 1.52 -6.21
C MET E 786 -41.46 1.55 -7.44
N ASP E 787 -42.57 2.29 -7.40
CA ASP E 787 -43.46 2.40 -8.55
C ASP E 787 -42.82 3.26 -9.63
N PRO E 788 -42.40 2.67 -10.75
CA PRO E 788 -41.73 3.47 -11.79
C PRO E 788 -42.60 4.60 -12.32
N ASP E 789 -43.91 4.40 -12.38
CA ASP E 789 -44.80 5.45 -12.84
C ASP E 789 -44.71 6.68 -11.94
N CYS E 790 -44.47 6.46 -10.64
CA CYS E 790 -44.30 7.60 -9.74
C CYS E 790 -43.09 8.43 -10.12
N GLN E 791 -41.96 7.77 -10.41
CA GLN E 791 -40.78 8.51 -10.85
C GLN E 791 -41.04 9.21 -12.18
N ASN E 792 -41.76 8.55 -13.10
CA ASN E 792 -42.06 9.18 -14.38
C ASN E 792 -42.86 10.46 -14.18
N ALA E 793 -43.90 10.39 -13.34
CA ALA E 793 -44.72 11.57 -13.09
C ALA E 793 -43.92 12.67 -12.41
N PHE E 794 -43.08 12.29 -11.44
CA PHE E 794 -42.28 13.30 -10.75
C PHE E 794 -41.30 13.96 -11.70
N PHE E 795 -40.70 13.18 -12.60
CA PHE E 795 -39.79 13.75 -13.58
C PHE E 795 -40.52 14.70 -14.52
N SER E 796 -41.74 14.34 -14.92
CA SER E 796 -42.53 15.25 -15.74
C SER E 796 -42.78 16.56 -15.00
N ILE E 797 -43.12 16.47 -13.72
CA ILE E 797 -43.36 17.69 -12.92
C ILE E 797 -42.11 18.54 -12.85
N LEU E 798 -40.96 17.90 -12.59
CA LEU E 798 -39.72 18.64 -12.47
C LEU E 798 -39.36 19.34 -13.77
N VAL E 799 -39.52 18.64 -14.90
CA VAL E 799 -39.22 19.25 -16.19
C VAL E 799 -40.15 20.42 -16.45
N TYR E 800 -41.44 20.26 -16.15
CA TYR E 800 -42.39 21.35 -16.36
C TYR E 800 -41.99 22.57 -15.53
N PHE E 801 -41.62 22.36 -14.27
CA PHE E 801 -41.28 23.50 -13.43
C PHE E 801 -39.99 24.16 -13.89
N TRP E 802 -39.00 23.39 -14.33
CA TRP E 802 -37.79 24.00 -14.86
C TRP E 802 -38.09 24.83 -16.10
N GLU E 803 -38.98 24.32 -16.96
CA GLU E 803 -39.41 25.12 -18.11
C GLU E 803 -40.07 26.40 -17.65
N LYS E 804 -40.88 26.32 -16.59
CA LYS E 804 -41.52 27.51 -16.05
C LYS E 804 -40.50 28.55 -15.60
N LEU E 805 -39.47 28.10 -14.87
CA LEU E 805 -38.41 29.03 -14.46
C LEU E 805 -37.74 29.64 -15.68
N GLN E 806 -37.48 28.84 -16.71
CA GLN E 806 -36.87 29.39 -17.90
C GLN E 806 -37.81 30.32 -18.66
N LYS E 807 -39.11 30.26 -18.38
CA LYS E 807 -40.07 31.06 -19.13
C LYS E 807 -40.14 32.50 -18.61
N GLU E 808 -40.53 32.67 -17.33
CA GLU E 808 -40.85 33.99 -16.83
C GLU E 808 -39.63 34.71 -16.24
N TYR E 809 -39.01 34.12 -15.23
CA TYR E 809 -37.96 34.78 -14.47
C TYR E 809 -36.57 34.56 -15.06
N ASN E 810 -36.49 34.06 -16.29
CA ASN E 810 -35.22 33.82 -16.98
C ASN E 810 -34.34 32.85 -16.20
N GLY E 811 -34.95 32.00 -15.39
CA GLY E 811 -34.22 31.05 -14.58
C GLY E 811 -33.55 31.62 -13.35
N GLN E 812 -33.65 32.92 -13.13
CA GLN E 812 -33.03 33.56 -11.97
C GLN E 812 -33.90 33.30 -10.75
N ILE E 813 -33.43 32.38 -9.89
CA ILE E 813 -34.24 31.97 -8.74
C ILE E 813 -34.45 33.10 -7.75
N LYS E 814 -33.55 34.09 -7.71
CA LYS E 814 -33.70 35.19 -6.78
C LYS E 814 -34.78 36.18 -7.20
N LYS E 815 -35.08 36.28 -8.50
CA LYS E 815 -36.04 37.25 -8.98
C LYS E 815 -37.47 36.91 -8.62
N VAL E 816 -37.78 35.62 -8.40
CA VAL E 816 -39.15 35.24 -8.07
C VAL E 816 -39.51 35.80 -6.71
N PHE E 817 -40.77 36.17 -6.55
CA PHE E 817 -41.25 36.80 -5.33
C PHE E 817 -42.16 35.83 -4.58
N CYS E 818 -41.87 35.66 -3.29
CA CYS E 818 -42.69 34.85 -2.42
C CYS E 818 -42.69 35.48 -1.03
N PRO E 819 -43.77 36.16 -0.63
CA PRO E 819 -43.72 36.95 0.60
C PRO E 819 -43.45 36.14 1.85
N THR E 820 -43.98 34.93 1.95
CA THR E 820 -43.77 34.15 3.17
C THR E 820 -42.33 33.69 3.30
N ILE E 821 -41.65 33.44 2.18
CA ILE E 821 -40.22 33.20 2.23
C ILE E 821 -39.48 34.54 2.28
N GLU E 822 -38.24 34.50 2.78
CA GLU E 822 -37.38 35.66 2.91
C GLU E 822 -37.89 36.58 4.01
N SER E 823 -39.09 36.29 4.52
CA SER E 823 -39.64 36.95 5.69
C SER E 823 -39.44 36.11 6.95
N GLU E 824 -39.75 34.82 6.87
CA GLU E 824 -39.31 33.91 7.92
C GLU E 824 -37.78 33.87 8.01
N THR E 825 -37.10 34.08 6.88
CA THR E 825 -35.65 34.12 6.89
C THR E 825 -35.13 35.32 7.70
N GLU E 826 -35.68 36.50 7.46
CA GLU E 826 -35.23 37.65 8.25
C GLU E 826 -35.72 37.56 9.68
N ALA E 827 -36.84 36.88 9.92
CA ALA E 827 -37.25 36.61 11.29
C ALA E 827 -36.21 35.73 11.99
N TYR E 828 -35.70 34.72 11.30
CA TYR E 828 -34.61 33.92 11.83
C TYR E 828 -33.36 34.77 12.04
N ARG E 829 -33.15 35.74 11.16
CA ARG E 829 -32.03 36.67 11.32
C ARG E 829 -32.16 37.47 12.62
N LYS E 830 -33.38 37.91 12.94
CA LYS E 830 -33.60 38.62 14.19
C LYS E 830 -33.29 37.73 15.39
N SER E 831 -33.53 36.43 15.25
CA SER E 831 -33.07 35.46 16.25
C SER E 831 -31.69 34.98 15.85
N GLN E 832 -31.22 33.91 16.49
CA GLN E 832 -29.96 33.25 16.16
C GLN E 832 -28.74 34.16 16.35
N ASP E 833 -28.96 35.39 16.83
CA ASP E 833 -27.88 36.34 17.07
C ASP E 833 -27.78 36.59 18.57
N THR E 834 -26.56 36.90 19.02
CA THR E 834 -26.28 36.89 20.45
C THR E 834 -25.98 38.28 20.98
N LEU E 835 -25.17 39.04 20.25
CA LEU E 835 -24.81 40.39 20.69
C LEU E 835 -26.05 41.27 20.82
N HIS E 836 -26.96 41.16 19.86
CA HIS E 836 -28.21 41.89 19.94
C HIS E 836 -29.05 41.41 21.12
N ARG E 837 -29.03 40.10 21.37
CA ARG E 837 -29.78 39.55 22.50
C ARG E 837 -29.24 40.09 23.82
N PHE E 838 -27.91 40.07 23.99
CA PHE E 838 -27.32 40.58 25.22
C PHE E 838 -27.58 42.07 25.39
N ILE E 839 -27.50 42.82 24.28
CA ILE E 839 -27.75 44.26 24.33
C ILE E 839 -29.19 44.52 24.76
N THR E 840 -30.14 43.79 24.17
CA THR E 840 -31.55 43.98 24.46
C THR E 840 -31.92 43.37 25.81
N GLU E 841 -30.97 42.65 26.41
CA GLU E 841 -31.20 42.05 27.71
C GLU E 841 -30.64 42.83 28.89
N ARG E 842 -29.51 43.53 28.75
CA ARG E 842 -28.92 44.17 29.93
C ARG E 842 -28.41 45.60 29.75
N VAL E 843 -28.28 46.13 28.54
CA VAL E 843 -27.70 47.47 28.42
C VAL E 843 -28.62 48.42 27.66
N VAL E 844 -29.66 47.87 27.02
CA VAL E 844 -30.61 48.73 26.32
C VAL E 844 -31.54 49.37 27.34
N GLU E 845 -32.23 50.44 26.92
CA GLU E 845 -33.33 51.05 27.63
C GLU E 845 -32.89 51.75 28.92
N SER E 846 -31.61 51.63 29.29
CA SER E 846 -31.08 52.24 30.51
C SER E 846 -29.89 53.12 30.14
N PRO E 847 -30.13 54.29 29.54
CA PRO E 847 -29.02 55.17 29.20
C PRO E 847 -28.45 55.89 30.41
N SER E 848 -29.29 56.13 31.42
CA SER E 848 -28.82 56.78 32.64
C SER E 848 -27.83 55.90 33.39
N ALA E 849 -27.85 54.60 33.14
CA ALA E 849 -26.89 53.68 33.74
C ALA E 849 -25.49 54.01 33.24
N GLU E 850 -24.55 54.21 34.17
CA GLU E 850 -23.17 54.55 33.81
C GLU E 850 -22.22 53.79 34.74
N THR E 851 -21.85 52.58 34.34
CA THR E 851 -20.80 51.78 35.00
C THR E 851 -20.08 51.02 33.90
N VAL E 852 -19.01 51.61 33.36
CA VAL E 852 -18.25 51.01 32.26
C VAL E 852 -16.77 51.22 32.52
N TYR E 853 -15.98 50.18 32.32
CA TYR E 853 -14.53 50.26 32.22
C TYR E 853 -14.15 49.54 30.93
N ASN E 854 -14.16 50.28 29.82
CA ASN E 854 -13.95 49.77 28.47
C ASN E 854 -14.61 48.42 28.26
N LEU E 855 -13.93 47.50 27.58
CA LEU E 855 -14.50 46.18 27.30
C LEU E 855 -14.05 45.12 28.30
N SER E 856 -13.21 45.47 29.27
CA SER E 856 -12.60 44.46 30.12
C SER E 856 -13.65 43.63 30.86
N GLU E 857 -14.63 44.28 31.47
CA GLU E 857 -15.70 43.56 32.14
C GLU E 857 -16.88 43.25 31.25
N VAL E 858 -17.09 44.05 30.20
CA VAL E 858 -18.19 43.80 29.28
C VAL E 858 -18.02 42.46 28.58
N VAL E 859 -16.79 42.19 28.11
CA VAL E 859 -16.54 40.93 27.42
C VAL E 859 -16.70 39.76 28.38
N THR E 860 -16.21 39.89 29.61
CA THR E 860 -16.35 38.82 30.58
C THR E 860 -17.82 38.54 30.91
N ALA E 861 -18.61 39.60 31.09
CA ALA E 861 -20.03 39.43 31.35
C ALA E 861 -20.73 38.77 30.17
N TYR E 862 -20.39 39.20 28.95
CA TYR E 862 -20.93 38.58 27.75
C TYR E 862 -20.60 37.10 27.72
N ALA E 863 -19.36 36.75 28.06
CA ALA E 863 -18.92 35.36 27.99
C ALA E 863 -19.63 34.50 29.01
N GLU E 864 -19.64 34.93 30.28
CA GLU E 864 -20.32 34.16 31.31
C GLU E 864 -21.82 34.12 31.10
N TRP E 865 -22.36 35.08 30.34
CA TRP E 865 -23.78 35.01 29.98
C TRP E 865 -24.01 33.94 28.92
N TYR E 866 -23.35 34.06 27.78
CA TYR E 866 -23.71 33.15 26.71
C TYR E 866 -23.21 31.74 26.95
N ASN E 867 -22.29 31.54 27.91
CA ASN E 867 -21.88 30.19 28.26
C ASN E 867 -23.06 29.38 28.79
N THR E 868 -23.86 30.00 29.65
CA THR E 868 -25.05 29.35 30.19
C THR E 868 -26.31 29.65 29.40
N ASN E 869 -26.24 30.55 28.42
CA ASN E 869 -27.44 30.93 27.67
C ASN E 869 -27.43 30.58 26.19
N ILE E 870 -26.27 30.38 25.56
CA ILE E 870 -26.30 29.79 24.22
C ILE E 870 -25.37 28.58 24.13
N ASN E 871 -24.11 28.74 24.52
CA ASN E 871 -23.07 27.78 24.17
C ASN E 871 -21.78 28.18 24.86
N VAL E 872 -20.86 27.22 24.97
CA VAL E 872 -19.55 27.44 25.54
C VAL E 872 -18.51 27.18 24.45
N LYS E 873 -17.74 28.21 24.11
CA LYS E 873 -16.66 28.08 23.13
C LYS E 873 -15.57 29.08 23.47
N ARG E 874 -14.63 29.24 22.54
CA ARG E 874 -13.46 30.07 22.77
C ARG E 874 -13.83 31.55 22.72
N HIS E 875 -12.92 32.38 23.22
CA HIS E 875 -13.11 33.81 23.30
C HIS E 875 -11.96 34.52 22.61
N ILE E 876 -12.30 35.42 21.69
CA ILE E 876 -11.32 36.22 20.97
C ILE E 876 -11.70 37.68 21.15
N ALA E 877 -10.70 38.56 21.15
CA ALA E 877 -11.00 39.99 21.14
C ALA E 877 -11.83 40.36 19.93
N LEU E 878 -11.45 39.84 18.76
CA LEU E 878 -12.14 40.17 17.51
C LEU E 878 -13.60 39.74 17.54
N GLU E 879 -13.96 38.82 18.44
CA GLU E 879 -15.36 38.46 18.61
C GLU E 879 -16.19 39.65 19.08
N LEU E 880 -15.63 40.49 19.95
CA LEU E 880 -16.38 41.60 20.52
C LEU E 880 -15.68 42.94 20.46
N SER E 881 -14.35 42.99 20.37
CA SER E 881 -13.66 44.28 20.39
C SER E 881 -14.04 45.14 19.20
N GLN E 882 -14.08 44.53 18.01
CA GLN E 882 -14.48 45.26 16.81
C GLN E 882 -15.96 45.10 16.52
N GLU E 883 -16.57 43.99 16.97
CA GLU E 883 -17.99 43.77 16.74
C GLU E 883 -18.86 44.64 17.63
N LEU E 884 -18.29 45.25 18.68
CA LEU E 884 -19.07 46.15 19.52
C LEU E 884 -19.57 47.35 18.73
N GLU E 885 -18.74 47.90 17.86
CA GLU E 885 -19.16 49.00 16.99
C GLU E 885 -20.22 48.54 15.99
N ASN E 886 -20.30 47.26 15.70
CA ASN E 886 -21.30 46.72 14.78
C ASN E 886 -22.56 46.32 15.54
N SER E 887 -23.10 47.30 16.27
CA SER E 887 -24.24 47.08 17.15
C SER E 887 -24.92 48.42 17.38
N VAL E 888 -25.75 48.51 18.41
CA VAL E 888 -26.33 49.78 18.82
C VAL E 888 -25.66 50.33 20.07
N LEU E 889 -24.67 49.64 20.62
CA LEU E 889 -24.02 50.07 21.84
C LEU E 889 -23.02 51.21 21.62
N GLU E 890 -22.61 51.46 20.38
CA GLU E 890 -21.64 52.53 20.14
C GLU E 890 -22.24 53.91 20.26
N LYS E 891 -23.53 54.03 20.57
CA LYS E 891 -24.09 55.34 20.87
C LYS E 891 -23.36 56.01 22.02
N TYR E 892 -22.83 55.21 22.95
CA TYR E 892 -22.02 55.70 24.05
C TYR E 892 -20.58 55.22 24.01
N LEU E 893 -20.24 54.30 23.11
CA LEU E 893 -18.87 53.82 23.02
C LEU E 893 -18.03 54.78 22.18
N GLN E 894 -17.11 55.48 22.83
CA GLN E 894 -16.27 56.47 22.16
C GLN E 894 -14.84 56.33 22.67
N TRP E 895 -14.02 57.31 22.33
CA TRP E 895 -12.62 57.29 22.74
C TRP E 895 -12.50 57.69 24.21
N SER E 896 -11.70 56.94 24.95
CA SER E 896 -11.56 57.17 26.39
C SER E 896 -10.68 58.37 26.65
N PRO E 897 -10.85 59.01 27.82
CA PRO E 897 -9.89 60.06 28.20
C PRO E 897 -8.48 59.54 28.40
N ASN E 898 -8.31 58.24 28.62
CA ASN E 898 -7.01 57.60 28.79
C ASN E 898 -6.36 57.20 27.47
N LYS E 899 -6.84 57.77 26.36
CA LYS E 899 -6.39 57.51 24.98
C LYS E 899 -6.79 56.11 24.53
N THR E 900 -7.50 55.33 25.35
CA THR E 900 -8.09 54.07 24.91
C THR E 900 -9.51 54.31 24.43
N ARG E 901 -10.30 53.25 24.30
CA ARG E 901 -11.71 53.40 23.97
C ARG E 901 -12.54 52.85 25.12
N ILE E 902 -13.50 53.64 25.60
CA ILE E 902 -14.41 53.22 26.66
C ILE E 902 -15.83 53.57 26.24
N LEU E 903 -16.79 52.74 26.63
CA LEU E 903 -18.19 53.08 26.42
C LEU E 903 -18.65 54.04 27.50
N LYS E 904 -19.48 55.01 27.14
CA LYS E 904 -19.90 56.03 28.10
C LYS E 904 -21.28 55.71 28.68
N GLY E 905 -21.38 54.66 29.49
CA GLY E 905 -22.58 54.45 30.27
C GLY E 905 -23.36 53.17 29.99
N CYS E 906 -23.31 52.24 30.95
CA CYS E 906 -24.11 51.03 30.98
C CYS E 906 -24.18 50.55 32.42
N ARG E 907 -24.89 49.44 32.62
CA ARG E 907 -24.93 48.75 33.90
C ARG E 907 -25.21 47.28 33.68
N ILE E 908 -24.53 46.42 34.44
CA ILE E 908 -24.72 44.98 34.34
C ILE E 908 -25.78 44.61 35.38
N LEU E 909 -27.03 44.72 34.96
CA LEU E 909 -28.13 44.34 35.83
C LEU E 909 -28.18 42.81 35.99
N HIS E 910 -28.42 42.37 37.22
CA HIS E 910 -28.34 40.96 37.57
C HIS E 910 -29.51 40.56 38.45
N LYS E 911 -29.88 39.28 38.35
CA LYS E 911 -30.92 38.65 39.18
C LYS E 911 -32.22 39.42 38.98
N PHE E 912 -32.98 39.73 40.03
CA PHE E 912 -34.30 40.34 39.91
C PHE E 912 -34.25 41.84 39.68
N GLU E 913 -33.11 42.37 39.24
CA GLU E 913 -33.00 43.80 38.96
C GLU E 913 -33.71 44.15 37.67
N THR E 914 -35.04 44.00 37.65
CA THR E 914 -35.85 44.29 36.48
C THR E 914 -36.55 45.65 36.58
N LEU E 915 -36.23 46.45 37.59
CA LEU E 915 -36.86 47.77 37.74
C LEU E 915 -35.81 48.71 38.35
N GLN E 916 -35.10 49.43 37.48
CA GLN E 916 -34.12 50.42 37.88
C GLN E 916 -34.29 51.67 37.03
N PRO E 917 -33.94 52.84 37.55
CA PRO E 917 -34.03 54.06 36.74
C PRO E 917 -33.09 54.00 35.55
N GLY E 918 -33.67 54.02 34.36
CA GLY E 918 -32.89 53.95 33.14
C GLY E 918 -32.88 55.25 32.36
N ILE E 935 -51.06 34.23 -0.66
CA ILE E 935 -52.19 34.43 0.25
C ILE E 935 -53.46 33.87 -0.38
N CYS E 936 -53.66 34.16 -1.66
CA CYS E 936 -54.85 33.69 -2.36
C CYS E 936 -54.77 32.19 -2.60
N GLU E 937 -55.73 31.45 -2.06
CA GLU E 937 -55.78 30.02 -2.27
C GLU E 937 -56.17 29.71 -3.71
N PRO E 938 -55.52 28.74 -4.36
CA PRO E 938 -55.90 28.38 -5.72
C PRO E 938 -57.34 27.88 -5.79
N LYS E 939 -58.02 28.26 -6.86
CA LYS E 939 -59.43 27.89 -7.01
C LYS E 939 -59.58 26.39 -7.25
N ASN E 940 -59.01 25.91 -8.34
CA ASN E 940 -59.06 24.49 -8.68
C ASN E 940 -57.68 23.91 -8.93
N LYS E 941 -56.79 24.66 -9.56
CA LYS E 941 -55.45 24.19 -9.87
C LYS E 941 -54.44 25.23 -9.41
N TRP E 942 -53.29 24.76 -8.95
CA TRP E 942 -52.19 25.63 -8.55
C TRP E 942 -50.94 25.45 -9.38
N TRP E 943 -50.73 24.25 -9.93
CA TRP E 943 -49.60 24.05 -10.83
C TRP E 943 -49.70 24.92 -12.07
N GLU E 944 -50.89 25.38 -12.41
CA GLU E 944 -51.05 26.38 -13.45
C GLU E 944 -50.41 27.71 -13.06
N TRP E 945 -50.05 27.88 -11.79
CA TRP E 945 -49.17 28.95 -11.33
C TRP E 945 -49.84 30.31 -11.29
N SER E 946 -51.08 30.40 -11.79
CA SER E 946 -51.79 31.68 -11.83
C SER E 946 -51.03 32.65 -12.73
N PRO E 947 -51.49 33.91 -12.89
CA PRO E 947 -50.67 34.86 -13.65
C PRO E 947 -49.37 35.23 -12.95
N ASN E 948 -48.64 36.18 -13.53
CA ASN E 948 -47.35 36.57 -12.97
C ASN E 948 -47.38 36.93 -11.49
N PRO E 949 -48.34 37.71 -10.99
CA PRO E 949 -48.41 37.89 -9.53
C PRO E 949 -48.56 36.58 -8.77
N SER E 950 -49.35 35.65 -9.31
CA SER E 950 -49.54 34.33 -8.71
C SER E 950 -49.95 34.39 -7.24
N SER F 289 -44.50 -16.16 -41.39
CA SER F 289 -44.89 -17.56 -41.57
C SER F 289 -43.83 -18.49 -41.03
N LEU F 290 -44.19 -19.76 -40.83
CA LEU F 290 -43.21 -20.74 -40.37
C LEU F 290 -42.10 -20.82 -41.39
N SER F 291 -42.46 -20.83 -42.66
CA SER F 291 -41.46 -20.88 -43.72
C SER F 291 -40.53 -19.68 -43.61
N ILE F 292 -41.08 -18.53 -43.25
CA ILE F 292 -40.27 -17.32 -43.15
C ILE F 292 -39.14 -17.53 -42.16
N LEU F 293 -39.47 -18.04 -40.98
CA LEU F 293 -38.43 -18.32 -39.99
C LEU F 293 -37.59 -19.48 -40.49
N MET F 294 -38.23 -20.43 -41.17
CA MET F 294 -37.50 -21.58 -41.69
C MET F 294 -36.51 -21.18 -42.78
N LEU F 295 -36.62 -19.94 -43.27
CA LEU F 295 -35.69 -19.46 -44.27
C LEU F 295 -34.86 -18.30 -43.74
N HIS F 296 -35.21 -17.79 -42.56
CA HIS F 296 -34.51 -16.64 -42.01
C HIS F 296 -33.52 -17.03 -40.91
N ASP F 297 -33.95 -17.84 -39.95
CA ASP F 297 -33.07 -18.27 -38.87
C ASP F 297 -33.05 -19.78 -38.72
N PRO F 298 -31.86 -20.38 -38.85
CA PRO F 298 -31.73 -21.85 -38.73
C PRO F 298 -32.20 -22.33 -37.37
N GLU F 299 -32.06 -21.49 -36.35
CA GLU F 299 -32.51 -21.86 -35.02
C GLU F 299 -34.01 -22.13 -35.02
N ALA F 300 -34.75 -21.38 -35.84
CA ALA F 300 -36.19 -21.62 -35.94
C ALA F 300 -36.44 -23.03 -36.43
N ARG F 301 -35.67 -23.45 -37.44
CA ARG F 301 -35.81 -24.80 -37.95
C ARG F 301 -35.50 -25.79 -36.85
N TYR F 302 -34.42 -25.53 -36.12
CA TYR F 302 -34.04 -26.41 -35.03
C TYR F 302 -35.14 -26.43 -33.99
N LEU F 303 -35.69 -25.27 -33.68
CA LEU F 303 -36.80 -25.20 -32.73
C LEU F 303 -37.96 -25.98 -33.29
N HIS F 304 -38.21 -25.83 -34.58
CA HIS F 304 -39.31 -26.52 -35.23
C HIS F 304 -39.25 -28.01 -34.92
N LYS F 305 -38.07 -28.59 -35.08
CA LYS F 305 -37.91 -30.02 -34.83
C LYS F 305 -38.12 -30.33 -33.35
N ILE F 306 -37.27 -29.77 -32.50
CA ILE F 306 -37.38 -30.03 -31.07
C ILE F 306 -38.79 -29.76 -30.56
N LEU F 307 -39.46 -28.74 -31.11
CA LEU F 307 -40.82 -28.42 -30.72
C LEU F 307 -41.80 -29.49 -31.20
N ASN F 308 -41.49 -30.16 -32.30
CA ASN F 308 -42.31 -31.29 -32.73
C ASN F 308 -42.34 -32.40 -31.68
N LEU F 309 -41.30 -32.47 -30.86
CA LEU F 309 -41.23 -33.48 -29.82
C LEU F 309 -41.76 -32.92 -28.51
N LEU F 310 -41.89 -31.60 -28.45
CA LEU F 310 -42.44 -30.99 -27.25
C LEU F 310 -43.77 -31.63 -26.94
N PRO F 311 -43.92 -32.13 -25.70
CA PRO F 311 -45.16 -32.82 -25.34
C PRO F 311 -46.37 -31.98 -25.71
N PRO F 312 -47.32 -32.55 -26.45
CA PRO F 312 -48.51 -31.82 -26.86
C PRO F 312 -49.28 -31.36 -25.65
N GLU F 313 -49.10 -32.04 -24.53
CA GLU F 313 -49.79 -31.67 -23.31
C GLU F 313 -49.51 -30.22 -22.96
N TYR F 314 -48.28 -29.78 -23.20
CA TYR F 314 -47.92 -28.39 -22.91
C TYR F 314 -48.82 -27.46 -23.70
N TYR F 315 -48.93 -27.70 -25.00
CA TYR F 315 -49.78 -26.87 -25.84
C TYR F 315 -51.23 -26.98 -25.40
N VAL F 316 -51.69 -28.20 -25.15
CA VAL F 316 -53.07 -28.41 -24.75
C VAL F 316 -53.36 -27.74 -23.41
N GLU F 317 -52.47 -27.92 -22.45
CA GLU F 317 -52.65 -27.32 -21.14
C GLU F 317 -52.36 -25.84 -21.24
N TYR F 318 -53.39 -25.02 -21.09
CA TYR F 318 -53.22 -23.57 -21.25
C TYR F 318 -52.15 -22.99 -20.32
N PRO F 319 -52.08 -23.45 -19.07
CA PRO F 319 -51.00 -22.91 -18.24
C PRO F 319 -49.66 -23.13 -18.92
N LEU F 320 -49.38 -24.35 -19.35
CA LEU F 320 -48.15 -24.63 -20.07
C LEU F 320 -48.20 -23.92 -21.40
N TRP F 321 -49.32 -24.04 -22.10
CA TRP F 321 -49.48 -23.38 -23.38
C TRP F 321 -49.05 -21.94 -23.26
N SER F 322 -49.55 -21.24 -22.25
CA SER F 322 -49.22 -19.83 -22.11
C SER F 322 -47.76 -19.65 -21.70
N ASN F 323 -47.26 -20.49 -20.80
CA ASN F 323 -45.89 -20.28 -20.32
C ASN F 323 -44.86 -20.65 -21.38
N VAL F 324 -45.10 -21.70 -22.17
CA VAL F 324 -44.17 -22.01 -23.26
C VAL F 324 -44.22 -20.93 -24.33
N VAL F 325 -45.41 -20.37 -24.58
CA VAL F 325 -45.49 -19.27 -25.54
C VAL F 325 -44.75 -18.05 -25.03
N PHE F 326 -44.86 -17.75 -23.74
CA PHE F 326 -44.11 -16.63 -23.17
C PHE F 326 -42.61 -16.90 -23.25
N ALA F 327 -42.19 -18.14 -23.02
CA ALA F 327 -40.78 -18.49 -23.14
C ALA F 327 -40.29 -18.25 -24.55
N LEU F 328 -41.07 -18.67 -25.55
CA LEU F 328 -40.69 -18.43 -26.94
C LEU F 328 -40.69 -16.94 -27.24
N ALA F 329 -41.53 -16.17 -26.55
CA ALA F 329 -41.53 -14.72 -26.72
C ALA F 329 -40.31 -14.07 -26.10
N ASN F 330 -39.74 -14.69 -25.07
CA ASN F 330 -38.64 -14.06 -24.36
C ASN F 330 -37.42 -13.88 -25.26
N THR F 331 -37.11 -14.88 -26.07
CA THR F 331 -35.97 -14.82 -27.00
C THR F 331 -36.40 -14.07 -28.26
N SER F 332 -36.08 -12.77 -28.30
CA SER F 332 -36.38 -11.89 -29.42
C SER F 332 -37.87 -11.72 -29.63
N ALA F 333 -38.26 -10.72 -30.43
CA ALA F 333 -39.66 -10.44 -30.72
C ALA F 333 -40.09 -10.82 -32.12
N ASN F 334 -39.16 -11.20 -33.00
CA ASN F 334 -39.51 -11.56 -34.36
C ASN F 334 -40.02 -12.99 -34.49
N TYR F 335 -40.10 -13.73 -33.38
CA TYR F 335 -40.64 -15.08 -33.38
C TYR F 335 -42.16 -15.11 -33.31
N ARG F 336 -42.82 -14.01 -33.66
CA ARG F 336 -44.29 -14.02 -33.76
C ARG F 336 -44.81 -15.03 -34.76
N PRO F 337 -44.28 -15.14 -35.99
CA PRO F 337 -44.78 -16.20 -36.87
C PRO F 337 -44.41 -17.60 -36.37
N LEU F 338 -43.32 -17.74 -35.62
CA LEU F 338 -43.00 -19.04 -35.03
C LEU F 338 -44.03 -19.42 -33.98
N ALA F 339 -44.44 -18.47 -33.15
CA ALA F 339 -45.53 -18.72 -32.21
C ALA F 339 -46.82 -19.03 -32.94
N GLU F 340 -47.06 -18.33 -34.06
CA GLU F 340 -48.24 -18.63 -34.87
C GLU F 340 -48.17 -20.06 -35.40
N TRP F 341 -47.00 -20.51 -35.83
CA TRP F 341 -46.83 -21.90 -36.23
C TRP F 341 -47.12 -22.85 -35.07
N PHE F 342 -46.61 -22.54 -33.89
CA PHE F 342 -46.94 -23.33 -32.71
C PHE F 342 -48.44 -23.37 -32.46
N SER F 343 -49.17 -22.34 -32.89
CA SER F 343 -50.60 -22.31 -32.67
C SER F 343 -51.30 -23.51 -33.29
N GLN F 344 -50.90 -23.92 -34.49
CA GLN F 344 -51.52 -25.12 -35.05
C GLN F 344 -50.69 -26.37 -34.79
N LYS F 345 -49.84 -26.37 -33.76
CA LYS F 345 -49.21 -27.61 -33.31
C LYS F 345 -50.26 -28.38 -32.51
N CYS F 346 -50.86 -29.39 -33.14
CA CYS F 346 -52.00 -30.12 -32.61
C CYS F 346 -53.12 -29.12 -32.29
N PRO F 347 -53.76 -28.53 -33.31
CA PRO F 347 -54.73 -27.46 -33.12
C PRO F 347 -56.18 -27.93 -33.00
N GLU F 348 -56.49 -28.69 -31.96
CA GLU F 348 -57.88 -29.08 -31.74
C GLU F 348 -58.72 -27.90 -31.28
N LYS F 349 -58.10 -26.77 -30.92
CA LYS F 349 -58.80 -25.65 -30.30
C LYS F 349 -59.07 -24.51 -31.28
N TRP F 350 -59.18 -24.79 -32.58
CA TRP F 350 -59.61 -23.76 -33.50
C TRP F 350 -61.06 -23.37 -33.28
N ASN F 351 -61.87 -24.30 -32.75
CA ASN F 351 -63.29 -24.07 -32.59
C ASN F 351 -63.57 -22.93 -31.62
N THR F 352 -62.86 -22.89 -30.51
CA THR F 352 -63.09 -21.90 -29.46
C THR F 352 -62.34 -20.60 -29.71
N GLY F 353 -61.62 -20.49 -30.82
CA GLY F 353 -60.83 -19.30 -31.08
C GLY F 353 -59.69 -19.09 -30.12
N GLY F 354 -58.96 -20.17 -29.79
CA GLY F 354 -57.79 -20.03 -28.92
C GLY F 354 -56.71 -19.18 -29.54
N LYS F 355 -56.76 -18.97 -30.85
CA LYS F 355 -55.78 -18.11 -31.51
C LYS F 355 -55.85 -16.68 -30.98
N GLU F 356 -57.04 -16.18 -30.68
CA GLU F 356 -57.17 -14.80 -30.22
C GLU F 356 -56.58 -14.62 -28.82
N LYS F 357 -56.92 -15.53 -27.90
CA LYS F 357 -56.35 -15.45 -26.56
C LYS F 357 -54.84 -15.67 -26.59
N LEU F 358 -54.36 -16.56 -27.47
CA LEU F 358 -52.92 -16.72 -27.62
C LEU F 358 -52.26 -15.47 -28.17
N GLU F 359 -52.94 -14.77 -29.08
CA GLU F 359 -52.42 -13.52 -29.61
C GLU F 359 -52.34 -12.46 -28.51
N LYS F 360 -53.35 -12.40 -27.63
CA LYS F 360 -53.30 -11.48 -26.51
C LYS F 360 -52.15 -11.82 -25.56
N LEU F 361 -51.95 -13.11 -25.29
CA LEU F 361 -50.83 -13.54 -24.46
C LEU F 361 -49.50 -13.18 -25.10
N TRP F 362 -49.38 -13.38 -26.41
CA TRP F 362 -48.16 -12.98 -27.11
C TRP F 362 -47.95 -11.48 -27.00
N ASN F 363 -49.01 -10.70 -27.16
CA ASN F 363 -48.89 -9.24 -27.12
C ASN F 363 -48.39 -8.78 -25.77
N ASP F 364 -49.04 -9.20 -24.68
CA ASP F 364 -48.64 -8.68 -23.38
C ASP F 364 -47.33 -9.30 -22.92
N ALA F 365 -46.98 -10.50 -23.40
CA ALA F 365 -45.65 -11.04 -23.13
C ALA F 365 -44.57 -10.26 -23.87
N SER F 366 -44.90 -9.74 -25.05
CA SER F 366 -43.94 -9.03 -25.89
C SER F 366 -43.74 -7.58 -25.48
N HIS F 367 -44.45 -7.12 -24.46
CA HIS F 367 -44.37 -5.72 -24.02
C HIS F 367 -43.68 -5.55 -22.69
N HIS F 368 -44.14 -6.24 -21.64
CA HIS F 368 -43.51 -6.08 -20.33
C HIS F 368 -42.17 -6.80 -20.29
N THR F 369 -41.26 -6.28 -19.46
CA THR F 369 -39.97 -6.89 -19.22
C THR F 369 -39.92 -7.38 -17.79
N GLU F 370 -39.61 -8.66 -17.61
CA GLU F 370 -39.59 -9.27 -16.29
C GLU F 370 -38.53 -10.35 -16.28
N LYS F 371 -38.58 -11.24 -15.29
CA LYS F 371 -37.53 -12.23 -15.10
C LYS F 371 -37.42 -13.18 -16.29
N LYS F 372 -38.55 -13.54 -16.91
CA LYS F 372 -38.59 -14.43 -18.06
C LYS F 372 -38.09 -15.82 -17.72
N ILE F 373 -38.26 -16.77 -18.65
CA ILE F 373 -37.70 -18.10 -18.48
C ILE F 373 -36.95 -18.49 -19.75
N THR F 374 -37.20 -17.74 -20.83
CA THR F 374 -36.48 -17.85 -22.10
C THR F 374 -36.30 -19.29 -22.57
N LYS F 375 -35.15 -19.56 -23.19
CA LYS F 375 -34.82 -20.89 -23.67
C LYS F 375 -34.23 -21.72 -22.53
N ARG F 376 -33.61 -22.84 -22.89
CA ARG F 376 -32.98 -23.80 -21.97
C ARG F 376 -33.99 -24.47 -21.06
N SER F 377 -35.29 -24.19 -21.22
CA SER F 377 -36.35 -24.89 -20.52
C SER F 377 -37.09 -25.87 -21.42
N ILE F 378 -37.31 -25.50 -22.68
CA ILE F 378 -37.92 -26.42 -23.62
C ILE F 378 -37.03 -27.63 -23.83
N MET F 379 -35.72 -27.39 -23.95
CA MET F 379 -34.78 -28.51 -24.02
C MET F 379 -34.80 -29.32 -22.74
N TYR F 380 -35.03 -28.69 -21.59
CA TYR F 380 -35.17 -29.44 -20.35
C TYR F 380 -36.38 -30.37 -20.39
N TRP F 381 -37.52 -29.86 -20.88
CA TRP F 381 -38.69 -30.71 -21.01
C TRP F 381 -38.44 -31.86 -21.97
N ALA F 382 -37.77 -31.57 -23.10
CA ALA F 382 -37.46 -32.62 -24.06
C ALA F 382 -36.54 -33.68 -23.44
N HIS F 383 -35.52 -33.25 -22.70
CA HIS F 383 -34.58 -34.18 -22.10
C HIS F 383 -35.27 -35.07 -21.07
N LYS F 384 -36.07 -34.46 -20.19
CA LYS F 384 -36.66 -35.19 -19.09
C LYS F 384 -37.96 -35.90 -19.45
N HIS F 385 -38.51 -35.66 -20.63
CA HIS F 385 -39.76 -36.28 -21.04
C HIS F 385 -39.54 -37.45 -22.00
N ALA F 386 -38.90 -37.20 -23.14
CA ALA F 386 -38.79 -38.23 -24.17
C ALA F 386 -37.35 -38.33 -24.67
N PRO F 387 -36.67 -39.45 -24.38
CA PRO F 387 -35.27 -39.60 -24.82
C PRO F 387 -35.16 -39.99 -26.29
N GLN F 388 -33.93 -40.32 -26.71
CA GLN F 388 -33.62 -40.88 -28.02
C GLN F 388 -33.73 -39.86 -29.14
N GLN F 389 -34.96 -39.50 -29.52
CA GLN F 389 -35.13 -38.65 -30.69
C GLN F 389 -34.48 -37.28 -30.51
N TYR F 390 -34.64 -36.66 -29.34
CA TYR F 390 -34.03 -35.36 -29.12
C TYR F 390 -32.51 -35.45 -29.14
N LYS F 391 -31.96 -36.49 -28.52
CA LYS F 391 -30.50 -36.61 -28.44
C LYS F 391 -29.90 -36.81 -29.83
N GLU F 392 -30.52 -37.64 -30.66
CA GLU F 392 -30.01 -37.82 -32.01
C GLU F 392 -30.25 -36.57 -32.86
N ILE F 393 -31.35 -35.86 -32.62
CA ILE F 393 -31.60 -34.63 -33.37
C ILE F 393 -30.50 -33.63 -33.10
N VAL F 394 -30.19 -33.38 -31.82
CA VAL F 394 -29.13 -32.43 -31.50
C VAL F 394 -27.77 -32.96 -31.95
N GLU F 395 -27.55 -34.27 -31.86
CA GLU F 395 -26.28 -34.86 -32.31
C GLU F 395 -26.05 -34.57 -33.78
N GLN F 396 -27.02 -34.90 -34.63
CA GLN F 396 -26.90 -34.58 -36.04
C GLN F 396 -26.83 -33.08 -36.28
N GLY F 397 -27.50 -32.28 -35.46
CA GLY F 397 -27.42 -30.84 -35.59
C GLY F 397 -26.00 -30.32 -35.49
N TYR F 398 -25.36 -30.51 -34.33
CA TYR F 398 -24.00 -29.97 -34.22
C TYR F 398 -23.00 -30.77 -35.05
N PHE F 399 -23.28 -32.04 -35.34
CA PHE F 399 -22.42 -32.78 -36.26
C PHE F 399 -22.42 -32.15 -37.64
N SER F 400 -23.60 -31.78 -38.14
CA SER F 400 -23.68 -31.12 -39.44
C SER F 400 -23.05 -29.74 -39.40
N ILE F 401 -23.21 -29.04 -38.27
CA ILE F 401 -22.57 -27.74 -38.12
C ILE F 401 -21.06 -27.87 -38.28
N LEU F 402 -20.46 -28.80 -37.53
CA LEU F 402 -19.03 -29.02 -37.63
C LEU F 402 -18.62 -29.56 -38.99
N ALA F 403 -19.44 -30.42 -39.59
CA ALA F 403 -19.10 -30.96 -40.91
C ALA F 403 -19.05 -29.87 -41.95
N GLU F 404 -20.05 -28.97 -41.95
CA GLU F 404 -20.03 -27.86 -42.89
C GLU F 404 -18.82 -26.97 -42.64
N TYR F 405 -18.51 -26.70 -41.36
CA TYR F 405 -17.35 -25.86 -41.05
C TYR F 405 -16.05 -26.48 -41.55
N VAL F 406 -15.86 -27.79 -41.32
CA VAL F 406 -14.62 -28.42 -41.74
C VAL F 406 -14.54 -28.54 -43.26
N TYR F 407 -15.68 -28.79 -43.91
CA TYR F 407 -15.68 -28.86 -45.37
C TYR F 407 -15.37 -27.49 -45.97
N SER F 408 -15.80 -26.42 -45.31
CA SER F 408 -15.65 -25.09 -45.88
C SER F 408 -14.19 -24.70 -46.07
N TYR F 409 -13.32 -25.07 -45.11
CA TYR F 409 -11.95 -24.58 -45.10
C TYR F 409 -10.93 -25.69 -45.37
N ASN F 410 -11.41 -26.78 -45.91
CA ASN F 410 -10.51 -27.83 -46.19
C ASN F 410 -9.84 -28.29 -44.94
N GLY F 411 -10.61 -28.70 -43.95
CA GLY F 411 -10.03 -29.27 -42.74
C GLY F 411 -9.52 -28.36 -41.65
N MET F 412 -8.83 -27.28 -42.00
CA MET F 412 -8.25 -26.42 -40.97
C MET F 412 -9.26 -26.05 -39.89
N LEU F 413 -8.91 -26.29 -38.63
CA LEU F 413 -9.81 -25.98 -37.52
C LEU F 413 -9.21 -24.93 -36.61
N GLU F 414 -10.07 -24.13 -35.97
CA GLU F 414 -9.58 -23.08 -35.09
C GLU F 414 -10.34 -23.01 -33.77
N HIS F 415 -9.80 -22.26 -32.82
CA HIS F 415 -10.44 -22.15 -31.51
C HIS F 415 -11.86 -21.63 -31.62
N TYR F 416 -12.07 -20.61 -32.45
CA TYR F 416 -13.40 -20.02 -32.56
C TYR F 416 -14.42 -21.07 -32.98
N MET F 417 -14.02 -21.97 -33.87
CA MET F 417 -14.94 -23.01 -34.33
C MET F 417 -15.39 -23.86 -33.15
N ILE F 418 -14.45 -24.27 -32.32
CA ILE F 418 -14.80 -25.07 -31.15
C ILE F 418 -15.71 -24.26 -30.25
N ALA F 419 -15.35 -23.01 -30.02
CA ALA F 419 -16.19 -22.14 -29.19
C ALA F 419 -17.63 -22.21 -29.66
N LYS F 420 -17.84 -21.98 -30.95
CA LYS F 420 -19.20 -22.03 -31.49
C LYS F 420 -19.81 -23.41 -31.32
N VAL F 421 -19.04 -24.47 -31.58
CA VAL F 421 -19.57 -25.82 -31.44
C VAL F 421 -19.96 -26.08 -29.98
N ILE F 422 -19.11 -25.69 -29.05
CA ILE F 422 -19.37 -25.90 -27.63
C ILE F 422 -20.60 -25.12 -27.20
N TYR F 423 -20.70 -23.87 -27.64
CA TYR F 423 -21.87 -23.08 -27.27
C TYR F 423 -23.15 -23.69 -27.84
N ALA F 424 -23.08 -24.23 -29.05
CA ALA F 424 -24.26 -24.84 -29.64
C ALA F 424 -24.62 -26.18 -29.02
N MET F 425 -23.65 -26.89 -28.45
CA MET F 425 -23.88 -28.25 -27.99
C MET F 425 -24.08 -28.38 -26.48
N MET F 426 -23.36 -27.60 -25.67
CA MET F 426 -23.56 -27.61 -24.22
C MET F 426 -23.58 -26.17 -23.71
N GLY F 427 -24.37 -25.33 -24.38
CA GLY F 427 -24.40 -23.92 -24.08
C GLY F 427 -25.38 -23.50 -23.01
N ASN F 428 -26.03 -24.44 -22.33
CA ASN F 428 -27.03 -24.11 -21.33
C ASN F 428 -26.57 -24.39 -19.91
N LYS F 429 -25.25 -24.52 -19.69
CA LYS F 429 -24.74 -24.84 -18.37
C LYS F 429 -23.73 -23.84 -17.84
N PHE F 430 -23.19 -22.96 -18.68
CA PHE F 430 -22.13 -22.05 -18.27
C PHE F 430 -22.52 -20.62 -18.63
N VAL F 431 -22.22 -19.69 -17.72
CA VAL F 431 -22.53 -18.28 -17.90
C VAL F 431 -21.29 -17.46 -17.57
N VAL F 432 -20.97 -16.50 -18.44
CA VAL F 432 -19.79 -15.66 -18.29
C VAL F 432 -20.25 -14.21 -18.17
N ASP F 433 -19.78 -13.54 -17.12
CA ASP F 433 -20.08 -12.13 -16.91
C ASP F 433 -18.86 -11.43 -16.34
N VAL F 434 -18.76 -10.13 -16.59
CA VAL F 434 -17.60 -9.34 -16.20
C VAL F 434 -17.84 -8.77 -14.81
N ASP F 435 -16.88 -9.01 -13.91
CA ASP F 435 -16.98 -8.52 -12.54
C ASP F 435 -16.79 -7.01 -12.51
N SER F 436 -16.85 -6.45 -11.30
CA SER F 436 -16.62 -5.02 -11.15
C SER F 436 -15.16 -4.63 -11.36
N ASN F 437 -14.25 -5.60 -11.32
CA ASN F 437 -12.83 -5.34 -11.49
C ASN F 437 -12.34 -5.57 -12.91
N GLY F 438 -13.23 -5.92 -13.84
CA GLY F 438 -12.84 -6.07 -15.23
C GLY F 438 -12.26 -7.41 -15.61
N LYS F 439 -12.48 -8.44 -14.80
CA LYS F 439 -12.03 -9.79 -15.11
C LYS F 439 -13.24 -10.69 -15.35
N TYR F 440 -13.22 -11.43 -16.44
CA TYR F 440 -14.32 -12.33 -16.75
C TYR F 440 -14.38 -13.46 -15.74
N VAL F 441 -15.61 -13.83 -15.36
CA VAL F 441 -15.85 -14.86 -14.35
C VAL F 441 -16.75 -15.93 -14.95
N TRP F 442 -16.39 -17.19 -14.71
CA TRP F 442 -17.16 -18.31 -15.21
C TRP F 442 -18.05 -18.87 -14.11
N PHE F 443 -19.32 -19.05 -14.43
CA PHE F 443 -20.30 -19.62 -13.52
C PHE F 443 -20.79 -20.94 -14.10
N GLU F 444 -20.94 -21.94 -13.24
CA GLU F 444 -21.35 -23.27 -13.63
C GLU F 444 -22.60 -23.68 -12.86
N PHE F 445 -23.54 -24.31 -13.55
CA PHE F 445 -24.77 -24.78 -12.93
C PHE F 445 -24.58 -26.23 -12.48
N VAL F 446 -24.72 -26.45 -11.17
CA VAL F 446 -24.48 -27.78 -10.61
C VAL F 446 -25.61 -28.72 -11.00
N LEU F 447 -25.26 -29.98 -11.25
CA LEU F 447 -26.22 -31.03 -11.53
C LEU F 447 -25.94 -32.23 -10.65
N PRO F 448 -26.95 -33.00 -10.28
CA PRO F 448 -26.73 -34.14 -9.39
C PRO F 448 -25.89 -35.22 -10.05
N GLY F 449 -25.15 -35.94 -9.22
CA GLY F 449 -24.37 -37.08 -9.69
C GLY F 449 -22.96 -36.76 -10.14
N GLN F 450 -22.41 -35.60 -9.78
CA GLN F 450 -21.06 -35.23 -10.12
C GLN F 450 -20.36 -34.72 -8.87
N PRO F 451 -19.03 -34.76 -8.83
CA PRO F 451 -18.30 -34.27 -7.66
C PRO F 451 -18.66 -32.81 -7.37
N MET F 452 -19.16 -32.58 -6.16
CA MET F 452 -19.68 -31.26 -5.80
C MET F 452 -19.78 -31.17 -4.29
N ASN F 453 -19.50 -29.98 -3.77
CA ASN F 453 -19.54 -29.73 -2.34
C ASN F 453 -20.98 -29.79 -1.85
N GLN F 454 -21.14 -29.81 -0.53
CA GLN F 454 -22.47 -29.98 0.05
C GLN F 454 -23.29 -28.71 -0.09
N GLY F 455 -24.52 -28.84 -0.60
CA GLY F 455 -25.51 -27.80 -0.50
C GLY F 455 -25.73 -26.92 -1.70
N GLU F 456 -24.89 -27.00 -2.73
CA GLU F 456 -25.02 -26.12 -3.89
C GLU F 456 -25.66 -26.82 -5.08
N ILE F 457 -26.42 -27.88 -4.85
CA ILE F 457 -27.11 -28.55 -5.94
C ILE F 457 -28.18 -27.64 -6.52
N TRP F 458 -28.40 -27.75 -7.83
CA TRP F 458 -29.46 -27.04 -8.53
C TRP F 458 -29.30 -25.52 -8.48
N LYS F 459 -28.10 -25.04 -8.18
CA LYS F 459 -27.86 -23.61 -8.12
C LYS F 459 -26.47 -23.29 -8.62
N TRP F 460 -26.29 -22.06 -9.08
CA TRP F 460 -25.04 -21.64 -9.69
C TRP F 460 -23.92 -21.62 -8.66
N ARG F 461 -22.68 -21.77 -9.15
CA ARG F 461 -21.49 -21.61 -8.34
C ARG F 461 -20.44 -20.89 -9.15
N LYS F 462 -19.51 -20.23 -8.46
CA LYS F 462 -18.43 -19.54 -9.12
C LYS F 462 -17.29 -20.51 -9.42
N GLU F 463 -16.73 -20.38 -10.62
CA GLU F 463 -15.61 -21.22 -11.04
C GLU F 463 -14.52 -20.31 -11.61
N VAL F 464 -13.39 -20.23 -10.91
CA VAL F 464 -12.28 -19.41 -11.37
C VAL F 464 -11.75 -19.93 -12.69
N ASN F 465 -11.59 -21.26 -12.80
CA ASN F 465 -11.09 -21.90 -14.01
C ASN F 465 -12.02 -23.05 -14.35
N PRO F 466 -12.68 -23.03 -15.51
CA PRO F 466 -13.66 -24.08 -15.81
C PRO F 466 -13.01 -25.41 -16.12
N ASP F 467 -12.60 -26.13 -15.07
CA ASP F 467 -11.88 -27.38 -15.25
C ASP F 467 -12.75 -28.43 -15.93
N GLU F 468 -14.01 -28.51 -15.52
CA GLU F 468 -14.93 -29.47 -16.14
C GLU F 468 -15.09 -29.17 -17.62
N LEU F 469 -15.03 -27.90 -18.01
CA LEU F 469 -15.10 -27.58 -19.43
C LEU F 469 -13.86 -28.10 -20.17
N HIS F 470 -12.69 -28.03 -19.54
CA HIS F 470 -11.48 -28.56 -20.15
C HIS F 470 -11.58 -30.07 -20.34
N ILE F 471 -11.99 -30.78 -19.29
CA ILE F 471 -12.08 -32.23 -19.44
C ILE F 471 -13.16 -32.59 -20.46
N TYR F 472 -14.25 -31.81 -20.51
CA TYR F 472 -15.31 -32.08 -21.47
C TYR F 472 -14.81 -31.89 -22.90
N ILE F 473 -14.16 -30.76 -23.17
CA ILE F 473 -13.65 -30.49 -24.51
C ILE F 473 -12.61 -31.53 -24.91
N SER F 474 -11.87 -32.06 -23.94
CA SER F 474 -10.88 -33.08 -24.30
C SER F 474 -11.52 -34.45 -24.54
N GLU F 475 -12.59 -34.77 -23.83
CA GLU F 475 -13.14 -36.14 -23.87
C GLU F 475 -14.33 -36.27 -24.81
N ASN F 476 -15.41 -35.52 -24.57
CA ASN F 476 -16.66 -35.76 -25.28
C ASN F 476 -16.57 -35.37 -26.74
N PHE F 477 -15.51 -34.70 -27.15
CA PHE F 477 -15.39 -34.17 -28.50
C PHE F 477 -14.73 -35.18 -29.44
N SER F 478 -13.97 -36.11 -28.88
CA SER F 478 -13.40 -37.20 -29.67
C SER F 478 -14.49 -38.08 -30.27
N ARG F 479 -15.66 -38.13 -29.65
CA ARG F 479 -16.77 -38.86 -30.25
C ARG F 479 -17.15 -38.24 -31.60
N VAL F 480 -17.26 -36.91 -31.65
CA VAL F 480 -17.61 -36.25 -32.90
C VAL F 480 -16.47 -36.41 -33.90
N MET F 481 -15.23 -36.39 -33.42
CA MET F 481 -14.11 -36.68 -34.31
C MET F 481 -14.20 -38.08 -34.91
N ASP F 482 -14.56 -39.07 -34.10
CA ASP F 482 -14.73 -40.42 -34.61
C ASP F 482 -15.83 -40.47 -35.67
N ARG F 483 -16.95 -39.79 -35.40
CA ARG F 483 -18.04 -39.76 -36.36
C ARG F 483 -17.60 -39.13 -37.67
N ILE F 484 -16.87 -38.01 -37.60
CA ILE F 484 -16.43 -37.32 -38.81
C ILE F 484 -15.45 -38.19 -39.60
N THR F 485 -14.52 -38.84 -38.90
CA THR F 485 -13.57 -39.71 -39.58
C THR F 485 -14.28 -40.88 -40.25
N GLU F 486 -15.27 -41.45 -39.58
CA GLU F 486 -16.05 -42.53 -40.19
C GLU F 486 -16.77 -42.04 -41.43
N HIS F 487 -17.34 -40.83 -41.37
CA HIS F 487 -18.00 -40.27 -42.55
C HIS F 487 -17.03 -40.09 -43.70
N ILE F 488 -15.83 -39.59 -43.41
CA ILE F 488 -14.85 -39.36 -44.46
C ILE F 488 -14.42 -40.67 -45.08
N LYS F 489 -14.14 -41.68 -44.25
CA LYS F 489 -13.74 -42.98 -44.79
C LYS F 489 -14.89 -43.61 -45.57
N TYR F 490 -16.13 -43.39 -45.13
CA TYR F 490 -17.29 -43.91 -45.85
C TYR F 490 -17.38 -43.33 -47.24
N HIS F 491 -17.27 -42.00 -47.35
CA HIS F 491 -17.29 -41.37 -48.66
C HIS F 491 -16.08 -41.74 -49.49
N LEU F 492 -14.97 -42.09 -48.84
CA LEU F 492 -13.80 -42.57 -49.58
C LEU F 492 -14.01 -43.98 -50.12
N SER F 493 -14.81 -44.79 -49.42
CA SER F 493 -14.99 -46.18 -49.83
C SER F 493 -15.69 -46.28 -51.18
N GLN F 494 -16.73 -45.48 -51.40
CA GLN F 494 -17.48 -45.58 -52.65
C GLN F 494 -16.63 -45.12 -53.83
N PRO F 495 -16.79 -45.76 -54.99
CA PRO F 495 -16.01 -45.36 -56.17
C PRO F 495 -16.53 -44.07 -56.77
N HIS F 496 -15.61 -43.23 -57.22
CA HIS F 496 -15.94 -41.97 -57.85
C HIS F 496 -14.87 -41.68 -58.91
N GLU F 497 -14.81 -40.44 -59.37
CA GLU F 497 -13.80 -40.01 -60.33
C GLU F 497 -12.59 -39.49 -59.56
N SER F 498 -11.71 -38.79 -60.27
CA SER F 498 -10.42 -38.37 -59.72
C SER F 498 -10.55 -37.42 -58.53
N ASN F 499 -11.77 -37.02 -58.18
CA ASN F 499 -11.95 -36.18 -57.00
C ASN F 499 -11.55 -36.91 -55.73
N ILE F 500 -11.96 -38.16 -55.58
CA ILE F 500 -11.56 -38.95 -54.42
C ILE F 500 -10.09 -39.34 -54.49
N LEU F 501 -9.49 -39.28 -55.68
CA LEU F 501 -8.07 -39.61 -55.80
C LEU F 501 -7.20 -38.60 -55.05
N ASN F 502 -7.55 -37.32 -55.12
CA ASN F 502 -6.72 -36.27 -54.54
C ASN F 502 -7.42 -35.50 -53.44
N TYR F 503 -8.62 -34.96 -53.71
CA TYR F 503 -9.22 -34.01 -52.78
C TYR F 503 -9.60 -34.67 -51.46
N TYR F 504 -10.29 -35.81 -51.52
CA TYR F 504 -10.71 -36.47 -50.30
C TYR F 504 -9.51 -36.95 -49.48
N LYS F 505 -8.49 -37.46 -50.16
CA LYS F 505 -7.27 -37.87 -49.47
C LYS F 505 -6.60 -36.69 -48.79
N LYS F 506 -6.57 -35.54 -49.47
CA LYS F 506 -5.96 -34.35 -48.88
C LYS F 506 -6.73 -33.88 -47.65
N LEU F 507 -8.06 -33.89 -47.73
CA LEU F 507 -8.86 -33.53 -46.56
C LEU F 507 -8.63 -34.51 -45.42
N LEU F 508 -8.52 -35.80 -45.73
CA LEU F 508 -8.24 -36.78 -44.68
C LEU F 508 -6.91 -36.50 -44.01
N LYS F 509 -5.87 -36.21 -44.81
CA LYS F 509 -4.56 -35.93 -44.24
C LYS F 509 -4.59 -34.67 -43.37
N ALA F 510 -5.25 -33.61 -43.87
CA ALA F 510 -5.32 -32.38 -43.09
C ALA F 510 -6.09 -32.61 -41.79
N PHE F 511 -7.18 -33.35 -41.84
CA PHE F 511 -7.97 -33.58 -40.63
C PHE F 511 -7.21 -34.43 -39.62
N GLU F 512 -6.51 -35.47 -40.09
CA GLU F 512 -5.75 -36.27 -39.14
C GLU F 512 -4.58 -35.48 -38.56
N ARG F 513 -4.01 -34.55 -39.33
CA ARG F 513 -3.00 -33.67 -38.76
C ARG F 513 -3.59 -32.76 -37.69
N SER F 514 -4.80 -32.23 -37.94
CA SER F 514 -5.42 -31.30 -37.00
C SER F 514 -6.10 -32.00 -35.82
N LYS F 515 -6.25 -33.32 -35.86
CA LYS F 515 -6.92 -34.02 -34.78
C LYS F 515 -6.20 -33.84 -33.45
N SER F 516 -4.87 -33.93 -33.46
CA SER F 516 -4.12 -33.85 -32.21
C SER F 516 -4.10 -32.46 -31.61
N LYS F 517 -4.60 -31.45 -32.34
CA LYS F 517 -4.55 -30.08 -31.82
C LYS F 517 -5.35 -29.94 -30.54
N ILE F 518 -6.49 -30.62 -30.43
CA ILE F 518 -7.35 -30.47 -29.28
C ILE F 518 -6.68 -30.91 -27.99
N PHE F 519 -5.68 -31.78 -28.08
CA PHE F 519 -4.99 -32.25 -26.88
C PHE F 519 -3.91 -31.30 -26.40
N ASN F 520 -3.57 -30.29 -27.19
CA ASN F 520 -2.59 -29.30 -26.76
C ASN F 520 -3.19 -28.43 -25.66
N ASP F 521 -2.32 -27.89 -24.81
CA ASP F 521 -2.77 -27.04 -23.72
C ASP F 521 -2.96 -25.60 -24.17
N SER F 522 -2.01 -25.07 -24.94
CA SER F 522 -2.15 -23.72 -25.46
C SER F 522 -3.35 -23.63 -26.39
N PHE F 523 -3.58 -24.66 -27.19
CA PHE F 523 -4.76 -24.71 -28.06
C PHE F 523 -6.04 -24.63 -27.23
N LYS F 524 -6.13 -25.42 -26.16
CA LYS F 524 -7.33 -25.42 -25.35
C LYS F 524 -7.54 -24.09 -24.65
N LYS F 525 -6.47 -23.49 -24.13
CA LYS F 525 -6.62 -22.20 -23.47
C LYS F 525 -7.02 -21.11 -24.47
N GLY F 526 -6.52 -21.19 -25.70
CA GLY F 526 -7.00 -20.28 -26.72
C GLY F 526 -8.46 -20.48 -27.04
N VAL F 527 -8.90 -21.73 -27.11
CA VAL F 527 -10.32 -22.00 -27.33
C VAL F 527 -11.16 -21.36 -26.24
N ILE F 528 -10.76 -21.53 -24.99
CA ILE F 528 -11.52 -20.92 -23.90
C ILE F 528 -11.50 -19.40 -23.99
N ARG F 529 -10.34 -18.84 -24.33
CA ARG F 529 -10.20 -17.39 -24.44
C ARG F 529 -11.09 -16.83 -25.54
N GLN F 530 -11.34 -17.61 -26.59
CA GLN F 530 -12.29 -17.16 -27.59
C GLN F 530 -13.72 -17.55 -27.23
N ALA F 531 -13.88 -18.43 -26.25
CA ALA F 531 -15.21 -18.90 -25.88
C ALA F 531 -15.91 -17.98 -24.90
N GLU F 532 -15.17 -17.20 -24.10
CA GLU F 532 -15.87 -16.30 -23.17
C GLU F 532 -16.83 -15.39 -23.91
N PHE F 533 -16.43 -14.88 -25.08
CA PHE F 533 -17.28 -13.94 -25.81
C PHE F 533 -18.60 -14.60 -26.22
N LEU F 534 -18.54 -15.85 -26.67
CA LEU F 534 -19.77 -16.54 -27.05
C LEU F 534 -20.63 -16.87 -25.84
N PHE F 535 -19.99 -17.27 -24.73
CA PHE F 535 -20.73 -17.56 -23.51
C PHE F 535 -21.04 -16.32 -22.70
N ARG F 536 -20.88 -15.14 -23.30
CA ARG F 536 -21.23 -13.89 -22.64
C ARG F 536 -22.73 -13.80 -22.42
N GLN F 537 -23.12 -13.27 -21.27
CA GLN F 537 -24.52 -12.98 -20.97
C GLN F 537 -24.57 -11.67 -20.22
N ARG F 538 -25.01 -10.61 -20.90
CA ARG F 538 -25.03 -9.29 -20.30
C ARG F 538 -26.00 -9.24 -19.14
N SER F 539 -25.66 -8.41 -18.15
CA SER F 539 -26.53 -8.12 -17.01
C SER F 539 -26.89 -9.40 -16.26
N PHE F 540 -25.87 -10.04 -15.71
CA PHE F 540 -26.08 -11.25 -14.90
C PHE F 540 -25.54 -11.12 -13.50
N ILE F 541 -24.38 -10.48 -13.31
CA ILE F 541 -23.80 -10.38 -11.99
C ILE F 541 -24.64 -9.47 -11.10
N GLN F 542 -25.02 -8.30 -11.62
CA GLN F 542 -25.72 -7.33 -10.80
C GLN F 542 -27.16 -7.75 -10.48
N THR F 543 -27.72 -8.68 -11.26
CA THR F 543 -29.05 -9.20 -10.99
C THR F 543 -29.01 -10.50 -10.19
N LEU F 544 -27.91 -10.74 -9.49
CA LEU F 544 -27.76 -11.96 -8.71
C LEU F 544 -28.44 -11.80 -7.35
N ASP F 545 -29.32 -12.74 -7.01
CA ASP F 545 -30.03 -12.79 -5.73
C ASP F 545 -30.85 -11.54 -5.46
N THR F 546 -31.24 -10.81 -6.51
CA THR F 546 -32.06 -9.61 -6.31
C THR F 546 -33.43 -9.97 -5.78
N ASN F 547 -34.03 -11.04 -6.30
CA ASN F 547 -35.35 -11.45 -5.85
C ASN F 547 -35.25 -11.94 -4.41
N PRO F 548 -35.95 -11.31 -3.46
CA PRO F 548 -35.86 -11.76 -2.07
C PRO F 548 -36.61 -13.04 -1.78
N HIS F 549 -37.53 -13.46 -2.65
CA HIS F 549 -38.37 -14.61 -2.35
C HIS F 549 -37.67 -15.94 -2.57
N LEU F 550 -36.46 -15.93 -3.13
CA LEU F 550 -35.72 -17.16 -3.41
C LEU F 550 -34.60 -17.30 -2.38
N LEU F 551 -34.57 -18.43 -1.68
CA LEU F 551 -33.58 -18.71 -0.67
C LEU F 551 -32.89 -20.02 -1.00
N GLY F 552 -31.57 -19.98 -1.18
CA GLY F 552 -30.82 -21.20 -1.38
C GLY F 552 -30.76 -22.01 -0.09
N VAL F 553 -31.07 -23.29 -0.20
CA VAL F 553 -31.11 -24.19 0.94
C VAL F 553 -30.25 -25.42 0.65
N GLY F 554 -30.25 -26.35 1.60
CA GLY F 554 -29.36 -27.50 1.51
C GLY F 554 -29.61 -28.35 0.28
N ASN F 555 -30.87 -28.61 -0.04
CA ASN F 555 -31.23 -29.50 -1.14
C ASN F 555 -32.03 -28.76 -2.20
N GLY F 556 -31.58 -27.57 -2.57
CA GLY F 556 -32.22 -26.83 -3.64
C GLY F 556 -32.44 -25.36 -3.32
N VAL F 557 -33.51 -24.79 -3.85
CA VAL F 557 -33.87 -23.41 -3.61
C VAL F 557 -35.33 -23.34 -3.18
N LEU F 558 -35.61 -22.55 -2.15
CA LEU F 558 -36.96 -22.40 -1.63
C LEU F 558 -37.55 -21.08 -2.07
N SER F 559 -38.73 -21.14 -2.68
CA SER F 559 -39.43 -19.95 -3.17
C SER F 559 -40.61 -19.66 -2.26
N ILE F 560 -40.69 -18.41 -1.78
CA ILE F 560 -41.77 -17.99 -0.91
C ILE F 560 -42.65 -16.94 -1.61
N GLU F 561 -42.67 -16.95 -2.95
CA GLU F 561 -43.56 -16.04 -3.67
C GLU F 561 -45.02 -16.33 -3.36
N THR F 562 -45.39 -17.60 -3.31
CA THR F 562 -46.78 -18.01 -3.14
C THR F 562 -46.90 -18.94 -1.95
N ILE F 563 -48.09 -18.95 -1.36
CA ILE F 563 -48.42 -19.85 -0.26
C ILE F 563 -49.16 -21.05 -0.83
N PRO F 564 -48.72 -22.29 -0.55
CA PRO F 564 -47.56 -22.59 0.28
C PRO F 564 -46.24 -22.43 -0.46
N ALA F 565 -45.16 -22.21 0.27
CA ALA F 565 -43.83 -22.11 -0.33
C ALA F 565 -43.44 -23.45 -0.95
N LYS F 566 -42.84 -23.39 -2.13
CA LYS F 566 -42.46 -24.58 -2.87
C LYS F 566 -40.95 -24.70 -2.95
N LEU F 567 -40.44 -25.90 -2.70
CA LEU F 567 -39.01 -26.18 -2.80
C LEU F 567 -38.71 -26.61 -4.22
N ILE F 568 -37.98 -25.77 -4.96
CA ILE F 568 -37.62 -26.08 -6.33
C ILE F 568 -36.39 -26.96 -6.33
N ASN F 569 -36.60 -28.26 -6.59
CA ASN F 569 -35.52 -29.24 -6.57
C ASN F 569 -35.21 -29.77 -7.96
N HIS F 570 -35.75 -29.16 -9.00
CA HIS F 570 -35.51 -29.55 -10.38
C HIS F 570 -34.91 -28.37 -11.13
N PHE F 571 -34.76 -28.54 -12.44
CA PHE F 571 -34.11 -27.51 -13.24
C PHE F 571 -34.95 -26.23 -13.27
N HIS F 572 -34.27 -25.11 -13.47
CA HIS F 572 -34.89 -23.80 -13.46
C HIS F 572 -33.94 -22.84 -14.17
N GLU F 573 -34.18 -21.54 -14.01
CA GLU F 573 -33.31 -20.52 -14.59
C GLU F 573 -33.06 -19.35 -13.64
N HIS F 574 -33.44 -19.47 -12.38
CA HIS F 574 -33.29 -18.35 -11.45
C HIS F 574 -31.82 -18.06 -11.20
N PRO F 575 -31.39 -16.80 -11.30
CA PRO F 575 -29.99 -16.43 -11.03
C PRO F 575 -29.67 -16.34 -9.53
N ILE F 576 -29.34 -17.48 -8.94
CA ILE F 576 -29.05 -17.58 -7.51
C ILE F 576 -27.66 -18.19 -7.34
N HIS F 577 -26.88 -17.60 -6.45
CA HIS F 577 -25.56 -18.14 -6.14
C HIS F 577 -25.33 -18.35 -4.66
N GLN F 578 -25.83 -17.45 -3.81
CA GLN F 578 -25.70 -17.63 -2.37
C GLN F 578 -26.74 -18.62 -1.86
N TYR F 579 -26.40 -19.28 -0.75
CA TYR F 579 -27.27 -20.32 -0.21
C TYR F 579 -26.87 -20.58 1.24
N THR F 580 -27.65 -21.43 1.90
CA THR F 580 -27.32 -21.94 3.21
C THR F 580 -27.35 -23.47 3.16
N HIS F 581 -26.58 -24.09 4.05
CA HIS F 581 -26.39 -25.54 4.05
C HIS F 581 -27.45 -26.27 4.84
N ILE F 582 -28.63 -25.70 4.99
CA ILE F 582 -29.72 -26.32 5.74
C ILE F 582 -30.74 -26.86 4.75
N CYS F 583 -31.01 -28.16 4.83
CA CYS F 583 -32.04 -28.75 4.00
C CYS F 583 -33.42 -28.40 4.54
N TYR F 584 -34.38 -28.27 3.64
CA TYR F 584 -35.75 -27.88 4.00
C TYR F 584 -36.66 -29.09 3.93
N VAL F 585 -37.51 -29.24 4.94
CA VAL F 585 -38.56 -30.26 4.96
C VAL F 585 -39.87 -29.58 5.35
N PRO F 586 -41.02 -30.11 4.95
CA PRO F 586 -42.28 -29.49 5.36
C PRO F 586 -42.44 -29.51 6.88
N PHE F 587 -43.07 -28.46 7.40
CA PHE F 587 -43.25 -28.32 8.83
C PHE F 587 -44.11 -29.45 9.39
N ASN F 588 -43.51 -30.31 10.19
CA ASN F 588 -44.22 -31.43 10.83
C ASN F 588 -44.26 -31.19 12.33
N PRO F 589 -45.41 -30.82 12.90
CA PRO F 589 -45.50 -30.70 14.36
C PRO F 589 -45.29 -32.00 15.08
N GLU F 590 -45.44 -33.14 14.42
CA GLU F 590 -45.31 -34.43 15.06
C GLU F 590 -43.87 -34.90 15.18
N ASN F 591 -42.91 -34.18 14.60
CA ASN F 591 -41.51 -34.55 14.74
C ASN F 591 -41.07 -34.39 16.20
N PRO F 592 -40.32 -35.34 16.74
CA PRO F 592 -39.87 -35.21 18.14
C PRO F 592 -39.09 -33.94 18.40
N TRP F 593 -38.20 -33.55 17.48
CA TRP F 593 -37.42 -32.35 17.70
C TRP F 593 -38.26 -31.09 17.58
N THR F 594 -39.23 -31.09 16.66
CA THR F 594 -40.13 -29.95 16.55
C THR F 594 -40.92 -29.77 17.83
N LYS F 595 -41.45 -30.87 18.39
CA LYS F 595 -42.17 -30.78 19.65
C LYS F 595 -41.26 -30.33 20.78
N LEU F 596 -40.03 -30.84 20.81
CA LEU F 596 -39.09 -30.42 21.85
C LEU F 596 -38.82 -28.93 21.79
N LEU F 597 -38.55 -28.40 20.59
CA LEU F 597 -38.31 -26.98 20.45
C LEU F 597 -39.54 -26.16 20.80
N LEU F 598 -40.72 -26.62 20.39
CA LEU F 598 -41.94 -25.90 20.74
C LEU F 598 -42.12 -25.81 22.24
N ASN F 599 -41.92 -26.94 22.94
CA ASN F 599 -42.07 -26.94 24.39
C ASN F 599 -41.04 -26.02 25.05
N ALA F 600 -39.79 -26.11 24.61
CA ALA F 600 -38.75 -25.27 25.22
C ALA F 600 -39.04 -23.79 24.98
N LEU F 601 -39.45 -23.43 23.76
CA LEU F 601 -39.73 -22.05 23.44
C LEU F 601 -40.92 -21.53 24.24
N GLN F 602 -41.95 -22.38 24.41
CA GLN F 602 -43.08 -21.98 25.23
C GLN F 602 -42.63 -21.77 26.68
N ASP F 603 -41.73 -22.62 27.17
CA ASP F 603 -41.19 -22.43 28.51
C ASP F 603 -40.39 -21.14 28.62
N ILE F 604 -39.79 -20.69 27.52
CA ILE F 604 -39.00 -19.46 27.56
C ILE F 604 -39.88 -18.26 27.88
N ILE F 605 -40.98 -18.10 27.17
CA ILE F 605 -41.84 -16.93 27.33
C ILE F 605 -43.23 -17.36 27.80
N PRO F 606 -43.60 -17.08 29.05
CA PRO F 606 -44.91 -17.52 29.55
C PRO F 606 -46.08 -16.91 28.81
N GLU F 607 -45.96 -15.67 28.35
CA GLU F 607 -47.10 -14.97 27.75
C GLU F 607 -47.35 -15.51 26.35
N LEU F 608 -48.54 -16.06 26.13
CA LEU F 608 -48.86 -16.68 24.85
C LEU F 608 -48.92 -15.63 23.73
N ASP F 609 -49.65 -14.56 23.95
CA ASP F 609 -49.77 -13.52 22.92
C ASP F 609 -48.42 -12.87 22.64
N ALA F 610 -47.64 -12.58 23.68
CA ALA F 610 -46.31 -12.04 23.47
C ALA F 610 -45.43 -13.03 22.73
N ARG F 611 -45.59 -14.32 23.03
CA ARG F 611 -44.83 -15.34 22.32
C ARG F 611 -45.17 -15.32 20.83
N LEU F 612 -46.46 -15.23 20.50
CA LEU F 612 -46.85 -15.17 19.10
C LEU F 612 -46.29 -13.92 18.44
N TRP F 613 -46.34 -12.79 19.13
CA TRP F 613 -45.81 -11.56 18.53
C TRP F 613 -44.32 -11.66 18.29
N ILE F 614 -43.57 -12.23 19.24
CA ILE F 614 -42.13 -12.36 19.06
C ILE F 614 -41.82 -13.31 17.91
N MET F 615 -42.54 -14.42 17.83
CA MET F 615 -42.33 -15.33 16.70
C MET F 615 -42.63 -14.64 15.38
N PHE F 616 -43.71 -13.85 15.33
CA PHE F 616 -44.01 -13.11 14.11
C PHE F 616 -42.91 -12.15 13.75
N TYR F 617 -42.37 -11.44 14.76
CA TYR F 617 -41.29 -10.49 14.51
C TYR F 617 -40.06 -11.18 13.97
N LEU F 618 -39.67 -12.30 14.58
CA LEU F 618 -38.47 -13.00 14.13
C LEU F 618 -38.68 -13.65 12.76
N SER F 619 -39.91 -14.07 12.45
CA SER F 619 -40.14 -14.79 11.21
C SER F 619 -39.87 -13.94 9.97
N THR F 620 -40.03 -12.63 10.06
CA THR F 620 -39.78 -11.77 8.92
C THR F 620 -38.31 -11.74 8.52
N ALA F 621 -37.41 -12.23 9.37
CA ALA F 621 -35.99 -12.22 9.03
C ALA F 621 -35.68 -13.11 7.84
N ILE F 622 -36.55 -14.08 7.52
CA ILE F 622 -36.31 -14.92 6.36
C ILE F 622 -36.40 -14.11 5.07
N PHE F 623 -37.25 -13.09 5.04
CA PHE F 623 -37.38 -12.24 3.87
C PHE F 623 -36.13 -11.37 3.71
N ARG F 624 -35.95 -10.84 2.50
CA ARG F 624 -34.83 -9.97 2.22
C ARG F 624 -35.23 -8.63 1.60
N GLY F 625 -36.49 -8.46 1.22
CA GLY F 625 -36.94 -7.20 0.65
C GLY F 625 -37.24 -6.17 1.71
N LEU F 626 -37.88 -5.10 1.27
CA LEU F 626 -38.21 -3.99 2.16
C LEU F 626 -39.06 -4.47 3.33
N LYS F 627 -38.77 -3.94 4.51
CA LYS F 627 -39.46 -4.33 5.73
C LYS F 627 -39.82 -3.08 6.52
N GLU F 628 -40.61 -3.30 7.57
CA GLU F 628 -41.05 -2.20 8.42
C GLU F 628 -39.90 -1.66 9.25
N ALA F 629 -40.02 -0.39 9.65
CA ALA F 629 -38.99 0.29 10.42
C ALA F 629 -39.28 0.11 11.91
N LEU F 630 -38.97 -1.09 12.40
CA LEU F 630 -39.19 -1.43 13.80
C LEU F 630 -37.88 -1.88 14.44
N MET F 631 -37.75 -1.61 15.73
CA MET F 631 -36.54 -1.93 16.49
C MET F 631 -36.97 -2.64 17.78
N LEU F 632 -37.00 -3.96 17.75
CA LEU F 632 -37.33 -4.72 18.94
C LEU F 632 -36.15 -4.70 19.91
N LEU F 633 -36.47 -4.63 21.20
CA LEU F 633 -35.46 -4.45 22.23
C LEU F 633 -36.04 -4.87 23.56
N TRP F 634 -35.42 -5.87 24.20
CA TRP F 634 -35.97 -6.39 25.45
C TRP F 634 -34.84 -6.71 26.42
N LEU F 635 -35.06 -6.37 27.69
CA LEU F 635 -34.02 -6.39 28.71
C LEU F 635 -34.22 -7.47 29.76
N GLY F 636 -35.40 -8.09 29.82
CA GLY F 636 -35.72 -8.97 30.91
C GLY F 636 -35.23 -10.40 30.73
N GLY F 637 -35.27 -11.16 31.82
CA GLY F 637 -34.93 -12.56 31.84
C GLY F 637 -33.63 -12.87 32.54
N GLY F 638 -32.67 -11.94 32.52
CA GLY F 638 -31.36 -12.19 33.12
C GLY F 638 -30.71 -13.44 32.57
N CYS F 639 -30.60 -14.47 33.40
CA CYS F 639 -30.15 -15.79 32.95
C CYS F 639 -31.38 -16.57 32.49
N ASN F 640 -31.80 -16.29 31.26
CA ASN F 640 -33.02 -16.87 30.71
C ASN F 640 -32.83 -17.51 29.35
N GLY F 641 -31.61 -17.56 28.83
CA GLY F 641 -31.41 -18.03 27.48
C GLY F 641 -31.77 -17.04 26.40
N LYS F 642 -31.66 -15.74 26.70
CA LYS F 642 -31.92 -14.74 25.66
C LYS F 642 -30.96 -14.90 24.50
N THR F 643 -29.67 -15.07 24.81
CA THR F 643 -28.66 -15.23 23.76
C THR F 643 -28.94 -16.47 22.93
N PHE F 644 -29.58 -17.47 23.52
CA PHE F 644 -29.84 -18.73 22.85
C PHE F 644 -30.66 -18.54 21.58
N LEU F 645 -31.72 -17.73 21.65
CA LEU F 645 -32.58 -17.55 20.49
C LEU F 645 -31.83 -16.90 19.34
N MET F 646 -31.15 -15.78 19.59
CA MET F 646 -30.42 -15.11 18.53
C MET F 646 -29.32 -16.00 17.96
N ARG F 647 -28.58 -16.68 18.84
CA ARG F 647 -27.51 -17.54 18.34
C ARG F 647 -28.06 -18.64 17.45
N LEU F 648 -29.16 -19.27 17.87
CA LEU F 648 -29.68 -20.39 17.10
C LEU F 648 -30.29 -19.92 15.79
N VAL F 649 -30.99 -18.78 15.79
CA VAL F 649 -31.58 -18.29 14.54
C VAL F 649 -30.50 -17.85 13.57
N ALA F 650 -29.42 -17.24 14.08
CA ALA F 650 -28.31 -16.88 13.21
C ALA F 650 -27.64 -18.13 12.64
N MET F 651 -27.51 -19.18 13.46
CA MET F 651 -26.95 -20.43 12.95
C MET F 651 -27.84 -21.03 11.88
N VAL F 652 -29.15 -20.99 12.09
CA VAL F 652 -30.08 -21.57 11.11
C VAL F 652 -30.01 -20.80 9.80
N LEU F 653 -30.06 -19.47 9.87
CA LEU F 653 -30.11 -18.66 8.66
C LEU F 653 -28.83 -18.78 7.85
N GLY F 654 -27.68 -18.82 8.51
CA GLY F 654 -26.42 -18.91 7.83
C GLY F 654 -25.71 -17.57 7.74
N ASP F 655 -24.42 -17.64 7.44
CA ASP F 655 -23.59 -16.44 7.39
C ASP F 655 -24.01 -15.52 6.25
N HIS F 656 -24.41 -16.09 5.12
CA HIS F 656 -24.71 -15.28 3.94
C HIS F 656 -25.92 -14.38 4.14
N TYR F 657 -26.76 -14.67 5.13
CA TYR F 657 -27.97 -13.89 5.34
C TYR F 657 -28.06 -13.24 6.70
N ALA F 658 -27.26 -13.68 7.68
CA ALA F 658 -27.29 -13.11 9.01
C ALA F 658 -25.88 -12.86 9.50
N SER F 659 -25.73 -11.92 10.42
CA SER F 659 -24.42 -11.58 10.96
C SER F 659 -24.61 -10.94 12.33
N LYS F 660 -23.52 -10.91 13.09
CA LYS F 660 -23.49 -10.29 14.41
C LYS F 660 -22.81 -8.93 14.28
N LEU F 661 -23.43 -7.91 14.86
CA LEU F 661 -22.93 -6.55 14.80
C LEU F 661 -22.48 -6.09 16.19
N ASN F 662 -21.30 -5.49 16.25
CA ASN F 662 -20.78 -5.01 17.51
C ASN F 662 -21.63 -3.86 18.05
N ILE F 663 -21.76 -3.81 19.38
CA ILE F 663 -22.57 -2.78 20.00
C ILE F 663 -21.94 -1.40 19.89
N SER F 664 -20.65 -1.33 19.55
CA SER F 664 -20.00 -0.04 19.42
C SER F 664 -20.62 0.81 18.32
N LEU F 665 -21.22 0.16 17.32
CA LEU F 665 -21.82 0.90 16.21
C LEU F 665 -23.06 1.68 16.63
N LEU F 666 -23.65 1.36 17.78
CA LEU F 666 -24.84 2.07 18.23
C LEU F 666 -24.54 3.10 19.30
N THR F 667 -23.44 2.95 20.04
CA THR F 667 -22.96 4.01 20.92
C THR F 667 -22.00 4.93 20.16
N SER F 668 -22.46 5.38 18.99
CA SER F 668 -21.61 6.12 18.08
C SER F 668 -21.31 7.51 18.61
N CYS F 669 -20.04 7.89 18.52
CA CYS F 669 -19.60 9.26 18.82
C CYS F 669 -18.79 9.70 17.60
N ARG F 670 -19.46 10.41 16.68
CA ARG F 670 -18.96 10.72 15.34
C ARG F 670 -18.14 9.57 14.79
N GLU F 671 -16.94 9.85 14.28
CA GLU F 671 -15.99 8.81 13.86
C GLU F 671 -16.60 7.90 12.80
N THR F 672 -17.34 8.50 11.87
CA THR F 672 -17.95 7.76 10.77
C THR F 672 -17.36 8.16 9.42
N ALA F 673 -17.39 9.45 9.08
CA ALA F 673 -16.83 9.92 7.82
C ALA F 673 -15.33 10.23 7.93
N GLU F 674 -14.83 10.47 9.14
CA GLU F 674 -13.42 10.77 9.34
C GLU F 674 -12.56 9.53 9.55
N LYS F 675 -13.14 8.33 9.47
CA LYS F 675 -12.33 7.12 9.51
C LYS F 675 -12.98 6.03 8.65
N PRO F 676 -12.19 5.33 7.83
CA PRO F 676 -12.74 4.19 7.08
C PRO F 676 -13.02 3.01 7.99
N ASN F 677 -14.28 2.57 8.01
CA ASN F 677 -14.71 1.46 8.85
C ASN F 677 -15.46 0.44 7.99
N SER F 678 -15.82 -0.67 8.62
CA SER F 678 -16.54 -1.74 7.95
C SER F 678 -17.72 -2.28 8.73
N ALA F 679 -17.94 -1.84 9.97
CA ALA F 679 -19.10 -2.30 10.73
C ALA F 679 -20.40 -1.91 10.04
N PHE F 680 -20.45 -0.71 9.46
CA PHE F 680 -21.61 -0.31 8.67
C PHE F 680 -21.75 -1.17 7.43
N MET F 681 -20.64 -1.59 6.84
CA MET F 681 -20.68 -2.39 5.62
C MET F 681 -21.02 -3.86 5.89
N ARG F 682 -21.13 -4.26 7.15
CA ARG F 682 -21.47 -5.65 7.45
C ARG F 682 -22.87 -5.99 6.98
N LEU F 683 -23.79 -5.01 6.96
CA LEU F 683 -25.18 -5.27 6.62
C LEU F 683 -25.33 -5.80 5.19
N LYS F 684 -25.03 -4.95 4.21
CA LYS F 684 -25.21 -5.27 2.80
C LYS F 684 -26.56 -5.93 2.54
N GLY F 685 -26.53 -7.12 1.93
CA GLY F 685 -27.73 -7.87 1.65
C GLY F 685 -28.18 -8.82 2.72
N ARG F 686 -27.48 -8.88 3.85
CA ARG F 686 -27.87 -9.78 4.93
C ARG F 686 -29.22 -9.36 5.50
N GLY F 687 -30.09 -10.34 5.72
CA GLY F 687 -31.46 -10.08 6.11
C GLY F 687 -31.77 -10.09 7.58
N TYR F 688 -30.77 -10.27 8.45
CA TYR F 688 -31.03 -10.30 9.88
C TYR F 688 -29.75 -10.03 10.65
N GLY F 689 -29.88 -9.22 11.71
CA GLY F 689 -28.76 -8.94 12.58
C GLY F 689 -29.21 -8.94 14.02
N TYR F 690 -28.24 -8.98 14.93
CA TYR F 690 -28.54 -9.07 16.35
C TYR F 690 -27.38 -8.49 17.15
N PHE F 691 -27.71 -7.99 18.34
CA PHE F 691 -26.72 -7.51 19.31
C PHE F 691 -26.80 -8.41 20.53
N GLU F 692 -25.68 -9.05 20.86
CA GLU F 692 -25.65 -9.97 21.99
C GLU F 692 -25.61 -9.20 23.30
N GLU F 693 -25.54 -9.94 24.40
CA GLU F 693 -25.44 -9.31 25.72
C GLU F 693 -24.15 -8.51 25.82
N THR F 694 -24.23 -7.36 26.51
CA THR F 694 -23.08 -6.47 26.61
C THR F 694 -22.74 -6.17 28.07
N ASN F 695 -21.84 -5.19 28.26
CA ASN F 695 -21.37 -4.77 29.56
C ASN F 695 -22.38 -3.84 30.24
N LYS F 696 -21.91 -3.09 31.22
CA LYS F 696 -22.70 -2.10 31.95
C LYS F 696 -23.54 -1.22 31.03
N SER F 697 -24.64 -0.69 31.57
CA SER F 697 -25.62 0.09 30.81
C SER F 697 -24.96 1.09 29.87
N GLU F 698 -25.43 1.10 28.63
CA GLU F 698 -24.88 1.92 27.57
C GLU F 698 -25.85 3.04 27.19
N VAL F 699 -25.30 4.21 26.89
CA VAL F 699 -26.09 5.37 26.51
C VAL F 699 -26.00 5.55 25.01
N LEU F 700 -27.15 5.80 24.38
CA LEU F 700 -27.20 6.03 22.94
C LEU F 700 -28.48 6.78 22.62
N ASN F 701 -28.42 7.68 21.65
CA ASN F 701 -29.59 8.45 21.27
C ASN F 701 -29.56 8.75 19.80
N THR F 702 -30.25 7.95 19.00
CA THR F 702 -30.27 8.14 17.56
C THR F 702 -28.85 8.19 17.02
N SER F 703 -27.95 7.45 17.66
CA SER F 703 -26.55 7.42 17.21
C SER F 703 -26.45 6.45 16.05
N ARG F 704 -26.93 6.86 14.89
CA ARG F 704 -26.92 6.00 13.71
C ARG F 704 -27.95 4.89 13.88
N LEU F 705 -28.56 4.82 15.06
CA LEU F 705 -29.57 3.80 15.33
C LEU F 705 -30.75 3.98 14.39
N LYS F 706 -31.09 5.22 14.08
CA LYS F 706 -32.21 5.48 13.20
C LYS F 706 -31.98 4.82 11.85
N GLU F 707 -30.76 4.95 11.33
CA GLU F 707 -30.45 4.34 10.05
C GLU F 707 -30.74 2.86 10.11
N MET F 708 -30.40 2.23 11.22
CA MET F 708 -30.70 0.81 11.39
C MET F 708 -32.20 0.58 11.36
N VAL F 709 -32.94 1.40 12.10
CA VAL F 709 -34.40 1.24 12.14
C VAL F 709 -35.05 1.64 10.82
N ASN F 710 -34.69 2.79 10.28
CA ASN F 710 -35.32 3.28 9.07
C ASN F 710 -34.79 2.60 7.81
N PRO F 711 -35.68 2.27 6.87
CA PRO F 711 -35.25 1.63 5.61
C PRO F 711 -34.41 2.56 4.75
N GLY F 712 -34.65 3.87 4.82
CA GLY F 712 -33.88 4.82 4.04
C GLY F 712 -32.44 4.38 3.91
N ASP F 713 -31.89 4.43 2.69
CA ASP F 713 -30.54 3.95 2.50
C ASP F 713 -29.53 4.83 3.23
N VAL F 714 -28.27 4.44 3.18
CA VAL F 714 -27.21 5.17 3.86
C VAL F 714 -25.90 4.86 3.16
N THR F 715 -24.95 5.79 3.24
CA THR F 715 -23.60 5.62 2.68
C THR F 715 -22.61 5.76 3.82
N ALA F 716 -21.72 4.79 3.97
CA ALA F 716 -20.70 4.81 4.99
C ALA F 716 -19.41 4.26 4.42
N ARG F 717 -18.32 4.51 5.13
CA ARG F 717 -17.00 4.12 4.65
C ARG F 717 -16.92 2.62 4.43
N GLU F 718 -16.08 2.21 3.47
CA GLU F 718 -15.99 0.82 3.02
C GLU F 718 -14.66 0.19 3.43
N LEU F 719 -14.13 0.59 4.59
CA LEU F 719 -12.89 0.03 5.14
C LEU F 719 -11.73 0.22 4.16
N ASN F 720 -11.38 1.49 3.97
CA ASN F 720 -10.26 1.91 3.13
C ASN F 720 -10.56 1.62 1.66
N GLN F 721 -11.81 1.82 1.26
CA GLN F 721 -12.20 1.70 -0.14
C GLN F 721 -12.96 2.94 -0.57
N LYS F 722 -13.54 2.92 -1.77
CA LYS F 722 -14.39 4.02 -2.22
C LYS F 722 -15.68 4.05 -1.41
N GLN F 723 -16.50 5.05 -1.67
CA GLN F 723 -17.78 5.23 -0.97
C GLN F 723 -18.91 4.72 -1.86
N GLU F 724 -19.80 3.92 -1.27
CA GLU F 724 -20.87 3.28 -2.02
C GLU F 724 -22.17 3.35 -1.21
N SER F 725 -23.28 3.30 -1.94
CA SER F 725 -24.62 3.35 -1.35
C SER F 725 -25.28 1.98 -1.47
N PHE F 726 -25.82 1.48 -0.37
CA PHE F 726 -26.39 0.14 -0.34
C PHE F 726 -27.73 0.17 0.37
N GLN F 727 -28.56 -0.83 0.07
CA GLN F 727 -29.89 -0.97 0.66
C GLN F 727 -29.85 -2.01 1.77
N MET F 728 -30.37 -1.65 2.94
CA MET F 728 -30.41 -2.53 4.09
C MET F 728 -31.86 -2.87 4.42
N THR F 729 -32.11 -4.16 4.70
CA THR F 729 -33.46 -4.63 4.99
C THR F 729 -33.46 -5.67 6.10
N ALA F 730 -32.46 -5.64 6.96
CA ALA F 730 -32.32 -6.65 8.00
C ALA F 730 -33.08 -6.25 9.26
N THR F 731 -33.84 -7.19 9.82
CA THR F 731 -34.48 -6.98 11.10
C THR F 731 -33.42 -6.87 12.19
N MET F 732 -33.64 -5.96 13.12
CA MET F 732 -32.66 -5.65 14.16
C MET F 732 -33.26 -5.95 15.52
N VAL F 733 -32.51 -6.67 16.36
CA VAL F 733 -32.91 -6.97 17.72
C VAL F 733 -31.74 -6.65 18.64
N ALA F 734 -32.03 -5.96 19.74
CA ALA F 734 -31.02 -5.58 20.73
C ALA F 734 -31.46 -6.11 22.08
N ALA F 735 -30.75 -7.12 22.59
CA ALA F 735 -31.05 -7.74 23.87
C ALA F 735 -29.88 -7.51 24.81
N SER F 736 -30.19 -7.07 26.03
CA SER F 736 -29.19 -6.84 27.05
C SER F 736 -29.80 -7.09 28.42
N ASN F 737 -28.95 -7.04 29.45
CA ASN F 737 -29.41 -7.12 30.83
C ASN F 737 -29.21 -5.81 31.59
N TYR F 738 -28.69 -4.79 30.92
CA TYR F 738 -28.51 -3.47 31.52
C TYR F 738 -29.30 -2.46 30.71
N ASN F 739 -30.12 -1.66 31.40
CA ASN F 739 -31.05 -0.77 30.72
C ASN F 739 -30.31 0.24 29.84
N PHE F 740 -30.77 0.39 28.62
CA PHE F 740 -30.20 1.37 27.70
C PHE F 740 -30.64 2.77 28.10
N ILE F 741 -29.74 3.73 27.94
CA ILE F 741 -30.03 5.10 28.33
C ILE F 741 -30.49 5.90 27.12
N ILE F 742 -31.79 5.94 26.88
CA ILE F 742 -32.36 6.75 25.81
C ILE F 742 -32.53 8.17 26.32
N ASP F 743 -32.11 9.13 25.50
CA ASP F 743 -32.10 10.54 25.90
C ASP F 743 -32.82 11.40 24.88
N THR F 744 -34.01 10.99 24.47
CA THR F 744 -34.79 11.75 23.51
C THR F 744 -36.27 11.70 23.89
N THR F 745 -37.04 12.58 23.27
CA THR F 745 -38.46 12.70 23.59
C THR F 745 -39.29 12.69 22.31
N ASP F 746 -38.63 12.92 21.17
CA ASP F 746 -39.31 13.01 19.89
C ASP F 746 -40.12 11.74 19.59
N HIS F 747 -41.35 11.91 19.11
CA HIS F 747 -42.21 10.77 18.83
C HIS F 747 -41.67 9.91 17.69
N GLY F 748 -40.83 10.48 16.81
CA GLY F 748 -40.29 9.69 15.72
C GLY F 748 -39.47 8.51 16.20
N THR F 749 -38.66 8.72 17.24
CA THR F 749 -37.85 7.65 17.79
C THR F 749 -38.72 6.58 18.43
N TRP F 750 -39.52 6.97 19.43
CA TRP F 750 -40.31 6.00 20.19
C TRP F 750 -41.42 5.36 19.39
N ARG F 751 -41.77 5.93 18.23
CA ARG F 751 -42.80 5.31 17.39
C ARG F 751 -42.26 4.08 16.69
N ARG F 752 -40.96 4.00 16.49
CA ARG F 752 -40.34 2.88 15.78
C ARG F 752 -39.55 1.97 16.71
N LEU F 753 -39.91 1.94 17.99
CA LEU F 753 -39.26 1.10 18.98
C LEU F 753 -40.29 0.22 19.68
N ARG F 754 -39.87 -0.98 20.06
CA ARG F 754 -40.69 -1.91 20.82
C ARG F 754 -39.87 -2.45 21.98
N HIS F 755 -40.46 -2.45 23.17
CA HIS F 755 -39.75 -2.86 24.38
C HIS F 755 -40.48 -4.03 25.02
N TYR F 756 -39.71 -4.91 25.66
CA TYR F 756 -40.24 -6.09 26.32
C TYR F 756 -39.35 -6.43 27.50
N ARG F 757 -39.89 -7.23 28.43
CA ARG F 757 -39.13 -7.66 29.59
C ARG F 757 -39.54 -9.08 29.94
N SER F 758 -38.63 -10.02 29.82
CA SER F 758 -38.89 -11.40 30.21
C SER F 758 -38.99 -11.50 31.73
N LYS F 759 -39.58 -12.60 32.19
CA LYS F 759 -39.80 -12.78 33.63
C LYS F 759 -39.45 -14.20 34.07
N VAL F 760 -38.47 -14.82 33.43
CA VAL F 760 -38.00 -16.14 33.80
C VAL F 760 -36.51 -16.06 34.09
N LYS F 761 -36.11 -16.54 35.26
CA LYS F 761 -34.71 -16.51 35.69
C LYS F 761 -34.33 -17.93 36.10
N PHE F 762 -33.78 -18.69 35.16
CA PHE F 762 -33.43 -20.08 35.42
C PHE F 762 -32.50 -20.19 36.63
N CYS F 763 -32.76 -21.18 37.48
CA CYS F 763 -31.90 -21.49 38.60
C CYS F 763 -31.70 -22.99 38.69
N HIS F 764 -30.55 -23.40 39.22
CA HIS F 764 -30.23 -24.82 39.34
C HIS F 764 -30.77 -25.46 40.61
N ASN F 765 -31.46 -24.68 41.46
CA ASN F 765 -32.18 -25.22 42.62
C ASN F 765 -33.59 -24.66 42.59
N PRO F 766 -34.42 -25.08 41.64
CA PRO F 766 -35.75 -24.49 41.47
C PRO F 766 -36.75 -25.07 42.46
N ASP F 767 -37.15 -24.26 43.43
CA ASP F 767 -38.17 -24.67 44.37
C ASP F 767 -39.57 -24.45 43.78
N PRO F 768 -40.55 -25.22 44.24
CA PRO F 768 -41.91 -25.06 43.71
C PRO F 768 -42.52 -23.69 43.97
N SER F 769 -42.03 -22.96 44.98
CA SER F 769 -42.57 -21.66 45.32
C SER F 769 -42.13 -20.56 44.36
N ASN F 770 -41.44 -20.90 43.27
CA ASN F 770 -40.96 -19.93 42.29
C ASN F 770 -41.41 -20.38 40.91
N PRO F 771 -42.67 -20.13 40.56
CA PRO F 771 -43.16 -20.57 39.25
C PRO F 771 -42.47 -19.86 38.08
N TYR F 772 -41.90 -18.69 38.32
CA TYR F 772 -41.27 -17.92 37.24
C TYR F 772 -39.79 -18.24 37.11
N GLU F 773 -39.46 -19.53 37.05
CA GLU F 773 -38.09 -20.01 36.88
C GLU F 773 -38.14 -21.53 36.78
N LYS F 774 -37.06 -22.09 36.22
CA LYS F 774 -36.95 -23.53 36.04
C LYS F 774 -35.48 -23.92 36.11
N LYS F 775 -35.24 -25.23 35.99
CA LYS F 775 -33.89 -25.77 36.06
C LYS F 775 -33.19 -25.60 34.72
N GLU F 776 -31.91 -25.25 34.76
CA GLU F 776 -31.12 -25.17 33.54
C GLU F 776 -30.85 -26.57 33.00
N ASP F 777 -30.61 -26.64 31.69
CA ASP F 777 -30.03 -27.82 31.06
C ASP F 777 -28.78 -27.36 30.34
N PRO F 778 -27.59 -27.47 30.93
CA PRO F 778 -26.37 -27.06 30.22
C PRO F 778 -26.21 -27.78 28.89
N ARG F 779 -26.71 -29.01 28.79
CA ARG F 779 -26.78 -29.69 27.51
C ARG F 779 -27.63 -28.92 26.52
N PHE F 780 -28.67 -28.24 26.99
CA PHE F 780 -29.58 -27.53 26.08
C PHE F 780 -28.86 -26.42 25.33
N ILE F 781 -27.95 -25.72 26.00
CA ILE F 781 -27.24 -24.61 25.36
C ILE F 781 -25.95 -25.06 24.71
N HIS F 782 -25.23 -26.00 25.34
CA HIS F 782 -23.94 -26.44 24.83
C HIS F 782 -24.09 -27.10 23.47
N GLU F 783 -24.79 -28.23 23.44
CA GLU F 783 -25.14 -28.88 22.19
C GLU F 783 -26.52 -28.39 21.75
N TYR F 784 -27.11 -29.11 20.80
CA TYR F 784 -28.38 -28.82 20.11
C TYR F 784 -28.19 -27.80 19.00
N ILE F 785 -26.97 -27.33 18.77
CA ILE F 785 -26.68 -26.45 17.65
C ILE F 785 -26.06 -27.21 16.49
N MET F 786 -25.13 -28.13 16.79
CA MET F 786 -24.49 -28.89 15.74
C MET F 786 -25.40 -29.93 15.10
N ASP F 787 -26.52 -30.28 15.73
CA ASP F 787 -27.42 -31.26 15.15
C ASP F 787 -28.15 -30.65 13.96
N PRO F 788 -27.95 -31.14 12.74
CA PRO F 788 -28.67 -30.58 11.59
C PRO F 788 -30.17 -30.68 11.70
N ASP F 789 -30.68 -31.72 12.35
CA ASP F 789 -32.13 -31.87 12.48
C ASP F 789 -32.74 -30.71 13.25
N CYS F 790 -32.03 -30.19 14.24
CA CYS F 790 -32.51 -29.02 14.98
C CYS F 790 -32.66 -27.82 14.05
N GLN F 791 -31.65 -27.57 13.20
CA GLN F 791 -31.75 -26.48 12.25
C GLN F 791 -32.90 -26.69 11.28
N ASN F 792 -33.08 -27.92 10.80
CA ASN F 792 -34.17 -28.19 9.87
C ASN F 792 -35.53 -27.93 10.52
N ALA F 793 -35.70 -28.38 11.76
CA ALA F 793 -36.96 -28.14 12.46
C ALA F 793 -37.20 -26.66 12.67
N PHE F 794 -36.15 -25.92 13.05
CA PHE F 794 -36.31 -24.48 13.24
C PHE F 794 -36.66 -23.79 11.93
N PHE F 795 -36.04 -24.21 10.83
CA PHE F 795 -36.36 -23.62 9.54
C PHE F 795 -37.80 -23.88 9.16
N SER F 796 -38.28 -25.10 9.40
CA SER F 796 -39.69 -25.40 9.14
C SER F 796 -40.59 -24.51 9.99
N ILE F 797 -40.23 -24.33 11.26
CA ILE F 797 -41.03 -23.48 12.15
C ILE F 797 -41.08 -22.06 11.61
N LEU F 798 -39.93 -21.52 11.19
CA LEU F 798 -39.87 -20.15 10.70
C LEU F 798 -40.69 -19.99 9.43
N VAL F 799 -40.59 -20.94 8.50
CA VAL F 799 -41.35 -20.87 7.27
C VAL F 799 -42.84 -20.93 7.56
N TYR F 800 -43.25 -21.83 8.46
CA TYR F 800 -44.66 -21.95 8.80
C TYR F 800 -45.18 -20.65 9.41
N PHE F 801 -44.41 -20.05 10.32
CA PHE F 801 -44.83 -18.80 10.94
C PHE F 801 -44.94 -17.68 9.90
N TRP F 802 -43.99 -17.60 8.97
CA TRP F 802 -44.06 -16.56 7.96
C TRP F 802 -45.28 -16.74 7.06
N GLU F 803 -45.57 -17.99 6.70
CA GLU F 803 -46.75 -18.24 5.88
C GLU F 803 -48.02 -17.87 6.63
N LYS F 804 -48.08 -18.19 7.92
CA LYS F 804 -49.26 -17.82 8.71
C LYS F 804 -49.42 -16.31 8.80
N LEU F 805 -48.32 -15.59 9.01
CA LEU F 805 -48.39 -14.13 9.07
C LEU F 805 -48.85 -13.56 7.74
N GLN F 806 -48.34 -14.10 6.63
CA GLN F 806 -48.80 -13.65 5.32
C GLN F 806 -50.28 -13.91 5.13
N LYS F 807 -50.75 -15.06 5.59
CA LYS F 807 -52.18 -15.37 5.47
C LYS F 807 -53.02 -14.38 6.27
N GLU F 808 -52.58 -14.05 7.49
CA GLU F 808 -53.44 -13.27 8.38
C GLU F 808 -53.32 -11.77 8.12
N TYR F 809 -52.12 -11.22 8.26
CA TYR F 809 -51.93 -9.78 8.21
C TYR F 809 -51.20 -9.32 6.95
N ASN F 810 -50.94 -10.24 6.01
CA ASN F 810 -50.39 -9.89 4.70
C ASN F 810 -49.10 -9.10 4.82
N GLY F 811 -48.20 -9.55 5.70
CA GLY F 811 -46.90 -8.96 5.84
C GLY F 811 -46.85 -7.65 6.60
N GLN F 812 -47.94 -7.25 7.24
CA GLN F 812 -48.00 -5.98 7.98
C GLN F 812 -47.99 -6.31 9.47
N ILE F 813 -46.81 -6.19 10.09
CA ILE F 813 -46.69 -6.52 11.51
C ILE F 813 -47.20 -5.44 12.44
N LYS F 814 -47.47 -4.24 11.91
CA LYS F 814 -48.00 -3.19 12.77
C LYS F 814 -49.46 -3.44 13.13
N LYS F 815 -50.21 -4.12 12.24
CA LYS F 815 -51.63 -4.34 12.50
C LYS F 815 -51.86 -5.40 13.57
N VAL F 816 -50.96 -6.39 13.68
CA VAL F 816 -51.15 -7.42 14.70
C VAL F 816 -51.04 -6.77 16.08
N PHE F 817 -51.89 -7.22 16.99
CA PHE F 817 -52.03 -6.60 18.30
C PHE F 817 -51.66 -7.58 19.40
N CYS F 818 -50.98 -7.07 20.42
CA CYS F 818 -50.73 -7.81 21.64
C CYS F 818 -50.75 -6.82 22.80
N PRO F 819 -51.59 -7.03 23.80
CA PRO F 819 -51.75 -6.02 24.86
C PRO F 819 -50.51 -5.81 25.71
N THR F 820 -49.89 -6.89 26.21
CA THR F 820 -48.75 -6.73 27.09
C THR F 820 -47.58 -6.06 26.38
N ILE F 821 -47.36 -6.39 25.11
CA ILE F 821 -46.36 -5.68 24.32
C ILE F 821 -46.92 -4.32 23.97
N GLU F 822 -46.02 -3.35 23.84
CA GLU F 822 -46.30 -1.94 23.64
C GLU F 822 -46.86 -1.33 24.92
N SER F 823 -47.36 -2.18 25.83
CA SER F 823 -47.74 -1.70 27.15
C SER F 823 -46.51 -1.64 28.05
N GLU F 824 -45.72 -2.71 28.05
CA GLU F 824 -44.41 -2.63 28.68
C GLU F 824 -43.58 -1.54 28.02
N THR F 825 -43.77 -1.31 26.72
CA THR F 825 -43.02 -0.27 26.02
C THR F 825 -43.40 1.11 26.52
N GLU F 826 -44.69 1.42 26.59
CA GLU F 826 -45.09 2.72 27.10
C GLU F 826 -44.73 2.89 28.57
N ALA F 827 -44.76 1.79 29.35
CA ALA F 827 -44.29 1.86 30.72
C ALA F 827 -42.81 2.21 30.77
N TYR F 828 -42.02 1.70 29.81
CA TYR F 828 -40.64 2.13 29.70
C TYR F 828 -40.54 3.58 29.26
N ARG F 829 -41.51 4.05 28.47
CA ARG F 829 -41.42 5.39 27.91
C ARG F 829 -41.57 6.46 28.99
N LYS F 830 -42.48 6.25 29.94
CA LYS F 830 -42.59 7.18 31.07
C LYS F 830 -41.35 7.13 31.96
N SER F 831 -40.57 6.06 31.86
CA SER F 831 -39.26 5.99 32.47
C SER F 831 -38.21 6.41 31.43
N GLN F 832 -36.93 6.30 31.80
CA GLN F 832 -35.84 6.68 30.91
C GLN F 832 -36.01 8.11 30.41
N ASP F 833 -36.38 9.00 31.32
CA ASP F 833 -36.62 10.40 30.99
C ASP F 833 -36.34 11.25 32.23
N THR F 834 -35.15 11.84 32.27
CA THR F 834 -34.75 12.66 33.41
C THR F 834 -35.57 13.93 33.53
N LEU F 835 -36.12 14.43 32.43
CA LEU F 835 -36.92 15.64 32.47
C LEU F 835 -38.10 15.50 33.42
N HIS F 836 -38.89 14.45 33.24
CA HIS F 836 -40.07 14.28 34.08
C HIS F 836 -39.71 13.89 35.50
N ARG F 837 -38.57 13.22 35.70
CA ARG F 837 -38.12 12.94 37.06
C ARG F 837 -37.78 14.23 37.80
N PHE F 838 -37.06 15.13 37.13
CA PHE F 838 -36.74 16.42 37.73
C PHE F 838 -38.03 17.22 37.97
N ILE F 839 -38.96 17.14 37.03
CA ILE F 839 -40.28 17.75 37.22
C ILE F 839 -40.91 17.24 38.51
N THR F 840 -41.14 15.93 38.57
CA THR F 840 -41.86 15.35 39.69
C THR F 840 -41.10 15.49 41.00
N GLU F 841 -39.80 15.81 40.97
CA GLU F 841 -39.16 16.11 42.24
C GLU F 841 -39.29 17.58 42.62
N ARG F 842 -39.47 18.51 41.66
CA ARG F 842 -39.72 19.87 42.11
C ARG F 842 -40.89 20.57 41.42
N VAL F 843 -41.59 19.92 40.50
CA VAL F 843 -42.65 20.58 39.74
C VAL F 843 -43.89 19.69 39.77
N VAL F 844 -45.06 20.33 39.65
CA VAL F 844 -46.37 19.69 39.69
C VAL F 844 -46.58 19.13 41.10
N GLU F 845 -45.69 19.50 42.02
CA GLU F 845 -45.85 19.14 43.43
C GLU F 845 -45.60 20.32 44.36
N SER F 846 -44.85 21.34 43.96
CA SER F 846 -44.55 22.49 44.81
C SER F 846 -44.67 23.77 44.00
N PRO F 847 -45.90 24.18 43.66
CA PRO F 847 -46.09 25.50 43.05
C PRO F 847 -45.70 26.59 44.03
N SER F 848 -44.80 27.47 43.62
CA SER F 848 -44.21 28.46 44.51
C SER F 848 -44.33 29.85 43.90
N ALA F 849 -43.96 30.85 44.70
CA ALA F 849 -44.03 32.25 44.29
C ALA F 849 -42.80 32.61 43.47
N GLU F 850 -42.83 33.81 42.87
CA GLU F 850 -41.81 34.23 41.92
C GLU F 850 -40.50 34.47 42.64
N THR F 851 -39.60 33.48 42.55
CA THR F 851 -38.23 33.59 43.03
C THR F 851 -37.26 32.98 42.01
N VAL F 852 -37.59 33.11 40.73
CA VAL F 852 -36.88 32.42 39.66
C VAL F 852 -36.33 33.45 38.70
N TYR F 853 -35.04 33.28 38.35
CA TYR F 853 -34.34 34.16 37.42
C TYR F 853 -34.43 33.65 35.98
N ASN F 854 -35.56 33.03 35.64
CA ASN F 854 -35.90 32.28 34.42
C ASN F 854 -35.24 30.90 34.48
N LEU F 855 -35.20 30.22 33.37
CA LEU F 855 -34.65 28.88 33.29
C LEU F 855 -33.10 28.86 33.31
N SER F 856 -32.38 29.98 33.41
CA SER F 856 -30.93 29.92 33.36
C SER F 856 -30.35 29.12 34.52
N GLU F 857 -30.78 29.44 35.75
CA GLU F 857 -30.33 28.69 36.92
C GLU F 857 -31.00 27.33 37.03
N VAL F 858 -32.22 27.20 36.51
CA VAL F 858 -32.89 25.91 36.51
C VAL F 858 -32.15 24.93 35.60
N VAL F 859 -31.57 25.42 34.51
CA VAL F 859 -30.73 24.57 33.66
C VAL F 859 -29.54 24.05 34.46
N THR F 860 -28.88 24.92 35.22
CA THR F 860 -27.75 24.49 36.03
C THR F 860 -28.17 23.46 37.06
N ALA F 861 -29.31 23.68 37.71
CA ALA F 861 -29.81 22.73 38.69
C ALA F 861 -30.11 21.38 38.05
N TYR F 862 -30.77 21.40 36.89
CA TYR F 862 -31.07 20.18 36.18
C TYR F 862 -29.80 19.44 35.78
N ALA F 863 -28.81 20.19 35.29
CA ALA F 863 -27.56 19.58 34.85
C ALA F 863 -26.84 18.92 36.02
N GLU F 864 -26.72 19.62 37.15
CA GLU F 864 -26.02 19.04 38.29
C GLU F 864 -26.77 17.84 38.85
N TRP F 865 -28.10 17.93 38.92
CA TRP F 865 -28.88 16.80 39.41
C TRP F 865 -28.73 15.59 38.50
N TYR F 866 -28.79 15.80 37.19
CA TYR F 866 -28.68 14.71 36.24
C TYR F 866 -27.28 14.09 36.28
N ASN F 867 -26.25 14.93 36.42
CA ASN F 867 -24.89 14.42 36.48
C ASN F 867 -24.67 13.61 37.75
N THR F 868 -25.14 14.10 38.89
CA THR F 868 -24.93 13.41 40.14
C THR F 868 -25.92 12.28 40.37
N ASN F 869 -26.95 12.16 39.54
CA ASN F 869 -28.00 11.16 39.74
C ASN F 869 -28.20 10.23 38.56
N ILE F 870 -27.70 10.58 37.37
CA ILE F 870 -27.80 9.69 36.22
C ILE F 870 -26.41 9.39 35.69
N ASN F 871 -25.74 10.43 35.20
CA ASN F 871 -24.37 10.33 34.68
C ASN F 871 -23.83 11.71 34.35
N VAL F 872 -22.52 11.91 34.49
CA VAL F 872 -21.90 13.18 34.16
C VAL F 872 -21.67 13.25 32.66
N LYS F 873 -22.12 14.36 32.05
CA LYS F 873 -21.94 14.55 30.61
C LYS F 873 -21.98 16.04 30.32
N ARG F 874 -21.50 16.39 29.13
CA ARG F 874 -21.55 17.78 28.70
C ARG F 874 -22.98 18.18 28.35
N HIS F 875 -23.33 19.43 28.68
CA HIS F 875 -24.64 19.95 28.37
C HIS F 875 -24.52 21.18 27.49
N ILE F 876 -25.64 21.83 27.19
CA ILE F 876 -25.66 22.97 26.28
C ILE F 876 -26.95 23.74 26.53
N ALA F 877 -26.97 25.00 26.13
CA ALA F 877 -28.18 25.79 26.26
C ALA F 877 -29.11 25.57 25.08
N LEU F 878 -30.36 25.99 25.25
CA LEU F 878 -31.44 25.91 24.26
C LEU F 878 -31.91 24.49 24.04
N GLU F 879 -31.21 23.49 24.59
CA GLU F 879 -31.74 22.14 24.52
C GLU F 879 -32.80 21.91 25.59
N LEU F 880 -32.62 22.53 26.76
CA LEU F 880 -33.66 22.49 27.78
C LEU F 880 -34.76 23.47 27.46
N SER F 881 -34.41 24.73 27.20
CA SER F 881 -35.37 25.83 27.07
C SER F 881 -36.64 25.44 26.32
N GLN F 882 -36.49 24.96 25.08
CA GLN F 882 -37.65 24.70 24.23
C GLN F 882 -38.53 23.60 24.82
N GLU F 883 -37.93 22.45 25.17
CA GLU F 883 -38.73 21.34 25.67
C GLU F 883 -39.34 21.65 27.03
N LEU F 884 -38.61 22.35 27.90
CA LEU F 884 -39.15 22.76 29.18
C LEU F 884 -40.34 23.69 29.00
N GLU F 885 -40.25 24.60 28.02
CA GLU F 885 -41.43 25.42 27.70
C GLU F 885 -42.57 24.55 27.21
N ASN F 886 -42.26 23.55 26.39
CA ASN F 886 -43.27 22.58 25.96
C ASN F 886 -43.57 21.53 27.01
N SER F 887 -42.82 21.50 28.12
CA SER F 887 -43.06 20.54 29.18
C SER F 887 -44.27 20.99 30.01
N VAL F 888 -44.52 20.30 31.13
CA VAL F 888 -45.65 20.61 31.98
C VAL F 888 -45.44 21.87 32.81
N LEU F 889 -44.30 22.55 32.66
CA LEU F 889 -44.02 23.74 33.45
C LEU F 889 -44.67 25.00 32.88
N GLU F 890 -45.40 24.89 31.77
CA GLU F 890 -46.02 26.06 31.16
C GLU F 890 -47.13 26.65 32.01
N LYS F 891 -47.58 25.93 33.04
CA LYS F 891 -48.65 26.44 33.91
C LYS F 891 -48.28 27.80 34.49
N TYR F 892 -47.00 28.02 34.77
CA TYR F 892 -46.48 29.30 35.25
C TYR F 892 -45.23 29.62 34.42
N LEU F 893 -45.42 30.34 33.32
CA LEU F 893 -44.31 30.67 32.42
C LEU F 893 -44.70 31.92 31.64
N GLN F 894 -44.12 33.05 32.02
CA GLN F 894 -44.35 34.31 31.32
C GLN F 894 -43.02 34.94 30.94
N TRP F 895 -43.04 36.19 30.49
CA TRP F 895 -41.82 36.94 30.25
C TRP F 895 -41.99 38.36 30.74
N SER F 896 -40.95 38.88 31.38
CA SER F 896 -40.95 40.23 31.92
C SER F 896 -41.02 41.25 30.79
N PRO F 897 -41.14 42.54 31.12
CA PRO F 897 -41.01 43.56 30.06
C PRO F 897 -39.71 43.47 29.32
N ASN F 898 -38.64 43.03 29.99
CA ASN F 898 -37.40 42.67 29.29
C ASN F 898 -37.42 41.20 28.88
N LYS F 899 -38.53 40.79 28.26
CA LYS F 899 -38.77 39.43 27.78
C LYS F 899 -38.18 38.36 28.68
N THR F 900 -37.16 37.66 28.17
CA THR F 900 -36.33 36.72 28.92
C THR F 900 -37.07 35.42 29.23
N ARG F 901 -38.37 35.38 28.95
CA ARG F 901 -39.21 34.20 29.18
C ARG F 901 -38.98 33.62 30.57
N ILE F 902 -39.22 34.45 31.58
CA ILE F 902 -38.86 34.12 32.95
C ILE F 902 -39.90 33.18 33.55
N LEU F 903 -39.42 32.12 34.18
CA LEU F 903 -40.30 31.20 34.88
C LEU F 903 -41.02 31.93 36.02
N LYS F 904 -42.27 31.54 36.27
CA LYS F 904 -43.15 32.29 37.16
C LYS F 904 -43.24 31.71 38.57
N GLY F 905 -42.14 31.14 39.09
CA GLY F 905 -42.09 30.84 40.50
C GLY F 905 -42.05 29.37 40.89
N CYS F 906 -40.92 28.93 41.44
CA CYS F 906 -40.75 27.56 41.89
C CYS F 906 -39.68 27.56 42.97
N ARG F 907 -39.66 26.47 43.74
CA ARG F 907 -38.67 26.29 44.81
C ARG F 907 -37.74 25.14 44.43
N ILE F 908 -36.44 25.40 44.50
CA ILE F 908 -35.43 24.40 44.18
C ILE F 908 -35.05 23.65 45.44
N LEU F 909 -35.64 22.47 45.65
CA LEU F 909 -35.40 21.67 46.86
C LEU F 909 -34.32 20.63 46.56
N HIS F 910 -33.08 21.08 46.61
CA HIS F 910 -31.95 20.16 46.51
C HIS F 910 -31.87 19.27 47.75
N LYS F 911 -32.14 19.85 48.91
CA LYS F 911 -32.16 19.11 50.18
C LYS F 911 -33.43 18.25 50.21
N PHE F 912 -33.73 17.65 51.37
CA PHE F 912 -34.98 16.94 51.56
C PHE F 912 -36.19 17.79 51.18
N GLU F 913 -36.46 18.85 51.95
CA GLU F 913 -37.72 19.60 51.89
C GLU F 913 -38.92 18.69 51.69
N THR F 914 -39.25 17.89 52.70
CA THR F 914 -40.32 16.90 52.55
C THR F 914 -41.66 17.56 52.26
N LEU F 915 -41.99 18.64 52.98
CA LEU F 915 -43.30 19.26 52.88
C LEU F 915 -43.16 20.77 52.67
N GLN F 916 -43.79 21.27 51.62
CA GLN F 916 -43.85 22.69 51.31
C GLN F 916 -45.26 23.02 50.84
N PRO F 917 -45.69 24.28 51.01
CA PRO F 917 -47.01 24.67 50.49
C PRO F 917 -47.07 24.52 48.99
N GLY F 918 -48.25 24.12 48.50
CA GLY F 918 -48.47 23.93 47.08
C GLY F 918 -48.80 25.22 46.35
N GLU F 937 -54.97 -19.13 28.15
CA GLU F 937 -54.12 -20.31 28.18
C GLU F 937 -54.57 -21.33 27.14
N PRO F 938 -53.67 -21.70 26.22
CA PRO F 938 -54.03 -22.69 25.20
C PRO F 938 -54.32 -24.05 25.83
N LYS F 939 -55.25 -24.78 25.22
CA LYS F 939 -55.63 -26.09 25.72
C LYS F 939 -54.46 -27.05 25.66
N ASN F 940 -54.01 -27.37 24.45
CA ASN F 940 -52.86 -28.26 24.28
C ASN F 940 -51.85 -27.68 23.29
N LYS F 941 -52.33 -26.93 22.30
CA LYS F 941 -51.50 -26.43 21.23
C LYS F 941 -51.63 -24.92 21.13
N TRP F 942 -50.50 -24.26 20.90
CA TRP F 942 -50.47 -22.81 20.71
C TRP F 942 -49.93 -22.40 19.35
N TRP F 943 -49.08 -23.22 18.74
CA TRP F 943 -48.63 -22.96 17.37
C TRP F 943 -49.78 -23.02 16.39
N GLU F 944 -50.91 -23.61 16.77
CA GLU F 944 -52.13 -23.59 15.99
C GLU F 944 -52.71 -22.19 15.82
N TRP F 945 -52.04 -21.17 16.36
CA TRP F 945 -52.28 -19.74 16.16
C TRP F 945 -53.49 -19.24 16.95
N SER F 946 -54.28 -20.11 17.58
CA SER F 946 -55.45 -19.71 18.35
C SER F 946 -56.45 -19.03 17.42
N PRO F 947 -57.61 -18.56 17.91
CA PRO F 947 -58.52 -17.80 17.03
C PRO F 947 -57.90 -16.47 16.57
N ASN F 948 -58.66 -15.72 15.78
CA ASN F 948 -58.17 -14.42 15.32
C ASN F 948 -57.79 -13.50 16.47
N PRO F 949 -58.60 -13.32 17.52
CA PRO F 949 -58.08 -12.60 18.69
C PRO F 949 -56.88 -13.28 19.33
N SER F 950 -56.87 -14.61 19.32
CA SER F 950 -55.77 -15.40 19.88
C SER F 950 -55.43 -15.00 21.31
N SER G 289 -23.36 -64.75 -13.54
CA SER G 289 -23.50 -64.01 -14.78
C SER G 289 -22.56 -62.82 -14.83
N LEU G 290 -21.69 -62.79 -15.83
CA LEU G 290 -20.77 -61.66 -16.00
C LEU G 290 -21.54 -60.37 -16.25
N SER G 291 -22.26 -60.30 -17.37
CA SER G 291 -23.18 -59.22 -17.69
C SER G 291 -22.56 -57.83 -17.50
N ILE G 292 -23.07 -57.09 -16.51
CA ILE G 292 -22.65 -55.71 -16.33
C ILE G 292 -21.18 -55.60 -15.93
N LEU G 293 -20.60 -56.70 -15.44
CA LEU G 293 -19.18 -56.67 -15.11
C LEU G 293 -18.32 -56.40 -16.33
N MET G 294 -18.73 -56.94 -17.49
CA MET G 294 -18.09 -56.63 -18.76
C MET G 294 -18.71 -55.42 -19.43
N LEU G 295 -20.03 -55.27 -19.33
CA LEU G 295 -20.71 -54.15 -19.97
C LEU G 295 -20.17 -52.81 -19.49
N HIS G 296 -19.70 -52.73 -18.26
CA HIS G 296 -19.19 -51.49 -17.70
C HIS G 296 -17.72 -51.32 -18.06
N ASP G 297 -17.08 -50.32 -17.46
CA ASP G 297 -15.73 -49.94 -17.85
C ASP G 297 -14.74 -51.04 -17.43
N PRO G 298 -13.72 -51.31 -18.25
CA PRO G 298 -12.71 -52.31 -17.86
C PRO G 298 -11.90 -51.93 -16.63
N GLU G 299 -12.01 -50.70 -16.13
CA GLU G 299 -11.42 -50.38 -14.84
C GLU G 299 -12.00 -51.28 -13.75
N ALA G 300 -13.30 -51.61 -13.88
CA ALA G 300 -13.89 -52.58 -12.97
C ALA G 300 -13.22 -53.94 -13.12
N ARG G 301 -12.77 -54.26 -14.34
CA ARG G 301 -12.02 -55.50 -14.52
C ARG G 301 -10.67 -55.44 -13.81
N TYR G 302 -9.99 -54.30 -13.90
CA TYR G 302 -8.75 -54.12 -13.15
C TYR G 302 -8.99 -54.31 -11.66
N LEU G 303 -10.08 -53.74 -11.15
CA LEU G 303 -10.39 -53.89 -9.74
C LEU G 303 -10.72 -55.33 -9.38
N HIS G 304 -11.44 -56.05 -10.24
CA HIS G 304 -11.77 -57.43 -9.89
C HIS G 304 -10.50 -58.25 -9.85
N LYS G 305 -9.56 -57.95 -10.75
CA LYS G 305 -8.25 -58.60 -10.70
C LYS G 305 -7.54 -58.31 -9.39
N ILE G 306 -7.44 -57.03 -9.02
CA ILE G 306 -6.67 -56.69 -7.84
C ILE G 306 -7.32 -57.25 -6.58
N LEU G 307 -8.64 -57.44 -6.58
CA LEU G 307 -9.28 -58.05 -5.42
C LEU G 307 -9.22 -59.57 -5.42
N ASN G 308 -9.20 -60.22 -6.59
CA ASN G 308 -9.07 -61.66 -6.63
C ASN G 308 -7.63 -62.14 -6.46
N LEU G 309 -6.66 -61.25 -6.59
CA LEU G 309 -5.29 -61.61 -6.26
C LEU G 309 -5.12 -61.85 -4.75
N LEU G 310 -5.72 -60.99 -3.93
CA LEU G 310 -5.58 -61.12 -2.49
C LEU G 310 -6.37 -62.33 -1.99
N PRO G 311 -5.91 -62.95 -0.91
CA PRO G 311 -6.64 -64.11 -0.35
C PRO G 311 -7.97 -63.69 0.23
N PRO G 312 -8.91 -64.63 0.35
CA PRO G 312 -10.22 -64.30 0.92
C PRO G 312 -10.23 -64.16 2.43
N GLU G 313 -9.06 -64.01 3.07
CA GLU G 313 -9.04 -63.77 4.52
C GLU G 313 -9.74 -62.47 4.87
N TYR G 314 -9.61 -61.45 4.02
CA TYR G 314 -10.43 -60.25 4.16
C TYR G 314 -11.90 -60.59 3.98
N TYR G 315 -12.21 -61.48 3.03
CA TYR G 315 -13.55 -61.99 2.86
C TYR G 315 -13.99 -62.89 4.02
N VAL G 316 -13.06 -63.28 4.89
CA VAL G 316 -13.43 -64.08 6.06
C VAL G 316 -13.81 -63.20 7.24
N GLU G 317 -13.03 -62.15 7.50
CA GLU G 317 -13.26 -61.31 8.67
C GLU G 317 -14.41 -60.35 8.40
N TYR G 318 -15.46 -60.44 9.22
CA TYR G 318 -16.58 -59.50 9.11
C TYR G 318 -16.17 -58.05 9.27
N PRO G 319 -15.27 -57.67 10.18
CA PRO G 319 -14.76 -56.29 10.13
C PRO G 319 -14.14 -55.94 8.79
N LEU G 320 -13.42 -56.89 8.18
CA LEU G 320 -12.89 -56.66 6.85
C LEU G 320 -14.01 -56.69 5.81
N TRP G 321 -15.08 -57.46 6.06
CA TRP G 321 -16.27 -57.35 5.24
C TRP G 321 -16.75 -55.91 5.19
N SER G 322 -16.92 -55.29 6.37
CA SER G 322 -17.38 -53.90 6.41
C SER G 322 -16.38 -52.97 5.76
N ASN G 323 -15.08 -53.22 5.99
CA ASN G 323 -14.06 -52.39 5.36
C ASN G 323 -14.23 -52.37 3.84
N VAL G 324 -14.30 -53.55 3.23
CA VAL G 324 -14.40 -53.61 1.78
C VAL G 324 -15.75 -53.08 1.31
N VAL G 325 -16.81 -53.29 2.08
CA VAL G 325 -18.14 -52.80 1.69
C VAL G 325 -18.14 -51.29 1.61
N PHE G 326 -17.67 -50.61 2.65
CA PHE G 326 -17.63 -49.15 2.61
C PHE G 326 -16.64 -48.65 1.56
N ALA G 327 -15.51 -49.35 1.38
CA ALA G 327 -14.56 -48.93 0.35
C ALA G 327 -15.20 -48.98 -1.03
N LEU G 328 -15.97 -50.03 -1.31
CA LEU G 328 -16.64 -50.13 -2.60
C LEU G 328 -17.79 -49.15 -2.72
N ALA G 329 -18.52 -48.92 -1.62
CA ALA G 329 -19.65 -48.00 -1.65
C ALA G 329 -19.19 -46.58 -1.90
N ASN G 330 -18.02 -46.21 -1.40
CA ASN G 330 -17.46 -44.91 -1.71
C ASN G 330 -17.18 -44.77 -3.21
N THR G 331 -16.95 -45.89 -3.88
CA THR G 331 -16.80 -45.90 -5.34
C THR G 331 -18.14 -46.28 -5.95
N SER G 332 -19.08 -45.33 -5.87
CA SER G 332 -20.43 -45.47 -6.42
C SER G 332 -21.19 -46.63 -5.82
N ALA G 333 -22.38 -46.91 -6.36
CA ALA G 333 -23.25 -47.96 -5.86
C ALA G 333 -23.51 -49.09 -6.84
N ASN G 334 -23.11 -48.93 -8.11
CA ASN G 334 -23.30 -49.97 -9.10
C ASN G 334 -22.36 -51.16 -8.88
N TYR G 335 -21.42 -51.02 -7.95
CA TYR G 335 -20.43 -52.05 -7.67
C TYR G 335 -20.96 -53.11 -6.72
N ARG G 336 -22.22 -52.99 -6.30
CA ARG G 336 -22.83 -54.00 -5.45
C ARG G 336 -22.80 -55.39 -6.06
N PRO G 337 -23.16 -55.60 -7.33
CA PRO G 337 -22.95 -56.94 -7.92
C PRO G 337 -21.51 -57.38 -7.90
N LEU G 338 -20.56 -56.45 -8.08
CA LEU G 338 -19.16 -56.80 -7.94
C LEU G 338 -18.84 -57.22 -6.52
N ALA G 339 -19.44 -56.55 -5.54
CA ALA G 339 -19.23 -56.94 -4.14
C ALA G 339 -19.76 -58.35 -3.90
N GLU G 340 -20.92 -58.68 -4.47
CA GLU G 340 -21.44 -60.04 -4.36
C GLU G 340 -20.54 -61.03 -5.08
N TRP G 341 -19.95 -60.62 -6.20
CA TRP G 341 -19.03 -61.51 -6.90
C TRP G 341 -17.81 -61.81 -6.05
N PHE G 342 -17.28 -60.80 -5.36
CA PHE G 342 -16.25 -61.06 -4.36
C PHE G 342 -16.79 -61.90 -3.23
N SER G 343 -18.10 -61.85 -2.99
CA SER G 343 -18.72 -62.66 -1.95
C SER G 343 -19.03 -64.06 -2.47
N GLN G 344 -18.04 -64.68 -3.10
CA GLN G 344 -18.13 -66.07 -3.56
C GLN G 344 -16.89 -66.89 -3.29
N LYS G 345 -15.80 -66.28 -2.82
CA LYS G 345 -14.54 -67.01 -2.65
C LYS G 345 -14.69 -68.14 -1.65
N CYS G 346 -15.33 -67.86 -0.52
CA CYS G 346 -15.60 -68.87 0.50
C CYS G 346 -16.82 -68.43 1.31
N PRO G 347 -18.01 -68.52 0.72
CA PRO G 347 -19.22 -68.04 1.39
C PRO G 347 -19.69 -68.98 2.51
N GLU G 348 -18.86 -69.10 3.55
CA GLU G 348 -19.26 -69.88 4.71
C GLU G 348 -20.40 -69.21 5.45
N LYS G 349 -20.36 -67.88 5.55
CA LYS G 349 -21.42 -67.11 6.20
C LYS G 349 -22.22 -66.25 5.25
N TRP G 350 -21.75 -66.06 4.01
CA TRP G 350 -22.40 -65.14 3.08
C TRP G 350 -23.82 -65.61 2.75
N ASN G 351 -23.93 -66.75 2.07
CA ASN G 351 -25.24 -67.26 1.71
C ASN G 351 -26.02 -67.67 2.96
N THR G 352 -27.28 -67.24 3.03
CA THR G 352 -28.11 -67.42 4.22
C THR G 352 -27.39 -66.84 5.44
N GLY G 353 -27.20 -65.53 5.41
CA GLY G 353 -26.25 -64.87 6.27
C GLY G 353 -25.75 -63.58 5.64
N GLY G 354 -24.44 -63.48 5.44
CA GLY G 354 -23.83 -62.34 4.80
C GLY G 354 -24.52 -61.85 3.54
N LYS G 355 -25.29 -62.73 2.89
CA LYS G 355 -26.13 -62.28 1.79
C LYS G 355 -27.23 -61.33 2.27
N GLU G 356 -27.46 -61.27 3.58
CA GLU G 356 -28.43 -60.37 4.17
C GLU G 356 -27.81 -59.32 5.07
N LYS G 357 -26.91 -59.72 5.98
CA LYS G 357 -26.31 -58.74 6.89
C LYS G 357 -25.36 -57.80 6.14
N LEU G 358 -24.50 -58.34 5.28
CA LEU G 358 -23.68 -57.47 4.44
C LEU G 358 -24.54 -56.75 3.41
N GLU G 359 -25.68 -57.34 3.05
CA GLU G 359 -26.63 -56.66 2.18
C GLU G 359 -27.15 -55.38 2.82
N LYS G 360 -27.61 -55.47 4.08
CA LYS G 360 -28.07 -54.26 4.75
C LYS G 360 -26.90 -53.35 5.11
N LEU G 361 -25.69 -53.91 5.23
CA LEU G 361 -24.50 -53.08 5.37
C LEU G 361 -24.35 -52.17 4.17
N TRP G 362 -24.43 -52.75 2.97
CA TRP G 362 -24.38 -51.93 1.75
C TRP G 362 -25.56 -50.97 1.69
N ASN G 363 -26.73 -51.42 2.15
CA ASN G 363 -27.91 -50.56 2.12
C ASN G 363 -27.72 -49.31 2.96
N ASP G 364 -27.18 -49.45 4.17
CA ASP G 364 -26.94 -48.29 5.01
C ASP G 364 -25.73 -47.48 4.52
N ALA G 365 -24.76 -48.14 3.89
CA ALA G 365 -23.62 -47.41 3.34
C ALA G 365 -23.99 -46.63 2.09
N SER G 366 -25.11 -46.97 1.45
CA SER G 366 -25.55 -46.23 0.27
C SER G 366 -25.80 -44.76 0.57
N HIS G 367 -26.08 -44.41 1.82
CA HIS G 367 -26.22 -43.02 2.23
C HIS G 367 -25.40 -42.72 3.48
N HIS G 368 -24.25 -43.39 3.63
CA HIS G 368 -23.42 -43.20 4.81
C HIS G 368 -22.72 -41.84 4.78
N THR G 369 -22.44 -41.32 5.97
CA THR G 369 -21.72 -40.05 6.13
C THR G 369 -20.71 -40.22 7.26
N GLU G 370 -19.47 -40.50 6.90
CA GLU G 370 -18.39 -40.63 7.88
C GLU G 370 -17.06 -40.40 7.16
N LYS G 371 -15.96 -40.80 7.79
CA LYS G 371 -14.61 -40.68 7.24
C LYS G 371 -14.53 -41.08 5.77
N LYS G 372 -15.32 -42.07 5.37
CA LYS G 372 -15.43 -42.51 3.98
C LYS G 372 -14.08 -42.99 3.45
N ILE G 373 -13.63 -44.11 4.03
CA ILE G 373 -12.44 -44.79 3.51
C ILE G 373 -12.71 -45.24 2.09
N THR G 374 -11.76 -44.99 1.20
CA THR G 374 -11.98 -45.14 -0.24
C THR G 374 -10.96 -46.06 -0.89
N LYS G 375 -10.93 -46.04 -2.22
CA LYS G 375 -9.92 -46.73 -2.99
C LYS G 375 -8.52 -46.21 -2.59
N ARG G 376 -7.49 -46.91 -3.09
CA ARG G 376 -6.07 -46.76 -2.83
C ARG G 376 -5.68 -47.43 -1.52
N SER G 377 -6.64 -47.97 -0.78
CA SER G 377 -6.33 -48.80 0.38
C SER G 377 -6.27 -50.27 0.01
N ILE G 378 -7.16 -50.70 -0.89
CA ILE G 378 -7.15 -52.08 -1.35
C ILE G 378 -5.86 -52.39 -2.11
N MET G 379 -5.46 -51.48 -3.01
CA MET G 379 -4.22 -51.69 -3.75
C MET G 379 -3.01 -51.63 -2.83
N TYR G 380 -3.05 -50.79 -1.80
CA TYR G 380 -1.97 -50.80 -0.83
C TYR G 380 -1.90 -52.10 -0.07
N TRP G 381 -3.06 -52.66 0.29
CA TRP G 381 -3.08 -53.98 0.91
C TRP G 381 -2.46 -55.02 0.01
N ALA G 382 -2.83 -55.00 -1.28
CA ALA G 382 -2.24 -55.94 -2.23
C ALA G 382 -0.73 -55.74 -2.35
N HIS G 383 -0.30 -54.49 -2.41
CA HIS G 383 1.12 -54.19 -2.58
C HIS G 383 1.94 -54.66 -1.38
N LYS G 384 1.44 -54.41 -0.17
CA LYS G 384 2.17 -54.79 1.03
C LYS G 384 2.02 -56.25 1.38
N HIS G 385 1.01 -56.94 0.84
CA HIS G 385 0.78 -58.35 1.16
C HIS G 385 1.28 -59.27 0.05
N ALA G 386 0.78 -59.11 -1.16
CA ALA G 386 1.05 -60.02 -2.27
C ALA G 386 1.76 -59.26 -3.40
N PRO G 387 3.09 -59.36 -3.49
CA PRO G 387 3.81 -58.65 -4.55
C PRO G 387 3.64 -59.29 -5.91
N GLN G 388 4.39 -58.76 -6.90
CA GLN G 388 4.54 -59.33 -8.24
C GLN G 388 3.33 -59.08 -9.13
N GLN G 389 2.22 -59.77 -8.87
CA GLN G 389 1.12 -59.81 -9.84
C GLN G 389 0.51 -58.43 -10.07
N TYR G 390 0.30 -57.65 -9.01
CA TYR G 390 -0.42 -56.39 -9.18
C TYR G 390 0.37 -55.42 -10.03
N LYS G 391 1.69 -55.36 -9.84
CA LYS G 391 2.48 -54.36 -10.55
C LYS G 391 2.55 -54.68 -12.04
N GLU G 392 2.72 -55.96 -12.39
CA GLU G 392 2.71 -56.32 -13.80
C GLU G 392 1.33 -56.14 -14.41
N ILE G 393 0.27 -56.40 -13.64
CA ILE G 393 -1.08 -56.21 -14.15
C ILE G 393 -1.32 -54.74 -14.49
N VAL G 394 -1.00 -53.84 -13.55
CA VAL G 394 -1.22 -52.42 -13.78
C VAL G 394 -0.28 -51.90 -14.86
N GLU G 395 0.94 -52.47 -14.92
CA GLU G 395 1.87 -52.12 -15.98
C GLU G 395 1.28 -52.42 -17.34
N GLN G 396 0.74 -53.63 -17.51
CA GLN G 396 0.07 -53.98 -18.76
C GLN G 396 -1.10 -53.05 -19.01
N GLY G 397 -1.84 -52.67 -17.97
CA GLY G 397 -2.95 -51.76 -18.12
C GLY G 397 -2.59 -50.40 -18.70
N TYR G 398 -1.70 -49.65 -18.02
CA TYR G 398 -1.39 -48.34 -18.56
C TYR G 398 -0.51 -48.42 -19.80
N PHE G 399 0.23 -49.51 -19.98
CA PHE G 399 0.88 -49.74 -21.26
C PHE G 399 -0.14 -49.84 -22.38
N SER G 400 -1.25 -50.53 -22.12
CA SER G 400 -2.33 -50.59 -23.09
C SER G 400 -2.93 -49.21 -23.33
N ILE G 401 -3.09 -48.43 -22.26
CA ILE G 401 -3.65 -47.08 -22.43
C ILE G 401 -2.77 -46.28 -23.38
N LEU G 402 -1.46 -46.25 -23.12
CA LEU G 402 -0.55 -45.48 -23.96
C LEU G 402 -0.50 -46.04 -25.37
N ALA G 403 -0.52 -47.37 -25.51
CA ALA G 403 -0.45 -47.98 -26.83
C ALA G 403 -1.68 -47.64 -27.67
N GLU G 404 -2.86 -47.67 -27.05
CA GLU G 404 -4.07 -47.34 -27.80
C GLU G 404 -4.08 -45.88 -28.19
N TYR G 405 -3.58 -44.99 -27.32
CA TYR G 405 -3.42 -43.60 -27.74
C TYR G 405 -2.46 -43.48 -28.92
N VAL G 406 -1.34 -44.20 -28.87
CA VAL G 406 -0.36 -44.11 -29.95
C VAL G 406 -0.96 -44.57 -31.27
N TYR G 407 -1.68 -45.69 -31.24
CA TYR G 407 -2.29 -46.20 -32.47
C TYR G 407 -3.42 -45.29 -32.93
N SER G 408 -4.11 -44.63 -32.01
CA SER G 408 -5.18 -43.72 -32.40
C SER G 408 -4.63 -42.46 -33.05
N TYR G 409 -3.45 -42.00 -32.65
CA TYR G 409 -2.92 -40.74 -33.14
C TYR G 409 -1.55 -40.91 -33.79
N ASN G 410 -1.31 -42.06 -34.41
CA ASN G 410 -0.13 -42.28 -35.26
C ASN G 410 1.17 -41.99 -34.50
N GLY G 411 1.21 -42.34 -33.23
CA GLY G 411 2.40 -42.10 -32.44
C GLY G 411 2.76 -40.64 -32.30
N MET G 412 1.75 -39.78 -32.22
CA MET G 412 1.95 -38.35 -32.01
C MET G 412 1.36 -38.00 -30.65
N LEU G 413 2.23 -37.71 -29.68
CA LEU G 413 1.79 -37.48 -28.33
C LEU G 413 1.54 -35.99 -28.09
N GLU G 414 0.81 -35.70 -27.02
CA GLU G 414 0.53 -34.32 -26.63
C GLU G 414 0.38 -34.27 -25.12
N HIS G 415 -0.02 -33.11 -24.60
CA HIS G 415 -0.05 -32.91 -23.16
C HIS G 415 -1.11 -33.76 -22.49
N TYR G 416 -2.32 -33.77 -23.04
CA TYR G 416 -3.46 -34.30 -22.30
C TYR G 416 -3.35 -35.80 -22.08
N MET G 417 -3.04 -36.57 -23.13
CA MET G 417 -3.05 -38.02 -22.96
C MET G 417 -1.91 -38.47 -22.06
N ILE G 418 -0.76 -37.81 -22.14
CA ILE G 418 0.33 -38.10 -21.22
C ILE G 418 -0.08 -37.79 -19.79
N ALA G 419 -0.76 -36.66 -19.60
CA ALA G 419 -1.24 -36.33 -18.26
C ALA G 419 -2.22 -37.38 -17.75
N LYS G 420 -3.10 -37.87 -18.62
CA LYS G 420 -4.04 -38.90 -18.20
C LYS G 420 -3.33 -40.19 -17.83
N VAL G 421 -2.31 -40.56 -18.60
CA VAL G 421 -1.55 -41.76 -18.27
C VAL G 421 -0.87 -41.59 -16.91
N ILE G 422 -0.28 -40.42 -16.66
CA ILE G 422 0.37 -40.18 -15.37
C ILE G 422 -0.64 -40.25 -14.24
N TYR G 423 -1.81 -39.67 -14.44
CA TYR G 423 -2.83 -39.73 -13.38
C TYR G 423 -3.28 -41.15 -13.12
N ALA G 424 -3.48 -41.93 -14.18
CA ALA G 424 -3.90 -43.32 -13.99
C ALA G 424 -2.79 -44.18 -13.43
N MET G 425 -1.53 -43.74 -13.52
CA MET G 425 -0.40 -44.54 -13.09
C MET G 425 0.07 -44.22 -11.68
N MET G 426 0.11 -42.95 -11.29
CA MET G 426 0.55 -42.57 -9.95
C MET G 426 -0.37 -41.48 -9.42
N GLY G 427 -1.67 -41.66 -9.63
CA GLY G 427 -2.64 -40.67 -9.17
C GLY G 427 -3.06 -40.82 -7.73
N ASN G 428 -2.48 -41.77 -7.00
CA ASN G 428 -2.84 -42.03 -5.63
C ASN G 428 -1.93 -41.33 -4.63
N LYS G 429 -1.07 -40.43 -5.10
CA LYS G 429 -0.11 -39.77 -4.24
C LYS G 429 -0.22 -38.25 -4.24
N PHE G 430 -1.01 -37.66 -5.13
CA PHE G 430 -1.09 -36.22 -5.25
C PHE G 430 -2.54 -35.76 -5.24
N VAL G 431 -2.76 -34.60 -4.64
CA VAL G 431 -4.07 -33.97 -4.59
C VAL G 431 -3.91 -32.49 -4.87
N VAL G 432 -4.72 -31.95 -5.77
CA VAL G 432 -4.67 -30.54 -6.14
C VAL G 432 -5.97 -29.88 -5.68
N ASP G 433 -5.84 -28.78 -4.95
CA ASP G 433 -7.00 -28.00 -4.52
C ASP G 433 -6.71 -26.52 -4.68
N VAL G 434 -7.76 -25.74 -4.83
CA VAL G 434 -7.64 -24.30 -5.07
C VAL G 434 -7.81 -23.57 -3.74
N ASP G 435 -6.85 -22.71 -3.43
CA ASP G 435 -6.86 -21.97 -2.16
C ASP G 435 -7.87 -20.83 -2.23
N SER G 436 -7.94 -20.03 -1.17
CA SER G 436 -8.84 -18.89 -1.14
C SER G 436 -8.40 -17.77 -2.06
N ASN G 437 -7.12 -17.75 -2.46
CA ASN G 437 -6.60 -16.69 -3.30
C ASN G 437 -6.74 -16.99 -4.78
N GLY G 438 -7.28 -18.15 -5.15
CA GLY G 438 -7.41 -18.50 -6.54
C GLY G 438 -6.18 -19.07 -7.18
N LYS G 439 -5.27 -19.63 -6.40
CA LYS G 439 -4.05 -20.25 -6.93
C LYS G 439 -4.07 -21.74 -6.62
N TYR G 440 -3.80 -22.55 -7.64
CA TYR G 440 -3.74 -23.99 -7.44
C TYR G 440 -2.57 -24.36 -6.52
N VAL G 441 -2.81 -25.33 -5.65
CA VAL G 441 -1.83 -25.78 -4.67
C VAL G 441 -1.66 -27.29 -4.81
N TRP G 442 -0.41 -27.74 -4.80
CA TRP G 442 -0.09 -29.15 -4.91
C TRP G 442 0.27 -29.73 -3.55
N PHE G 443 -0.39 -30.83 -3.20
CA PHE G 443 -0.15 -31.51 -1.93
C PHE G 443 0.36 -32.91 -2.22
N GLU G 444 1.40 -33.31 -1.49
CA GLU G 444 2.07 -34.59 -1.71
C GLU G 444 2.04 -35.40 -0.43
N PHE G 445 1.90 -36.71 -0.58
CA PHE G 445 1.87 -37.62 0.56
C PHE G 445 3.25 -38.24 0.74
N VAL G 446 3.83 -38.07 1.92
CA VAL G 446 5.17 -38.54 2.19
C VAL G 446 5.16 -40.04 2.46
N LEU G 447 6.20 -40.73 1.99
CA LEU G 447 6.40 -42.15 2.24
C LEU G 447 7.81 -42.38 2.75
N PRO G 448 8.04 -43.43 3.54
CA PRO G 448 9.38 -43.71 4.03
C PRO G 448 10.34 -44.01 2.90
N GLY G 449 11.59 -43.60 3.08
CA GLY G 449 12.64 -43.88 2.12
C GLY G 449 12.96 -42.79 1.13
N GLN G 450 12.43 -41.59 1.32
CA GLN G 450 12.68 -40.47 0.43
C GLN G 450 13.10 -39.26 1.26
N PRO G 451 13.81 -38.30 0.67
CA PRO G 451 14.18 -37.09 1.41
C PRO G 451 12.95 -36.39 1.96
N MET G 452 13.04 -35.97 3.22
CA MET G 452 11.87 -35.50 3.95
C MET G 452 12.32 -34.88 5.25
N ASN G 453 11.67 -33.78 5.64
CA ASN G 453 12.05 -33.07 6.84
C ASN G 453 11.61 -33.84 8.08
N GLN G 454 12.21 -33.50 9.22
CA GLN G 454 12.01 -34.29 10.43
C GLN G 454 10.53 -34.33 10.82
N GLY G 455 10.08 -35.50 11.26
CA GLY G 455 8.72 -35.67 11.73
C GLY G 455 7.66 -35.41 10.67
N GLU G 456 7.95 -35.72 9.41
CA GLU G 456 7.02 -35.41 8.33
C GLU G 456 6.66 -36.66 7.54
N ILE G 457 6.33 -37.74 8.25
CA ILE G 457 6.05 -39.03 7.61
C ILE G 457 4.57 -39.34 7.73
N TRP G 458 4.06 -40.08 6.74
CA TRP G 458 2.70 -40.59 6.75
C TRP G 458 1.65 -39.49 6.79
N LYS G 459 1.95 -38.35 6.18
CA LYS G 459 0.98 -37.27 6.12
C LYS G 459 1.23 -36.41 4.89
N TRP G 460 0.20 -35.70 4.47
CA TRP G 460 0.31 -34.82 3.32
C TRP G 460 1.23 -33.64 3.64
N ARG G 461 1.80 -33.06 2.59
CA ARG G 461 2.67 -31.90 2.74
C ARG G 461 2.39 -30.91 1.61
N LYS G 462 2.77 -29.66 1.85
CA LYS G 462 2.56 -28.60 0.88
C LYS G 462 3.76 -28.52 -0.05
N GLU G 463 3.50 -28.54 -1.35
CA GLU G 463 4.53 -28.44 -2.37
C GLU G 463 4.26 -27.22 -3.24
N VAL G 464 5.27 -26.36 -3.38
CA VAL G 464 5.14 -25.20 -4.25
C VAL G 464 4.99 -25.65 -5.71
N ASN G 465 5.80 -26.64 -6.12
CA ASN G 465 5.85 -27.13 -7.48
C ASN G 465 6.24 -28.60 -7.38
N PRO G 466 5.45 -29.52 -7.94
CA PRO G 466 5.75 -30.95 -7.77
C PRO G 466 7.03 -31.35 -8.47
N ASP G 467 8.16 -30.98 -7.86
CA ASP G 467 9.46 -31.22 -8.46
C ASP G 467 9.74 -32.70 -8.68
N GLU G 468 9.46 -33.53 -7.68
CA GLU G 468 9.72 -34.94 -7.85
C GLU G 468 8.80 -35.53 -8.91
N LEU G 469 7.63 -34.92 -9.12
CA LEU G 469 6.81 -35.31 -10.26
C LEU G 469 7.48 -34.93 -11.58
N HIS G 470 8.16 -33.78 -11.60
CA HIS G 470 8.91 -33.40 -12.81
C HIS G 470 10.00 -34.41 -13.13
N ILE G 471 10.74 -34.86 -12.12
CA ILE G 471 11.76 -35.86 -12.42
C ILE G 471 11.11 -37.22 -12.70
N TYR G 472 9.93 -37.47 -12.13
CA TYR G 472 9.25 -38.73 -12.32
C TYR G 472 8.79 -38.89 -13.75
N ILE G 473 8.12 -37.87 -14.29
CA ILE G 473 7.60 -37.92 -15.64
C ILE G 473 8.71 -38.14 -16.65
N SER G 474 9.94 -37.77 -16.30
CA SER G 474 11.04 -37.95 -17.22
C SER G 474 11.78 -39.27 -17.04
N GLU G 475 11.81 -39.83 -15.83
CA GLU G 475 12.60 -41.05 -15.67
C GLU G 475 11.75 -42.32 -15.64
N ASN G 476 10.59 -42.32 -14.98
CA ASN G 476 9.77 -43.53 -14.97
C ASN G 476 9.10 -43.75 -16.32
N PHE G 477 8.53 -42.69 -16.90
CA PHE G 477 7.79 -42.80 -18.14
C PHE G 477 8.67 -43.27 -19.29
N SER G 478 10.00 -43.10 -19.17
CA SER G 478 10.90 -43.58 -20.20
C SER G 478 10.83 -45.09 -20.34
N ARG G 479 10.61 -45.81 -19.23
CA ARG G 479 10.49 -47.26 -19.31
C ARG G 479 9.27 -47.66 -20.12
N VAL G 480 8.14 -46.98 -19.90
CA VAL G 480 6.95 -47.28 -20.68
C VAL G 480 7.18 -46.96 -22.15
N MET G 481 7.86 -45.84 -22.42
CA MET G 481 8.20 -45.50 -23.80
C MET G 481 9.03 -46.60 -24.45
N ASP G 482 10.03 -47.10 -23.72
CA ASP G 482 10.89 -48.15 -24.26
C ASP G 482 10.11 -49.43 -24.49
N ARG G 483 9.17 -49.75 -23.60
CA ARG G 483 8.34 -50.93 -23.81
C ARG G 483 7.49 -50.78 -25.07
N ILE G 484 6.95 -49.58 -25.31
CA ILE G 484 6.18 -49.33 -26.52
C ILE G 484 7.07 -49.52 -27.75
N THR G 485 8.29 -48.99 -27.70
CA THR G 485 9.19 -49.12 -28.83
C THR G 485 9.53 -50.58 -29.09
N GLU G 486 9.77 -51.36 -28.03
CA GLU G 486 10.07 -52.77 -28.18
C GLU G 486 8.89 -53.51 -28.79
N HIS G 487 7.67 -53.20 -28.36
CA HIS G 487 6.49 -53.81 -28.95
C HIS G 487 6.40 -53.50 -30.44
N ILE G 488 6.65 -52.23 -30.80
CA ILE G 488 6.58 -51.84 -32.21
C ILE G 488 7.61 -52.60 -33.02
N LYS G 489 8.84 -52.69 -32.51
CA LYS G 489 9.89 -53.39 -33.22
C LYS G 489 9.55 -54.87 -33.38
N TYR G 490 9.04 -55.49 -32.32
CA TYR G 490 8.69 -56.90 -32.40
C TYR G 490 7.61 -57.15 -33.43
N HIS G 491 6.56 -56.32 -33.43
CA HIS G 491 5.50 -56.54 -34.40
C HIS G 491 5.92 -56.15 -35.82
N LEU G 492 6.96 -55.32 -35.96
CA LEU G 492 7.56 -55.12 -37.27
C LEU G 492 8.38 -56.33 -37.70
N SER G 493 8.94 -57.06 -36.73
CA SER G 493 9.77 -58.22 -37.05
C SER G 493 8.97 -59.31 -37.75
N GLN G 494 7.73 -59.53 -37.32
CA GLN G 494 6.92 -60.58 -37.93
C GLN G 494 6.61 -60.21 -39.38
N PRO G 495 6.78 -61.14 -40.32
CA PRO G 495 6.48 -60.84 -41.72
C PRO G 495 4.99 -60.65 -41.94
N HIS G 496 4.66 -59.75 -42.86
CA HIS G 496 3.27 -59.42 -43.16
C HIS G 496 3.20 -59.00 -44.62
N GLU G 497 2.10 -58.35 -45.00
CA GLU G 497 1.90 -57.86 -46.35
C GLU G 497 2.58 -56.49 -46.48
N SER G 498 2.24 -55.74 -47.53
CA SER G 498 2.87 -54.46 -47.84
C SER G 498 2.68 -53.42 -46.75
N ASN G 499 1.98 -53.76 -45.66
CA ASN G 499 1.84 -52.82 -44.55
C ASN G 499 3.18 -52.50 -43.93
N ILE G 500 4.11 -53.45 -43.93
CA ILE G 500 5.39 -53.25 -43.25
C ILE G 500 6.22 -52.16 -43.91
N LEU G 501 6.09 -51.97 -45.23
CA LEU G 501 6.95 -51.01 -45.91
C LEU G 501 6.53 -49.57 -45.63
N ASN G 502 5.26 -49.32 -45.31
CA ASN G 502 4.77 -47.97 -45.11
C ASN G 502 4.24 -47.71 -43.71
N TYR G 503 3.31 -48.53 -43.24
CA TYR G 503 2.56 -48.18 -42.03
C TYR G 503 3.43 -48.23 -40.79
N TYR G 504 4.03 -49.40 -40.51
CA TYR G 504 4.87 -49.50 -39.32
C TYR G 504 6.06 -48.56 -39.39
N LYS G 505 6.62 -48.35 -40.58
CA LYS G 505 7.74 -47.43 -40.70
C LYS G 505 7.31 -46.00 -40.37
N LYS G 506 6.13 -45.58 -40.84
CA LYS G 506 5.66 -44.24 -40.53
C LYS G 506 5.38 -44.08 -39.04
N LEU G 507 4.75 -45.09 -38.43
CA LEU G 507 4.51 -45.04 -37.00
C LEU G 507 5.81 -44.97 -36.22
N LEU G 508 6.81 -45.75 -36.63
CA LEU G 508 8.09 -45.73 -35.94
C LEU G 508 8.76 -44.37 -36.07
N LYS G 509 8.72 -43.78 -37.26
CA LYS G 509 9.33 -42.46 -37.45
C LYS G 509 8.64 -41.40 -36.61
N ALA G 510 7.31 -41.38 -36.64
CA ALA G 510 6.57 -40.38 -35.87
C ALA G 510 6.80 -40.56 -34.37
N PHE G 511 6.79 -41.80 -33.91
CA PHE G 511 7.02 -42.04 -32.49
C PHE G 511 8.44 -41.67 -32.09
N GLU G 512 9.41 -41.93 -32.97
CA GLU G 512 10.79 -41.52 -32.68
C GLU G 512 10.89 -40.01 -32.59
N ARG G 513 10.17 -39.30 -33.46
CA ARG G 513 10.15 -37.84 -33.36
C ARG G 513 9.53 -37.39 -32.05
N SER G 514 8.47 -38.06 -31.60
CA SER G 514 7.78 -37.67 -30.38
C SER G 514 8.47 -38.14 -29.10
N LYS G 515 9.43 -39.06 -29.19
CA LYS G 515 10.04 -39.61 -27.99
C LYS G 515 10.73 -38.53 -27.17
N SER G 516 11.49 -37.66 -27.83
CA SER G 516 12.29 -36.69 -27.09
C SER G 516 11.45 -35.58 -26.48
N LYS G 517 10.18 -35.45 -26.87
CA LYS G 517 9.36 -34.34 -26.39
C LYS G 517 9.19 -34.36 -24.88
N ILE G 518 9.30 -35.55 -24.26
CA ILE G 518 9.13 -35.64 -22.81
C ILE G 518 10.21 -34.88 -22.07
N PHE G 519 11.36 -34.65 -22.69
CA PHE G 519 12.47 -33.97 -22.04
C PHE G 519 12.42 -32.46 -22.19
N ASN G 520 11.51 -31.92 -22.99
CA ASN G 520 11.41 -30.49 -23.15
C ASN G 520 10.73 -29.86 -21.95
N ASP G 521 11.24 -28.71 -21.51
CA ASP G 521 10.69 -28.06 -20.33
C ASP G 521 9.26 -27.57 -20.57
N SER G 522 9.00 -26.96 -21.72
CA SER G 522 7.67 -26.45 -22.00
C SER G 522 6.65 -27.58 -22.08
N PHE G 523 7.05 -28.71 -22.64
CA PHE G 523 6.16 -29.86 -22.69
C PHE G 523 5.80 -30.34 -21.28
N LYS G 524 6.80 -30.40 -20.39
CA LYS G 524 6.53 -30.74 -19.01
C LYS G 524 5.58 -29.74 -18.37
N LYS G 525 5.76 -28.46 -18.70
CA LYS G 525 4.88 -27.43 -18.16
C LYS G 525 3.45 -27.66 -18.60
N GLY G 526 3.25 -27.98 -19.88
CA GLY G 526 1.91 -28.27 -20.36
C GLY G 526 1.31 -29.50 -19.70
N VAL G 527 2.11 -30.55 -19.51
CA VAL G 527 1.59 -31.76 -18.91
C VAL G 527 1.17 -31.50 -17.46
N ILE G 528 1.98 -30.77 -16.70
CA ILE G 528 1.55 -30.47 -15.33
C ILE G 528 0.37 -29.53 -15.32
N ARG G 529 0.24 -28.64 -16.32
CA ARG G 529 -0.94 -27.79 -16.39
C ARG G 529 -2.20 -28.60 -16.62
N GLN G 530 -2.12 -29.66 -17.42
CA GLN G 530 -3.28 -30.53 -17.59
C GLN G 530 -3.53 -31.39 -16.35
N ALA G 531 -2.46 -31.84 -15.70
CA ALA G 531 -2.61 -32.55 -14.43
C ALA G 531 -3.24 -31.66 -13.38
N GLU G 532 -3.14 -30.34 -13.53
CA GLU G 532 -3.87 -29.44 -12.64
C GLU G 532 -5.35 -29.76 -12.62
N PHE G 533 -5.97 -29.86 -13.81
CA PHE G 533 -7.37 -30.23 -13.87
C PHE G 533 -7.59 -31.68 -13.50
N LEU G 534 -6.70 -32.57 -13.95
CA LEU G 534 -6.94 -34.00 -13.74
C LEU G 534 -6.92 -34.37 -12.26
N PHE G 535 -5.95 -33.85 -11.51
CA PHE G 535 -5.79 -34.18 -10.10
C PHE G 535 -6.64 -33.32 -9.19
N ARG G 536 -7.45 -32.43 -9.75
CA ARG G 536 -8.32 -31.57 -8.95
C ARG G 536 -9.23 -32.42 -8.08
N GLN G 537 -9.29 -32.09 -6.79
CA GLN G 537 -10.15 -32.80 -5.85
C GLN G 537 -10.94 -31.76 -5.06
N ARG G 538 -12.23 -31.67 -5.34
CA ARG G 538 -13.07 -30.69 -4.68
C ARG G 538 -13.20 -30.99 -3.19
N SER G 539 -13.27 -29.92 -2.40
CA SER G 539 -13.45 -30.01 -0.96
C SER G 539 -12.34 -30.82 -0.30
N PHE G 540 -11.12 -30.32 -0.43
CA PHE G 540 -9.97 -30.94 0.22
C PHE G 540 -9.26 -30.01 1.19
N ILE G 541 -9.22 -28.70 0.90
CA ILE G 541 -8.53 -27.78 1.77
C ILE G 541 -9.29 -27.61 3.08
N GLN G 542 -10.59 -27.33 3.00
CA GLN G 542 -11.37 -27.02 4.18
C GLN G 542 -11.66 -28.25 5.03
N THR G 543 -11.41 -29.45 4.52
CA THR G 543 -11.57 -30.67 5.31
C THR G 543 -10.28 -31.13 5.95
N LEU G 544 -9.21 -30.33 5.84
CA LEU G 544 -7.94 -30.68 6.45
C LEU G 544 -8.00 -30.43 7.95
N ASP G 545 -7.52 -31.40 8.73
CA ASP G 545 -7.39 -31.30 10.18
C ASP G 545 -8.74 -31.08 10.86
N THR G 546 -9.84 -31.38 10.18
CA THR G 546 -11.16 -31.17 10.78
C THR G 546 -11.42 -32.16 11.90
N ASN G 547 -10.95 -33.40 11.76
CA ASN G 547 -11.14 -34.39 12.81
C ASN G 547 -10.30 -34.02 14.01
N PRO G 548 -10.91 -33.77 15.19
CA PRO G 548 -10.11 -33.40 16.36
C PRO G 548 -9.41 -34.56 17.02
N HIS G 549 -9.72 -35.81 16.65
CA HIS G 549 -9.12 -36.97 17.27
C HIS G 549 -7.80 -37.37 16.64
N LEU G 550 -7.34 -36.66 15.62
CA LEU G 550 -6.09 -36.98 14.93
C LEU G 550 -5.09 -35.86 15.19
N LEU G 551 -3.94 -36.23 15.75
CA LEU G 551 -2.87 -35.27 16.04
C LEU G 551 -1.61 -35.68 15.30
N GLY G 552 -1.03 -34.75 14.56
CA GLY G 552 0.19 -35.03 13.83
C GLY G 552 1.42 -35.04 14.71
N VAL G 553 2.04 -36.21 14.87
CA VAL G 553 3.22 -36.36 15.70
C VAL G 553 4.41 -36.63 14.80
N GLY G 554 5.59 -36.69 15.41
CA GLY G 554 6.80 -36.90 14.64
C GLY G 554 6.86 -38.23 13.94
N ASN G 555 6.33 -39.27 14.57
CA ASN G 555 6.39 -40.63 14.04
C ASN G 555 5.05 -41.09 13.48
N GLY G 556 4.30 -40.19 12.86
CA GLY G 556 3.04 -40.56 12.25
C GLY G 556 1.86 -39.76 12.73
N VAL G 557 0.72 -40.41 12.90
CA VAL G 557 -0.50 -39.78 13.39
C VAL G 557 -1.03 -40.57 14.57
N LEU G 558 -1.41 -39.87 15.64
CA LEU G 558 -1.98 -40.49 16.82
C LEU G 558 -3.49 -40.24 16.81
N SER G 559 -4.27 -41.30 16.86
CA SER G 559 -5.72 -41.23 16.86
C SER G 559 -6.22 -41.45 18.28
N ILE G 560 -6.80 -40.42 18.87
CA ILE G 560 -7.36 -40.52 20.21
C ILE G 560 -8.86 -40.81 20.17
N GLU G 561 -9.37 -41.27 19.03
CA GLU G 561 -10.79 -41.57 18.91
C GLU G 561 -11.19 -42.70 19.85
N THR G 562 -10.38 -43.74 19.93
CA THR G 562 -10.65 -44.88 20.79
C THR G 562 -9.77 -44.82 22.02
N ILE G 563 -10.20 -45.51 23.07
CA ILE G 563 -9.47 -45.63 24.33
C ILE G 563 -8.96 -47.06 24.43
N PRO G 564 -7.65 -47.29 24.47
CA PRO G 564 -6.61 -46.25 24.43
C PRO G 564 -6.37 -45.71 23.03
N ALA G 565 -5.70 -44.56 22.95
CA ALA G 565 -5.40 -43.96 21.65
C ALA G 565 -4.47 -44.87 20.85
N LYS G 566 -4.73 -44.96 19.55
CA LYS G 566 -3.99 -45.84 18.66
C LYS G 566 -3.03 -45.03 17.81
N LEU G 567 -1.78 -45.45 17.78
CA LEU G 567 -0.76 -44.81 16.96
C LEU G 567 -0.72 -45.48 15.59
N ILE G 568 -0.72 -44.67 14.54
CA ILE G 568 -0.73 -45.15 13.17
C ILE G 568 0.56 -44.69 12.50
N ASN G 569 1.30 -45.62 11.90
CA ASN G 569 2.50 -45.31 11.14
C ASN G 569 2.52 -46.11 9.84
N HIS G 570 1.36 -46.28 9.22
CA HIS G 570 1.25 -46.93 7.93
C HIS G 570 0.27 -46.11 7.09
N PHE G 571 -0.09 -46.66 5.94
CA PHE G 571 -0.92 -45.91 5.00
C PHE G 571 -2.34 -45.74 5.56
N HIS G 572 -2.96 -44.63 5.20
CA HIS G 572 -4.33 -44.33 5.58
C HIS G 572 -4.87 -43.29 4.61
N GLU G 573 -6.03 -42.70 4.95
CA GLU G 573 -6.65 -41.69 4.11
C GLU G 573 -7.07 -40.46 4.91
N HIS G 574 -6.52 -40.28 6.09
CA HIS G 574 -6.89 -39.12 6.92
C HIS G 574 -6.23 -37.87 6.38
N PRO G 575 -6.99 -36.83 6.05
CA PRO G 575 -6.41 -35.58 5.51
C PRO G 575 -5.83 -34.65 6.57
N ILE G 576 -4.58 -34.93 6.95
CA ILE G 576 -3.88 -34.17 7.97
C ILE G 576 -2.64 -33.53 7.35
N HIS G 577 -2.42 -32.26 7.65
CA HIS G 577 -1.26 -31.52 7.17
C HIS G 577 -0.41 -30.96 8.29
N GLN G 578 -1.03 -30.39 9.32
CA GLN G 578 -0.28 -29.82 10.43
C GLN G 578 0.15 -30.90 11.40
N TYR G 579 1.28 -30.67 12.08
CA TYR G 579 1.83 -31.67 12.96
C TYR G 579 2.73 -31.00 13.99
N THR G 580 3.02 -31.74 15.05
CA THR G 580 4.05 -31.40 16.00
C THR G 580 5.15 -32.44 15.93
N HIS G 581 6.39 -32.02 16.22
CA HIS G 581 7.56 -32.86 16.04
C HIS G 581 7.95 -33.61 17.31
N ILE G 582 6.99 -34.00 18.13
CA ILE G 582 7.24 -34.74 19.34
C ILE G 582 6.91 -36.20 19.09
N CYS G 583 7.94 -37.06 19.15
CA CYS G 583 7.71 -38.49 18.97
C CYS G 583 6.92 -39.04 20.15
N TYR G 584 6.00 -39.94 19.87
CA TYR G 584 5.11 -40.49 20.88
C TYR G 584 5.56 -41.87 21.31
N VAL G 585 5.45 -42.14 22.61
CA VAL G 585 5.65 -43.47 23.18
C VAL G 585 4.51 -43.73 24.16
N PRO G 586 4.16 -44.99 24.42
CA PRO G 586 3.11 -45.25 25.41
C PRO G 586 3.54 -44.77 26.79
N PHE G 587 2.54 -44.42 27.61
CA PHE G 587 2.77 -43.88 28.95
C PHE G 587 3.52 -44.87 29.81
N ASN G 588 4.78 -44.58 30.12
CA ASN G 588 5.62 -45.46 30.93
C ASN G 588 6.02 -44.77 32.21
N PRO G 589 5.38 -45.08 33.34
CA PRO G 589 5.81 -44.50 34.62
C PRO G 589 7.20 -44.92 35.04
N GLU G 590 7.74 -45.98 34.46
CA GLU G 590 9.05 -46.48 34.86
C GLU G 590 10.21 -45.76 34.18
N ASN G 591 9.94 -44.92 33.19
CA ASN G 591 11.02 -44.19 32.54
C ASN G 591 11.62 -43.19 33.52
N PRO G 592 12.96 -43.07 33.57
CA PRO G 592 13.57 -42.14 34.53
C PRO G 592 13.11 -40.69 34.35
N TRP G 593 13.00 -40.23 33.09
CA TRP G 593 12.54 -38.88 32.86
C TRP G 593 11.09 -38.70 33.28
N THR G 594 10.25 -39.70 33.01
CA THR G 594 8.87 -39.63 33.45
C THR G 594 8.78 -39.59 34.97
N LYS G 595 9.59 -40.39 35.66
CA LYS G 595 9.60 -40.36 37.12
C LYS G 595 10.04 -39.01 37.64
N LEU G 596 11.09 -38.44 37.04
CA LEU G 596 11.56 -37.12 37.47
C LEU G 596 10.48 -36.05 37.27
N LEU G 597 9.82 -36.08 36.11
CA LEU G 597 8.78 -35.10 35.85
C LEU G 597 7.62 -35.26 36.81
N LEU G 598 7.21 -36.50 37.09
CA LEU G 598 6.12 -36.73 38.03
C LEU G 598 6.47 -36.24 39.42
N ASN G 599 7.68 -36.53 39.88
CA ASN G 599 8.10 -36.07 41.21
C ASN G 599 8.14 -34.56 41.27
N ALA G 600 8.69 -33.90 40.24
CA ALA G 600 8.73 -32.45 40.22
C ALA G 600 7.34 -31.85 40.22
N LEU G 601 6.44 -32.42 39.43
CA LEU G 601 5.08 -31.90 39.34
C LEU G 601 4.34 -32.08 40.66
N GLN G 602 4.59 -33.19 41.35
CA GLN G 602 4.05 -33.36 42.69
C GLN G 602 4.62 -32.31 43.63
N ASP G 603 5.91 -31.99 43.48
CA ASP G 603 6.53 -30.98 44.33
C ASP G 603 5.90 -29.62 44.13
N ILE G 604 5.57 -29.27 42.89
CA ILE G 604 5.04 -27.93 42.61
C ILE G 604 3.72 -27.72 43.33
N ILE G 605 2.82 -28.68 43.24
CA ILE G 605 1.52 -28.62 43.89
C ILE G 605 1.40 -29.77 44.88
N PRO G 606 1.60 -29.52 46.17
CA PRO G 606 1.53 -30.60 47.15
C PRO G 606 0.17 -31.25 47.25
N GLU G 607 -0.91 -30.51 47.04
CA GLU G 607 -2.26 -31.04 47.23
C GLU G 607 -2.57 -32.06 46.15
N LEU G 608 -2.95 -33.27 46.55
CA LEU G 608 -3.15 -34.35 45.59
C LEU G 608 -4.41 -34.11 44.75
N ASP G 609 -5.52 -33.77 45.40
CA ASP G 609 -6.78 -33.61 44.69
C ASP G 609 -6.73 -32.44 43.72
N ALA G 610 -6.18 -31.31 44.16
CA ALA G 610 -6.03 -30.16 43.26
C ALA G 610 -5.06 -30.48 42.14
N ARG G 611 -4.02 -31.26 42.43
CA ARG G 611 -3.10 -31.68 41.38
C ARG G 611 -3.82 -32.50 40.32
N LEU G 612 -4.66 -33.44 40.75
CA LEU G 612 -5.44 -34.24 39.80
C LEU G 612 -6.38 -33.36 38.99
N TRP G 613 -7.05 -32.41 39.65
CA TRP G 613 -7.96 -31.52 38.93
C TRP G 613 -7.22 -30.72 37.87
N ILE G 614 -6.08 -30.14 38.24
CA ILE G 614 -5.34 -29.30 37.31
C ILE G 614 -4.81 -30.15 36.14
N MET G 615 -4.29 -31.34 36.44
CA MET G 615 -3.76 -32.19 35.38
C MET G 615 -4.87 -32.63 34.44
N PHE G 616 -6.05 -32.95 34.98
CA PHE G 616 -7.16 -33.35 34.14
C PHE G 616 -7.61 -32.20 33.25
N TYR G 617 -7.62 -30.97 33.79
CA TYR G 617 -7.95 -29.83 32.95
C TYR G 617 -6.92 -29.64 31.84
N LEU G 618 -5.63 -29.73 32.19
CA LEU G 618 -4.59 -29.53 31.19
C LEU G 618 -4.61 -30.59 30.11
N SER G 619 -4.93 -31.83 30.46
CA SER G 619 -4.99 -32.89 29.46
C SER G 619 -6.04 -32.60 28.39
N THR G 620 -7.05 -31.78 28.72
CA THR G 620 -8.07 -31.46 27.73
C THR G 620 -7.52 -30.62 26.58
N ALA G 621 -6.38 -29.97 26.76
CA ALA G 621 -5.81 -29.17 25.69
C ALA G 621 -5.43 -30.02 24.48
N ILE G 622 -5.25 -31.33 24.67
CA ILE G 622 -4.97 -32.20 23.53
C ILE G 622 -6.15 -32.19 22.56
N PHE G 623 -7.36 -32.25 23.09
CA PHE G 623 -8.55 -32.24 22.25
C PHE G 623 -8.64 -30.91 21.49
N ARG G 624 -9.31 -30.97 20.33
CA ARG G 624 -9.49 -29.78 19.51
C ARG G 624 -10.96 -29.52 19.18
N GLY G 625 -11.87 -30.34 19.69
CA GLY G 625 -13.29 -30.13 19.49
C GLY G 625 -13.87 -29.17 20.52
N LEU G 626 -15.19 -29.09 20.50
CA LEU G 626 -15.88 -28.19 21.42
C LEU G 626 -15.68 -28.65 22.87
N LYS G 627 -15.39 -27.69 23.74
CA LYS G 627 -15.11 -27.97 25.15
C LYS G 627 -15.97 -27.08 26.03
N GLU G 628 -15.96 -27.40 27.32
CA GLU G 628 -16.72 -26.61 28.29
C GLU G 628 -16.12 -25.22 28.41
N ALA G 629 -16.99 -24.25 28.70
CA ALA G 629 -16.59 -22.85 28.85
C ALA G 629 -15.99 -22.67 30.23
N LEU G 630 -14.72 -23.05 30.39
CA LEU G 630 -14.02 -22.95 31.65
C LEU G 630 -12.81 -22.04 31.51
N MET G 631 -12.71 -21.07 32.41
CA MET G 631 -11.56 -20.18 32.49
C MET G 631 -10.82 -20.49 33.78
N LEU G 632 -9.52 -20.76 33.66
CA LEU G 632 -8.70 -21.12 34.82
C LEU G 632 -7.65 -20.05 35.05
N LEU G 633 -7.55 -19.58 36.28
CA LEU G 633 -6.56 -18.60 36.67
C LEU G 633 -6.12 -18.87 38.10
N TRP G 634 -4.83 -18.79 38.36
CA TRP G 634 -4.32 -19.06 39.70
C TRP G 634 -3.08 -18.24 39.96
N LEU G 635 -2.80 -18.03 41.25
CA LEU G 635 -1.85 -17.02 41.69
C LEU G 635 -0.84 -17.64 42.66
N GLY G 636 0.05 -16.79 43.14
CA GLY G 636 1.08 -17.21 44.07
C GLY G 636 2.24 -16.24 44.06
N GLY G 637 3.37 -16.73 44.56
CA GLY G 637 4.58 -15.94 44.60
C GLY G 637 5.31 -15.91 43.27
N GLY G 638 6.36 -15.09 43.23
CA GLY G 638 7.12 -14.90 41.99
C GLY G 638 7.92 -16.11 41.57
N CYS G 639 8.28 -16.99 42.49
CA CYS G 639 9.02 -18.20 42.19
C CYS G 639 8.14 -19.45 42.30
N ASN G 640 6.87 -19.31 41.92
CA ASN G 640 5.90 -20.38 42.13
C ASN G 640 6.06 -21.52 41.14
N GLY G 641 6.80 -21.32 40.06
CA GLY G 641 6.95 -22.37 39.06
C GLY G 641 5.84 -22.45 38.04
N LYS G 642 4.92 -21.49 38.02
CA LYS G 642 3.83 -21.52 37.05
C LYS G 642 4.35 -21.42 35.63
N THR G 643 5.33 -20.54 35.40
CA THR G 643 5.83 -20.33 34.05
C THR G 643 6.44 -21.59 33.48
N PHE G 644 7.15 -22.35 34.31
CA PHE G 644 7.71 -23.62 33.86
C PHE G 644 6.64 -24.53 33.29
N LEU G 645 5.57 -24.75 34.05
CA LEU G 645 4.50 -25.65 33.60
C LEU G 645 3.82 -25.12 32.35
N MET G 646 3.51 -23.82 32.32
CA MET G 646 2.81 -23.27 31.17
C MET G 646 3.65 -23.38 29.90
N ARG G 647 4.93 -22.99 29.98
CA ARG G 647 5.78 -23.05 28.80
C ARG G 647 6.03 -24.49 28.39
N LEU G 648 6.14 -25.41 29.35
CA LEU G 648 6.30 -26.82 29.00
C LEU G 648 5.09 -27.33 28.22
N VAL G 649 3.89 -26.99 28.68
CA VAL G 649 2.68 -27.43 27.97
C VAL G 649 2.67 -26.84 26.56
N ALA G 650 2.96 -25.55 26.44
CA ALA G 650 2.93 -24.90 25.14
C ALA G 650 3.96 -25.52 24.19
N MET G 651 5.15 -25.82 24.70
CA MET G 651 6.19 -26.40 23.86
C MET G 651 5.82 -27.82 23.43
N VAL G 652 5.34 -28.64 24.37
CA VAL G 652 5.01 -30.03 24.04
C VAL G 652 3.89 -30.09 23.01
N LEU G 653 2.85 -29.27 23.19
CA LEU G 653 1.72 -29.33 22.26
C LEU G 653 2.15 -28.98 20.84
N GLY G 654 2.99 -27.97 20.69
CA GLY G 654 3.47 -27.57 19.39
C GLY G 654 2.93 -26.20 18.98
N ASP G 655 3.66 -25.57 18.07
CA ASP G 655 3.31 -24.22 17.63
C ASP G 655 1.97 -24.18 16.92
N HIS G 656 1.71 -25.17 16.05
CA HIS G 656 0.49 -25.15 15.26
C HIS G 656 -0.77 -25.29 16.11
N TYR G 657 -0.65 -25.79 17.34
CA TYR G 657 -1.79 -26.01 18.20
C TYR G 657 -1.80 -25.14 19.44
N ALA G 658 -0.65 -24.61 19.85
CA ALA G 658 -0.56 -23.75 21.02
C ALA G 658 0.09 -22.43 20.64
N SER G 659 -0.37 -21.36 21.28
CA SER G 659 0.15 -20.03 20.99
C SER G 659 0.06 -19.18 22.25
N LYS G 660 0.86 -18.12 22.26
CA LYS G 660 0.93 -17.19 23.38
C LYS G 660 0.03 -15.98 23.09
N LEU G 661 -0.75 -15.60 24.08
CA LEU G 661 -1.69 -14.49 23.94
C LEU G 661 -1.33 -13.36 24.90
N ASN G 662 -1.41 -12.13 24.40
CA ASN G 662 -1.07 -10.97 25.19
C ASN G 662 -2.19 -10.61 26.15
N ILE G 663 -1.82 -9.94 27.25
CA ILE G 663 -2.82 -9.48 28.20
C ILE G 663 -3.64 -8.32 27.64
N SER G 664 -3.14 -7.65 26.60
CA SER G 664 -3.90 -6.57 25.97
C SER G 664 -5.17 -7.10 25.31
N LEU G 665 -5.26 -8.41 25.08
CA LEU G 665 -6.49 -8.98 24.57
C LEU G 665 -7.66 -8.71 25.51
N LEU G 666 -7.45 -8.89 26.80
CA LEU G 666 -8.41 -8.46 27.80
C LEU G 666 -8.20 -6.97 28.11
N THR G 667 -9.09 -6.43 28.93
CA THR G 667 -9.11 -4.99 29.20
C THR G 667 -9.19 -4.20 27.90
N SER G 668 -10.09 -4.63 27.03
CA SER G 668 -10.25 -3.98 25.73
C SER G 668 -10.78 -2.57 25.90
N CYS G 669 -10.30 -1.68 25.02
CA CYS G 669 -10.69 -0.27 25.05
C CYS G 669 -10.37 0.39 23.72
N ARG G 670 -10.88 1.61 23.53
CA ARG G 670 -10.66 2.37 22.30
C ARG G 670 -11.04 1.55 21.07
N GLU G 671 -10.06 0.92 20.43
CA GLU G 671 -10.34 0.18 19.20
C GLU G 671 -11.26 -1.00 19.42
N THR G 672 -11.09 -1.73 20.54
CA THR G 672 -11.79 -2.98 20.77
C THR G 672 -11.65 -3.88 19.55
N ALA G 673 -12.66 -3.91 18.68
CA ALA G 673 -12.63 -4.68 17.46
C ALA G 673 -13.21 -3.87 16.30
N GLU G 674 -12.84 -2.60 16.20
CA GLU G 674 -13.28 -1.78 15.09
C GLU G 674 -12.10 -1.28 14.25
N LYS G 675 -11.02 -0.85 14.91
CA LYS G 675 -9.81 -0.48 14.19
C LYS G 675 -9.06 -1.74 13.78
N PRO G 676 -8.12 -1.62 12.81
CA PRO G 676 -7.34 -2.80 12.39
C PRO G 676 -6.74 -3.56 13.56
N ASN G 677 -6.97 -4.87 13.58
CA ASN G 677 -6.56 -5.71 14.69
C ASN G 677 -5.95 -6.99 14.15
N SER G 678 -5.00 -7.55 14.90
CA SER G 678 -4.36 -8.80 14.52
C SER G 678 -4.64 -9.88 15.54
N ALA G 679 -4.43 -9.58 16.82
CA ALA G 679 -4.44 -10.55 17.92
C ALA G 679 -5.51 -11.63 17.78
N PHE G 680 -6.71 -11.26 17.37
CA PHE G 680 -7.82 -12.19 17.26
C PHE G 680 -7.59 -13.31 16.24
N MET G 681 -6.68 -13.10 15.28
CA MET G 681 -6.50 -14.11 14.24
C MET G 681 -5.97 -15.42 14.81
N ARG G 682 -5.35 -15.37 15.98
CA ARG G 682 -4.90 -16.58 16.64
C ARG G 682 -6.10 -17.40 17.09
N LEU G 683 -5.82 -18.55 17.70
CA LEU G 683 -6.79 -19.53 18.17
C LEU G 683 -7.58 -20.15 17.03
N LYS G 684 -7.27 -19.84 15.79
CA LYS G 684 -7.95 -20.43 14.64
C LYS G 684 -7.44 -21.86 14.49
N GLY G 685 -8.08 -22.78 15.21
CA GLY G 685 -7.65 -24.15 15.25
C GLY G 685 -6.67 -24.48 16.35
N ARG G 686 -6.15 -23.47 17.05
CA ARG G 686 -5.23 -23.73 18.15
C ARG G 686 -5.95 -24.41 19.29
N GLY G 687 -5.21 -25.26 20.01
CA GLY G 687 -5.74 -25.99 21.14
C GLY G 687 -5.26 -25.56 22.51
N TYR G 688 -4.53 -24.44 22.61
CA TYR G 688 -3.99 -24.02 23.89
C TYR G 688 -3.64 -22.54 23.82
N GLY G 689 -4.06 -21.80 24.84
CA GLY G 689 -3.74 -20.40 24.97
C GLY G 689 -3.54 -20.00 26.40
N TYR G 690 -2.41 -19.36 26.70
CA TYR G 690 -2.02 -19.09 28.08
C TYR G 690 -1.68 -17.61 28.24
N PHE G 691 -1.79 -17.14 29.48
CA PHE G 691 -1.44 -15.79 29.86
C PHE G 691 -0.31 -15.83 30.88
N GLU G 692 0.77 -15.10 30.59
CA GLU G 692 1.95 -15.14 31.44
C GLU G 692 1.82 -14.14 32.59
N GLU G 693 2.86 -14.07 33.41
CA GLU G 693 2.91 -13.09 34.49
C GLU G 693 2.93 -11.67 33.92
N THR G 694 2.16 -10.78 34.53
CA THR G 694 2.06 -9.41 34.08
C THR G 694 2.90 -8.50 34.97
N ASN G 695 2.79 -7.19 34.76
CA ASN G 695 3.53 -6.22 35.56
C ASN G 695 2.96 -6.12 36.96
N LYS G 696 1.69 -5.74 37.07
CA LYS G 696 1.02 -5.58 38.36
C LYS G 696 -0.42 -6.09 38.19
N SER G 697 -1.26 -5.75 39.16
CA SER G 697 -2.67 -6.13 39.09
C SER G 697 -3.34 -5.45 37.91
N GLU G 698 -4.25 -6.17 37.26
CA GLU G 698 -4.93 -5.67 36.07
C GLU G 698 -6.43 -5.66 36.28
N VAL G 699 -7.08 -4.63 35.77
CA VAL G 699 -8.53 -4.44 35.87
C VAL G 699 -9.15 -4.91 34.57
N LEU G 700 -10.19 -5.74 34.68
CA LEU G 700 -10.86 -6.26 33.49
C LEU G 700 -12.26 -6.71 33.88
N ASN G 701 -13.21 -6.51 32.97
CA ASN G 701 -14.59 -6.96 33.21
C ASN G 701 -15.30 -7.04 31.87
N THR G 702 -15.60 -8.26 31.42
CA THR G 702 -16.37 -8.52 30.21
C THR G 702 -15.78 -7.87 28.97
N SER G 703 -14.58 -7.30 29.06
CA SER G 703 -13.93 -6.66 27.93
C SER G 703 -13.39 -7.76 27.02
N ARG G 704 -14.25 -8.20 26.10
CA ARG G 704 -13.99 -9.36 25.25
C ARG G 704 -13.75 -10.61 26.08
N LEU G 705 -14.32 -10.65 27.29
CA LEU G 705 -14.10 -11.79 28.18
C LEU G 705 -15.02 -12.94 27.83
N LYS G 706 -16.34 -12.73 27.94
CA LYS G 706 -17.29 -13.80 27.69
C LYS G 706 -17.28 -14.26 26.25
N GLU G 707 -16.84 -13.39 25.32
CA GLU G 707 -16.78 -13.77 23.92
C GLU G 707 -15.79 -14.89 23.69
N MET G 708 -14.73 -14.93 24.48
CA MET G 708 -13.79 -16.05 24.43
C MET G 708 -14.09 -17.12 25.46
N VAL G 709 -14.82 -16.78 26.52
CA VAL G 709 -15.18 -17.77 27.53
C VAL G 709 -16.11 -18.83 26.92
N ASN G 710 -17.16 -18.39 26.24
CA ASN G 710 -18.13 -19.32 25.70
C ASN G 710 -17.52 -20.14 24.56
N PRO G 711 -18.00 -21.35 24.34
CA PRO G 711 -17.50 -22.16 23.22
C PRO G 711 -18.23 -21.86 21.93
N GLY G 712 -18.94 -20.73 21.89
CA GLY G 712 -19.70 -20.37 20.70
C GLY G 712 -18.82 -19.86 19.59
N ASP G 713 -19.31 -18.88 18.82
CA ASP G 713 -18.57 -18.35 17.69
C ASP G 713 -18.54 -16.83 17.77
N VAL G 714 -17.37 -16.26 17.52
CA VAL G 714 -17.18 -14.83 17.38
C VAL G 714 -16.48 -14.57 16.05
N THR G 715 -16.25 -13.28 15.76
CA THR G 715 -15.51 -12.89 14.58
C THR G 715 -15.05 -11.46 14.74
N ALA G 716 -13.94 -11.12 14.10
CA ALA G 716 -13.34 -9.80 14.24
C ALA G 716 -12.37 -9.58 13.08
N ARG G 717 -11.55 -8.54 13.20
CA ARG G 717 -10.61 -8.18 12.14
C ARG G 717 -9.62 -9.30 11.88
N GLU G 718 -9.39 -9.60 10.60
CA GLU G 718 -8.48 -10.65 10.17
C GLU G 718 -7.28 -10.01 9.48
N LEU G 719 -6.30 -9.61 10.29
CA LEU G 719 -5.08 -8.97 9.79
C LEU G 719 -5.43 -7.78 8.90
N ASN G 720 -5.41 -7.99 7.58
CA ASN G 720 -5.90 -6.99 6.61
C ASN G 720 -6.95 -7.68 5.76
N GLN G 721 -8.17 -7.75 6.29
CA GLN G 721 -9.34 -8.34 5.66
C GLN G 721 -10.54 -7.94 6.52
N LYS G 722 -11.70 -8.55 6.26
CA LYS G 722 -12.82 -8.27 7.15
C LYS G 722 -12.95 -9.34 8.24
N GLN G 723 -13.26 -10.57 7.84
CA GLN G 723 -13.40 -11.71 8.75
C GLN G 723 -13.81 -12.93 7.94
N GLU G 724 -13.57 -14.11 8.49
CA GLU G 724 -14.19 -15.34 7.99
C GLU G 724 -15.06 -16.02 9.03
N SER G 725 -14.49 -16.44 10.16
CA SER G 725 -15.19 -16.97 11.33
C SER G 725 -14.13 -17.39 12.35
N PHE G 726 -14.53 -17.41 13.62
CA PHE G 726 -13.68 -17.85 14.74
C PHE G 726 -14.45 -18.90 15.55
N GLN G 727 -14.12 -20.18 15.33
CA GLN G 727 -14.66 -21.26 16.13
C GLN G 727 -13.55 -21.75 17.07
N MET G 728 -13.43 -21.08 18.21
CA MET G 728 -12.36 -21.39 19.16
C MET G 728 -12.67 -22.66 19.92
N THR G 729 -11.62 -23.46 20.17
CA THR G 729 -11.75 -24.68 20.95
C THR G 729 -10.61 -24.87 21.94
N ALA G 730 -9.85 -23.82 22.24
CA ALA G 730 -8.65 -23.95 23.06
C ALA G 730 -8.93 -23.60 24.51
N THR G 731 -8.37 -24.39 25.41
CA THR G 731 -8.48 -24.11 26.83
C THR G 731 -7.60 -22.92 27.21
N MET G 732 -8.14 -22.05 28.05
CA MET G 732 -7.48 -20.81 28.44
C MET G 732 -7.01 -20.90 29.89
N VAL G 733 -5.81 -20.38 30.14
CA VAL G 733 -5.27 -20.28 31.50
C VAL G 733 -4.57 -18.94 31.64
N ALA G 734 -4.73 -18.30 32.80
CA ALA G 734 -4.18 -16.98 33.06
C ALA G 734 -3.57 -16.96 34.46
N ALA G 735 -2.28 -17.25 34.54
CA ALA G 735 -1.57 -17.27 35.81
C ALA G 735 -0.80 -15.96 36.00
N SER G 736 -0.85 -15.43 37.21
CA SER G 736 -0.14 -14.20 37.53
C SER G 736 0.10 -14.14 39.03
N ASN G 737 1.03 -13.28 39.43
CA ASN G 737 1.33 -13.08 40.84
C ASN G 737 0.59 -11.89 41.44
N TYR G 738 -0.27 -11.24 40.67
CA TYR G 738 -1.03 -10.09 41.13
C TYR G 738 -2.51 -10.38 40.98
N ASN G 739 -3.29 -9.98 41.98
CA ASN G 739 -4.72 -10.26 41.98
C ASN G 739 -5.42 -9.56 40.82
N PHE G 740 -6.34 -10.29 40.18
CA PHE G 740 -7.12 -9.74 39.07
C PHE G 740 -8.28 -8.95 39.62
N ILE G 741 -8.56 -7.80 39.00
CA ILE G 741 -9.65 -6.94 39.44
C ILE G 741 -10.88 -7.23 38.59
N ILE G 742 -11.95 -7.68 39.25
CA ILE G 742 -13.22 -7.97 38.60
C ILE G 742 -14.30 -7.16 39.33
N ASP G 743 -15.07 -6.39 38.58
CA ASP G 743 -16.17 -5.60 39.14
C ASP G 743 -17.48 -5.94 38.42
N THR G 744 -18.12 -7.01 38.89
CA THR G 744 -19.41 -7.43 38.36
C THR G 744 -20.03 -8.40 39.36
N THR G 745 -21.34 -8.61 39.19
CA THR G 745 -22.07 -9.54 40.05
C THR G 745 -22.84 -10.58 39.23
N ASP G 746 -22.52 -10.73 37.94
CA ASP G 746 -23.22 -11.71 37.11
C ASP G 746 -22.94 -13.11 37.62
N HIS G 747 -24.00 -13.89 37.81
CA HIS G 747 -23.84 -15.27 38.23
C HIS G 747 -23.22 -16.11 37.12
N GLY G 748 -23.56 -15.82 35.87
CA GLY G 748 -23.03 -16.60 34.76
C GLY G 748 -21.53 -16.45 34.60
N THR G 749 -21.02 -15.23 34.73
CA THR G 749 -19.59 -15.00 34.58
C THR G 749 -18.81 -15.76 35.63
N TRP G 750 -19.22 -15.67 36.90
CA TRP G 750 -18.57 -16.42 37.96
C TRP G 750 -18.79 -17.92 37.78
N ARG G 751 -19.86 -18.31 37.11
CA ARG G 751 -20.11 -19.72 36.86
C ARG G 751 -19.01 -20.32 35.98
N ARG G 752 -18.61 -19.59 34.93
CA ARG G 752 -17.56 -20.05 34.03
C ARG G 752 -16.21 -19.47 34.45
N LEU G 753 -15.85 -19.72 35.71
CA LEU G 753 -14.59 -19.24 36.25
C LEU G 753 -14.08 -20.22 37.31
N ARG G 754 -12.76 -20.26 37.45
CA ARG G 754 -12.11 -21.06 38.48
C ARG G 754 -10.90 -20.30 39.00
N HIS G 755 -10.61 -20.48 40.29
CA HIS G 755 -9.49 -19.81 40.92
C HIS G 755 -8.73 -20.79 41.80
N TYR G 756 -7.42 -20.54 41.91
CA TYR G 756 -6.54 -21.36 42.73
C TYR G 756 -5.41 -20.48 43.22
N ARG G 757 -4.72 -20.95 44.26
CA ARG G 757 -3.56 -20.24 44.80
C ARG G 757 -2.56 -21.27 45.30
N SER G 758 -1.39 -21.33 44.66
CA SER G 758 -0.36 -22.25 45.11
C SER G 758 0.32 -21.71 46.36
N LYS G 759 0.98 -22.62 47.08
CA LYS G 759 1.57 -22.30 48.37
C LYS G 759 3.05 -22.67 48.45
N VAL G 760 3.73 -22.83 47.32
CA VAL G 760 5.14 -23.19 47.30
C VAL G 760 5.91 -22.07 46.62
N LYS G 761 6.83 -21.45 47.37
CA LYS G 761 7.68 -20.39 46.86
C LYS G 761 9.12 -20.78 47.17
N PHE G 762 9.75 -21.46 46.22
CA PHE G 762 11.08 -22.02 46.44
C PHE G 762 12.07 -20.94 46.82
N CYS G 763 13.05 -21.30 47.66
CA CYS G 763 14.08 -20.39 48.09
C CYS G 763 15.45 -21.06 47.92
N HIS G 764 16.45 -20.24 47.60
CA HIS G 764 17.81 -20.74 47.47
C HIS G 764 18.48 -21.01 48.82
N ASN G 765 17.84 -20.61 49.92
CA ASN G 765 18.30 -20.93 51.26
C ASN G 765 17.13 -21.52 52.05
N PRO G 766 16.73 -22.75 51.72
CA PRO G 766 15.55 -23.35 52.36
C PRO G 766 15.92 -23.96 53.71
N ASP G 767 15.37 -23.41 54.78
CA ASP G 767 15.58 -23.94 56.11
C ASP G 767 14.56 -25.04 56.41
N PRO G 768 14.83 -25.89 57.40
CA PRO G 768 13.82 -26.90 57.78
C PRO G 768 12.53 -26.29 58.28
N SER G 769 12.54 -25.04 58.74
CA SER G 769 11.35 -24.37 59.23
C SER G 769 10.41 -23.94 58.12
N ASN G 770 10.82 -24.08 56.85
CA ASN G 770 9.99 -23.73 55.69
C ASN G 770 9.57 -25.01 55.00
N PRO G 771 8.43 -25.59 55.37
CA PRO G 771 7.99 -26.82 54.70
C PRO G 771 7.40 -26.58 53.33
N TYR G 772 6.74 -25.44 53.12
CA TYR G 772 6.07 -25.16 51.85
C TYR G 772 6.97 -24.41 50.88
N GLU G 773 8.18 -24.93 50.69
CA GLU G 773 9.14 -24.40 49.72
C GLU G 773 10.38 -25.28 49.76
N LYS G 774 11.19 -25.17 48.70
CA LYS G 774 12.38 -26.01 48.56
C LYS G 774 13.44 -25.20 47.82
N LYS G 775 14.46 -25.90 47.34
CA LYS G 775 15.58 -25.29 46.64
C LYS G 775 15.34 -25.29 45.14
N GLU G 776 15.63 -24.17 44.49
CA GLU G 776 15.45 -24.07 43.05
C GLU G 776 16.48 -24.93 42.33
N ASP G 777 16.16 -25.27 41.08
CA ASP G 777 17.14 -25.83 40.15
C ASP G 777 17.25 -24.87 38.97
N PRO G 778 18.30 -24.06 38.89
CA PRO G 778 18.39 -23.04 37.84
C PRO G 778 18.28 -23.61 36.44
N ARG G 779 18.87 -24.80 36.25
CA ARG G 779 18.81 -25.46 34.96
C ARG G 779 17.46 -26.09 34.67
N PHE G 780 16.62 -26.27 35.69
CA PHE G 780 15.34 -26.93 35.51
C PHE G 780 14.43 -26.20 34.52
N ILE G 781 14.61 -24.88 34.38
CA ILE G 781 13.91 -24.12 33.36
C ILE G 781 14.84 -23.72 32.22
N HIS G 782 16.08 -23.38 32.53
CA HIS G 782 17.03 -23.00 31.49
C HIS G 782 17.26 -24.15 30.51
N GLU G 783 17.37 -25.37 31.04
CA GLU G 783 17.42 -26.57 30.21
C GLU G 783 16.35 -27.55 30.68
N TYR G 784 16.42 -28.79 30.21
CA TYR G 784 15.47 -29.88 30.41
C TYR G 784 14.28 -29.75 29.47
N ILE G 785 14.19 -28.67 28.68
CA ILE G 785 13.16 -28.52 27.68
C ILE G 785 13.78 -28.84 26.33
N MET G 786 15.09 -28.63 26.22
CA MET G 786 15.78 -28.90 24.96
C MET G 786 15.84 -30.39 24.67
N ASP G 787 15.88 -31.24 25.70
CA ASP G 787 15.94 -32.68 25.48
C ASP G 787 14.60 -33.18 24.96
N PRO G 788 14.55 -33.75 23.76
CA PRO G 788 13.26 -34.23 23.24
C PRO G 788 12.64 -35.32 24.09
N ASP G 789 13.46 -36.10 24.81
CA ASP G 789 12.91 -37.16 25.66
C ASP G 789 11.99 -36.60 26.72
N CYS G 790 12.30 -35.41 27.24
CA CYS G 790 11.42 -34.78 28.22
C CYS G 790 10.05 -34.49 27.62
N GLN G 791 10.03 -33.93 26.41
CA GLN G 791 8.74 -33.67 25.77
C GLN G 791 8.01 -34.97 25.47
N ASN G 792 8.74 -36.03 25.09
CA ASN G 792 8.08 -37.31 24.84
C ASN G 792 7.42 -37.84 26.10
N ALA G 793 8.13 -37.78 27.23
CA ALA G 793 7.55 -38.24 28.49
C ALA G 793 6.35 -37.39 28.89
N PHE G 794 6.46 -36.07 28.72
CA PHE G 794 5.33 -35.21 29.08
C PHE G 794 4.14 -35.48 28.19
N PHE G 795 4.36 -35.70 26.90
CA PHE G 795 3.28 -36.02 25.98
C PHE G 795 2.60 -37.32 26.37
N SER G 796 3.39 -38.33 26.75
CA SER G 796 2.81 -39.58 27.21
C SER G 796 1.95 -39.35 28.46
N ILE G 797 2.44 -38.52 29.38
CA ILE G 797 1.68 -38.22 30.59
C ILE G 797 0.35 -37.56 30.23
N LEU G 798 0.39 -36.58 29.32
CA LEU G 798 -0.82 -35.88 28.93
C LEU G 798 -1.82 -36.82 28.28
N VAL G 799 -1.35 -37.69 27.39
CA VAL G 799 -2.24 -38.63 26.73
C VAL G 799 -2.87 -39.58 27.73
N TYR G 800 -2.06 -40.07 28.67
CA TYR G 800 -2.58 -40.99 29.69
C TYR G 800 -3.63 -40.31 30.55
N PHE G 801 -3.40 -39.06 30.93
CA PHE G 801 -4.37 -38.35 31.76
C PHE G 801 -5.66 -38.08 30.99
N TRP G 802 -5.54 -37.72 29.70
CA TRP G 802 -6.75 -37.50 28.91
C TRP G 802 -7.55 -38.78 28.75
N GLU G 803 -6.87 -39.91 28.54
CA GLU G 803 -7.57 -41.18 28.46
C GLU G 803 -8.23 -41.52 29.78
N LYS G 804 -7.56 -41.23 30.90
CA LYS G 804 -8.18 -41.43 32.21
C LYS G 804 -9.45 -40.60 32.36
N LEU G 805 -9.39 -39.33 31.94
CA LEU G 805 -10.56 -38.47 32.02
C LEU G 805 -11.70 -39.03 31.19
N GLN G 806 -11.40 -39.48 29.96
CA GLN G 806 -12.44 -40.06 29.11
C GLN G 806 -13.03 -41.30 29.74
N LYS G 807 -12.19 -42.15 30.35
CA LYS G 807 -12.68 -43.37 30.98
C LYS G 807 -13.60 -43.06 32.15
N GLU G 808 -13.23 -42.08 32.97
CA GLU G 808 -13.96 -41.84 34.21
C GLU G 808 -15.18 -40.95 34.00
N TYR G 809 -14.96 -39.72 33.53
CA TYR G 809 -16.02 -38.73 33.49
C TYR G 809 -16.49 -38.41 32.07
N ASN G 810 -16.00 -39.17 31.08
CA ASN G 810 -16.53 -39.11 29.72
C ASN G 810 -16.48 -37.70 29.13
N GLY G 811 -15.36 -37.02 29.33
CA GLY G 811 -15.14 -35.73 28.72
C GLY G 811 -15.76 -34.54 29.42
N GLN G 812 -16.38 -34.74 30.58
CA GLN G 812 -16.97 -33.64 31.34
C GLN G 812 -15.96 -33.22 32.41
N ILE G 813 -15.27 -32.11 32.18
CA ILE G 813 -14.24 -31.66 33.12
C ILE G 813 -14.88 -31.23 34.43
N LYS G 814 -16.07 -30.64 34.38
CA LYS G 814 -16.74 -30.22 35.60
C LYS G 814 -17.32 -31.39 36.37
N LYS G 815 -17.37 -32.58 35.78
CA LYS G 815 -17.89 -33.74 36.48
C LYS G 815 -16.98 -34.16 37.63
N VAL G 816 -15.67 -33.98 37.48
CA VAL G 816 -14.75 -34.36 38.54
C VAL G 816 -14.96 -33.46 39.76
N PHE G 817 -14.59 -33.96 40.94
CA PHE G 817 -14.73 -33.15 42.13
C PHE G 817 -13.40 -32.88 42.82
N CYS G 818 -13.09 -31.61 43.06
CA CYS G 818 -11.88 -31.27 43.80
C CYS G 818 -12.20 -30.25 44.86
N PRO G 819 -11.96 -30.60 46.13
CA PRO G 819 -12.29 -29.68 47.23
C PRO G 819 -11.62 -28.34 47.05
N THR G 820 -10.34 -28.34 46.70
CA THR G 820 -9.62 -27.09 46.52
C THR G 820 -10.24 -26.25 45.40
N ILE G 821 -10.60 -26.91 44.30
CA ILE G 821 -11.22 -26.20 43.19
C ILE G 821 -12.58 -25.68 43.65
N GLU G 822 -13.05 -24.61 43.01
CA GLU G 822 -14.34 -24.02 43.38
C GLU G 822 -14.22 -23.30 44.72
N SER G 823 -13.70 -23.97 45.74
CA SER G 823 -13.52 -23.34 47.04
C SER G 823 -12.62 -22.13 46.88
N GLU G 824 -11.52 -22.28 46.16
CA GLU G 824 -10.63 -21.16 45.91
C GLU G 824 -11.31 -20.20 44.95
N THR G 825 -12.21 -20.72 44.13
CA THR G 825 -12.95 -19.87 43.20
C THR G 825 -14.02 -19.05 43.93
N GLU G 826 -14.76 -19.70 44.81
CA GLU G 826 -15.78 -18.99 45.57
C GLU G 826 -15.10 -18.05 46.55
N ALA G 827 -13.87 -18.36 46.93
CA ALA G 827 -13.13 -17.46 47.80
C ALA G 827 -12.93 -16.17 47.05
N TYR G 828 -12.63 -16.28 45.76
CA TYR G 828 -12.50 -15.08 44.93
C TYR G 828 -13.84 -14.37 44.90
N ARG G 829 -14.93 -15.13 44.82
CA ARG G 829 -16.25 -14.53 44.83
C ARG G 829 -16.46 -13.78 46.13
N LYS G 830 -16.02 -14.38 47.23
CA LYS G 830 -16.13 -13.71 48.52
C LYS G 830 -15.33 -12.43 48.49
N SER G 831 -14.23 -12.44 47.77
CA SER G 831 -13.42 -11.24 47.63
C SER G 831 -13.82 -10.50 46.36
N GLN G 832 -12.95 -9.62 45.88
CA GLN G 832 -13.23 -8.92 44.63
C GLN G 832 -14.67 -8.40 44.60
N ASP G 833 -15.07 -7.67 45.63
CA ASP G 833 -16.44 -7.16 45.69
C ASP G 833 -16.42 -5.87 46.53
N THR G 834 -16.25 -4.74 45.83
CA THR G 834 -16.02 -3.47 46.51
C THR G 834 -17.25 -3.02 47.31
N LEU G 835 -18.44 -3.22 46.75
CA LEU G 835 -19.64 -2.63 47.33
C LEU G 835 -19.91 -3.18 48.72
N HIS G 836 -19.73 -4.49 48.90
CA HIS G 836 -19.98 -5.08 50.21
C HIS G 836 -19.01 -4.56 51.26
N ARG G 837 -17.78 -4.25 50.86
CA ARG G 837 -16.82 -3.67 51.78
C ARG G 837 -17.30 -2.30 52.26
N PHE G 838 -17.76 -1.48 51.32
CA PHE G 838 -18.31 -0.18 51.70
C PHE G 838 -19.48 -0.35 52.64
N ILE G 839 -20.37 -1.28 52.31
CA ILE G 839 -21.58 -1.50 53.11
C ILE G 839 -21.21 -1.89 54.53
N THR G 840 -20.50 -3.00 54.69
CA THR G 840 -20.07 -3.41 56.03
C THR G 840 -18.69 -2.85 56.37
N GLU G 841 -18.49 -1.59 56.03
CA GLU G 841 -17.38 -0.83 56.58
C GLU G 841 -17.85 0.54 57.07
N ARG G 842 -18.90 1.08 56.45
CA ARG G 842 -19.39 2.41 56.81
C ARG G 842 -20.89 2.55 56.96
N VAL G 843 -21.69 1.52 56.65
CA VAL G 843 -23.13 1.59 56.78
C VAL G 843 -23.66 0.56 57.79
N VAL G 844 -23.42 -0.73 57.53
CA VAL G 844 -23.79 -1.76 58.49
C VAL G 844 -22.95 -1.59 59.75
N GLU G 845 -23.55 -1.90 60.90
CA GLU G 845 -23.05 -1.71 62.26
C GLU G 845 -23.21 -0.24 62.67
N SER G 846 -23.63 0.63 61.76
CA SER G 846 -23.99 2.01 62.08
C SER G 846 -25.32 2.35 61.41
N PRO G 847 -26.42 1.72 61.84
CA PRO G 847 -27.74 2.05 61.28
C PRO G 847 -28.58 3.03 62.09
N SER G 848 -28.10 3.47 63.25
CA SER G 848 -28.92 4.25 64.17
C SER G 848 -28.92 5.73 63.82
N ALA G 849 -29.31 6.06 62.59
CA ALA G 849 -29.41 7.44 62.15
C ALA G 849 -30.17 7.44 60.83
N GLU G 850 -30.52 8.64 60.36
CA GLU G 850 -31.19 8.78 59.06
C GLU G 850 -30.73 10.09 58.44
N THR G 851 -29.69 10.01 57.60
CA THR G 851 -29.20 11.13 56.81
C THR G 851 -28.86 10.59 55.42
N VAL G 852 -29.85 10.59 54.53
CA VAL G 852 -29.68 10.15 53.16
C VAL G 852 -30.51 11.07 52.29
N TYR G 853 -29.86 11.96 51.54
CA TYR G 853 -30.58 12.82 50.62
C TYR G 853 -31.34 11.99 49.59
N ASN G 854 -30.66 11.07 48.94
CA ASN G 854 -31.25 10.19 47.92
C ASN G 854 -30.23 9.09 47.64
N LEU G 855 -30.48 8.32 46.59
CA LEU G 855 -29.47 7.36 46.14
C LEU G 855 -28.23 8.07 45.64
N SER G 856 -28.39 9.30 45.13
CA SER G 856 -27.25 9.99 44.52
C SER G 856 -26.16 10.29 45.55
N GLU G 857 -26.55 10.69 46.75
CA GLU G 857 -25.54 11.01 47.77
C GLU G 857 -24.77 9.76 48.19
N VAL G 858 -25.47 8.62 48.34
CA VAL G 858 -24.80 7.39 48.69
C VAL G 858 -23.89 6.93 47.55
N VAL G 859 -24.33 7.13 46.32
CA VAL G 859 -23.50 6.81 45.16
C VAL G 859 -22.23 7.65 45.17
N THR G 860 -22.37 8.95 45.43
CA THR G 860 -21.19 9.81 45.49
C THR G 860 -20.25 9.38 46.61
N ALA G 861 -20.80 9.03 47.78
CA ALA G 861 -19.97 8.58 48.89
C ALA G 861 -19.19 7.33 48.51
N TYR G 862 -19.88 6.34 47.94
CA TYR G 862 -19.21 5.10 47.55
C TYR G 862 -18.14 5.35 46.48
N ALA G 863 -18.47 6.18 45.49
CA ALA G 863 -17.53 6.45 44.42
C ALA G 863 -16.29 7.16 44.93
N GLU G 864 -16.47 8.21 45.73
CA GLU G 864 -15.32 8.90 46.29
C GLU G 864 -14.55 8.03 47.27
N TRP G 865 -15.21 7.04 47.88
CA TRP G 865 -14.49 6.09 48.72
C TRP G 865 -13.54 5.26 47.87
N TYR G 866 -14.09 4.49 46.93
CA TYR G 866 -13.24 3.52 46.23
C TYR G 866 -12.49 4.14 45.06
N ASN G 867 -12.64 5.45 44.82
CA ASN G 867 -11.74 6.12 43.88
C ASN G 867 -10.33 6.21 44.46
N THR G 868 -10.22 6.52 45.75
CA THR G 868 -8.94 6.50 46.43
C THR G 868 -8.67 5.19 47.17
N ASN G 869 -9.67 4.32 47.29
CA ASN G 869 -9.49 3.04 47.94
C ASN G 869 -9.47 1.85 46.98
N ILE G 870 -9.87 2.03 45.72
CA ILE G 870 -9.63 1.01 44.72
C ILE G 870 -8.88 1.64 43.55
N ASN G 871 -9.53 2.58 42.86
CA ASN G 871 -8.97 3.34 41.76
C ASN G 871 -10.03 4.33 41.27
N VAL G 872 -9.58 5.36 40.57
CA VAL G 872 -10.49 6.38 40.05
C VAL G 872 -11.04 5.90 38.71
N LYS G 873 -12.33 6.14 38.48
CA LYS G 873 -12.97 5.71 37.25
C LYS G 873 -14.25 6.50 37.04
N ARG G 874 -14.65 6.63 35.78
CA ARG G 874 -15.94 7.23 35.45
C ARG G 874 -17.05 6.23 35.72
N HIS G 875 -18.16 6.73 36.28
CA HIS G 875 -19.22 5.85 36.75
C HIS G 875 -20.57 6.38 36.26
N ILE G 876 -21.52 5.45 36.15
CA ILE G 876 -22.90 5.75 35.81
C ILE G 876 -23.75 5.49 37.05
N ALA G 877 -24.58 6.47 37.42
CA ALA G 877 -25.37 6.34 38.65
C ALA G 877 -26.40 5.22 38.54
N LEU G 878 -26.93 4.97 37.35
CA LEU G 878 -27.89 3.89 37.18
C LEU G 878 -27.26 2.52 37.43
N GLU G 879 -25.95 2.38 37.20
CA GLU G 879 -25.28 1.13 37.56
C GLU G 879 -25.43 0.86 39.05
N LEU G 880 -25.21 1.88 39.87
CA LEU G 880 -25.31 1.74 41.32
C LEU G 880 -26.75 1.81 41.80
N SER G 881 -27.68 2.25 40.96
CA SER G 881 -29.08 2.36 41.36
C SER G 881 -29.67 0.98 41.63
N GLN G 882 -29.52 0.07 40.67
CA GLN G 882 -30.14 -1.25 40.81
C GLN G 882 -29.42 -2.12 41.84
N GLU G 883 -28.09 -2.03 41.91
CA GLU G 883 -27.35 -2.85 42.87
C GLU G 883 -27.68 -2.50 44.31
N LEU G 884 -28.25 -1.32 44.56
CA LEU G 884 -28.67 -0.99 45.91
C LEU G 884 -29.69 -1.98 46.42
N GLU G 885 -30.66 -2.36 45.58
CA GLU G 885 -31.58 -3.44 45.92
C GLU G 885 -30.94 -4.81 45.78
N ASN G 886 -29.82 -4.90 45.06
CA ASN G 886 -29.04 -6.14 44.98
C ASN G 886 -27.93 -6.13 46.03
N SER G 887 -28.32 -5.89 47.28
CA SER G 887 -27.39 -5.74 48.38
C SER G 887 -28.15 -6.03 49.68
N VAL G 888 -27.58 -5.64 50.81
CA VAL G 888 -28.28 -5.72 52.09
C VAL G 888 -28.73 -4.35 52.57
N LEU G 889 -28.52 -3.30 51.76
CA LEU G 889 -28.87 -1.95 52.16
C LEU G 889 -30.33 -1.61 51.92
N GLU G 890 -31.07 -2.43 51.19
CA GLU G 890 -32.47 -2.18 50.90
C GLU G 890 -33.39 -2.73 51.98
N LYS G 891 -32.83 -3.29 53.06
CA LYS G 891 -33.66 -3.80 54.15
C LYS G 891 -34.55 -2.72 54.74
N TYR G 892 -34.07 -1.46 54.75
CA TYR G 892 -34.85 -0.32 55.19
C TYR G 892 -34.72 0.76 54.12
N LEU G 893 -35.57 0.69 53.09
CA LEU G 893 -35.51 1.64 51.99
C LEU G 893 -36.92 1.82 51.44
N GLN G 894 -37.62 2.83 51.95
CA GLN G 894 -38.90 3.25 51.42
C GLN G 894 -38.67 4.37 50.41
N TRP G 895 -39.74 5.06 50.02
CA TRP G 895 -39.63 6.22 49.16
C TRP G 895 -40.61 7.29 49.59
N SER G 896 -40.25 8.54 49.35
CA SER G 896 -41.08 9.70 49.65
C SER G 896 -42.23 9.74 48.65
N PRO G 897 -43.18 10.69 48.80
CA PRO G 897 -44.18 10.86 47.73
C PRO G 897 -43.55 11.15 46.38
N ASN G 898 -42.38 11.79 46.36
CA ASN G 898 -41.62 11.98 45.13
C ASN G 898 -40.79 10.74 44.78
N LYS G 899 -41.07 9.61 45.41
CA LYS G 899 -40.41 8.33 45.15
C LYS G 899 -38.92 8.47 45.46
N THR G 900 -38.01 8.28 44.49
CA THR G 900 -36.57 8.48 44.64
C THR G 900 -35.97 7.39 45.54
N ARG G 901 -36.83 6.59 46.15
CA ARG G 901 -36.40 5.44 46.97
C ARG G 901 -35.39 5.85 48.04
N ILE G 902 -35.65 6.98 48.68
CA ILE G 902 -34.73 7.49 49.69
C ILE G 902 -34.64 6.51 50.85
N LEU G 903 -33.42 6.24 51.30
CA LEU G 903 -33.21 5.27 52.38
C LEU G 903 -33.87 5.75 53.66
N LYS G 904 -34.30 4.78 54.48
CA LYS G 904 -35.04 5.05 55.71
C LYS G 904 -34.21 4.74 56.95
N GLY G 905 -32.90 5.01 56.90
CA GLY G 905 -32.09 4.94 58.10
C GLY G 905 -30.74 4.28 57.94
N CYS G 906 -29.69 5.00 58.31
CA CYS G 906 -28.31 4.54 58.35
C CYS G 906 -27.44 5.68 58.86
N ARG G 907 -26.22 5.36 59.25
CA ARG G 907 -25.22 6.35 59.62
C ARG G 907 -24.00 6.12 58.75
N ILE G 908 -23.82 6.95 57.73
CA ILE G 908 -22.64 6.86 56.88
C ILE G 908 -21.43 7.35 57.67
N LEU G 909 -20.40 6.52 57.74
CA LEU G 909 -19.25 6.81 58.57
C LEU G 909 -18.18 7.58 57.80
N HIS G 910 -17.30 8.23 58.55
CA HIS G 910 -16.17 8.96 57.99
C HIS G 910 -15.08 9.02 59.04
N LYS G 911 -13.96 9.63 58.69
CA LYS G 911 -12.80 9.71 59.58
C LYS G 911 -12.47 8.30 60.07
N PHE G 912 -12.06 8.17 61.32
CA PHE G 912 -11.96 6.85 61.94
C PHE G 912 -13.26 6.48 62.64
N GLU G 913 -13.66 7.28 63.62
CA GLU G 913 -14.95 7.16 64.30
C GLU G 913 -15.17 5.81 64.95
N THR G 914 -16.36 5.63 65.52
CA THR G 914 -16.77 4.40 66.20
C THR G 914 -18.26 4.24 65.97
N LEU G 915 -18.90 3.38 66.76
CA LEU G 915 -20.35 3.20 66.68
C LEU G 915 -21.10 4.25 67.50
N GLN G 916 -20.48 4.74 68.58
CA GLN G 916 -21.12 5.67 69.51
C GLN G 916 -22.50 5.19 69.95
N CYS G 936 -6.03 -37.79 51.73
CA CYS G 936 -4.78 -38.21 52.33
C CYS G 936 -3.63 -38.10 51.33
N GLU G 937 -2.68 -39.02 51.43
CA GLU G 937 -1.54 -39.03 50.52
C GLU G 937 -0.95 -40.43 50.44
N PRO G 938 -1.34 -41.22 49.44
CA PRO G 938 -0.71 -42.53 49.25
C PRO G 938 0.78 -42.38 49.01
N LYS G 939 1.55 -43.34 49.53
CA LYS G 939 3.00 -43.28 49.37
C LYS G 939 3.39 -43.31 47.90
N ASN G 940 2.71 -44.13 47.11
CA ASN G 940 2.97 -44.20 45.68
C ASN G 940 1.66 -44.28 44.89
N LYS G 941 1.76 -44.40 43.58
CA LYS G 941 0.63 -44.54 42.68
C LYS G 941 -0.31 -43.35 42.72
N TRP G 942 0.14 -42.21 43.26
CA TRP G 942 -0.62 -40.98 43.06
C TRP G 942 -0.65 -40.61 41.58
N TRP G 943 0.48 -40.80 40.90
CA TRP G 943 0.59 -40.36 39.51
C TRP G 943 -0.36 -41.13 38.61
N GLU G 944 -0.59 -42.41 38.90
CA GLU G 944 -1.53 -43.17 38.09
C GLU G 944 -2.92 -42.56 38.24
N TRP G 945 -3.49 -42.60 39.46
CA TRP G 945 -4.79 -42.04 39.76
C TRP G 945 -5.10 -42.30 41.23
N SER G 946 -6.12 -41.62 41.73
CA SER G 946 -6.65 -41.73 43.09
C SER G 946 -8.08 -42.24 43.04
N PRO G 947 -8.52 -42.98 44.06
CA PRO G 947 -9.85 -43.62 44.00
C PRO G 947 -10.99 -42.68 43.65
N ASN G 948 -12.13 -43.24 43.27
CA ASN G 948 -13.26 -42.50 42.72
C ASN G 948 -13.63 -41.30 43.60
N PRO G 949 -13.72 -41.45 44.93
CA PRO G 949 -13.87 -40.23 45.75
C PRO G 949 -12.60 -39.41 45.82
N SER G 950 -11.44 -40.05 45.89
CA SER G 950 -10.15 -39.38 45.99
C SER G 950 -10.09 -38.41 47.17
N SER H 289 28.80 -62.51 -2.26
CA SER H 289 27.76 -61.70 -2.87
C SER H 289 28.34 -60.49 -3.58
N LEU H 290 29.56 -60.64 -4.10
CA LEU H 290 30.23 -59.53 -4.78
C LEU H 290 29.53 -59.15 -6.08
N SER H 291 28.70 -60.03 -6.64
CA SER H 291 28.01 -59.71 -7.88
C SER H 291 27.08 -58.51 -7.69
N ILE H 292 26.23 -58.56 -6.66
CA ILE H 292 25.34 -57.43 -6.39
C ILE H 292 26.15 -56.21 -5.97
N LEU H 293 27.20 -56.41 -5.18
CA LEU H 293 28.06 -55.31 -4.76
C LEU H 293 28.81 -54.66 -5.92
N MET H 294 28.91 -55.34 -7.06
CA MET H 294 29.47 -54.77 -8.28
C MET H 294 28.41 -54.44 -9.31
N LEU H 295 27.14 -54.70 -9.02
CA LEU H 295 26.08 -54.58 -10.01
C LEU H 295 25.44 -53.19 -10.06
N HIS H 296 24.97 -52.66 -8.93
CA HIS H 296 24.15 -51.46 -8.89
C HIS H 296 24.98 -50.26 -8.51
N ASP H 297 24.84 -49.17 -9.28
CA ASP H 297 25.58 -47.92 -9.09
C ASP H 297 27.08 -48.10 -9.28
N PRO H 298 27.56 -48.31 -10.51
CA PRO H 298 29.02 -48.29 -10.75
C PRO H 298 29.70 -46.98 -10.35
N GLU H 299 28.92 -45.94 -10.03
CA GLU H 299 29.50 -44.73 -9.48
C GLU H 299 30.30 -45.05 -8.22
N ALA H 300 29.72 -45.86 -7.33
CA ALA H 300 30.47 -46.34 -6.18
C ALA H 300 31.66 -47.20 -6.59
N ARG H 301 31.62 -47.79 -7.78
CA ARG H 301 32.74 -48.63 -8.21
C ARG H 301 33.94 -47.78 -8.58
N TYR H 302 33.71 -46.69 -9.34
CA TYR H 302 34.84 -45.80 -9.57
C TYR H 302 35.21 -45.02 -8.31
N LEU H 303 34.27 -44.86 -7.38
CA LEU H 303 34.62 -44.35 -6.07
C LEU H 303 35.58 -45.28 -5.35
N HIS H 304 35.35 -46.59 -5.46
CA HIS H 304 36.27 -47.56 -4.90
C HIS H 304 37.62 -47.50 -5.60
N LYS H 305 37.61 -47.29 -6.91
CA LYS H 305 38.87 -47.10 -7.63
C LYS H 305 39.63 -45.89 -7.09
N ILE H 306 38.92 -44.78 -6.88
CA ILE H 306 39.54 -43.58 -6.32
C ILE H 306 40.06 -43.88 -4.91
N LEU H 307 39.31 -44.66 -4.13
CA LEU H 307 39.77 -45.08 -2.82
C LEU H 307 41.07 -45.87 -2.92
N ASN H 308 41.16 -46.74 -3.92
CA ASN H 308 42.43 -47.42 -4.21
C ASN H 308 43.51 -46.40 -4.56
N LEU H 309 43.13 -45.26 -5.13
CA LEU H 309 44.08 -44.18 -5.36
C LEU H 309 44.35 -43.37 -4.09
N LEU H 310 43.49 -43.49 -3.02
CA LEU H 310 43.75 -42.86 -1.73
C LEU H 310 44.81 -43.65 -0.97
N PRO H 311 45.60 -43.00 -0.13
CA PRO H 311 46.64 -43.72 0.63
C PRO H 311 46.03 -44.76 1.54
N PRO H 312 46.69 -45.92 1.68
CA PRO H 312 46.22 -46.91 2.66
C PRO H 312 46.32 -46.42 4.10
N GLU H 313 47.10 -45.36 4.34
CA GLU H 313 47.25 -44.85 5.70
C GLU H 313 45.92 -44.34 6.24
N TYR H 314 45.08 -43.77 5.37
CA TYR H 314 43.76 -43.33 5.80
C TYR H 314 42.97 -44.50 6.39
N TYR H 315 43.02 -45.66 5.73
CA TYR H 315 42.40 -46.86 6.27
C TYR H 315 43.12 -47.32 7.54
N VAL H 316 44.44 -47.14 7.59
CA VAL H 316 45.22 -47.58 8.75
C VAL H 316 44.91 -46.70 9.95
N GLU H 317 44.90 -45.38 9.77
CA GLU H 317 44.67 -44.47 10.88
C GLU H 317 43.23 -44.61 11.37
N TYR H 318 43.08 -44.79 12.68
CA TYR H 318 41.74 -44.93 13.26
C TYR H 318 40.85 -43.73 12.99
N PRO H 319 41.28 -42.47 13.22
CA PRO H 319 40.38 -41.33 12.95
C PRO H 319 39.98 -41.23 11.49
N LEU H 320 40.95 -41.29 10.57
CA LEU H 320 40.64 -41.13 9.16
C LEU H 320 39.78 -42.28 8.64
N TRP H 321 40.12 -43.51 9.04
CA TRP H 321 39.32 -44.66 8.62
C TRP H 321 37.90 -44.59 9.18
N SER H 322 37.76 -44.19 10.44
CA SER H 322 36.43 -44.02 11.02
C SER H 322 35.65 -42.94 10.28
N ASN H 323 36.30 -41.82 9.96
CA ASN H 323 35.62 -40.73 9.26
C ASN H 323 35.15 -41.16 7.88
N VAL H 324 36.01 -41.85 7.12
CA VAL H 324 35.59 -42.29 5.79
C VAL H 324 34.50 -43.35 5.89
N VAL H 325 34.55 -44.20 6.91
CA VAL H 325 33.47 -45.16 7.12
C VAL H 325 32.16 -44.45 7.40
N PHE H 326 32.20 -43.41 8.24
CA PHE H 326 30.99 -42.64 8.53
C PHE H 326 30.45 -41.98 7.28
N ALA H 327 31.33 -41.37 6.48
CA ALA H 327 30.90 -40.70 5.26
C ALA H 327 30.27 -41.69 4.29
N LEU H 328 30.87 -42.87 4.16
CA LEU H 328 30.28 -43.90 3.31
C LEU H 328 28.96 -44.41 3.89
N ALA H 329 28.80 -44.32 5.22
CA ALA H 329 27.57 -44.79 5.85
C ALA H 329 26.40 -43.84 5.58
N ASN H 330 26.69 -42.57 5.29
CA ASN H 330 25.64 -41.59 5.11
C ASN H 330 24.89 -41.76 3.80
N THR H 331 25.32 -42.65 2.91
CA THR H 331 24.68 -42.86 1.63
C THR H 331 23.96 -44.21 1.66
N SER H 332 22.64 -44.16 1.50
CA SER H 332 21.75 -45.33 1.55
C SER H 332 22.05 -46.11 2.84
N ALA H 333 21.98 -47.44 2.76
CA ALA H 333 22.22 -48.30 3.92
C ALA H 333 23.02 -49.54 3.60
N ASN H 334 23.09 -49.95 2.33
CA ASN H 334 23.62 -51.26 1.95
C ASN H 334 24.96 -51.15 1.25
N TYR H 335 25.80 -50.20 1.67
CA TYR H 335 27.20 -50.19 1.28
C TYR H 335 28.10 -50.77 2.37
N ARG H 336 27.51 -51.38 3.40
CA ARG H 336 28.32 -52.08 4.40
C ARG H 336 29.17 -53.19 3.80
N PRO H 337 28.65 -54.09 2.94
CA PRO H 337 29.56 -55.06 2.30
C PRO H 337 30.65 -54.40 1.49
N LEU H 338 30.35 -53.29 0.81
CA LEU H 338 31.38 -52.58 0.04
C LEU H 338 32.47 -52.07 0.95
N ALA H 339 32.10 -51.48 2.09
CA ALA H 339 33.10 -51.08 3.07
C ALA H 339 33.86 -52.29 3.61
N GLU H 340 33.20 -53.45 3.67
CA GLU H 340 33.89 -54.67 4.08
C GLU H 340 34.95 -55.06 3.08
N TRP H 341 34.67 -54.92 1.78
CA TRP H 341 35.74 -55.07 0.80
C TRP H 341 36.82 -54.01 0.99
N PHE H 342 36.42 -52.78 1.31
CA PHE H 342 37.41 -51.79 1.69
C PHE H 342 38.07 -52.15 3.01
N SER H 343 37.33 -52.78 3.93
CA SER H 343 37.95 -53.35 5.10
C SER H 343 38.93 -54.45 4.71
N GLN H 344 38.59 -55.20 3.65
CA GLN H 344 39.51 -56.16 3.07
C GLN H 344 40.53 -55.50 2.14
N LYS H 345 40.39 -54.20 1.88
CA LYS H 345 41.42 -53.45 1.17
C LYS H 345 42.52 -53.11 2.17
N CYS H 346 43.73 -53.62 1.91
CA CYS H 346 44.83 -53.53 2.85
C CYS H 346 44.41 -54.05 4.23
N PRO H 347 43.97 -55.32 4.34
CA PRO H 347 43.43 -55.84 5.60
C PRO H 347 44.50 -56.33 6.55
N GLU H 348 45.57 -55.53 6.71
CA GLU H 348 46.63 -55.89 7.64
C GLU H 348 46.21 -55.73 9.10
N LYS H 349 45.10 -55.03 9.36
CA LYS H 349 44.63 -54.81 10.71
C LYS H 349 43.20 -55.27 10.95
N TRP H 350 42.50 -55.75 9.92
CA TRP H 350 41.19 -56.35 10.15
C TRP H 350 41.31 -57.60 11.01
N ASN H 351 42.18 -58.52 10.61
CA ASN H 351 42.49 -59.69 11.40
C ASN H 351 43.56 -59.34 12.42
N THR H 352 43.48 -59.98 13.59
CA THR H 352 44.34 -59.63 14.73
C THR H 352 44.24 -58.14 15.02
N GLY H 353 43.02 -57.62 15.01
CA GLY H 353 42.77 -56.20 15.10
C GLY H 353 41.31 -55.87 14.96
N GLY H 354 40.98 -54.92 14.08
CA GLY H 354 39.60 -54.50 13.91
C GLY H 354 38.74 -55.50 13.17
N LYS H 355 38.53 -56.68 13.76
CA LYS H 355 37.62 -57.66 13.14
C LYS H 355 36.20 -57.13 13.11
N GLU H 356 35.69 -56.68 14.26
CA GLU H 356 34.35 -56.11 14.33
C GLU H 356 34.27 -54.88 15.23
N LYS H 357 35.38 -54.41 15.79
CA LYS H 357 35.33 -53.23 16.64
C LYS H 357 34.89 -52.00 15.87
N LEU H 358 35.39 -51.84 14.64
CA LEU H 358 34.94 -50.74 13.79
C LEU H 358 33.74 -51.13 12.93
N GLU H 359 33.43 -52.42 12.84
CA GLU H 359 32.09 -52.80 12.40
C GLU H 359 31.04 -52.28 13.37
N LYS H 360 31.36 -52.29 14.67
CA LYS H 360 30.49 -51.62 15.63
C LYS H 360 30.49 -50.10 15.40
N LEU H 361 31.59 -49.55 14.88
CA LEU H 361 31.59 -48.15 14.48
C LEU H 361 30.63 -47.92 13.31
N TRP H 362 30.57 -48.87 12.38
CA TRP H 362 29.54 -48.84 11.35
C TRP H 362 28.15 -48.86 11.96
N ASN H 363 27.94 -49.72 12.95
CA ASN H 363 26.63 -49.80 13.60
C ASN H 363 26.26 -48.47 14.24
N ASP H 364 27.23 -47.82 14.90
CA ASP H 364 26.99 -46.51 15.48
C ASP H 364 26.68 -45.48 14.38
N ALA H 365 27.41 -45.55 13.27
CA ALA H 365 27.19 -44.60 12.18
C ALA H 365 25.78 -44.75 11.62
N SER H 366 25.30 -45.98 11.48
CA SER H 366 23.92 -46.19 11.07
C SER H 366 22.93 -45.59 12.06
N HIS H 367 23.34 -45.37 13.31
CA HIS H 367 22.52 -44.75 14.33
C HIS H 367 23.01 -43.35 14.69
N HIS H 368 23.93 -42.80 13.91
CA HIS H 368 24.54 -41.51 14.19
C HIS H 368 23.66 -40.38 13.69
N THR H 369 23.42 -39.39 14.54
CA THR H 369 22.71 -38.17 14.19
C THR H 369 23.58 -37.00 14.62
N GLU H 370 24.38 -36.48 13.70
CA GLU H 370 25.45 -35.54 14.04
C GLU H 370 25.77 -34.71 12.79
N LYS H 371 26.95 -34.08 12.79
CA LYS H 371 27.45 -33.26 11.69
C LYS H 371 27.19 -33.89 10.33
N LYS H 372 27.23 -35.22 10.27
CA LYS H 372 26.92 -35.98 9.05
C LYS H 372 27.89 -35.62 7.92
N ILE H 373 29.16 -35.98 8.13
CA ILE H 373 30.12 -35.98 7.04
C ILE H 373 29.65 -36.97 6.00
N THR H 374 29.70 -36.57 4.73
CA THR H 374 29.04 -37.29 3.66
C THR H 374 29.95 -37.32 2.44
N LYS H 375 29.35 -37.61 1.28
CA LYS H 375 30.00 -37.48 -0.01
C LYS H 375 30.47 -36.03 -0.18
N ARG H 376 31.22 -35.80 -1.27
CA ARG H 376 31.87 -34.59 -1.76
C ARG H 376 33.07 -34.21 -0.92
N SER H 377 33.39 -34.95 0.14
CA SER H 377 34.61 -34.74 0.91
C SER H 377 35.74 -35.64 0.46
N ILE H 378 35.43 -36.92 0.24
CA ILE H 378 36.44 -37.88 -0.23
C ILE H 378 37.00 -37.44 -1.57
N MET H 379 36.13 -36.87 -2.42
CA MET H 379 36.62 -36.37 -3.70
C MET H 379 37.63 -35.25 -3.52
N TYR H 380 37.44 -34.40 -2.51
CA TYR H 380 38.42 -33.34 -2.27
C TYR H 380 39.71 -33.90 -1.69
N TRP H 381 39.59 -34.87 -0.76
CA TRP H 381 40.77 -35.55 -0.26
C TRP H 381 41.60 -36.13 -1.40
N ALA H 382 40.93 -36.74 -2.38
CA ALA H 382 41.63 -37.24 -3.57
C ALA H 382 42.09 -36.09 -4.46
N HIS H 383 41.38 -34.96 -4.43
CA HIS H 383 41.74 -33.85 -5.30
C HIS H 383 43.08 -33.26 -4.91
N LYS H 384 43.36 -33.14 -3.63
CA LYS H 384 44.66 -32.63 -3.22
C LYS H 384 45.69 -33.74 -3.02
N HIS H 385 45.33 -34.99 -3.30
CA HIS H 385 46.26 -36.13 -3.23
C HIS H 385 46.34 -36.78 -4.61
N ALA H 386 47.45 -36.58 -5.30
CA ALA H 386 47.67 -37.11 -6.64
C ALA H 386 46.58 -36.64 -7.57
N PRO H 387 46.56 -35.35 -7.92
CA PRO H 387 45.43 -34.80 -8.68
C PRO H 387 45.43 -35.17 -10.14
N GLN H 388 45.60 -36.46 -10.46
CA GLN H 388 45.62 -36.89 -11.85
C GLN H 388 44.52 -37.89 -12.19
N GLN H 389 44.43 -39.01 -11.47
CA GLN H 389 43.67 -40.15 -11.96
C GLN H 389 42.16 -39.91 -11.91
N TYR H 390 41.68 -39.34 -10.80
CA TYR H 390 40.25 -39.10 -10.71
C TYR H 390 39.77 -38.17 -11.81
N LYS H 391 40.66 -37.34 -12.36
CA LYS H 391 40.29 -36.46 -13.44
C LYS H 391 39.79 -37.25 -14.65
N GLU H 392 40.58 -38.21 -15.13
CA GLU H 392 40.15 -38.96 -16.30
C GLU H 392 39.05 -39.95 -15.92
N ILE H 393 39.05 -40.44 -14.68
CA ILE H 393 37.94 -41.31 -14.27
C ILE H 393 36.62 -40.55 -14.34
N VAL H 394 36.60 -39.32 -13.83
CA VAL H 394 35.38 -38.53 -13.77
C VAL H 394 34.97 -38.07 -15.16
N GLU H 395 35.94 -37.67 -15.99
CA GLU H 395 35.61 -37.30 -17.36
C GLU H 395 35.12 -38.51 -18.15
N GLN H 396 35.64 -39.70 -17.84
CA GLN H 396 35.13 -40.92 -18.47
C GLN H 396 33.69 -41.17 -18.06
N GLY H 397 33.36 -40.94 -16.79
CA GLY H 397 31.96 -41.04 -16.38
C GLY H 397 31.07 -40.06 -17.13
N TYR H 398 31.53 -38.81 -17.27
CA TYR H 398 30.79 -37.83 -18.07
C TYR H 398 30.59 -38.33 -19.48
N PHE H 399 31.66 -38.80 -20.11
CA PHE H 399 31.59 -39.25 -21.50
C PHE H 399 30.63 -40.42 -21.63
N SER H 400 30.68 -41.36 -20.70
CA SER H 400 29.78 -42.51 -20.76
C SER H 400 28.33 -42.07 -20.67
N ILE H 401 28.01 -41.20 -19.70
CA ILE H 401 26.62 -40.78 -19.54
C ILE H 401 26.14 -40.05 -20.79
N LEU H 402 26.92 -39.07 -21.24
CA LEU H 402 26.49 -38.26 -22.37
C LEU H 402 26.37 -39.09 -23.63
N ALA H 403 27.35 -39.96 -23.90
CA ALA H 403 27.31 -40.77 -25.10
C ALA H 403 26.16 -41.76 -25.05
N GLU H 404 25.88 -42.32 -23.88
CA GLU H 404 24.73 -43.21 -23.74
C GLU H 404 23.45 -42.49 -24.10
N TYR H 405 23.27 -41.27 -23.58
CA TYR H 405 22.06 -40.54 -23.92
C TYR H 405 22.00 -40.20 -25.41
N VAL H 406 23.13 -39.78 -25.98
CA VAL H 406 23.17 -39.40 -27.39
C VAL H 406 22.79 -40.60 -28.26
N TYR H 407 23.36 -41.77 -27.96
CA TYR H 407 23.02 -42.96 -28.72
C TYR H 407 21.55 -43.33 -28.53
N SER H 408 21.06 -43.29 -27.29
CA SER H 408 19.69 -43.69 -27.03
C SER H 408 18.67 -42.76 -27.69
N TYR H 409 19.02 -41.51 -27.95
CA TYR H 409 18.08 -40.56 -28.54
C TYR H 409 18.56 -40.01 -29.86
N ASN H 410 19.34 -40.80 -30.60
CA ASN H 410 19.73 -40.49 -31.98
C ASN H 410 20.40 -39.12 -32.09
N GLY H 411 21.23 -38.79 -31.11
CA GLY H 411 22.01 -37.57 -31.19
C GLY H 411 21.19 -36.30 -31.22
N MET H 412 20.11 -36.25 -30.45
CA MET H 412 19.26 -35.05 -30.33
C MET H 412 18.97 -34.85 -28.85
N LEU H 413 19.85 -34.11 -28.18
CA LEU H 413 19.72 -33.86 -26.76
C LEU H 413 18.58 -32.90 -26.47
N GLU H 414 18.32 -32.69 -25.18
CA GLU H 414 17.26 -31.81 -24.73
C GLU H 414 17.69 -31.24 -23.37
N HIS H 415 16.75 -30.55 -22.71
CA HIS H 415 17.08 -29.87 -21.46
C HIS H 415 17.48 -30.85 -20.37
N TYR H 416 16.66 -31.89 -20.17
CA TYR H 416 16.82 -32.72 -18.98
C TYR H 416 18.12 -33.50 -19.00
N MET H 417 18.52 -34.03 -20.16
CA MET H 417 19.76 -34.80 -20.21
C MET H 417 20.96 -33.93 -19.89
N ILE H 418 21.00 -32.71 -20.42
CA ILE H 418 22.08 -31.79 -20.11
C ILE H 418 22.05 -31.43 -18.63
N ALA H 419 20.86 -31.22 -18.07
CA ALA H 419 20.77 -30.90 -16.65
C ALA H 419 21.31 -32.04 -15.80
N LYS H 420 20.97 -33.27 -16.16
CA LYS H 420 21.46 -34.44 -15.43
C LYS H 420 22.98 -34.54 -15.53
N VAL H 421 23.52 -34.32 -16.73
CA VAL H 421 24.97 -34.38 -16.89
C VAL H 421 25.65 -33.32 -16.05
N ILE H 422 25.12 -32.10 -16.06
CA ILE H 422 25.74 -31.03 -15.28
C ILE H 422 25.67 -31.33 -13.80
N TYR H 423 24.53 -31.85 -13.32
CA TYR H 423 24.43 -32.20 -11.91
C TYR H 423 25.43 -33.28 -11.54
N ALA H 424 25.60 -34.28 -12.39
CA ALA H 424 26.62 -35.28 -12.13
C ALA H 424 28.03 -34.73 -12.27
N MET H 425 28.17 -33.58 -12.95
CA MET H 425 29.49 -33.07 -13.27
C MET H 425 30.03 -32.13 -12.19
N MET H 426 29.26 -31.11 -11.85
CA MET H 426 29.69 -30.10 -10.88
C MET H 426 28.58 -29.92 -9.85
N GLY H 427 28.06 -31.03 -9.35
CA GLY H 427 26.93 -31.02 -8.45
C GLY H 427 27.24 -30.88 -6.99
N ASN H 428 28.50 -30.94 -6.59
CA ASN H 428 28.85 -30.80 -5.18
C ASN H 428 29.11 -29.37 -4.77
N LYS H 429 28.95 -28.42 -5.68
CA LYS H 429 29.27 -27.03 -5.40
C LYS H 429 28.05 -26.12 -5.32
N PHE H 430 26.88 -26.59 -5.74
CA PHE H 430 25.69 -25.76 -5.78
C PHE H 430 24.55 -26.42 -5.02
N VAL H 431 23.80 -25.60 -4.28
CA VAL H 431 22.66 -26.05 -3.51
C VAL H 431 21.50 -25.12 -3.79
N VAL H 432 20.34 -25.69 -4.09
CA VAL H 432 19.12 -24.93 -4.37
C VAL H 432 18.10 -25.27 -3.32
N ASP H 433 17.53 -24.24 -2.69
CA ASP H 433 16.49 -24.43 -1.69
C ASP H 433 15.44 -23.35 -1.86
N VAL H 434 14.23 -23.66 -1.41
CA VAL H 434 13.08 -22.76 -1.56
C VAL H 434 13.06 -21.79 -0.38
N ASP H 435 12.95 -20.50 -0.69
CA ASP H 435 12.95 -19.46 0.33
C ASP H 435 11.62 -19.47 1.08
N SER H 436 11.45 -18.50 1.98
CA SER H 436 10.19 -18.36 2.71
C SER H 436 9.06 -17.90 1.80
N ASN H 437 9.35 -17.22 0.71
CA ASN H 437 8.33 -16.73 -0.21
C ASN H 437 8.02 -17.70 -1.33
N GLY H 438 8.62 -18.89 -1.32
CA GLY H 438 8.35 -19.86 -2.36
C GLY H 438 9.11 -19.64 -3.65
N LYS H 439 10.27 -19.01 -3.60
CA LYS H 439 11.11 -18.82 -4.77
C LYS H 439 12.41 -19.60 -4.59
N TYR H 440 12.80 -20.34 -5.62
CA TYR H 440 14.03 -21.11 -5.55
C TYR H 440 15.23 -20.18 -5.56
N VAL H 441 16.19 -20.46 -4.68
CA VAL H 441 17.37 -19.64 -4.50
C VAL H 441 18.61 -20.50 -4.64
N TRP H 442 19.63 -19.98 -5.31
CA TRP H 442 20.87 -20.69 -5.54
C TRP H 442 21.94 -20.23 -4.56
N PHE H 443 22.67 -21.18 -4.00
CA PHE H 443 23.80 -20.90 -3.12
C PHE H 443 25.06 -21.48 -3.76
N GLU H 444 26.16 -20.72 -3.69
CA GLU H 444 27.42 -21.12 -4.29
C GLU H 444 28.46 -21.32 -3.19
N PHE H 445 29.30 -22.33 -3.36
CA PHE H 445 30.38 -22.60 -2.42
C PHE H 445 31.66 -21.98 -2.97
N VAL H 446 32.25 -21.07 -2.19
CA VAL H 446 33.38 -20.29 -2.67
C VAL H 446 34.68 -21.06 -2.43
N LEU H 447 35.59 -20.96 -3.39
CA LEU H 447 36.92 -21.55 -3.30
C LEU H 447 37.96 -20.50 -3.67
N PRO H 448 39.19 -20.65 -3.19
CA PRO H 448 40.25 -19.71 -3.56
C PRO H 448 40.52 -19.74 -5.05
N GLY H 449 40.88 -18.58 -5.59
CA GLY H 449 41.22 -18.47 -7.00
C GLY H 449 40.08 -18.07 -7.91
N GLN H 450 38.98 -17.57 -7.37
CA GLN H 450 37.84 -17.13 -8.16
C GLN H 450 37.46 -15.73 -7.73
N PRO H 451 36.82 -14.96 -8.60
CA PRO H 451 36.35 -13.62 -8.21
C PRO H 451 35.40 -13.72 -7.02
N MET H 452 35.60 -12.84 -6.05
CA MET H 452 34.89 -12.94 -4.78
C MET H 452 34.99 -11.61 -4.05
N ASN H 453 34.10 -11.43 -3.10
CA ASN H 453 34.18 -10.29 -2.18
C ASN H 453 35.11 -10.62 -1.03
N GLN H 454 35.51 -9.58 -0.31
CA GLN H 454 36.44 -9.74 0.80
C GLN H 454 35.79 -10.53 1.93
N GLY H 455 36.51 -11.52 2.45
CA GLY H 455 36.08 -12.27 3.62
C GLY H 455 35.02 -13.32 3.37
N GLU H 456 34.80 -13.71 2.13
CA GLU H 456 33.76 -14.68 1.79
C GLU H 456 34.35 -15.97 1.22
N ILE H 457 35.40 -16.47 1.85
CA ILE H 457 36.08 -17.66 1.37
C ILE H 457 35.66 -18.87 2.21
N TRP H 458 35.62 -20.02 1.56
CA TRP H 458 35.35 -21.30 2.22
C TRP H 458 33.98 -21.33 2.91
N LYS H 459 33.01 -20.61 2.36
CA LYS H 459 31.67 -20.65 2.92
C LYS H 459 30.67 -20.24 1.84
N TRP H 460 29.41 -20.59 2.08
CA TRP H 460 28.37 -20.38 1.08
C TRP H 460 28.01 -18.91 0.96
N ARG H 461 27.50 -18.54 -0.21
CA ARG H 461 27.02 -17.19 -0.46
C ARG H 461 25.73 -17.27 -1.26
N LYS H 462 24.92 -16.22 -1.17
CA LYS H 462 23.66 -16.16 -1.89
C LYS H 462 23.89 -15.60 -3.29
N GLU H 463 23.22 -16.18 -4.27
CA GLU H 463 23.36 -15.79 -5.66
C GLU H 463 21.99 -15.58 -6.29
N VAL H 464 21.81 -14.46 -6.98
CA VAL H 464 20.54 -14.19 -7.65
C VAL H 464 20.32 -15.18 -8.79
N ASN H 465 21.34 -15.37 -9.63
CA ASN H 465 21.29 -16.30 -10.73
C ASN H 465 22.67 -16.93 -10.85
N PRO H 466 22.77 -18.22 -11.10
CA PRO H 466 24.09 -18.85 -11.15
C PRO H 466 24.88 -18.44 -12.39
N ASP H 467 25.47 -17.26 -12.34
CA ASP H 467 26.17 -16.72 -13.50
C ASP H 467 27.34 -17.60 -13.91
N GLU H 468 28.17 -18.00 -12.95
CA GLU H 468 29.34 -18.78 -13.32
C GLU H 468 28.91 -20.15 -13.81
N LEU H 469 27.75 -20.65 -13.37
CA LEU H 469 27.20 -21.85 -13.97
C LEU H 469 26.80 -21.61 -15.43
N HIS H 470 26.26 -20.43 -15.72
CA HIS H 470 25.92 -20.10 -17.09
C HIS H 470 27.14 -20.08 -17.98
N ILE H 471 28.25 -19.52 -17.50
CA ILE H 471 29.46 -19.54 -18.33
C ILE H 471 30.06 -20.95 -18.34
N TYR H 472 29.88 -21.71 -17.27
CA TYR H 472 30.42 -23.06 -17.20
C TYR H 472 29.78 -23.97 -18.23
N ILE H 473 28.45 -23.91 -18.34
CA ILE H 473 27.73 -24.78 -19.27
C ILE H 473 28.09 -24.46 -20.71
N SER H 474 28.61 -23.28 -20.99
CA SER H 474 29.00 -22.91 -22.33
C SER H 474 30.48 -23.10 -22.60
N GLU H 475 31.32 -23.12 -21.57
CA GLU H 475 32.75 -23.31 -21.77
C GLU H 475 33.20 -24.74 -21.53
N ASN H 476 32.96 -25.28 -20.34
CA ASN H 476 33.51 -26.59 -19.99
C ASN H 476 32.79 -27.73 -20.70
N PHE H 477 31.49 -27.58 -20.97
CA PHE H 477 30.76 -28.63 -21.66
C PHE H 477 31.23 -28.80 -23.10
N SER H 478 31.83 -27.77 -23.68
CA SER H 478 32.29 -27.85 -25.06
C SER H 478 33.36 -28.92 -25.24
N ARG H 479 34.22 -29.10 -24.25
CA ARG H 479 35.26 -30.13 -24.37
C ARG H 479 34.64 -31.52 -24.42
N VAL H 480 33.64 -31.78 -23.58
CA VAL H 480 32.96 -33.07 -23.63
C VAL H 480 32.24 -33.24 -24.96
N MET H 481 31.65 -32.16 -25.47
CA MET H 481 30.98 -32.21 -26.76
C MET H 481 31.97 -32.60 -27.86
N ASP H 482 33.15 -31.98 -27.84
CA ASP H 482 34.17 -32.30 -28.83
C ASP H 482 34.69 -33.72 -28.67
N ARG H 483 34.77 -34.21 -27.43
CA ARG H 483 35.17 -35.60 -27.22
C ARG H 483 34.15 -36.55 -27.84
N ILE H 484 32.87 -36.26 -27.67
CA ILE H 484 31.84 -37.09 -28.29
C ILE H 484 31.95 -37.04 -29.80
N THR H 485 32.17 -35.86 -30.35
CA THR H 485 32.32 -35.72 -31.80
C THR H 485 33.51 -36.53 -32.30
N GLU H 486 34.63 -36.47 -31.57
CA GLU H 486 35.82 -37.22 -31.95
C GLU H 486 35.55 -38.71 -31.92
N HIS H 487 34.86 -39.18 -30.88
CA HIS H 487 34.53 -40.61 -30.80
C HIS H 487 33.66 -41.02 -31.98
N ILE H 488 32.68 -40.20 -32.33
CA ILE H 488 31.81 -40.51 -33.46
C ILE H 488 32.61 -40.59 -34.75
N LYS H 489 33.51 -39.63 -34.96
CA LYS H 489 34.32 -39.64 -36.17
C LYS H 489 35.23 -40.86 -36.22
N TYR H 490 35.82 -41.22 -35.07
CA TYR H 490 36.70 -42.39 -35.02
C TYR H 490 35.93 -43.66 -35.35
N HIS H 491 34.73 -43.82 -34.79
CA HIS H 491 33.90 -44.95 -35.15
C HIS H 491 33.53 -44.94 -36.61
N LEU H 492 33.33 -43.75 -37.19
CA LEU H 492 33.07 -43.67 -38.62
C LEU H 492 34.30 -44.09 -39.44
N SER H 493 35.50 -43.87 -38.89
CA SER H 493 36.71 -44.19 -39.63
C SER H 493 36.86 -45.69 -39.86
N GLN H 494 36.50 -46.51 -38.87
CA GLN H 494 36.71 -47.95 -38.97
C GLN H 494 35.83 -48.54 -40.07
N PRO H 495 36.30 -49.58 -40.75
CA PRO H 495 35.49 -50.19 -41.81
C PRO H 495 34.29 -50.92 -41.22
N HIS H 496 33.17 -50.82 -41.92
CA HIS H 496 31.90 -51.36 -41.45
C HIS H 496 31.06 -51.73 -42.67
N GLU H 497 29.75 -51.84 -42.46
CA GLU H 497 28.78 -52.19 -43.50
C GLU H 497 27.77 -51.05 -43.59
N SER H 498 26.64 -51.30 -44.25
CA SER H 498 25.68 -50.25 -44.58
C SER H 498 25.16 -49.49 -43.36
N ASN H 499 25.57 -49.87 -42.15
CA ASN H 499 25.23 -49.09 -40.97
C ASN H 499 25.91 -47.73 -41.01
N ILE H 500 27.21 -47.70 -41.29
CA ILE H 500 27.89 -46.41 -41.40
C ILE H 500 27.49 -45.66 -42.66
N LEU H 501 26.82 -46.34 -43.59
CA LEU H 501 26.33 -45.67 -44.79
C LEU H 501 25.32 -44.59 -44.44
N ASN H 502 24.39 -44.89 -43.56
CA ASN H 502 23.34 -43.92 -43.25
C ASN H 502 23.17 -43.63 -41.77
N TYR H 503 23.25 -44.65 -40.90
CA TYR H 503 22.97 -44.43 -39.49
C TYR H 503 24.00 -43.49 -38.86
N TYR H 504 25.28 -43.79 -39.05
CA TYR H 504 26.32 -42.95 -38.47
C TYR H 504 26.27 -41.54 -39.03
N LYS H 505 26.02 -41.42 -40.33
CA LYS H 505 25.92 -40.10 -40.95
C LYS H 505 24.75 -39.30 -40.36
N LYS H 506 23.61 -39.95 -40.18
CA LYS H 506 22.45 -39.26 -39.61
C LYS H 506 22.71 -38.85 -38.17
N LEU H 507 23.36 -39.71 -37.39
CA LEU H 507 23.72 -39.34 -36.02
C LEU H 507 24.67 -38.17 -36.01
N LEU H 508 25.65 -38.16 -36.92
CA LEU H 508 26.58 -37.05 -36.99
C LEU H 508 25.86 -35.76 -37.33
N LYS H 509 24.96 -35.80 -38.31
CA LYS H 509 24.22 -34.59 -38.69
C LYS H 509 23.37 -34.08 -37.52
N ALA H 510 22.64 -34.97 -36.86
CA ALA H 510 21.78 -34.56 -35.76
C ALA H 510 22.60 -34.01 -34.61
N PHE H 511 23.71 -34.65 -34.28
CA PHE H 511 24.55 -34.17 -33.20
C PHE H 511 25.17 -32.82 -33.54
N GLU H 512 25.56 -32.62 -34.80
CA GLU H 512 26.08 -31.33 -35.21
C GLU H 512 25.02 -30.25 -35.07
N ARG H 513 23.79 -30.56 -35.47
CA ARG H 513 22.71 -29.58 -35.35
C ARG H 513 22.42 -29.28 -33.88
N SER H 514 22.56 -30.28 -33.01
CA SER H 514 22.32 -30.07 -31.58
C SER H 514 23.49 -29.39 -30.88
N LYS H 515 24.67 -29.38 -31.49
CA LYS H 515 25.84 -28.83 -30.82
C LYS H 515 25.67 -27.35 -30.52
N SER H 516 25.16 -26.57 -31.47
CA SER H 516 25.00 -25.14 -31.27
C SER H 516 23.86 -24.81 -30.31
N LYS H 517 23.02 -25.78 -29.97
CA LYS H 517 21.88 -25.50 -29.10
C LYS H 517 22.33 -25.06 -27.71
N ILE H 518 23.44 -25.60 -27.21
CA ILE H 518 23.90 -25.27 -25.87
C ILE H 518 24.20 -23.79 -25.72
N PHE H 519 24.55 -23.12 -26.82
CA PHE H 519 24.84 -21.69 -26.75
C PHE H 519 23.58 -20.84 -26.64
N ASN H 520 22.42 -21.37 -27.03
CA ASN H 520 21.21 -20.58 -27.07
C ASN H 520 20.83 -20.08 -25.68
N ASP H 521 20.40 -18.81 -25.63
CA ASP H 521 20.03 -18.22 -24.35
C ASP H 521 18.76 -18.84 -23.78
N SER H 522 17.73 -18.99 -24.62
CA SER H 522 16.50 -19.64 -24.17
C SER H 522 16.78 -21.07 -23.74
N PHE H 523 17.60 -21.78 -24.51
CA PHE H 523 17.97 -23.15 -24.16
C PHE H 523 18.69 -23.19 -22.82
N LYS H 524 19.63 -22.27 -22.59
CA LYS H 524 20.36 -22.26 -21.33
C LYS H 524 19.43 -21.96 -20.16
N LYS H 525 18.51 -21.00 -20.34
CA LYS H 525 17.57 -20.69 -19.27
C LYS H 525 16.69 -21.89 -18.95
N GLY H 526 16.21 -22.58 -20.00
CA GLY H 526 15.42 -23.77 -19.76
C GLY H 526 16.19 -24.85 -19.04
N VAL H 527 17.46 -25.04 -19.42
CA VAL H 527 18.29 -26.04 -18.75
C VAL H 527 18.46 -25.69 -17.28
N ILE H 528 18.71 -24.42 -16.97
CA ILE H 528 18.89 -24.01 -15.58
C ILE H 528 17.60 -24.24 -14.79
N ARG H 529 16.47 -23.86 -15.37
CA ARG H 529 15.20 -24.04 -14.68
C ARG H 529 14.92 -25.52 -14.44
N GLN H 530 15.29 -26.37 -15.40
CA GLN H 530 15.09 -27.80 -15.22
C GLN H 530 16.00 -28.36 -14.14
N ALA H 531 17.26 -27.94 -14.13
CA ALA H 531 18.22 -28.43 -13.15
C ALA H 531 17.97 -27.87 -11.75
N GLU H 532 17.12 -26.85 -11.63
CA GLU H 532 16.70 -26.41 -10.30
C GLU H 532 16.19 -27.57 -9.46
N PHE H 533 15.44 -28.48 -10.08
CA PHE H 533 14.91 -29.63 -9.34
C PHE H 533 16.03 -30.60 -8.96
N LEU H 534 16.99 -30.84 -9.87
CA LEU H 534 18.07 -31.76 -9.56
C LEU H 534 18.93 -31.26 -8.42
N PHE H 535 19.26 -29.97 -8.43
CA PHE H 535 20.10 -29.40 -7.39
C PHE H 535 19.33 -29.09 -6.11
N ARG H 536 18.01 -29.32 -6.11
CA ARG H 536 17.21 -29.09 -4.91
C ARG H 536 17.70 -29.97 -3.78
N GLN H 537 17.87 -29.38 -2.60
CA GLN H 537 18.30 -30.12 -1.41
C GLN H 537 17.37 -29.72 -0.27
N ARG H 538 16.51 -30.66 0.12
CA ARG H 538 15.53 -30.37 1.17
C ARG H 538 16.22 -30.12 2.50
N SER H 539 15.62 -29.25 3.30
CA SER H 539 16.08 -28.94 4.65
C SER H 539 17.51 -28.40 4.63
N PHE H 540 17.69 -27.25 3.98
CA PHE H 540 18.99 -26.61 3.93
C PHE H 540 18.99 -25.19 4.47
N ILE H 541 17.95 -24.41 4.18
CA ILE H 541 17.94 -23.02 4.63
C ILE H 541 17.77 -22.95 6.14
N GLN H 542 16.84 -23.73 6.69
CA GLN H 542 16.56 -23.64 8.11
C GLN H 542 17.70 -24.17 8.98
N THR H 543 18.64 -24.91 8.40
CA THR H 543 19.81 -25.39 9.14
C THR H 543 21.05 -24.55 8.88
N LEU H 544 20.86 -23.31 8.43
CA LEU H 544 21.98 -22.38 8.23
C LEU H 544 22.30 -21.67 9.53
N ASP H 545 23.59 -21.60 9.85
CA ASP H 545 24.10 -20.89 11.02
C ASP H 545 23.51 -21.39 12.32
N THR H 546 22.95 -22.61 12.32
CA THR H 546 22.35 -23.14 13.54
C THR H 546 23.41 -23.50 14.57
N ASN H 547 24.57 -23.94 14.13
CA ASN H 547 25.65 -24.26 15.06
C ASN H 547 26.21 -22.98 15.64
N PRO H 548 26.14 -22.78 16.97
CA PRO H 548 26.71 -21.57 17.56
C PRO H 548 28.20 -21.62 17.77
N HIS H 549 28.83 -22.78 17.60
CA HIS H 549 30.26 -22.92 17.79
C HIS H 549 31.07 -22.55 16.56
N LEU H 550 30.41 -22.14 15.48
CA LEU H 550 31.07 -21.74 14.24
C LEU H 550 30.77 -20.27 13.97
N LEU H 551 31.82 -19.49 13.73
CA LEU H 551 31.69 -18.07 13.46
C LEU H 551 32.42 -17.74 12.16
N GLY H 552 31.75 -17.02 11.28
CA GLY H 552 32.36 -16.64 10.02
C GLY H 552 33.42 -15.56 10.22
N VAL H 553 34.55 -15.73 9.55
CA VAL H 553 35.67 -14.81 9.64
C VAL H 553 36.20 -14.52 8.25
N GLY H 554 37.07 -13.51 8.16
CA GLY H 554 37.59 -13.09 6.88
C GLY H 554 38.42 -14.15 6.19
N ASN H 555 39.17 -14.93 6.95
CA ASN H 555 40.05 -15.95 6.39
C ASN H 555 39.45 -17.35 6.50
N GLY H 556 38.13 -17.46 6.39
CA GLY H 556 37.48 -18.76 6.43
C GLY H 556 36.41 -18.85 7.49
N VAL H 557 36.48 -19.89 8.32
CA VAL H 557 35.53 -20.10 9.40
C VAL H 557 36.30 -20.51 10.64
N LEU H 558 35.87 -19.98 11.78
CA LEU H 558 36.49 -20.28 13.07
C LEU H 558 35.54 -21.14 13.89
N SER H 559 36.07 -22.25 14.42
CA SER H 559 35.29 -23.19 15.21
C SER H 559 35.74 -23.09 16.67
N ILE H 560 34.80 -22.76 17.55
CA ILE H 560 35.07 -22.69 18.97
C ILE H 560 34.47 -23.89 19.71
N GLU H 561 34.16 -24.97 18.99
CA GLU H 561 33.55 -26.14 19.63
C GLU H 561 34.51 -26.76 20.65
N THR H 562 35.79 -26.85 20.30
CA THR H 562 36.79 -27.45 21.17
C THR H 562 37.85 -26.43 21.52
N ILE H 563 38.47 -26.61 22.68
CA ILE H 563 39.54 -25.75 23.17
C ILE H 563 40.87 -26.44 22.89
N PRO H 564 41.83 -25.78 22.23
CA PRO H 564 41.71 -24.42 21.71
C PRO H 564 40.90 -24.35 20.41
N ALA H 565 40.35 -23.18 20.12
CA ALA H 565 39.55 -23.02 18.92
C ALA H 565 40.39 -23.25 17.67
N LYS H 566 39.78 -23.90 16.67
CA LYS H 566 40.46 -24.27 15.45
C LYS H 566 39.98 -23.39 14.31
N LEU H 567 40.93 -22.79 13.59
CA LEU H 567 40.63 -22.04 12.38
C LEU H 567 40.60 -23.00 11.20
N ILE H 568 39.49 -22.99 10.46
CA ILE H 568 39.35 -23.85 9.29
C ILE H 568 39.48 -22.99 8.04
N ASN H 569 40.50 -23.28 7.24
CA ASN H 569 40.74 -22.58 5.99
C ASN H 569 40.80 -23.57 4.83
N HIS H 570 40.18 -24.72 4.99
CA HIS H 570 40.20 -25.76 3.96
C HIS H 570 38.79 -26.26 3.70
N PHE H 571 38.67 -27.33 2.92
CA PHE H 571 37.37 -27.87 2.58
C PHE H 571 36.66 -28.40 3.84
N HIS H 572 35.34 -28.24 3.85
CA HIS H 572 34.51 -28.69 4.96
C HIS H 572 33.08 -28.84 4.45
N GLU H 573 32.16 -29.16 5.37
CA GLU H 573 30.76 -29.34 5.01
C GLU H 573 29.84 -28.60 5.98
N HIS H 574 30.35 -27.63 6.72
CA HIS H 574 29.51 -26.92 7.68
C HIS H 574 28.56 -25.98 6.96
N PRO H 575 27.33 -25.82 7.45
CA PRO H 575 26.36 -24.88 6.84
C PRO H 575 26.49 -23.47 7.39
N ILE H 576 27.55 -22.78 6.99
CA ILE H 576 27.86 -21.44 7.46
C ILE H 576 27.78 -20.48 6.28
N HIS H 577 27.00 -19.41 6.45
CA HIS H 577 26.88 -18.40 5.41
C HIS H 577 27.16 -16.99 5.91
N GLN H 578 26.72 -16.65 7.11
CA GLN H 578 27.02 -15.35 7.68
C GLN H 578 28.47 -15.30 8.15
N TYR H 579 29.00 -14.09 8.23
CA TYR H 579 30.42 -13.92 8.53
C TYR H 579 30.68 -12.46 8.90
N THR H 580 31.91 -12.19 9.32
CA THR H 580 32.44 -10.86 9.45
C THR H 580 33.82 -10.83 8.81
N HIS H 581 34.22 -9.65 8.34
CA HIS H 581 35.45 -9.50 7.56
C HIS H 581 36.67 -9.22 8.43
N ILE H 582 36.66 -9.66 9.68
CA ILE H 582 37.79 -9.48 10.59
C ILE H 582 38.62 -10.75 10.56
N CYS H 583 39.83 -10.65 10.02
CA CYS H 583 40.72 -11.80 9.98
C CYS H 583 41.14 -12.17 11.40
N TYR H 584 41.23 -13.48 11.66
CA TYR H 584 41.54 -13.99 12.98
C TYR H 584 42.97 -14.50 13.03
N VAL H 585 43.66 -14.18 14.12
CA VAL H 585 44.98 -14.74 14.41
C VAL H 585 44.97 -15.21 15.85
N PRO H 586 45.80 -16.18 16.24
CA PRO H 586 45.84 -16.59 17.65
C PRO H 586 46.27 -15.45 18.54
N PHE H 587 45.76 -15.46 19.77
CA PHE H 587 46.00 -14.38 20.72
C PHE H 587 47.48 -14.25 21.02
N ASN H 588 48.09 -13.15 20.56
CA ASN H 588 49.50 -12.88 20.77
C ASN H 588 49.65 -11.65 21.64
N PRO H 589 49.95 -11.81 22.93
CA PRO H 589 50.12 -10.63 23.79
C PRO H 589 51.28 -9.74 23.41
N GLU H 590 52.24 -10.27 22.64
CA GLU H 590 53.42 -9.49 22.30
C GLU H 590 53.16 -8.45 21.22
N ASN H 591 52.00 -8.47 20.59
CA ASN H 591 51.71 -7.51 19.54
C ASN H 591 51.67 -6.10 20.11
N PRO H 592 52.24 -5.11 19.45
CA PRO H 592 52.19 -3.74 19.97
C PRO H 592 50.78 -3.21 20.13
N TRP H 593 49.92 -3.43 19.14
CA TRP H 593 48.54 -2.98 19.24
C TRP H 593 47.81 -3.72 20.36
N THR H 594 48.06 -5.02 20.50
CA THR H 594 47.44 -5.79 21.58
C THR H 594 47.87 -5.26 22.94
N LYS H 595 49.16 -4.98 23.11
CA LYS H 595 49.63 -4.44 24.38
C LYS H 595 49.03 -3.07 24.66
N LEU H 596 48.96 -2.22 23.63
CA LEU H 596 48.37 -0.90 23.82
C LEU H 596 46.91 -1.01 24.23
N LEU H 597 46.16 -1.89 23.56
CA LEU H 597 44.75 -2.06 23.91
C LEU H 597 44.59 -2.61 25.31
N LEU H 598 45.44 -3.57 25.70
CA LEU H 598 45.36 -4.11 27.05
C LEU H 598 45.63 -3.05 28.10
N ASN H 599 46.67 -2.23 27.88
CA ASN H 599 46.98 -1.17 28.83
C ASN H 599 45.85 -0.16 28.92
N ALA H 600 45.29 0.25 27.77
CA ALA H 600 44.19 1.20 27.78
C ALA H 600 42.98 0.63 28.51
N LEU H 601 42.66 -0.63 28.24
CA LEU H 601 41.51 -1.27 28.89
C LEU H 601 41.73 -1.38 30.39
N GLN H 602 42.96 -1.69 30.80
CA GLN H 602 43.26 -1.72 32.23
C GLN H 602 43.08 -0.35 32.86
N ASP H 603 43.49 0.70 32.15
CA ASP H 603 43.34 2.05 32.69
C ASP H 603 41.88 2.47 32.79
N ILE H 604 41.05 2.10 31.82
CA ILE H 604 39.65 2.55 31.81
C ILE H 604 38.92 2.05 33.05
N ILE H 605 39.06 0.79 33.37
CA ILE H 605 38.45 0.20 34.56
C ILE H 605 39.56 -0.16 35.54
N PRO H 606 39.68 0.57 36.65
CA PRO H 606 40.84 0.37 37.53
C PRO H 606 40.85 -0.96 38.25
N GLU H 607 39.72 -1.38 38.81
CA GLU H 607 39.69 -2.58 39.62
C GLU H 607 40.01 -3.81 38.78
N LEU H 608 40.92 -4.65 39.28
CA LEU H 608 41.29 -5.85 38.55
C LEU H 608 40.13 -6.83 38.47
N ASP H 609 39.49 -7.12 39.60
CA ASP H 609 38.43 -8.11 39.63
C ASP H 609 37.23 -7.69 38.79
N ALA H 610 36.82 -6.42 38.91
CA ALA H 610 35.71 -5.93 38.09
C ALA H 610 36.09 -5.94 36.61
N ARG H 611 37.33 -5.55 36.30
CA ARG H 611 37.80 -5.61 34.92
C ARG H 611 37.67 -7.02 34.36
N LEU H 612 38.14 -8.01 35.12
CA LEU H 612 38.07 -9.39 34.65
C LEU H 612 36.63 -9.84 34.48
N TRP H 613 35.76 -9.54 35.45
CA TRP H 613 34.38 -9.97 35.36
C TRP H 613 33.69 -9.37 34.15
N ILE H 614 33.90 -8.08 33.91
CA ILE H 614 33.28 -7.43 32.77
C ILE H 614 33.82 -8.02 31.47
N MET H 615 35.12 -8.30 31.41
CA MET H 615 35.66 -8.89 30.19
C MET H 615 35.13 -10.29 29.95
N PHE H 616 34.98 -11.09 31.00
CA PHE H 616 34.37 -12.40 30.84
C PHE H 616 32.94 -12.30 30.36
N TYR H 617 32.18 -11.34 30.89
CA TYR H 617 30.82 -11.15 30.41
C TYR H 617 30.81 -10.77 28.94
N LEU H 618 31.71 -9.87 28.54
CA LEU H 618 31.77 -9.45 27.15
C LEU H 618 32.18 -10.59 26.23
N SER H 619 33.03 -11.50 26.70
CA SER H 619 33.46 -12.61 25.87
C SER H 619 32.32 -13.54 25.50
N THR H 620 31.22 -13.51 26.25
CA THR H 620 30.07 -14.33 25.92
C THR H 620 29.35 -13.86 24.67
N ALA H 621 29.64 -12.66 24.19
CA ALA H 621 29.02 -12.18 22.96
C ALA H 621 29.47 -12.98 21.74
N ILE H 622 30.64 -13.62 21.81
CA ILE H 622 31.07 -14.48 20.72
C ILE H 622 30.11 -15.65 20.53
N PHE H 623 29.70 -16.27 21.63
CA PHE H 623 28.78 -17.39 21.57
C PHE H 623 27.42 -16.92 21.05
N ARG H 624 26.71 -17.84 20.42
CA ARG H 624 25.39 -17.56 19.89
C ARG H 624 24.32 -18.52 20.38
N GLY H 625 24.69 -19.50 21.20
CA GLY H 625 23.74 -20.44 21.75
C GLY H 625 23.12 -19.94 23.03
N LEU H 626 22.41 -20.83 23.71
CA LEU H 626 21.72 -20.47 24.93
C LEU H 626 22.71 -20.03 26.00
N LYS H 627 22.34 -18.97 26.72
CA LYS H 627 23.20 -18.38 27.74
C LYS H 627 22.38 -18.09 28.99
N GLU H 628 23.09 -17.97 30.11
CA GLU H 628 22.42 -17.62 31.37
C GLU H 628 21.79 -16.25 31.27
N ALA H 629 20.60 -16.13 31.85
CA ALA H 629 19.81 -14.89 31.76
C ALA H 629 20.38 -13.88 32.75
N LEU H 630 21.37 -13.12 32.30
CA LEU H 630 21.98 -12.05 33.10
C LEU H 630 21.95 -10.75 32.31
N MET H 631 21.56 -9.67 32.97
CA MET H 631 21.52 -8.35 32.38
C MET H 631 22.57 -7.47 33.03
N LEU H 632 23.36 -6.77 32.21
CA LEU H 632 24.41 -5.89 32.68
C LEU H 632 23.97 -4.45 32.45
N LEU H 633 24.04 -3.64 33.51
CA LEU H 633 23.73 -2.22 33.42
C LEU H 633 24.56 -1.51 34.47
N TRP H 634 25.50 -0.69 34.02
CA TRP H 634 26.45 -0.06 34.93
C TRP H 634 26.58 1.42 34.64
N LEU H 635 26.81 2.19 35.70
CA LEU H 635 26.98 3.63 35.61
C LEU H 635 28.45 3.99 35.43
N GLY H 636 28.68 5.19 34.92
CA GLY H 636 30.02 5.66 34.66
C GLY H 636 30.06 7.17 34.59
N GLY H 637 31.27 7.71 34.45
CA GLY H 637 31.43 9.14 34.35
C GLY H 637 30.95 9.67 33.02
N GLY H 638 30.73 10.99 32.98
CA GLY H 638 30.27 11.61 31.75
C GLY H 638 31.25 11.46 30.61
N CYS H 639 32.54 11.48 30.92
CA CYS H 639 33.60 11.26 29.95
C CYS H 639 34.38 9.98 30.28
N ASN H 640 33.63 8.94 30.66
CA ASN H 640 34.27 7.71 31.10
C ASN H 640 34.88 6.93 29.93
N GLY H 641 34.16 6.80 28.84
CA GLY H 641 34.61 5.98 27.73
C GLY H 641 33.83 4.70 27.52
N LYS H 642 32.66 4.56 28.15
CA LYS H 642 31.87 3.34 28.02
C LYS H 642 31.46 3.12 26.57
N THR H 643 31.02 4.18 25.90
CA THR H 643 30.57 4.06 24.52
C THR H 643 31.70 3.62 23.61
N PHE H 644 32.95 3.96 23.95
CA PHE H 644 34.07 3.44 23.19
C PHE H 644 34.09 1.92 23.20
N LEU H 645 33.96 1.32 24.37
CA LEU H 645 33.94 -0.13 24.47
C LEU H 645 32.75 -0.72 23.72
N MET H 646 31.57 -0.12 23.89
CA MET H 646 30.40 -0.66 23.18
C MET H 646 30.59 -0.63 21.67
N ARG H 647 31.04 0.51 21.14
CA ARG H 647 31.23 0.61 19.70
C ARG H 647 32.33 -0.34 19.22
N LEU H 648 33.40 -0.49 20.01
CA LEU H 648 34.46 -1.40 19.61
C LEU H 648 33.97 -2.83 19.53
N VAL H 649 33.20 -3.28 20.53
CA VAL H 649 32.68 -4.64 20.51
C VAL H 649 31.74 -4.82 19.34
N ALA H 650 30.86 -3.85 19.10
CA ALA H 650 29.92 -3.97 17.98
C ALA H 650 30.66 -4.01 16.64
N MET H 651 31.68 -3.18 16.47
CA MET H 651 32.44 -3.18 15.24
C MET H 651 33.19 -4.50 15.04
N VAL H 652 33.78 -5.03 16.11
CA VAL H 652 34.53 -6.27 15.98
C VAL H 652 33.62 -7.43 15.64
N LEU H 653 32.48 -7.55 16.32
CA LEU H 653 31.58 -8.66 16.06
C LEU H 653 31.00 -8.61 14.66
N GLY H 654 30.62 -7.42 14.19
CA GLY H 654 30.06 -7.29 12.87
C GLY H 654 28.55 -7.06 12.92
N ASP H 655 28.04 -6.50 11.83
CA ASP H 655 26.62 -6.12 11.77
C ASP H 655 25.72 -7.34 11.86
N HIS H 656 26.11 -8.45 11.21
CA HIS H 656 25.25 -9.63 11.20
C HIS H 656 25.02 -10.17 12.60
N TYR H 657 25.96 -9.95 13.51
CA TYR H 657 25.87 -10.48 14.86
C TYR H 657 25.69 -9.42 15.93
N ALA H 658 26.01 -8.16 15.63
CA ALA H 658 25.87 -7.08 16.60
C ALA H 658 25.00 -5.98 15.98
N SER H 659 24.11 -5.43 16.78
CA SER H 659 23.23 -4.37 16.32
C SER H 659 22.94 -3.42 17.47
N LYS H 660 22.68 -2.16 17.13
CA LYS H 660 22.45 -1.10 18.11
C LYS H 660 20.95 -0.99 18.35
N LEU H 661 20.51 -1.48 19.50
CA LEU H 661 19.10 -1.40 19.87
C LEU H 661 18.80 -0.11 20.60
N ASN H 662 17.53 0.31 20.59
CA ASN H 662 17.18 1.58 21.21
C ASN H 662 17.11 1.46 22.72
N ILE H 663 17.89 2.29 23.41
CA ILE H 663 17.90 2.24 24.87
C ILE H 663 16.49 2.42 25.42
N SER H 664 15.75 3.36 24.85
CA SER H 664 14.40 3.62 25.32
C SER H 664 13.50 2.40 25.18
N LEU H 665 13.88 1.47 24.31
CA LEU H 665 13.06 0.29 24.09
C LEU H 665 12.77 -0.42 25.40
N LEU H 666 13.82 -0.71 26.15
CA LEU H 666 13.63 -1.36 27.45
C LEU H 666 13.03 -0.39 28.44
N THR H 667 13.48 0.85 28.42
CA THR H 667 12.97 1.85 29.34
C THR H 667 11.48 2.04 29.12
N SER H 668 11.06 2.10 27.87
CA SER H 668 9.66 2.28 27.55
C SER H 668 9.22 1.23 26.54
N CYS H 669 8.37 0.30 26.98
CA CYS H 669 7.86 -0.71 26.07
C CYS H 669 7.11 -0.01 24.95
N ARG H 670 6.43 1.08 25.28
CA ARG H 670 5.71 1.84 24.27
C ARG H 670 4.77 0.93 23.50
N GLU H 671 4.85 0.98 22.17
CA GLU H 671 4.01 0.13 21.34
C GLU H 671 4.33 -1.33 21.57
N THR H 672 3.31 -2.19 21.51
CA THR H 672 3.52 -3.61 21.74
C THR H 672 4.41 -4.22 20.68
N ALA H 673 5.09 -5.31 21.02
CA ALA H 673 5.91 -5.98 20.03
C ALA H 673 5.02 -6.37 18.86
N GLU H 674 3.77 -6.69 19.17
CA GLU H 674 2.82 -7.03 18.11
C GLU H 674 2.73 -5.88 17.13
N LYS H 675 2.67 -4.66 17.65
CA LYS H 675 2.65 -3.49 16.77
C LYS H 675 3.93 -3.47 15.95
N PRO H 676 3.80 -3.21 14.64
CA PRO H 676 4.98 -3.18 13.76
C PRO H 676 6.21 -2.64 14.46
N ASN H 677 7.25 -3.46 14.58
CA ASN H 677 8.50 -3.02 15.20
C ASN H 677 9.66 -3.67 14.46
N SER H 678 10.46 -2.85 13.77
CA SER H 678 11.65 -3.36 13.12
C SER H 678 12.72 -3.75 14.13
N ALA H 679 12.76 -3.07 15.28
CA ALA H 679 13.67 -3.47 16.33
C ALA H 679 13.35 -4.85 16.87
N PHE H 680 12.09 -5.28 16.74
CA PHE H 680 11.74 -6.65 17.11
C PHE H 680 12.36 -7.65 16.16
N MET H 681 12.52 -7.27 14.88
CA MET H 681 13.27 -8.10 13.94
C MET H 681 14.76 -8.09 14.23
N ARG H 682 15.25 -7.15 15.02
CA ARG H 682 16.58 -7.27 15.56
C ARG H 682 16.59 -8.35 16.63
N LEU H 683 17.77 -8.63 17.17
CA LEU H 683 18.02 -9.67 18.18
C LEU H 683 17.87 -11.07 17.58
N LYS H 684 17.46 -11.18 16.32
CA LYS H 684 17.36 -12.47 15.64
C LYS H 684 18.72 -12.83 15.05
N GLY H 685 19.30 -13.92 15.54
CA GLY H 685 20.62 -14.33 15.13
C GLY H 685 21.74 -13.46 15.64
N ARG H 686 21.43 -12.28 16.16
CA ARG H 686 22.45 -11.38 16.68
C ARG H 686 23.10 -11.97 17.91
N GLY H 687 24.34 -11.54 18.16
CA GLY H 687 25.04 -11.96 19.36
C GLY H 687 25.33 -10.79 20.29
N TYR H 688 24.89 -9.59 19.91
CA TYR H 688 25.20 -8.41 20.69
C TYR H 688 24.13 -7.33 20.49
N GLY H 689 23.72 -6.72 21.58
CA GLY H 689 22.86 -5.54 21.55
C GLY H 689 23.20 -4.61 22.69
N TYR H 690 23.50 -3.36 22.39
CA TYR H 690 24.02 -2.43 23.38
C TYR H 690 23.16 -1.19 23.46
N PHE H 691 23.09 -0.57 24.63
CA PHE H 691 22.29 0.63 24.79
C PHE H 691 23.15 1.89 24.85
N GLU H 692 22.76 2.90 24.11
CA GLU H 692 23.53 4.15 24.06
C GLU H 692 23.31 4.99 25.32
N GLU H 693 24.08 6.05 25.46
CA GLU H 693 23.95 6.93 26.62
C GLU H 693 22.56 7.52 26.71
N THR H 694 22.03 7.67 27.92
CA THR H 694 20.72 8.27 28.10
C THR H 694 20.85 9.74 28.45
N ASN H 695 20.02 10.58 27.82
CA ASN H 695 20.07 12.00 28.10
C ASN H 695 19.73 12.29 29.55
N LYS H 696 19.01 11.37 30.18
CA LYS H 696 18.63 11.54 31.58
C LYS H 696 18.30 10.21 32.22
N SER H 697 18.02 10.22 33.52
CA SER H 697 17.65 8.98 34.20
C SER H 697 16.38 8.42 33.58
N GLU H 698 16.35 7.11 33.35
CA GLU H 698 15.19 6.49 32.71
C GLU H 698 14.54 5.44 33.60
N VAL H 699 13.21 5.49 33.70
CA VAL H 699 12.49 4.52 34.51
C VAL H 699 11.98 3.37 33.65
N LEU H 700 12.11 2.14 34.14
CA LEU H 700 11.63 0.99 33.39
C LEU H 700 11.44 -0.23 34.29
N ASN H 701 10.32 -0.93 34.11
CA ASN H 701 10.05 -2.13 34.90
C ASN H 701 9.04 -2.98 34.13
N THR H 702 9.45 -4.18 33.73
CA THR H 702 8.62 -5.13 33.00
C THR H 702 8.08 -4.59 31.69
N SER H 703 8.56 -3.42 31.25
CA SER H 703 8.20 -2.87 29.95
C SER H 703 9.02 -3.61 28.90
N ARG H 704 8.56 -4.82 28.58
CA ARG H 704 9.30 -5.76 27.74
C ARG H 704 10.67 -6.05 28.36
N LEU H 705 10.74 -6.05 29.68
CA LEU H 705 11.98 -6.31 30.40
C LEU H 705 12.22 -7.80 30.55
N LYS H 706 11.30 -8.49 31.24
CA LYS H 706 11.48 -9.91 31.49
C LYS H 706 11.51 -10.71 30.19
N GLU H 707 10.82 -10.22 29.16
CA GLU H 707 10.86 -10.89 27.87
C GLU H 707 12.26 -10.88 27.27
N MET H 708 12.95 -9.74 27.38
CA MET H 708 14.35 -9.69 26.94
C MET H 708 15.29 -10.36 27.94
N VAL H 709 14.84 -10.55 29.17
CA VAL H 709 15.72 -11.13 30.19
C VAL H 709 15.84 -12.64 30.01
N ASN H 710 14.71 -13.34 29.95
CA ASN H 710 14.75 -14.79 29.89
C ASN H 710 15.28 -15.26 28.53
N PRO H 711 15.91 -16.43 28.48
CA PRO H 711 16.47 -16.94 27.22
C PRO H 711 15.52 -17.82 26.41
N GLY H 712 14.25 -17.90 26.78
CA GLY H 712 13.31 -18.71 26.04
C GLY H 712 12.98 -18.09 24.68
N ASP H 713 12.44 -18.94 23.81
CA ASP H 713 12.08 -18.50 22.47
C ASP H 713 10.92 -17.51 22.54
N VAL H 714 10.93 -16.55 21.62
CA VAL H 714 9.93 -15.49 21.59
C VAL H 714 9.39 -15.38 20.17
N THR H 715 8.22 -14.75 20.04
CA THR H 715 7.59 -14.56 18.75
C THR H 715 8.38 -13.55 17.91
N ALA H 716 7.89 -13.30 16.70
CA ALA H 716 8.58 -12.38 15.78
C ALA H 716 7.54 -11.74 14.87
N ARG H 717 7.14 -10.51 15.21
CA ARG H 717 6.18 -9.76 14.40
C ARG H 717 6.92 -9.06 13.26
N GLU H 718 6.82 -9.61 12.06
CA GLU H 718 7.56 -9.09 10.91
C GLU H 718 6.92 -7.78 10.45
N LEU H 719 7.12 -6.75 11.27
CA LEU H 719 6.58 -5.42 11.02
C LEU H 719 5.08 -5.47 10.79
N ASN H 720 4.66 -5.25 9.53
CA ASN H 720 3.24 -5.31 9.19
C ASN H 720 2.77 -6.72 8.82
N GLN H 721 3.69 -7.66 8.65
CA GLN H 721 3.35 -9.00 8.19
C GLN H 721 2.96 -9.88 9.38
N LYS H 722 2.89 -11.18 9.14
CA LYS H 722 2.36 -12.13 10.11
C LYS H 722 3.33 -12.31 11.29
N GLN H 723 2.97 -13.23 12.19
CA GLN H 723 3.58 -13.32 13.51
C GLN H 723 4.47 -14.56 13.53
N GLU H 724 5.79 -14.36 13.44
CA GLU H 724 6.76 -15.45 13.43
C GLU H 724 7.23 -15.74 14.85
N SER H 725 8.30 -16.51 14.99
CA SER H 725 8.89 -16.81 16.30
C SER H 725 10.40 -16.99 16.10
N PHE H 726 11.18 -16.14 16.76
CA PHE H 726 12.63 -16.20 16.66
C PHE H 726 13.24 -16.40 18.04
N GLN H 727 14.25 -17.25 18.12
CA GLN H 727 14.96 -17.48 19.37
C GLN H 727 16.03 -16.42 19.59
N MET H 728 16.11 -15.91 20.81
CA MET H 728 17.04 -14.85 21.15
C MET H 728 18.13 -15.39 22.06
N THR H 729 19.38 -15.04 21.75
CA THR H 729 20.51 -15.47 22.57
C THR H 729 21.58 -14.39 22.72
N ALA H 730 21.37 -13.19 22.19
CA ALA H 730 22.40 -12.16 22.21
C ALA H 730 22.58 -11.59 23.60
N THR H 731 23.79 -11.09 23.84
CA THR H 731 24.11 -10.47 25.12
C THR H 731 23.66 -9.01 25.12
N MET H 732 22.92 -8.62 26.16
CA MET H 732 22.38 -7.27 26.27
C MET H 732 23.17 -6.48 27.29
N VAL H 733 23.58 -5.27 26.92
CA VAL H 733 24.30 -4.37 27.81
C VAL H 733 23.70 -2.97 27.69
N ALA H 734 23.58 -2.30 28.83
CA ALA H 734 23.00 -0.97 28.90
C ALA H 734 23.92 -0.09 29.73
N ALA H 735 24.51 0.92 29.10
CA ALA H 735 25.45 1.83 29.75
C ALA H 735 24.94 3.26 29.66
N SER H 736 25.04 3.99 30.76
CA SER H 736 24.61 5.38 30.80
C SER H 736 25.32 6.11 31.92
N ASN H 737 25.29 7.44 31.86
CA ASN H 737 25.78 8.29 32.92
C ASN H 737 24.68 8.74 33.87
N TYR H 738 23.45 8.33 33.62
CA TYR H 738 22.32 8.59 34.52
C TYR H 738 21.81 7.26 35.05
N ASN H 739 21.42 7.25 36.32
CA ASN H 739 20.82 6.05 36.89
C ASN H 739 19.48 5.76 36.23
N PHE H 740 18.93 4.58 36.51
CA PHE H 740 17.64 4.18 35.98
C PHE H 740 16.67 3.88 37.11
N ILE H 741 15.46 4.41 36.98
CA ILE H 741 14.44 4.27 38.02
C ILE H 741 13.79 2.90 37.87
N ILE H 742 13.88 2.10 38.93
CA ILE H 742 13.25 0.78 38.98
C ILE H 742 12.26 0.78 40.14
N ASP H 743 11.00 0.48 39.84
CA ASP H 743 9.93 0.47 40.83
C ASP H 743 9.36 -0.94 40.93
N THR H 744 9.99 -1.77 41.75
CA THR H 744 9.54 -3.13 41.97
C THR H 744 10.21 -3.66 43.23
N THR H 745 9.67 -4.77 43.74
CA THR H 745 10.20 -5.40 44.94
C THR H 745 10.56 -6.87 44.73
N ASP H 746 10.11 -7.48 43.63
CA ASP H 746 10.34 -8.91 43.41
C ASP H 746 11.83 -9.23 43.39
N HIS H 747 12.21 -10.28 44.13
CA HIS H 747 13.60 -10.72 44.13
C HIS H 747 14.02 -11.30 42.79
N GLY H 748 13.10 -11.97 42.09
CA GLY H 748 13.45 -12.59 40.83
C GLY H 748 13.91 -11.58 39.80
N THR H 749 13.22 -10.44 39.69
CA THR H 749 13.67 -9.39 38.80
C THR H 749 15.02 -8.85 39.21
N TRP H 750 15.21 -8.63 40.51
CA TRP H 750 16.52 -8.21 41.02
C TRP H 750 17.37 -9.42 41.41
N ARG H 751 17.46 -10.37 40.48
CA ARG H 751 18.39 -11.48 40.58
C ARG H 751 19.03 -11.79 39.24
N ARG H 752 18.51 -11.27 38.14
CA ARG H 752 19.11 -11.40 36.82
C ARG H 752 19.62 -10.06 36.31
N LEU H 753 20.10 -9.21 37.21
CA LEU H 753 20.64 -7.90 36.89
C LEU H 753 21.97 -7.71 37.60
N ARG H 754 22.82 -6.87 37.00
CA ARG H 754 24.11 -6.55 37.58
C ARG H 754 24.38 -5.06 37.39
N HIS H 755 24.99 -4.46 38.42
CA HIS H 755 25.29 -3.03 38.41
C HIS H 755 26.73 -2.79 38.81
N TYR H 756 27.29 -1.71 38.28
CA TYR H 756 28.64 -1.28 38.59
C TYR H 756 28.74 0.21 38.31
N ARG H 757 29.70 0.85 38.96
CA ARG H 757 29.91 2.28 38.79
C ARG H 757 31.38 2.55 38.48
N SER H 758 31.62 3.35 37.44
CA SER H 758 32.98 3.69 37.07
C SER H 758 33.49 4.82 37.96
N LYS H 759 34.80 5.07 37.87
CA LYS H 759 35.43 6.09 38.70
C LYS H 759 36.45 6.94 37.93
N VAL H 760 36.42 6.93 36.60
CA VAL H 760 37.39 7.65 35.79
C VAL H 760 36.65 8.73 35.01
N LYS H 761 37.12 9.97 35.15
CA LYS H 761 36.55 11.13 34.45
C LYS H 761 37.72 11.86 33.78
N PHE H 762 38.02 11.48 32.55
CA PHE H 762 39.19 12.00 31.85
C PHE H 762 39.17 13.52 31.80
N CYS H 763 40.34 14.12 31.97
CA CYS H 763 40.49 15.57 31.92
C CYS H 763 41.70 15.94 31.07
N HIS H 764 41.57 17.01 30.29
CA HIS H 764 42.67 17.48 29.47
C HIS H 764 43.66 18.34 30.24
N ASN H 765 43.37 18.63 31.52
CA ASN H 765 44.31 19.29 32.42
C ASN H 765 44.40 18.45 33.68
N PRO H 766 44.98 17.25 33.60
CA PRO H 766 44.98 16.33 34.74
C PRO H 766 46.06 16.70 35.74
N ASP H 767 45.63 17.21 36.89
CA ASP H 767 46.54 17.52 37.98
C ASP H 767 46.96 16.22 38.67
N PRO H 768 48.05 16.26 39.44
CA PRO H 768 48.43 15.07 40.22
C PRO H 768 47.39 14.67 41.25
N SER H 769 46.50 15.58 41.63
CA SER H 769 45.49 15.32 42.64
C SER H 769 44.25 14.64 42.07
N ASN H 770 44.33 14.08 40.85
CA ASN H 770 43.24 13.35 40.24
C ASN H 770 43.76 12.00 39.75
N PRO H 771 44.05 11.08 40.69
CA PRO H 771 44.56 9.77 40.27
C PRO H 771 43.53 8.93 39.54
N TYR H 772 42.24 9.14 39.82
CA TYR H 772 41.19 8.35 39.19
C TYR H 772 40.68 9.01 37.91
N GLU H 773 41.62 9.41 37.07
CA GLU H 773 41.36 9.95 35.74
C GLU H 773 42.70 10.27 35.09
N LYS H 774 42.70 10.43 33.77
CA LYS H 774 43.91 10.70 33.03
C LYS H 774 43.58 11.63 31.85
N LYS H 775 44.58 11.84 31.00
CA LYS H 775 44.43 12.71 29.83
C LYS H 775 43.65 11.99 28.74
N GLU H 776 42.73 12.71 28.11
CA GLU H 776 42.01 12.17 26.97
C GLU H 776 42.96 11.97 25.78
N ASP H 777 42.62 11.00 24.94
CA ASP H 777 43.25 10.89 23.64
C ASP H 777 42.22 11.23 22.58
N PRO H 778 42.31 12.41 21.95
CA PRO H 778 41.28 12.79 20.96
C PRO H 778 41.16 11.83 19.80
N ARG H 779 42.26 11.18 19.41
CA ARG H 779 42.22 10.21 18.33
C ARG H 779 41.88 8.80 18.79
N PHE H 780 41.63 8.62 20.09
CA PHE H 780 41.34 7.28 20.60
C PHE H 780 39.99 6.77 20.16
N ILE H 781 39.03 7.66 19.90
CA ILE H 781 37.70 7.28 19.45
C ILE H 781 37.46 7.67 17.99
N HIS H 782 37.94 8.85 17.58
CA HIS H 782 37.77 9.26 16.20
C HIS H 782 38.48 8.28 15.26
N GLU H 783 39.68 7.85 15.61
CA GLU H 783 40.36 6.79 14.89
C GLU H 783 40.75 5.70 15.89
N TYR H 784 41.61 4.77 15.46
CA TYR H 784 42.02 3.55 16.15
C TYR H 784 40.96 2.46 16.00
N ILE H 785 39.84 2.74 15.36
CA ILE H 785 38.85 1.72 15.03
C ILE H 785 38.99 1.38 13.56
N MET H 786 39.52 2.34 12.79
CA MET H 786 39.70 2.12 11.36
C MET H 786 40.85 1.16 11.05
N ASP H 787 41.74 0.91 11.99
CA ASP H 787 42.85 -0.01 11.75
C ASP H 787 42.36 -1.45 11.85
N PRO H 788 42.43 -2.24 10.78
CA PRO H 788 42.02 -3.65 10.87
C PRO H 788 42.80 -4.42 11.93
N ASP H 789 44.07 -4.06 12.14
CA ASP H 789 44.85 -4.73 13.16
C ASP H 789 44.23 -4.57 14.54
N CYS H 790 43.59 -3.42 14.79
CA CYS H 790 42.92 -3.22 16.07
C CYS H 790 41.78 -4.22 16.25
N GLN H 791 40.96 -4.42 15.22
CA GLN H 791 39.91 -5.41 15.33
C GLN H 791 40.47 -6.82 15.46
N ASN H 792 41.57 -7.12 14.76
CA ASN H 792 42.18 -8.43 14.90
C ASN H 792 42.62 -8.67 16.34
N ALA H 793 43.31 -7.69 16.93
CA ALA H 793 43.76 -7.82 18.31
C ALA H 793 42.59 -7.96 19.27
N PHE H 794 41.55 -7.15 19.08
CA PHE H 794 40.39 -7.23 19.97
C PHE H 794 39.70 -8.58 19.86
N PHE H 795 39.56 -9.10 18.63
CA PHE H 795 38.93 -10.39 18.44
C PHE H 795 39.75 -11.49 19.10
N SER H 796 41.08 -11.41 18.98
CA SER H 796 41.94 -12.39 19.65
C SER H 796 41.76 -12.31 21.15
N ILE H 797 41.68 -11.10 21.70
CA ILE H 797 41.51 -10.94 23.14
C ILE H 797 40.19 -11.55 23.59
N LEU H 798 39.11 -11.28 22.86
CA LEU H 798 37.82 -11.84 23.22
C LEU H 798 37.83 -13.36 23.15
N VAL H 799 38.44 -13.91 22.11
CA VAL H 799 38.51 -15.37 21.98
C VAL H 799 39.28 -15.97 23.15
N TYR H 800 40.42 -15.36 23.49
CA TYR H 800 41.23 -15.87 24.59
C TYR H 800 40.48 -15.82 25.91
N PHE H 801 39.75 -14.73 26.15
CA PHE H 801 39.00 -14.61 27.40
C PHE H 801 37.87 -15.63 27.46
N TRP H 802 37.18 -15.85 26.35
CA TRP H 802 36.14 -16.87 26.34
C TRP H 802 36.73 -18.25 26.58
N GLU H 803 37.89 -18.53 25.99
CA GLU H 803 38.56 -19.80 26.24
C GLU H 803 38.90 -19.96 27.71
N LYS H 804 39.40 -18.88 28.33
CA LYS H 804 39.72 -18.95 29.77
C LYS H 804 38.48 -19.22 30.60
N LEU H 805 37.37 -18.54 30.27
CA LEU H 805 36.13 -18.77 31.01
C LEU H 805 35.67 -20.21 30.87
N GLN H 806 35.73 -20.75 29.65
CA GLN H 806 35.34 -22.15 29.44
C GLN H 806 36.24 -23.09 30.23
N LYS H 807 37.54 -22.79 30.27
CA LYS H 807 38.47 -23.63 31.00
C LYS H 807 38.17 -23.63 32.49
N GLU H 808 37.88 -22.45 33.04
CA GLU H 808 37.78 -22.33 34.50
C GLU H 808 36.37 -22.61 35.02
N TYR H 809 35.39 -21.83 34.60
CA TYR H 809 34.05 -21.92 35.15
C TYR H 809 33.09 -22.70 34.27
N ASN H 810 33.60 -23.31 33.20
CA ASN H 810 32.81 -24.20 32.34
C ASN H 810 31.56 -23.50 31.82
N GLY H 811 31.70 -22.23 31.43
CA GLY H 811 30.60 -21.51 30.83
C GLY H 811 29.61 -20.92 31.82
N GLN H 812 29.87 -21.04 33.12
CA GLN H 812 28.93 -20.55 34.13
C GLN H 812 29.37 -19.15 34.55
N ILE H 813 28.72 -18.14 33.98
CA ILE H 813 29.07 -16.76 34.30
C ILE H 813 28.73 -16.44 35.75
N LYS H 814 27.63 -16.98 36.26
CA LYS H 814 27.27 -16.74 37.66
C LYS H 814 28.25 -17.39 38.62
N LYS H 815 29.06 -18.34 38.16
CA LYS H 815 29.97 -19.04 39.06
C LYS H 815 31.18 -18.19 39.44
N VAL H 816 31.64 -17.32 38.54
CA VAL H 816 32.83 -16.52 38.83
C VAL H 816 32.53 -15.55 39.97
N PHE H 817 33.48 -15.40 40.87
CA PHE H 817 33.35 -14.56 42.04
C PHE H 817 34.12 -13.26 41.85
N CYS H 818 33.51 -12.16 42.30
CA CYS H 818 34.17 -10.86 42.29
C CYS H 818 33.57 -10.01 43.41
N PRO H 819 34.38 -9.56 44.36
CA PRO H 819 33.80 -8.87 45.53
C PRO H 819 33.21 -7.51 45.20
N THR H 820 33.89 -6.69 44.40
CA THR H 820 33.38 -5.35 44.12
C THR H 820 32.09 -5.41 43.32
N ILE H 821 31.95 -6.39 42.44
CA ILE H 821 30.68 -6.61 41.77
C ILE H 821 29.75 -7.33 42.73
N GLU H 822 28.45 -7.18 42.51
CA GLU H 822 27.40 -7.76 43.34
C GLU H 822 27.35 -7.05 44.69
N SER H 823 28.34 -6.19 44.95
CA SER H 823 28.32 -5.30 46.10
C SER H 823 27.80 -3.93 45.73
N GLU H 824 28.32 -3.38 44.63
CA GLU H 824 27.68 -2.19 44.06
C GLU H 824 26.25 -2.51 43.62
N THR H 825 26.03 -3.72 43.13
CA THR H 825 24.68 -4.13 42.73
C THR H 825 23.73 -4.13 43.92
N GLU H 826 24.14 -4.75 45.02
CA GLU H 826 23.27 -4.78 46.20
C GLU H 826 23.13 -3.39 46.81
N ALA H 827 24.17 -2.56 46.73
CA ALA H 827 24.05 -1.18 47.20
C ALA H 827 23.01 -0.43 46.39
N TYR H 828 23.02 -0.62 45.07
CA TYR H 828 21.98 -0.01 44.23
C TYR H 828 20.62 -0.57 44.57
N ARG H 829 20.56 -1.86 44.93
CA ARG H 829 19.30 -2.47 45.34
C ARG H 829 18.76 -1.81 46.60
N LYS H 830 19.65 -1.50 47.55
CA LYS H 830 19.23 -0.78 48.76
C LYS H 830 18.77 0.62 48.47
N SER H 831 19.12 1.12 47.28
CA SER H 831 18.62 2.40 46.79
C SER H 831 17.53 2.09 45.77
N GLN H 832 17.04 3.14 45.11
CA GLN H 832 15.99 3.00 44.10
C GLN H 832 14.77 2.30 44.67
N ASP H 833 14.44 2.64 45.92
CA ASP H 833 13.31 2.06 46.64
C ASP H 833 12.59 3.19 47.37
N THR H 834 11.55 3.74 46.72
CA THR H 834 10.83 4.87 47.27
C THR H 834 10.12 4.49 48.56
N LEU H 835 9.64 3.25 48.66
CA LEU H 835 8.88 2.84 49.83
C LEU H 835 9.74 2.91 51.10
N HIS H 836 10.98 2.43 51.01
CA HIS H 836 11.84 2.45 52.18
C HIS H 836 12.20 3.88 52.58
N ARG H 837 12.34 4.77 51.60
CA ARG H 837 12.60 6.16 51.90
C ARG H 837 11.46 6.78 52.70
N PHE H 838 10.22 6.58 52.24
CA PHE H 838 9.07 7.08 52.99
C PHE H 838 9.01 6.45 54.37
N ILE H 839 9.27 5.14 54.45
CA ILE H 839 9.19 4.43 55.72
C ILE H 839 10.18 5.01 56.72
N THR H 840 11.47 4.95 56.41
CA THR H 840 12.46 5.54 57.31
C THR H 840 12.76 6.99 56.94
N GLU H 841 11.70 7.72 56.62
CA GLU H 841 11.72 9.18 56.63
C GLU H 841 10.54 9.81 57.36
N ARG H 842 9.35 9.18 57.36
CA ARG H 842 8.16 9.83 57.88
C ARG H 842 7.45 9.07 58.99
N VAL H 843 7.55 7.75 59.06
CA VAL H 843 6.84 6.95 60.06
C VAL H 843 7.80 6.29 61.04
N VAL H 844 8.91 5.75 60.54
CA VAL H 844 9.92 5.16 61.41
C VAL H 844 10.62 6.28 62.16
N GLU H 845 10.96 6.01 63.43
CA GLU H 845 11.49 6.92 64.43
C GLU H 845 10.38 7.80 64.99
N SER H 846 9.17 7.74 64.46
CA SER H 846 8.00 8.42 65.02
C SER H 846 6.83 7.46 65.13
N PRO H 847 6.94 6.44 65.98
CA PRO H 847 5.82 5.50 66.19
C PRO H 847 4.94 5.81 67.41
N SER H 848 5.12 6.96 68.05
CA SER H 848 4.47 7.25 69.33
C SER H 848 3.07 7.83 69.16
N ALA H 849 2.41 7.58 68.03
CA ALA H 849 1.04 8.02 67.82
C ALA H 849 0.39 7.04 66.85
N GLU H 850 -0.85 7.33 66.46
CA GLU H 850 -1.56 6.45 65.52
C GLU H 850 -2.69 7.24 64.86
N THR H 851 -2.59 7.43 63.54
CA THR H 851 -3.62 8.06 62.74
C THR H 851 -3.64 7.34 61.39
N VAL H 852 -4.53 6.36 61.24
CA VAL H 852 -4.54 5.50 60.07
C VAL H 852 -5.98 5.23 59.65
N TYR H 853 -6.33 5.62 58.44
CA TYR H 853 -7.65 5.33 57.86
C TYR H 853 -7.48 4.23 56.82
N ASN H 854 -7.45 2.97 57.29
CA ASN H 854 -7.24 1.81 56.43
C ASN H 854 -5.95 1.92 55.64
N LEU H 855 -5.00 2.72 56.13
CA LEU H 855 -3.76 3.04 55.45
C LEU H 855 -4.03 3.83 54.17
N SER H 856 -5.31 4.09 53.88
CA SER H 856 -5.66 4.86 52.69
C SER H 856 -5.09 6.26 52.76
N GLU H 857 -5.19 6.90 53.92
CA GLU H 857 -4.52 8.17 54.11
C GLU H 857 -3.01 8.02 53.96
N VAL H 858 -2.45 6.92 54.45
CA VAL H 858 -1.02 6.67 54.30
C VAL H 858 -0.67 6.47 52.83
N VAL H 859 -1.50 5.71 52.11
CA VAL H 859 -1.25 5.49 50.69
C VAL H 859 -1.30 6.81 49.92
N THR H 860 -2.31 7.63 50.20
CA THR H 860 -2.42 8.91 49.52
C THR H 860 -1.23 9.83 49.85
N ALA H 861 -0.83 9.85 51.12
CA ALA H 861 0.30 10.66 51.52
C ALA H 861 1.58 10.20 50.83
N TYR H 862 1.81 8.89 50.78
CA TYR H 862 2.97 8.35 50.08
C TYR H 862 2.93 8.71 48.60
N ALA H 863 1.77 8.56 47.97
CA ALA H 863 1.63 8.84 46.54
C ALA H 863 1.94 10.30 46.25
N GLU H 864 1.31 11.22 46.98
CA GLU H 864 1.58 12.63 46.75
C GLU H 864 3.01 12.99 47.16
N TRP H 865 3.59 12.24 48.09
CA TRP H 865 4.96 12.50 48.50
C TRP H 865 5.92 12.26 47.34
N TYR H 866 5.84 11.09 46.72
CA TYR H 866 6.79 10.87 45.63
C TYR H 866 6.28 11.40 44.30
N ASN H 867 5.05 11.92 44.25
CA ASN H 867 4.60 12.59 43.04
C ASN H 867 5.40 13.85 42.79
N THR H 868 5.61 14.64 43.84
CA THR H 868 6.50 15.78 43.76
C THR H 868 7.96 15.41 44.01
N ASN H 869 8.19 14.43 44.89
CA ASN H 869 9.56 14.05 45.20
C ASN H 869 10.21 13.25 44.07
N ILE H 870 9.48 12.31 43.48
CA ILE H 870 10.06 11.42 42.49
C ILE H 870 9.43 11.64 41.11
N ASN H 871 8.14 11.34 40.99
CA ASN H 871 7.46 11.42 39.70
C ASN H 871 5.97 11.23 39.89
N VAL H 872 5.20 11.76 38.93
CA VAL H 872 3.75 11.65 38.93
C VAL H 872 3.34 10.54 37.98
N LYS H 873 2.45 9.66 38.46
CA LYS H 873 2.00 8.54 37.64
C LYS H 873 0.67 8.04 38.18
N ARG H 874 -0.05 7.29 37.34
CA ARG H 874 -1.30 6.69 37.77
C ARG H 874 -1.05 5.70 38.90
N HIS H 875 -1.99 5.65 39.84
CA HIS H 875 -1.85 4.85 41.04
C HIS H 875 -2.95 3.79 41.11
N ILE H 876 -2.66 2.72 41.85
CA ILE H 876 -3.65 1.71 42.19
C ILE H 876 -3.58 1.51 43.70
N ALA H 877 -4.76 1.48 44.35
CA ALA H 877 -4.77 1.33 45.80
C ALA H 877 -4.24 -0.03 46.22
N LEU H 878 -4.48 -1.06 45.41
CA LEU H 878 -4.11 -2.41 45.80
C LEU H 878 -2.62 -2.67 45.79
N GLU H 879 -1.82 -1.87 45.08
CA GLU H 879 -0.38 -2.14 45.03
C GLU H 879 0.25 -1.94 46.41
N LEU H 880 -0.18 -0.92 47.15
CA LEU H 880 0.26 -0.72 48.52
C LEU H 880 -0.63 -1.41 49.53
N SER H 881 -1.74 -2.03 49.09
CA SER H 881 -2.59 -2.76 50.02
C SER H 881 -1.83 -3.92 50.65
N GLN H 882 -0.90 -4.51 49.91
CA GLN H 882 -0.06 -5.58 50.43
C GLN H 882 1.39 -5.18 50.57
N GLU H 883 1.85 -4.21 49.77
CA GLU H 883 3.24 -3.76 49.87
C GLU H 883 3.53 -3.11 51.22
N LEU H 884 2.50 -2.60 51.91
CA LEU H 884 2.71 -2.11 53.26
C LEU H 884 3.16 -3.24 54.17
N GLU H 885 2.55 -4.42 54.03
CA GLU H 885 3.05 -5.60 54.72
C GLU H 885 4.40 -6.05 54.18
N ASN H 886 4.77 -5.62 52.98
CA ASN H 886 6.09 -5.89 52.42
C ASN H 886 7.05 -4.78 52.81
N SER H 887 7.14 -4.54 54.11
CA SER H 887 7.95 -3.48 54.68
C SER H 887 8.16 -3.79 56.16
N VAL H 888 8.62 -2.79 56.91
CA VAL H 888 8.68 -2.88 58.37
C VAL H 888 7.52 -2.16 59.03
N LEU H 889 6.53 -1.70 58.24
CA LEU H 889 5.42 -0.95 58.80
C LEU H 889 4.43 -1.85 59.53
N GLU H 890 4.26 -3.09 59.09
CA GLU H 890 3.26 -3.99 59.65
C GLU H 890 3.63 -4.54 61.01
N LYS H 891 4.66 -4.00 61.66
CA LYS H 891 5.06 -4.47 62.98
C LYS H 891 3.91 -4.35 63.99
N TYR H 892 3.01 -3.41 63.78
CA TYR H 892 1.85 -3.22 64.66
C TYR H 892 0.66 -2.83 63.81
N LEU H 893 -0.10 -3.83 63.35
CA LEU H 893 -1.30 -3.56 62.55
C LEU H 893 -2.30 -4.68 62.80
N GLN H 894 -3.16 -4.47 63.79
CA GLN H 894 -4.35 -5.29 63.97
C GLN H 894 -5.52 -4.61 63.26
N TRP H 895 -6.74 -5.02 63.54
CA TRP H 895 -7.88 -4.52 62.80
C TRP H 895 -9.08 -4.36 63.71
N SER H 896 -10.01 -3.52 63.29
CA SER H 896 -11.22 -3.20 64.04
C SER H 896 -12.22 -4.34 63.86
N PRO H 897 -13.37 -4.27 64.55
CA PRO H 897 -14.46 -5.21 64.23
C PRO H 897 -14.88 -5.15 62.78
N ASN H 898 -14.81 -3.97 62.16
CA ASN H 898 -15.00 -3.83 60.72
C ASN H 898 -13.72 -4.10 59.94
N LYS H 899 -12.80 -4.88 60.51
CA LYS H 899 -11.51 -5.17 59.92
C LYS H 899 -10.73 -3.88 59.69
N THR H 900 -10.65 -3.46 58.42
CA THR H 900 -10.06 -2.19 58.01
C THR H 900 -8.54 -2.20 58.19
N ARG H 901 -8.02 -3.27 58.83
CA ARG H 901 -6.58 -3.51 58.94
C ARG H 901 -5.84 -2.25 59.38
N ILE H 902 -6.37 -1.58 60.39
CA ILE H 902 -5.85 -0.28 60.79
C ILE H 902 -4.49 -0.44 61.45
N LEU H 903 -3.51 0.31 60.97
CA LEU H 903 -2.19 0.28 61.60
C LEU H 903 -2.29 0.79 63.02
N LYS H 904 -1.46 0.22 63.90
CA LYS H 904 -1.48 0.52 65.32
C LYS H 904 -0.25 1.32 65.74
N GLY H 905 0.08 2.34 64.98
CA GLY H 905 1.13 3.27 65.37
C GLY H 905 1.90 3.87 64.21
N CYS H 906 2.00 5.19 64.20
CA CYS H 906 2.64 5.95 63.14
C CYS H 906 2.60 7.42 63.55
N ARG H 907 3.12 8.28 62.68
CA ARG H 907 2.99 9.72 62.88
C ARG H 907 3.18 10.38 61.52
N ILE H 908 2.07 10.81 60.92
CA ILE H 908 2.11 11.48 59.63
C ILE H 908 2.81 12.82 59.82
N LEU H 909 4.04 12.94 59.33
CA LEU H 909 4.87 14.10 59.56
C LEU H 909 4.84 15.01 58.34
N HIS H 910 4.92 16.32 58.60
CA HIS H 910 4.97 17.31 57.55
C HIS H 910 5.95 18.41 57.93
N LYS H 911 6.59 18.99 56.91
CA LYS H 911 7.51 20.11 57.08
C LYS H 911 8.68 19.75 57.99
N PHE H 912 9.31 20.77 58.58
CA PHE H 912 10.45 20.54 59.46
C PHE H 912 10.08 19.65 60.65
N GLU H 913 9.03 20.01 61.37
CA GLU H 913 8.63 19.35 62.61
C GLU H 913 9.85 19.28 63.52
N THR H 914 10.10 18.17 64.19
CA THR H 914 11.30 17.99 65.01
C THR H 914 11.40 16.51 65.35
N LEU H 915 12.47 16.15 66.05
CA LEU H 915 12.70 14.77 66.46
C LEU H 915 11.93 14.49 67.76
N GLN H 916 10.62 14.34 67.61
CA GLN H 916 9.78 14.04 68.75
C GLN H 916 10.10 12.64 69.28
N PRO H 917 9.96 12.44 70.59
CA PRO H 917 10.20 11.10 71.15
C PRO H 917 9.24 10.07 70.57
N GLY H 918 9.75 8.87 70.36
CA GLY H 918 8.96 7.78 69.82
C GLY H 918 9.65 6.43 69.90
N ILE H 935 41.01 -6.79 43.82
CA ILE H 935 41.55 -5.75 44.69
C ILE H 935 43.07 -5.73 44.59
N CYS H 936 43.68 -6.90 44.69
CA CYS H 936 45.13 -7.00 44.61
C CYS H 936 45.62 -6.53 43.25
N GLU H 937 46.64 -5.69 43.25
CA GLU H 937 47.19 -5.18 42.00
C GLU H 937 47.99 -6.27 41.30
N PRO H 938 47.80 -6.48 40.00
CA PRO H 938 48.59 -7.49 39.30
C PRO H 938 50.07 -7.13 39.30
N LYS H 939 50.91 -8.16 39.37
CA LYS H 939 52.35 -7.95 39.43
C LYS H 939 52.86 -7.25 38.18
N ASN H 940 52.77 -7.93 37.03
CA ASN H 940 53.15 -7.32 35.77
C ASN H 940 52.03 -7.48 34.74
N LYS H 941 51.35 -8.63 34.77
CA LYS H 941 50.32 -8.97 33.81
C LYS H 941 49.03 -9.30 34.54
N TRP H 942 47.92 -8.76 34.05
CA TRP H 942 46.61 -9.07 34.59
C TRP H 942 45.77 -9.92 33.64
N TRP H 943 46.01 -9.83 32.33
CA TRP H 943 45.30 -10.67 31.39
C TRP H 943 45.57 -12.15 31.61
N GLU H 944 46.70 -12.48 32.25
CA GLU H 944 46.98 -13.86 32.61
C GLU H 944 46.03 -14.38 33.68
N TRP H 945 45.17 -13.52 34.22
CA TRP H 945 44.04 -13.88 35.07
C TRP H 945 44.47 -14.32 36.46
N SER H 946 45.78 -14.45 36.69
CA SER H 946 46.31 -14.90 37.97
C SER H 946 45.82 -16.32 38.23
N PRO H 947 46.17 -16.95 39.37
CA PRO H 947 45.53 -18.23 39.70
C PRO H 947 44.04 -18.10 39.96
N ASN H 948 43.39 -19.21 40.31
CA ASN H 948 41.94 -19.23 40.49
C ASN H 948 41.43 -18.14 41.44
N PRO H 949 42.03 -17.89 42.61
CA PRO H 949 41.56 -16.74 43.41
C PRO H 949 41.66 -15.42 42.66
N SER H 950 42.70 -15.24 41.85
CA SER H 950 42.86 -14.06 41.00
C SER H 950 42.79 -12.76 41.80
#